data_6SBV
#
_entry.id   6SBV
#
_cell.length_a   80.369
_cell.length_b   146.287
_cell.length_c   308.362
_cell.angle_alpha   90.00
_cell.angle_beta   90.00
_cell.angle_gamma   90.00
#
_symmetry.space_group_name_H-M   'P 21 21 21'
#
loop_
_entity.id
_entity.type
_entity.pdbx_description
1 polymer 'L-lactate dehydrogenase A chain'
2 non-polymer ~{N}-[3-[(7-nitrodibenzofuran-2-yl)sulfonylamino]phenyl]-1-oxidanyl-cyclopropane-1-carboxamide
3 water water
#
_entity_poly.entity_id   1
_entity_poly.type   'polypeptide(L)'
_entity_poly.pdbx_seq_one_letter_code
;GATLKDQLIYNLLKEEQTPQNKITVVGVGAVGMACAISILMKDLADELALVDVIEDKLKGEMMDLQHGSLFLRTPKIVSG
KDYNVTANSKLVIITAGARQQEGESRLNLVQRNVNIFKFIIPNVVKYSPNCKLLIVSNPVDILTYVAWKISGFPKNRVIG
SGCNLDSARFRYLMGERLGVHPLSCHGWVLGEHGDSSVPVWSGMNVAGVSLKTLHPDLGTDKDKEQWKEVHKQVVESAYE
VIKLKGYTSWAIGLSVADLAESIMKNLRRVHPVSTMIKGLYGIKDDVFLSVPCILGQNGISDLVKVTLTSEEEARLKKSA
DTLWGIQKELQF
;
_entity_poly.pdbx_strand_id   A,B,C,D,E,F,G,H
#
loop_
_chem_comp.id
_chem_comp.type
_chem_comp.name
_chem_comp.formula
L5K non-polymer ~{N}-[3-[(7-nitrodibenzofuran-2-yl)sulfonylamino]phenyl]-1-oxidanyl-cyclopropane-1-carboxamide 'C22 H17 N3 O7 S'
#
# COMPACT_ATOMS: atom_id res chain seq x y z
N ALA A 2 -29.26 27.53 46.95
CA ALA A 2 -28.47 28.27 45.90
C ALA A 2 -27.41 27.32 45.31
N THR A 3 -27.27 27.29 43.98
CA THR A 3 -26.31 26.41 43.24
C THR A 3 -24.87 26.85 43.52
N LEU A 4 -23.91 25.98 43.22
CA LEU A 4 -22.45 26.26 43.36
C LEU A 4 -22.08 27.42 42.43
N LYS A 5 -22.59 27.37 41.18
CA LYS A 5 -22.45 28.42 40.15
C LYS A 5 -22.80 29.79 40.76
N ASP A 6 -23.97 29.93 41.41
CA ASP A 6 -24.49 31.23 41.90
C ASP A 6 -23.72 31.66 43.16
N GLN A 7 -23.22 30.70 43.96
CA GLN A 7 -22.42 30.99 45.18
C GLN A 7 -21.03 31.50 44.82
N LEU A 8 -20.47 31.07 43.66
CA LEU A 8 -19.06 31.31 43.26
C LEU A 8 -18.96 32.55 42.36
N ILE A 9 -19.91 32.71 41.43
CA ILE A 9 -19.85 33.68 40.30
C ILE A 9 -21.06 34.61 40.37
N TYR A 10 -20.83 35.91 40.43
CA TYR A 10 -21.84 36.97 40.14
C TYR A 10 -21.62 37.45 38.71
N ASN A 11 -22.57 37.16 37.83
CA ASN A 11 -22.49 37.47 36.37
C ASN A 11 -23.08 38.88 36.16
N LEU A 12 -22.42 39.70 35.32
CA LEU A 12 -22.89 41.07 34.94
C LEU A 12 -23.53 41.04 33.54
N LEU A 13 -23.05 40.20 32.61
CA LEU A 13 -23.39 40.26 31.17
C LEU A 13 -23.68 38.87 30.58
N LYS A 14 -24.51 38.83 29.52
CA LYS A 14 -24.59 37.75 28.52
C LYS A 14 -24.33 38.40 27.16
N GLN A 17 -21.93 36.51 22.45
CA GLN A 17 -21.94 37.66 21.49
C GLN A 17 -21.43 37.19 20.11
N THR A 18 -21.22 38.12 19.16
CA THR A 18 -20.91 37.87 17.72
C THR A 18 -19.40 37.75 17.51
N PRO A 19 -18.93 36.85 16.62
CA PRO A 19 -17.51 36.75 16.28
C PRO A 19 -17.09 37.80 15.26
N GLN A 20 -15.85 38.28 15.35
CA GLN A 20 -15.32 39.38 14.48
C GLN A 20 -14.29 38.83 13.47
N ASN A 21 -13.84 37.59 13.66
CA ASN A 21 -12.76 36.99 12.84
C ASN A 21 -13.09 35.51 12.57
N LYS A 22 -14.27 35.27 12.00
CA LYS A 22 -14.78 33.90 11.74
C LYS A 22 -14.20 33.41 10.41
N ILE A 23 -13.65 32.19 10.42
CA ILE A 23 -13.17 31.47 9.21
C ILE A 23 -13.98 30.17 9.10
N THR A 24 -14.38 29.83 7.88
CA THR A 24 -14.96 28.51 7.53
C THR A 24 -13.97 27.73 6.66
N VAL A 25 -13.80 26.44 6.94
CA VAL A 25 -13.11 25.47 6.04
C VAL A 25 -14.18 24.49 5.55
N VAL A 26 -14.42 24.49 4.25
CA VAL A 26 -15.32 23.53 3.54
C VAL A 26 -14.45 22.35 3.08
N GLY A 27 -14.74 21.16 3.60
CA GLY A 27 -14.00 19.91 3.31
C GLY A 27 -13.02 19.58 4.41
N VAL A 28 -13.21 18.44 5.10
CA VAL A 28 -12.37 17.98 6.24
C VAL A 28 -11.64 16.69 5.88
N GLY A 29 -11.24 16.57 4.60
CA GLY A 29 -10.17 15.67 4.16
C GLY A 29 -8.82 16.14 4.68
N ALA A 30 -7.74 15.46 4.29
CA ALA A 30 -6.37 15.74 4.78
C ALA A 30 -6.05 17.22 4.59
N VAL A 31 -6.37 17.77 3.41
CA VAL A 31 -6.03 19.17 3.03
C VAL A 31 -6.82 20.13 3.93
N GLY A 32 -8.12 19.90 4.06
CA GLY A 32 -9.00 20.74 4.89
C GLY A 32 -8.53 20.82 6.33
N MET A 33 -8.21 19.67 6.93
CA MET A 33 -7.87 19.58 8.37
C MET A 33 -6.46 20.15 8.57
N ALA A 34 -5.58 20.02 7.59
CA ALA A 34 -4.24 20.65 7.61
C ALA A 34 -4.40 22.18 7.59
N CYS A 35 -5.30 22.70 6.75
CA CYS A 35 -5.69 24.15 6.75
C CYS A 35 -6.20 24.53 8.15
N ALA A 36 -7.09 23.71 8.71
CA ALA A 36 -7.78 24.00 9.98
C ALA A 36 -6.76 24.08 11.13
N ILE A 37 -5.91 23.07 11.29
CA ILE A 37 -4.93 23.01 12.42
C ILE A 37 -3.95 24.17 12.26
N SER A 38 -3.48 24.45 11.04
CA SER A 38 -2.50 25.53 10.75
C SER A 38 -3.10 26.89 11.09
N ILE A 39 -4.38 27.10 10.77
CA ILE A 39 -5.10 28.38 11.03
C ILE A 39 -5.32 28.55 12.54
N LEU A 40 -5.76 27.50 13.22
CA LEU A 40 -5.96 27.49 14.70
C LEU A 40 -4.70 28.01 15.40
N MET A 41 -3.54 27.48 14.99
CA MET A 41 -2.27 27.59 15.75
C MET A 41 -1.54 28.88 15.41
N LYS A 42 -1.92 29.57 14.33
CA LYS A 42 -1.50 30.96 14.03
C LYS A 42 -2.50 31.94 14.67
N ASP A 43 -3.55 31.41 15.32
CA ASP A 43 -4.52 32.20 16.11
C ASP A 43 -5.15 33.28 15.22
N LEU A 44 -5.75 32.88 14.09
CA LEU A 44 -6.29 33.82 13.08
C LEU A 44 -7.78 34.02 13.29
N ALA A 45 -8.45 33.05 13.91
CA ALA A 45 -9.93 33.00 13.99
C ALA A 45 -10.37 32.97 15.44
N ASP A 46 -11.39 33.77 15.79
CA ASP A 46 -12.09 33.67 17.11
C ASP A 46 -13.28 32.70 16.97
N GLU A 47 -13.77 32.44 15.74
CA GLU A 47 -14.71 31.33 15.43
C GLU A 47 -14.23 30.59 14.18
N LEU A 48 -14.18 29.25 14.27
CA LEU A 48 -13.82 28.34 13.15
C LEU A 48 -15.00 27.40 12.88
N ALA A 49 -15.50 27.38 11.66
CA ALA A 49 -16.58 26.47 11.20
C ALA A 49 -15.99 25.45 10.20
N LEU A 50 -16.33 24.17 10.39
CA LEU A 50 -15.98 23.06 9.47
C LEU A 50 -17.28 22.57 8.82
N VAL A 51 -17.27 22.38 7.50
CA VAL A 51 -18.44 21.88 6.73
C VAL A 51 -18.00 20.73 5.81
N ASP A 52 -18.74 19.62 5.84
CA ASP A 52 -18.58 18.45 4.93
C ASP A 52 -19.85 17.61 5.00
N VAL A 53 -19.97 16.59 4.13
CA VAL A 53 -21.24 15.85 3.86
C VAL A 53 -21.30 14.57 4.71
N ILE A 54 -20.14 14.03 5.12
CA ILE A 54 -20.04 12.82 5.99
C ILE A 54 -20.08 13.32 7.43
N GLU A 55 -21.22 13.12 8.11
CA GLU A 55 -21.61 13.81 9.37
C GLU A 55 -20.78 13.30 10.55
N ASP A 56 -20.51 11.99 10.61
CA ASP A 56 -19.77 11.33 11.72
C ASP A 56 -18.34 11.89 11.76
N LYS A 57 -17.59 11.67 10.67
CA LYS A 57 -16.19 12.13 10.50
C LYS A 57 -16.10 13.62 10.86
N LEU A 58 -17.05 14.43 10.36
CA LEU A 58 -17.06 15.90 10.54
C LEU A 58 -17.10 16.25 12.04
N LYS A 59 -18.08 15.70 12.76
CA LYS A 59 -18.28 15.98 14.20
C LYS A 59 -17.05 15.48 14.97
N GLY A 60 -16.49 14.34 14.56
CA GLY A 60 -15.29 13.74 15.19
C GLY A 60 -14.09 14.67 15.09
N GLU A 61 -13.89 15.28 13.92
CA GLU A 61 -12.77 16.20 13.65
C GLU A 61 -12.97 17.47 14.48
N MET A 62 -14.20 18.00 14.51
CA MET A 62 -14.56 19.18 15.33
C MET A 62 -14.14 18.92 16.78
N MET A 63 -14.51 17.77 17.34
CA MET A 63 -14.30 17.43 18.77
C MET A 63 -12.80 17.28 19.04
N ASP A 64 -12.08 16.63 18.13
CA ASP A 64 -10.61 16.40 18.26
C ASP A 64 -9.92 17.78 18.28
N LEU A 65 -10.29 18.69 17.37
CA LEU A 65 -9.76 20.08 17.34
C LEU A 65 -10.08 20.80 18.64
N GLN A 66 -11.35 20.80 19.03
CA GLN A 66 -11.85 21.48 20.26
C GLN A 66 -10.95 21.09 21.45
N HIS A 67 -10.75 19.79 21.67
CA HIS A 67 -10.00 19.25 22.84
C HIS A 67 -8.56 19.76 22.78
N GLY A 68 -7.93 19.67 21.62
CA GLY A 68 -6.58 20.22 21.38
C GLY A 68 -6.54 21.71 21.66
N SER A 69 -7.57 22.44 21.25
CA SER A 69 -7.63 23.92 21.30
C SER A 69 -7.64 24.40 22.76
N LEU A 70 -7.79 23.49 23.73
CA LEU A 70 -7.68 23.83 25.18
C LEU A 70 -6.25 24.28 25.52
N PHE A 71 -5.27 24.01 24.65
CA PHE A 71 -3.83 24.33 24.85
C PHE A 71 -3.42 25.52 23.96
N LEU A 72 -4.39 26.15 23.29
CA LEU A 72 -4.24 27.39 22.48
C LEU A 72 -5.11 28.50 23.09
N ARG A 73 -5.15 29.65 22.44
CA ARG A 73 -6.18 30.69 22.68
C ARG A 73 -7.50 30.14 22.13
N THR A 74 -8.26 29.44 22.98
CA THR A 74 -9.41 28.59 22.58
C THR A 74 -10.47 29.41 21.88
N PRO A 75 -10.71 29.18 20.57
CA PRO A 75 -11.77 29.86 19.83
C PRO A 75 -13.08 29.05 19.90
N LYS A 76 -14.17 29.60 19.37
CA LYS A 76 -15.42 28.84 19.18
C LYS A 76 -15.25 28.01 17.91
N ILE A 77 -15.40 26.69 18.02
CA ILE A 77 -15.35 25.76 16.85
C ILE A 77 -16.71 25.09 16.69
N VAL A 78 -17.34 25.25 15.52
CA VAL A 78 -18.66 24.66 15.17
C VAL A 78 -18.51 23.83 13.89
N SER A 79 -19.46 22.94 13.61
CA SER A 79 -19.48 22.10 12.40
C SER A 79 -20.90 21.65 12.06
N GLY A 80 -21.14 21.31 10.80
CA GLY A 80 -22.43 20.80 10.31
C GLY A 80 -22.40 20.62 8.81
N LYS A 81 -23.27 19.76 8.27
CA LYS A 81 -23.50 19.64 6.81
C LYS A 81 -24.27 20.88 6.35
N ASP A 82 -25.04 21.52 7.24
CA ASP A 82 -25.86 22.72 6.98
C ASP A 82 -25.00 23.98 7.04
N TYR A 83 -25.05 24.83 6.01
CA TYR A 83 -24.14 26.00 5.86
C TYR A 83 -24.52 27.13 6.83
N ASN A 84 -25.59 26.98 7.60
CA ASN A 84 -26.02 28.00 8.60
C ASN A 84 -24.94 28.17 9.68
N VAL A 85 -24.05 27.19 9.85
CA VAL A 85 -22.93 27.25 10.83
C VAL A 85 -21.84 28.19 10.29
N THR A 86 -21.87 28.55 9.00
CA THR A 86 -20.82 29.38 8.34
C THR A 86 -21.19 30.87 8.36
N ALA A 87 -22.31 31.23 8.99
CA ALA A 87 -22.87 32.61 8.95
C ALA A 87 -21.83 33.62 9.41
N ASN A 88 -21.66 34.72 8.67
CA ASN A 88 -20.82 35.90 9.04
C ASN A 88 -19.34 35.51 9.07
N SER A 89 -18.89 34.64 8.17
CA SER A 89 -17.45 34.33 7.98
C SER A 89 -16.76 35.51 7.28
N LYS A 90 -15.59 35.95 7.75
CA LYS A 90 -14.76 36.94 7.02
C LYS A 90 -14.13 36.22 5.83
N LEU A 91 -13.72 34.96 6.03
CA LEU A 91 -12.96 34.15 5.05
C LEU A 91 -13.55 32.75 5.00
N VAL A 92 -13.88 32.27 3.80
CA VAL A 92 -14.38 30.90 3.56
C VAL A 92 -13.39 30.20 2.62
N ILE A 93 -12.83 29.08 3.07
CA ILE A 93 -11.77 28.29 2.37
C ILE A 93 -12.41 27.03 1.82
N ILE A 94 -12.41 26.87 0.50
CA ILE A 94 -13.03 25.72 -0.23
C ILE A 94 -11.92 24.70 -0.56
N THR A 95 -11.98 23.52 0.04
CA THR A 95 -11.07 22.37 -0.23
C THR A 95 -11.82 21.20 -0.85
N ALA A 96 -13.16 21.17 -0.74
CA ALA A 96 -14.04 20.10 -1.25
C ALA A 96 -13.98 20.09 -2.78
N GLY A 97 -14.35 18.96 -3.37
CA GLY A 97 -14.31 18.73 -4.81
C GLY A 97 -14.23 17.25 -5.12
N ALA A 98 -14.08 16.91 -6.39
CA ALA A 98 -13.99 15.52 -6.89
C ALA A 98 -12.59 15.32 -7.46
N ARG A 99 -12.04 14.11 -7.32
CA ARG A 99 -10.75 13.71 -7.93
C ARG A 99 -11.02 12.89 -9.21
N GLN A 100 -10.17 13.08 -10.22
CA GLN A 100 -10.28 12.39 -11.55
C GLN A 100 -10.24 10.88 -11.33
N GLN A 101 -11.17 10.14 -11.94
CA GLN A 101 -11.24 8.66 -11.88
C GLN A 101 -10.66 8.09 -13.18
N GLU A 102 -10.24 6.83 -13.17
CA GLU A 102 -9.62 6.17 -14.36
C GLU A 102 -10.62 6.24 -15.52
N GLY A 103 -10.17 6.76 -16.66
CA GLY A 103 -10.96 6.86 -17.91
C GLY A 103 -11.91 8.05 -17.93
N GLU A 104 -11.93 8.87 -16.89
CA GLU A 104 -12.71 10.14 -16.86
C GLU A 104 -11.93 11.21 -17.63
N SER A 105 -12.61 12.01 -18.46
CA SER A 105 -12.00 13.15 -19.20
C SER A 105 -11.84 14.36 -18.27
N ARG A 106 -10.86 15.24 -18.56
CA ARG A 106 -10.65 16.50 -17.80
C ARG A 106 -11.96 17.29 -17.75
N LEU A 107 -12.66 17.41 -18.89
CA LEU A 107 -13.92 18.18 -18.99
C LEU A 107 -14.95 17.63 -18.00
N ASN A 108 -15.11 16.31 -17.96
CA ASN A 108 -16.13 15.65 -17.09
C ASN A 108 -15.76 15.91 -15.62
N LEU A 109 -14.47 15.83 -15.28
CA LEU A 109 -13.99 16.07 -13.90
C LEU A 109 -14.34 17.50 -13.47
N VAL A 110 -13.99 18.48 -14.29
CA VAL A 110 -14.23 19.91 -13.96
C VAL A 110 -15.74 20.11 -13.81
N GLN A 111 -16.54 19.51 -14.70
CA GLN A 111 -18.03 19.61 -14.67
C GLN A 111 -18.55 19.05 -13.35
N ARG A 112 -18.01 17.93 -12.87
CA ARG A 112 -18.43 17.31 -11.59
C ARG A 112 -18.09 18.27 -10.43
N ASN A 113 -16.93 18.95 -10.52
CA ASN A 113 -16.52 19.99 -9.55
C ASN A 113 -17.49 21.18 -9.62
N VAL A 114 -17.86 21.58 -10.84
CA VAL A 114 -18.82 22.70 -11.08
C VAL A 114 -20.16 22.34 -10.39
N ASN A 115 -20.64 21.12 -10.57
CA ASN A 115 -21.94 20.66 -10.03
C ASN A 115 -21.88 20.69 -8.50
N ILE A 116 -20.73 20.34 -7.90
CA ILE A 116 -20.53 20.40 -6.42
C ILE A 116 -20.55 21.88 -5.99
N PHE A 117 -19.85 22.75 -6.71
CA PHE A 117 -19.75 24.20 -6.41
C PHE A 117 -21.12 24.88 -6.57
N LYS A 118 -21.99 24.34 -7.42
CA LYS A 118 -23.36 24.87 -7.63
C LYS A 118 -24.22 24.64 -6.37
N PHE A 119 -23.82 23.72 -5.49
CA PHE A 119 -24.44 23.51 -4.15
C PHE A 119 -23.68 24.36 -3.10
N ILE A 120 -22.35 24.31 -3.10
CA ILE A 120 -21.50 24.89 -2.02
C ILE A 120 -21.58 26.43 -2.06
N ILE A 121 -21.26 27.03 -3.20
CA ILE A 121 -20.97 28.49 -3.31
C ILE A 121 -22.24 29.30 -3.01
N PRO A 122 -23.42 28.99 -3.59
CA PRO A 122 -24.64 29.75 -3.26
C PRO A 122 -25.01 29.69 -1.77
N ASN A 123 -24.78 28.53 -1.13
CA ASN A 123 -24.98 28.34 0.33
C ASN A 123 -23.99 29.21 1.11
N VAL A 124 -22.73 29.30 0.66
CA VAL A 124 -21.68 30.14 1.32
C VAL A 124 -22.13 31.60 1.26
N VAL A 125 -22.51 32.05 0.05
CA VAL A 125 -22.94 33.45 -0.27
C VAL A 125 -24.18 33.82 0.55
N LYS A 126 -25.15 32.90 0.63
CA LYS A 126 -26.39 33.14 1.39
C LYS A 126 -26.03 33.58 2.82
N TYR A 127 -25.10 32.89 3.48
CA TYR A 127 -24.86 33.00 4.94
C TYR A 127 -23.72 33.97 5.26
N SER A 128 -22.79 34.20 4.33
CA SER A 128 -21.66 35.16 4.47
C SER A 128 -21.53 35.98 3.20
N PRO A 129 -22.49 36.89 2.90
CA PRO A 129 -22.47 37.64 1.64
C PRO A 129 -21.24 38.55 1.44
N ASN A 130 -20.56 38.94 2.53
CA ASN A 130 -19.39 39.87 2.49
C ASN A 130 -18.06 39.13 2.64
N CYS A 131 -18.08 37.80 2.70
CA CYS A 131 -16.86 36.97 2.92
C CYS A 131 -15.90 37.09 1.74
N LYS A 132 -14.62 36.84 1.99
CA LYS A 132 -13.62 36.53 0.93
C LYS A 132 -13.67 35.02 0.70
N LEU A 133 -13.65 34.60 -0.57
CA LEU A 133 -13.57 33.17 -0.97
C LEU A 133 -12.12 32.86 -1.33
N LEU A 134 -11.53 31.88 -0.65
CA LEU A 134 -10.19 31.33 -0.99
C LEU A 134 -10.40 29.89 -1.48
N ILE A 135 -10.11 29.66 -2.76
CA ILE A 135 -10.30 28.34 -3.44
C ILE A 135 -8.96 27.59 -3.42
N VAL A 136 -8.96 26.37 -2.90
CA VAL A 136 -7.76 25.48 -2.80
C VAL A 136 -7.95 24.28 -3.73
N SER A 137 -9.19 23.77 -3.85
CA SER A 137 -9.59 22.63 -4.71
C SER A 137 -8.91 22.73 -6.07
N ASN A 138 -8.40 21.60 -6.60
CA ASN A 138 -7.73 21.55 -7.94
C ASN A 138 -8.73 21.08 -8.98
N PRO A 139 -8.60 21.50 -10.27
CA PRO A 139 -7.59 22.47 -10.69
C PRO A 139 -7.98 23.90 -10.30
N VAL A 140 -7.07 24.61 -9.63
CA VAL A 140 -7.40 25.76 -8.75
C VAL A 140 -7.74 27.00 -9.61
N ASP A 141 -7.03 27.20 -10.73
CA ASP A 141 -7.23 28.37 -11.62
C ASP A 141 -8.66 28.31 -12.20
N ILE A 142 -9.10 27.14 -12.68
CA ILE A 142 -10.47 26.95 -13.26
C ILE A 142 -11.51 27.07 -12.15
N LEU A 143 -11.31 26.43 -11.00
CA LEU A 143 -12.35 26.36 -9.93
C LEU A 143 -12.47 27.71 -9.22
N THR A 144 -11.44 28.57 -9.27
CA THR A 144 -11.54 29.96 -8.78
C THR A 144 -12.51 30.72 -9.70
N TYR A 145 -12.35 30.57 -11.02
CA TYR A 145 -13.29 31.12 -12.03
C TYR A 145 -14.70 30.63 -11.72
N VAL A 146 -14.87 29.33 -11.47
CA VAL A 146 -16.19 28.69 -11.23
C VAL A 146 -16.85 29.37 -10.02
N ALA A 147 -16.10 29.51 -8.93
CA ALA A 147 -16.56 30.15 -7.67
C ALA A 147 -16.94 31.60 -7.94
N TRP A 148 -16.12 32.31 -8.72
CA TRP A 148 -16.36 33.72 -9.11
C TRP A 148 -17.69 33.83 -9.86
N LYS A 149 -17.91 32.99 -10.85
CA LYS A 149 -19.13 33.02 -11.72
C LYS A 149 -20.38 32.75 -10.89
N ILE A 150 -20.36 31.73 -10.03
CA ILE A 150 -21.56 31.28 -9.26
C ILE A 150 -21.84 32.28 -8.13
N SER A 151 -20.80 32.81 -7.49
CA SER A 151 -20.93 33.75 -6.33
C SER A 151 -21.42 35.11 -6.79
N GLY A 152 -21.01 35.54 -7.99
CA GLY A 152 -21.22 36.90 -8.51
C GLY A 152 -20.47 37.93 -7.70
N PHE A 153 -19.49 37.50 -6.90
CA PHE A 153 -18.63 38.38 -6.06
C PHE A 153 -17.72 39.19 -6.97
N PRO A 154 -17.28 40.39 -6.54
CA PRO A 154 -16.25 41.15 -7.24
C PRO A 154 -14.90 40.43 -7.18
N LYS A 155 -14.03 40.67 -8.18
CA LYS A 155 -12.77 39.90 -8.37
C LYS A 155 -11.86 40.01 -7.13
N ASN A 156 -12.00 41.06 -6.31
CA ASN A 156 -11.14 41.29 -5.12
C ASN A 156 -11.42 40.23 -4.05
N ARG A 157 -12.64 39.67 -4.00
CA ARG A 157 -13.07 38.75 -2.92
C ARG A 157 -13.10 37.30 -3.41
N VAL A 158 -12.46 36.98 -4.53
CA VAL A 158 -12.39 35.57 -5.04
C VAL A 158 -10.95 35.28 -5.47
N ILE A 159 -10.26 34.49 -4.64
CA ILE A 159 -8.80 34.23 -4.69
C ILE A 159 -8.59 32.71 -4.76
N GLY A 160 -7.61 32.24 -5.54
CA GLY A 160 -7.16 30.84 -5.54
C GLY A 160 -5.77 30.72 -4.96
N SER A 161 -5.50 29.64 -4.23
CA SER A 161 -4.20 29.37 -3.55
C SER A 161 -3.05 29.47 -4.56
N GLY A 162 -3.33 29.18 -5.85
CA GLY A 162 -2.44 29.50 -6.98
C GLY A 162 -1.00 29.04 -6.76
N CYS A 163 -0.04 29.92 -7.00
CA CYS A 163 1.42 29.62 -7.00
C CYS A 163 2.10 30.09 -5.71
N ASN A 164 1.36 30.27 -4.62
CA ASN A 164 1.93 30.73 -3.32
C ASN A 164 2.95 29.70 -2.83
N LEU A 165 2.59 28.41 -2.84
CA LEU A 165 3.47 27.31 -2.36
C LEU A 165 4.65 27.12 -3.33
N ASP A 166 4.36 27.01 -4.63
CA ASP A 166 5.38 26.73 -5.67
C ASP A 166 6.43 27.86 -5.66
N SER A 167 6.01 29.12 -5.47
CA SER A 167 6.92 30.28 -5.38
C SER A 167 7.85 30.14 -4.17
N ALA A 168 7.32 29.72 -3.01
CA ALA A 168 8.11 29.46 -1.78
C ALA A 168 9.17 28.40 -2.08
N ARG A 169 8.77 27.29 -2.70
CA ARG A 169 9.68 26.18 -3.12
C ARG A 169 10.77 26.74 -4.03
N PHE A 170 10.40 27.57 -4.99
CA PHE A 170 11.31 28.17 -5.99
C PHE A 170 12.36 29.01 -5.26
N ARG A 171 11.88 29.92 -4.40
CA ARG A 171 12.73 30.78 -3.55
C ARG A 171 13.69 29.90 -2.75
N TYR A 172 13.21 28.79 -2.20
CA TYR A 172 14.06 27.90 -1.36
C TYR A 172 15.22 27.36 -2.19
N LEU A 173 14.92 26.81 -3.36
CA LEU A 173 15.91 26.10 -4.22
C LEU A 173 16.87 27.11 -4.84
N MET A 174 16.37 28.31 -5.17
CA MET A 174 17.20 29.47 -5.55
C MET A 174 18.23 29.73 -4.44
N GLY A 175 17.77 29.80 -3.18
CA GLY A 175 18.61 29.97 -1.99
C GLY A 175 19.67 28.88 -1.91
N GLU A 176 19.27 27.63 -2.09
CA GLU A 176 20.16 26.43 -2.05
C GLU A 176 21.33 26.64 -3.02
N ARG A 177 21.06 27.11 -4.23
CA ARG A 177 22.08 27.38 -5.28
C ARG A 177 23.05 28.47 -4.79
N LEU A 178 22.55 29.50 -4.10
CA LEU A 178 23.33 30.72 -3.74
C LEU A 178 23.91 30.63 -2.32
N GLY A 179 23.58 29.57 -1.56
CA GLY A 179 23.97 29.41 -0.14
C GLY A 179 23.33 30.47 0.73
N VAL A 180 22.03 30.72 0.51
CA VAL A 180 21.21 31.79 1.18
C VAL A 180 19.93 31.17 1.71
N HIS A 181 19.52 31.57 2.91
CA HIS A 181 18.26 31.16 3.59
C HIS A 181 17.07 31.55 2.71
N PRO A 182 16.01 30.72 2.59
CA PRO A 182 14.87 31.03 1.72
C PRO A 182 14.21 32.38 1.97
N LEU A 183 14.32 32.88 3.20
CA LEU A 183 13.66 34.12 3.68
C LEU A 183 14.37 35.34 3.08
N SER A 184 15.64 35.22 2.69
CA SER A 184 16.47 36.32 2.15
C SER A 184 16.54 36.25 0.62
N CYS A 185 15.77 35.33 0.01
CA CYS A 185 15.58 35.22 -1.46
C CYS A 185 14.22 35.76 -1.86
N HIS A 186 14.13 36.38 -3.04
CA HIS A 186 12.88 36.84 -3.70
C HIS A 186 12.82 36.27 -5.13
N GLY A 187 11.61 36.08 -5.63
CA GLY A 187 11.34 35.51 -6.96
C GLY A 187 9.98 34.83 -6.97
N TRP A 188 9.30 34.85 -8.12
CA TRP A 188 7.93 34.29 -8.28
C TRP A 188 7.92 33.18 -9.32
N VAL A 189 6.96 32.28 -9.16
CA VAL A 189 6.45 31.36 -10.21
C VAL A 189 5.03 31.84 -10.49
N LEU A 190 4.74 32.29 -11.71
CA LEU A 190 3.43 32.91 -12.07
C LEU A 190 2.68 32.04 -13.08
N GLY A 191 1.40 32.37 -13.30
CA GLY A 191 0.56 31.76 -14.36
C GLY A 191 -0.26 30.60 -13.83
N GLU A 192 -0.35 29.54 -14.61
CA GLU A 192 -1.17 28.34 -14.32
C GLU A 192 -0.44 27.52 -13.24
N HIS A 193 -1.14 27.17 -12.17
CA HIS A 193 -0.66 26.25 -11.12
C HIS A 193 -0.24 24.93 -11.77
N GLY A 194 0.98 24.46 -11.52
CA GLY A 194 1.45 23.12 -11.89
C GLY A 194 2.53 23.16 -12.95
N ASP A 195 2.46 22.28 -13.96
CA ASP A 195 3.52 22.01 -14.96
C ASP A 195 3.82 23.26 -15.79
N SER A 196 2.78 24.07 -16.10
CA SER A 196 2.83 25.18 -17.09
C SER A 196 3.22 26.50 -16.42
N SER A 197 3.51 26.49 -15.12
CA SER A 197 3.84 27.71 -14.32
C SER A 197 5.15 28.32 -14.84
N VAL A 198 5.31 29.64 -14.68
CA VAL A 198 6.39 30.44 -15.33
C VAL A 198 7.35 30.97 -14.27
N PRO A 199 8.61 30.50 -14.24
CA PRO A 199 9.63 31.09 -13.39
C PRO A 199 10.06 32.45 -13.96
N VAL A 200 9.70 33.54 -13.28
CA VAL A 200 10.00 34.93 -13.71
C VAL A 200 11.42 35.29 -13.27
N TRP A 201 12.40 35.01 -14.13
CA TRP A 201 13.86 35.17 -13.86
C TRP A 201 14.20 36.63 -13.56
N SER A 202 13.57 37.57 -14.28
CA SER A 202 13.80 39.02 -14.17
C SER A 202 13.62 39.49 -12.72
N GLY A 203 12.62 38.96 -12.01
CA GLY A 203 12.24 39.35 -10.64
C GLY A 203 13.13 38.74 -9.57
N MET A 204 13.89 37.67 -9.86
CA MET A 204 14.70 36.97 -8.84
C MET A 204 15.86 37.85 -8.40
N ASN A 205 16.04 38.04 -7.08
CA ASN A 205 17.09 38.90 -6.49
C ASN A 205 17.37 38.51 -5.04
N VAL A 206 18.54 38.87 -4.53
CA VAL A 206 18.89 38.87 -3.07
C VAL A 206 19.29 40.30 -2.71
N ALA A 207 18.55 40.92 -1.78
CA ALA A 207 18.85 42.27 -1.25
C ALA A 207 18.84 43.30 -2.39
N GLY A 208 17.97 43.12 -3.39
CA GLY A 208 17.78 44.08 -4.49
C GLY A 208 18.82 43.94 -5.59
N VAL A 209 19.79 43.04 -5.45
CA VAL A 209 20.78 42.71 -6.51
C VAL A 209 20.15 41.62 -7.39
N SER A 210 19.64 41.98 -8.56
CA SER A 210 18.90 41.06 -9.47
C SER A 210 19.88 40.03 -10.07
N LEU A 211 19.50 38.75 -10.00
CA LEU A 211 20.30 37.60 -10.48
C LEU A 211 20.58 37.75 -11.98
N LYS A 212 19.57 38.17 -12.75
CA LYS A 212 19.67 38.27 -14.23
C LYS A 212 20.69 39.34 -14.64
N THR A 213 20.87 40.40 -13.84
CA THR A 213 21.88 41.46 -14.09
C THR A 213 23.29 40.83 -14.05
N LEU A 214 23.59 40.02 -13.03
CA LEU A 214 24.95 39.44 -12.82
C LEU A 214 25.20 38.28 -13.80
N HIS A 215 24.14 37.66 -14.32
CA HIS A 215 24.19 36.42 -15.14
C HIS A 215 23.07 36.45 -16.18
N PRO A 216 23.24 37.20 -17.30
CA PRO A 216 22.12 37.46 -18.22
C PRO A 216 21.58 36.17 -18.88
N ASP A 217 22.39 35.11 -18.93
CA ASP A 217 22.04 33.81 -19.55
C ASP A 217 21.20 32.95 -18.59
N LEU A 218 20.94 33.42 -17.36
CA LEU A 218 20.08 32.74 -16.35
C LEU A 218 18.74 32.33 -16.98
N GLY A 219 18.44 31.02 -16.99
CA GLY A 219 17.10 30.50 -17.34
C GLY A 219 16.93 30.18 -18.83
N THR A 220 17.92 30.52 -19.67
CA THR A 220 17.98 30.14 -21.12
C THR A 220 18.55 28.72 -21.24
N ASP A 221 18.49 28.12 -22.43
CA ASP A 221 18.96 26.73 -22.69
C ASP A 221 20.50 26.70 -22.64
N LYS A 222 21.16 27.83 -22.95
CA LYS A 222 22.65 27.89 -22.95
C LYS A 222 23.15 28.45 -21.61
N ASP A 223 22.42 28.18 -20.53
CA ASP A 223 22.77 28.55 -19.13
C ASP A 223 23.73 27.49 -18.59
N LYS A 224 25.00 27.85 -18.38
CA LYS A 224 26.07 26.93 -17.93
C LYS A 224 25.73 26.38 -16.53
N GLU A 225 24.95 27.11 -15.73
CA GLU A 225 24.53 26.72 -14.35
C GLU A 225 23.16 26.00 -14.38
N GLN A 226 22.43 26.10 -15.50
CA GLN A 226 21.20 25.31 -15.78
C GLN A 226 20.11 25.60 -14.75
N TRP A 227 19.73 26.87 -14.61
CA TRP A 227 18.73 27.31 -13.61
C TRP A 227 17.32 26.83 -14.01
N LYS A 228 17.13 26.33 -15.23
CA LYS A 228 15.85 25.68 -15.63
C LYS A 228 15.59 24.46 -14.74
N GLU A 229 16.63 23.77 -14.29
CA GLU A 229 16.52 22.56 -13.43
C GLU A 229 15.84 22.91 -12.09
N VAL A 230 15.94 24.17 -11.65
CA VAL A 230 15.34 24.65 -10.36
C VAL A 230 13.81 24.58 -10.47
N HIS A 231 13.23 25.19 -11.51
CA HIS A 231 11.76 25.18 -11.75
C HIS A 231 11.25 23.75 -11.94
N LYS A 232 12.02 22.90 -12.64
CA LYS A 232 11.69 21.48 -12.87
C LYS A 232 11.55 20.79 -11.50
N GLN A 233 12.52 21.02 -10.60
CA GLN A 233 12.57 20.40 -9.25
C GLN A 233 11.38 20.88 -8.40
N VAL A 234 10.93 22.13 -8.58
CA VAL A 234 9.72 22.69 -7.91
C VAL A 234 8.50 21.84 -8.29
N VAL A 235 8.37 21.49 -9.56
CA VAL A 235 7.21 20.71 -10.11
C VAL A 235 7.34 19.26 -9.65
N GLU A 236 8.50 18.63 -9.83
CA GLU A 236 8.79 17.23 -9.41
C GLU A 236 8.60 17.08 -7.90
N SER A 237 8.96 18.12 -7.13
CA SER A 237 8.84 18.21 -5.65
C SER A 237 7.45 17.70 -5.20
N ALA A 238 6.38 18.25 -5.79
CA ALA A 238 4.98 17.96 -5.42
C ALA A 238 4.63 16.51 -5.74
N TYR A 239 5.05 16.00 -6.90
CA TYR A 239 4.77 14.60 -7.35
C TYR A 239 5.47 13.62 -6.40
N GLU A 240 6.70 13.91 -5.98
CA GLU A 240 7.51 12.98 -5.15
C GLU A 240 6.84 12.84 -3.78
N VAL A 241 6.23 13.91 -3.25
CA VAL A 241 5.47 13.86 -1.97
C VAL A 241 4.31 12.86 -2.17
N ILE A 242 3.56 12.99 -3.27
CA ILE A 242 2.38 12.13 -3.56
C ILE A 242 2.85 10.68 -3.73
N LYS A 243 3.94 10.43 -4.46
CA LYS A 243 4.45 9.05 -4.68
C LYS A 243 4.81 8.42 -3.34
N LEU A 244 5.56 9.14 -2.49
CA LEU A 244 6.15 8.60 -1.23
C LEU A 244 5.07 8.44 -0.15
N LYS A 245 4.19 9.42 0.00
CA LYS A 245 3.30 9.52 1.18
C LYS A 245 1.85 9.17 0.79
N GLY A 246 1.48 9.37 -0.48
CA GLY A 246 0.13 9.07 -1.01
C GLY A 246 -0.61 10.33 -1.44
N TYR A 247 -0.42 11.44 -0.74
CA TYR A 247 -1.14 12.72 -0.91
C TYR A 247 -0.27 13.84 -0.31
N THR A 248 -0.62 15.11 -0.54
CA THR A 248 0.02 16.26 0.14
C THR A 248 -1.02 16.90 1.07
N SER A 249 -0.64 17.15 2.34
CA SER A 249 -1.51 17.83 3.33
C SER A 249 -0.78 19.03 3.94
N TRP A 250 0.32 18.80 4.66
CA TRP A 250 0.96 19.84 5.51
C TRP A 250 1.37 21.05 4.67
N ALA A 251 1.91 20.82 3.48
CA ALA A 251 2.49 21.88 2.62
C ALA A 251 1.37 22.83 2.17
N ILE A 252 0.28 22.28 1.63
CA ILE A 252 -0.85 23.11 1.16
C ILE A 252 -1.50 23.77 2.38
N GLY A 253 -1.64 23.05 3.48
CA GLY A 253 -2.24 23.57 4.72
C GLY A 253 -1.56 24.88 5.14
N LEU A 254 -0.23 24.89 5.16
CA LEU A 254 0.56 26.02 5.68
C LEU A 254 0.60 27.15 4.65
N SER A 255 0.57 26.83 3.35
CA SER A 255 0.45 27.84 2.27
C SER A 255 -0.89 28.56 2.41
N VAL A 256 -1.98 27.82 2.61
CA VAL A 256 -3.34 28.39 2.77
C VAL A 256 -3.35 29.28 4.03
N ALA A 257 -2.71 28.83 5.11
CA ALA A 257 -2.66 29.56 6.39
C ALA A 257 -1.88 30.87 6.21
N ASP A 258 -0.83 30.87 5.40
CA ASP A 258 -0.03 32.07 5.02
C ASP A 258 -0.97 33.11 4.40
N LEU A 259 -1.82 32.68 3.46
CA LEU A 259 -2.76 33.57 2.73
C LEU A 259 -3.83 34.07 3.71
N ALA A 260 -4.34 33.18 4.55
CA ALA A 260 -5.35 33.51 5.58
C ALA A 260 -4.77 34.58 6.50
N GLU A 261 -3.49 34.46 6.87
CA GLU A 261 -2.85 35.42 7.81
C GLU A 261 -2.88 36.82 7.18
N SER A 262 -2.42 36.95 5.94
CA SER A 262 -2.36 38.24 5.21
C SER A 262 -3.75 38.87 5.15
N ILE A 263 -4.78 38.07 4.94
CA ILE A 263 -6.18 38.54 4.78
C ILE A 263 -6.71 38.94 6.16
N MET A 264 -6.66 38.02 7.14
CA MET A 264 -7.33 38.18 8.45
C MET A 264 -6.65 39.29 9.26
N LYS A 265 -5.36 39.53 9.07
CA LYS A 265 -4.57 40.51 9.87
C LYS A 265 -4.23 41.74 9.02
N ASN A 266 -4.81 41.86 7.82
CA ASN A 266 -4.67 43.04 6.94
C ASN A 266 -3.19 43.39 6.82
N LEU A 267 -2.34 42.43 6.40
CA LEU A 267 -0.87 42.59 6.37
C LEU A 267 -0.43 43.32 5.11
N ARG A 268 -1.26 43.31 4.06
CA ARG A 268 -0.97 43.92 2.73
C ARG A 268 0.39 43.39 2.25
N ARG A 269 0.57 42.07 2.31
CA ARG A 269 1.74 41.33 1.78
C ARG A 269 1.42 40.85 0.36
N VAL A 270 2.46 40.66 -0.44
CA VAL A 270 2.34 40.23 -1.87
C VAL A 270 2.36 38.69 -1.92
N HIS A 271 1.36 38.12 -2.59
CA HIS A 271 1.27 36.65 -2.84
C HIS A 271 0.93 36.42 -4.31
N PRO A 272 1.58 35.43 -4.96
CA PRO A 272 1.22 35.03 -6.31
C PRO A 272 0.01 34.08 -6.27
N VAL A 273 -1.20 34.64 -6.30
CA VAL A 273 -2.48 33.89 -6.12
C VAL A 273 -3.29 34.00 -7.40
N SER A 274 -4.17 33.03 -7.64
CA SER A 274 -5.09 33.02 -8.82
C SER A 274 -6.06 34.19 -8.69
N THR A 275 -6.04 35.12 -9.64
CA THR A 275 -6.96 36.26 -9.74
C THR A 275 -7.35 36.49 -11.21
N MET A 276 -8.45 37.18 -11.44
CA MET A 276 -8.98 37.50 -12.80
C MET A 276 -7.92 38.31 -13.55
N ILE A 277 -7.48 37.79 -14.70
CA ILE A 277 -6.27 38.26 -15.43
C ILE A 277 -6.68 38.92 -16.75
N LYS A 278 -7.97 39.03 -17.05
CA LYS A 278 -8.47 39.64 -18.32
C LYS A 278 -7.98 41.09 -18.39
N GLY A 279 -7.40 41.49 -19.52
CA GLY A 279 -6.87 42.84 -19.75
C GLY A 279 -5.36 42.83 -19.82
N LEU A 280 -4.71 41.92 -19.08
CA LEU A 280 -3.23 41.84 -18.97
C LEU A 280 -2.69 40.80 -19.95
N TYR A 281 -1.49 41.03 -20.47
CA TYR A 281 -0.67 40.08 -21.25
C TYR A 281 -1.41 39.65 -22.53
N GLY A 282 -2.24 40.56 -23.07
CA GLY A 282 -3.04 40.35 -24.29
C GLY A 282 -4.05 39.22 -24.14
N ILE A 283 -4.61 39.04 -22.93
CA ILE A 283 -5.65 38.02 -22.62
C ILE A 283 -7.01 38.73 -22.59
N LYS A 284 -7.95 38.27 -23.42
CA LYS A 284 -9.29 38.87 -23.64
C LYS A 284 -10.37 38.10 -22.87
N ASP A 285 -10.11 36.83 -22.52
CA ASP A 285 -11.11 35.90 -21.91
C ASP A 285 -11.16 36.07 -20.38
N ASP A 286 -12.27 35.66 -19.76
CA ASP A 286 -12.48 35.61 -18.30
C ASP A 286 -11.77 34.39 -17.69
N VAL A 287 -10.43 34.42 -17.57
CA VAL A 287 -9.65 33.34 -16.91
C VAL A 287 -8.93 33.93 -15.69
N PHE A 288 -8.58 33.05 -14.75
CA PHE A 288 -7.76 33.34 -13.55
C PHE A 288 -6.39 32.69 -13.71
N LEU A 289 -5.34 33.43 -13.37
CA LEU A 289 -3.94 32.94 -13.30
C LEU A 289 -3.26 33.66 -12.12
N SER A 290 -2.12 33.13 -11.66
CA SER A 290 -1.35 33.69 -10.52
C SER A 290 -0.49 34.86 -11.01
N VAL A 291 -0.71 36.04 -10.43
CA VAL A 291 0.20 37.22 -10.51
C VAL A 291 0.33 37.79 -9.10
N PRO A 292 1.39 38.55 -8.81
CA PRO A 292 1.60 39.09 -7.46
C PRO A 292 0.46 40.04 -7.10
N CYS A 293 -0.27 39.71 -6.02
CA CYS A 293 -1.42 40.47 -5.49
C CYS A 293 -1.13 40.87 -4.04
N ILE A 294 -1.60 42.05 -3.66
CA ILE A 294 -1.51 42.55 -2.26
C ILE A 294 -2.79 42.09 -1.55
N LEU A 295 -2.65 41.23 -0.53
CA LEU A 295 -3.77 40.63 0.23
C LEU A 295 -3.95 41.37 1.57
N GLY A 296 -5.20 41.67 1.90
CA GLY A 296 -5.58 42.38 3.14
C GLY A 296 -7.01 42.05 3.50
N GLN A 297 -7.62 42.86 4.37
CA GLN A 297 -8.94 42.54 4.99
C GLN A 297 -10.06 42.55 3.94
N ASN A 298 -9.85 43.11 2.76
CA ASN A 298 -10.87 43.13 1.67
C ASN A 298 -10.42 42.22 0.51
N GLY A 299 -9.52 41.28 0.79
CA GLY A 299 -8.96 40.37 -0.22
C GLY A 299 -7.88 41.06 -1.02
N ILE A 300 -7.93 40.94 -2.36
CA ILE A 300 -6.93 41.56 -3.28
C ILE A 300 -7.24 43.05 -3.41
N SER A 301 -6.39 43.91 -2.86
CA SER A 301 -6.53 45.39 -2.92
C SER A 301 -5.80 45.94 -4.15
N ASP A 302 -4.73 45.27 -4.61
CA ASP A 302 -3.88 45.74 -5.74
C ASP A 302 -3.23 44.54 -6.43
N LEU A 303 -2.94 44.67 -7.74
CA LEU A 303 -1.99 43.78 -8.47
C LEU A 303 -0.69 44.54 -8.64
N VAL A 304 0.45 43.83 -8.61
CA VAL A 304 1.73 44.37 -9.12
C VAL A 304 1.80 43.97 -10.59
N LYS A 305 1.96 44.97 -11.47
CA LYS A 305 2.01 44.78 -12.94
C LYS A 305 3.43 44.33 -13.29
N VAL A 306 3.65 43.02 -13.32
CA VAL A 306 5.00 42.45 -13.66
C VAL A 306 5.19 42.57 -15.17
N THR A 307 6.31 43.18 -15.58
CA THR A 307 6.76 43.19 -17.00
C THR A 307 7.29 41.79 -17.31
N LEU A 308 6.70 41.12 -18.30
CA LEU A 308 7.09 39.76 -18.77
C LEU A 308 7.72 39.85 -20.16
N THR A 309 8.64 38.94 -20.50
CA THR A 309 9.26 38.85 -21.86
C THR A 309 8.18 38.40 -22.86
N SER A 310 8.55 38.26 -24.14
CA SER A 310 7.66 37.73 -25.20
C SER A 310 7.27 36.28 -24.87
N GLU A 311 8.26 35.46 -24.53
CA GLU A 311 8.11 34.00 -24.23
C GLU A 311 7.24 33.78 -22.99
N GLU A 312 7.42 34.62 -21.95
CA GLU A 312 6.64 34.56 -20.68
C GLU A 312 5.17 34.92 -20.98
N GLU A 313 4.92 35.98 -21.75
CA GLU A 313 3.54 36.38 -22.20
C GLU A 313 2.91 35.21 -22.98
N ALA A 314 3.66 34.57 -23.88
CA ALA A 314 3.18 33.45 -24.74
C ALA A 314 2.68 32.31 -23.86
N ARG A 315 3.44 31.94 -22.82
CA ARG A 315 3.13 30.80 -21.91
C ARG A 315 1.86 31.09 -21.12
N LEU A 316 1.68 32.32 -20.63
CA LEU A 316 0.44 32.73 -19.90
C LEU A 316 -0.74 32.74 -20.88
N LYS A 317 -0.54 33.32 -22.07
CA LYS A 317 -1.54 33.38 -23.16
C LYS A 317 -1.98 31.95 -23.51
N LYS A 318 -1.04 31.01 -23.63
CA LYS A 318 -1.32 29.60 -23.99
C LYS A 318 -2.17 28.96 -22.88
N SER A 319 -1.78 29.15 -21.61
CA SER A 319 -2.52 28.65 -20.42
C SER A 319 -3.94 29.21 -20.45
N ALA A 320 -4.10 30.52 -20.63
CA ALA A 320 -5.40 31.22 -20.71
C ALA A 320 -6.28 30.58 -21.78
N ASP A 321 -5.73 30.28 -22.96
CA ASP A 321 -6.46 29.66 -24.09
C ASP A 321 -6.94 28.27 -23.66
N THR A 322 -6.03 27.42 -23.16
CA THR A 322 -6.35 26.05 -22.67
C THR A 322 -7.49 26.12 -21.64
N LEU A 323 -7.40 27.04 -20.67
CA LEU A 323 -8.37 27.16 -19.55
C LEU A 323 -9.73 27.60 -20.09
N TRP A 324 -9.75 28.61 -20.96
CA TRP A 324 -11.00 29.11 -21.58
C TRP A 324 -11.62 28.01 -22.46
N GLY A 325 -10.77 27.27 -23.18
CA GLY A 325 -11.14 26.11 -24.01
C GLY A 325 -12.02 25.14 -23.24
N ILE A 326 -11.74 24.96 -21.94
CA ILE A 326 -12.51 24.07 -21.02
C ILE A 326 -13.66 24.87 -20.40
N GLN A 327 -13.39 26.09 -19.92
CA GLN A 327 -14.38 26.90 -19.16
C GLN A 327 -15.63 27.12 -20.03
N LYS A 328 -15.45 27.33 -21.35
CA LYS A 328 -16.56 27.69 -22.27
C LYS A 328 -17.47 26.48 -22.52
N GLU A 329 -17.00 25.26 -22.24
CA GLU A 329 -17.76 23.98 -22.41
C GLU A 329 -18.49 23.59 -21.13
N LEU A 330 -18.29 24.31 -20.02
CA LEU A 330 -18.91 23.98 -18.71
C LEU A 330 -20.38 24.44 -18.73
N GLN A 331 -21.26 23.73 -18.02
CA GLN A 331 -22.71 24.03 -17.93
C GLN A 331 -23.05 24.48 -16.51
N PHE A 332 -23.40 25.75 -16.35
CA PHE A 332 -23.91 26.36 -15.09
C PHE A 332 -25.43 26.39 -15.19
N ALA B 2 33.79 32.95 -12.93
CA ALA B 2 33.25 33.05 -11.52
C ALA B 2 31.74 32.79 -11.53
N THR B 3 31.26 31.93 -10.61
CA THR B 3 29.83 31.48 -10.54
C THR B 3 28.96 32.65 -10.07
N LEU B 4 27.64 32.54 -10.25
CA LEU B 4 26.64 33.53 -9.77
C LEU B 4 26.71 33.63 -8.25
N LYS B 5 26.78 32.48 -7.58
CA LYS B 5 26.97 32.33 -6.11
C LYS B 5 28.14 33.24 -5.66
N ASP B 6 29.31 33.13 -6.29
CA ASP B 6 30.55 33.84 -5.85
C ASP B 6 30.47 35.32 -6.20
N GLN B 7 29.75 35.69 -7.27
CA GLN B 7 29.56 37.10 -7.69
C GLN B 7 28.60 37.82 -6.73
N LEU B 8 27.65 37.11 -6.13
CA LEU B 8 26.52 37.68 -5.33
C LEU B 8 26.88 37.69 -3.84
N ILE B 9 27.51 36.63 -3.34
CA ILE B 9 27.69 36.34 -1.88
C ILE B 9 29.18 36.19 -1.59
N TYR B 10 29.70 37.00 -0.67
CA TYR B 10 31.02 36.81 -0.01
C TYR B 10 30.76 36.17 1.35
N ASN B 11 31.19 34.92 1.52
CA ASN B 11 30.98 34.13 2.77
C ASN B 11 32.16 34.38 3.73
N LEU B 12 31.89 34.58 5.03
CA LEU B 12 32.89 34.77 6.11
C LEU B 12 33.14 33.47 6.87
N LEU B 13 32.12 32.63 7.10
CA LEU B 13 32.26 31.40 7.96
C LEU B 13 31.35 30.27 7.45
N LYS B 14 31.68 29.03 7.80
CA LYS B 14 30.79 27.84 7.75
C LYS B 14 29.33 28.28 7.58
N GLN B 17 26.06 24.33 11.16
CA GLN B 17 26.57 24.13 12.55
C GLN B 17 25.59 23.23 13.34
N THR B 18 25.78 23.10 14.67
CA THR B 18 25.11 22.15 15.58
C THR B 18 23.82 22.75 16.16
N PRO B 19 22.74 21.96 16.30
CA PRO B 19 21.46 22.48 16.81
C PRO B 19 21.42 22.52 18.34
N GLN B 20 20.71 23.49 18.91
CA GLN B 20 20.68 23.72 20.39
C GLN B 20 19.30 23.34 20.95
N ASN B 21 18.31 23.09 20.10
CA ASN B 21 16.91 22.83 20.51
C ASN B 21 16.30 21.75 19.60
N LYS B 22 16.97 20.60 19.53
CA LYS B 22 16.57 19.49 18.63
C LYS B 22 15.52 18.64 19.33
N ILE B 23 14.42 18.34 18.63
CA ILE B 23 13.37 17.40 19.08
C ILE B 23 13.30 16.26 18.07
N THR B 24 13.15 15.03 18.56
CA THR B 24 12.85 13.83 17.74
C THR B 24 11.42 13.36 18.06
N VAL B 25 10.67 13.00 17.02
CA VAL B 25 9.37 12.26 17.14
C VAL B 25 9.60 10.88 16.53
N VAL B 26 9.47 9.84 17.37
CA VAL B 26 9.51 8.41 16.97
C VAL B 26 8.07 7.97 16.70
N GLY B 27 7.79 7.60 15.44
CA GLY B 27 6.46 7.16 14.96
C GLY B 27 5.76 8.29 14.23
N VAL B 28 5.47 8.10 12.94
CA VAL B 28 4.82 9.11 12.04
C VAL B 28 3.44 8.59 11.61
N GLY B 29 2.75 7.86 12.49
CA GLY B 29 1.30 7.68 12.43
C GLY B 29 0.58 8.99 12.74
N ALA B 30 -0.75 8.96 12.82
CA ALA B 30 -1.59 10.17 12.98
C ALA B 30 -1.12 10.96 14.21
N VAL B 31 -0.85 10.27 15.32
CA VAL B 31 -0.46 10.88 16.62
C VAL B 31 0.92 11.54 16.47
N GLY B 32 1.88 10.82 15.90
CA GLY B 32 3.25 11.34 15.70
C GLY B 32 3.25 12.61 14.88
N MET B 33 2.53 12.62 13.76
CA MET B 33 2.56 13.75 12.79
C MET B 33 1.79 14.93 13.38
N ALA B 34 0.76 14.66 14.19
CA ALA B 34 0.01 15.69 14.94
C ALA B 34 0.95 16.35 15.96
N CYS B 35 1.75 15.56 16.68
CA CYS B 35 2.83 16.06 17.58
C CYS B 35 3.79 16.93 16.77
N ALA B 36 4.23 16.44 15.61
CA ALA B 36 5.24 17.10 14.76
C ALA B 36 4.74 18.47 14.29
N ILE B 37 3.55 18.53 13.69
CA ILE B 37 3.01 19.81 13.12
C ILE B 37 2.79 20.80 14.27
N SER B 38 2.25 20.34 15.40
CA SER B 38 1.96 21.18 16.59
C SER B 38 3.26 21.77 17.15
N ILE B 39 4.33 20.98 17.20
CA ILE B 39 5.66 21.39 17.73
C ILE B 39 6.29 22.41 16.76
N LEU B 40 6.27 22.14 15.46
CA LEU B 40 6.78 23.05 14.41
C LEU B 40 6.19 24.44 14.59
N MET B 41 4.88 24.51 14.79
CA MET B 41 4.09 25.75 14.66
C MET B 41 4.08 26.54 15.97
N LYS B 42 4.51 25.94 17.08
CA LYS B 42 4.82 26.63 18.36
C LYS B 42 6.30 27.04 18.34
N ASP B 43 7.04 26.67 17.29
CA ASP B 43 8.44 27.13 17.04
C ASP B 43 9.31 26.72 18.24
N LEU B 44 9.32 25.43 18.59
CA LEU B 44 10.02 24.92 19.80
C LEU B 44 11.41 24.40 19.42
N ALA B 45 11.59 24.00 18.17
CA ALA B 45 12.77 23.22 17.72
C ALA B 45 13.47 23.97 16.58
N ASP B 46 14.80 24.04 16.64
CA ASP B 46 15.63 24.51 15.50
C ASP B 46 16.02 23.31 14.62
N GLU B 47 15.97 22.08 15.16
CA GLU B 47 16.04 20.82 14.36
C GLU B 47 14.95 19.84 14.82
N LEU B 48 14.22 19.28 13.86
CA LEU B 48 13.17 18.25 14.09
C LEU B 48 13.54 16.98 13.32
N ALA B 49 13.62 15.84 14.01
CA ALA B 49 13.92 14.51 13.44
C ALA B 49 12.67 13.62 13.55
N LEU B 50 12.31 12.94 12.47
CA LEU B 50 11.21 11.94 12.41
C LEU B 50 11.84 10.57 12.17
N VAL B 51 11.42 9.55 12.94
CA VAL B 51 11.92 8.16 12.83
C VAL B 51 10.72 7.21 12.78
N ASP B 52 10.73 6.28 11.81
CA ASP B 52 9.77 5.15 11.69
C ASP B 52 10.38 4.13 10.72
N VAL B 53 9.73 2.98 10.55
CA VAL B 53 10.30 1.77 9.88
C VAL B 53 9.86 1.72 8.42
N ILE B 54 8.73 2.36 8.06
CA ILE B 54 8.21 2.42 6.67
C ILE B 54 8.85 3.64 5.99
N GLU B 55 9.82 3.38 5.11
CA GLU B 55 10.83 4.38 4.63
C GLU B 55 10.16 5.42 3.70
N ASP B 56 9.26 4.97 2.82
CA ASP B 56 8.56 5.80 1.81
C ASP B 56 7.73 6.87 2.52
N LYS B 57 6.74 6.41 3.30
CA LYS B 57 5.81 7.26 4.08
C LYS B 57 6.63 8.27 4.89
N LEU B 58 7.72 7.83 5.54
CA LEU B 58 8.55 8.66 6.44
C LEU B 58 9.14 9.84 5.65
N LYS B 59 9.81 9.55 4.54
CA LYS B 59 10.47 10.59 3.70
C LYS B 59 9.38 11.53 3.14
N GLY B 60 8.22 10.98 2.78
CA GLY B 60 7.09 11.77 2.24
C GLY B 60 6.59 12.79 3.24
N GLU B 61 6.46 12.38 4.50
CA GLU B 61 5.98 13.25 5.60
C GLU B 61 7.03 14.34 5.86
N MET B 62 8.31 13.97 5.90
CA MET B 62 9.43 14.91 6.07
C MET B 62 9.31 16.02 5.01
N MET B 63 9.14 15.64 3.74
CA MET B 63 9.13 16.57 2.59
C MET B 63 7.91 17.49 2.68
N ASP B 64 6.75 16.93 3.02
CA ASP B 64 5.48 17.68 3.14
C ASP B 64 5.66 18.74 4.25
N LEU B 65 6.21 18.36 5.40
CA LEU B 65 6.51 19.28 6.53
C LEU B 65 7.48 20.36 6.07
N GLN B 66 8.61 19.97 5.49
CA GLN B 66 9.68 20.88 5.00
C GLN B 66 9.05 21.99 4.16
N HIS B 67 8.25 21.63 3.16
CA HIS B 67 7.64 22.58 2.18
C HIS B 67 6.73 23.55 2.94
N GLY B 68 5.88 23.03 3.82
CA GLY B 68 5.03 23.83 4.70
C GLY B 68 5.85 24.78 5.56
N SER B 69 6.98 24.30 6.08
CA SER B 69 7.83 25.03 7.06
C SER B 69 8.45 26.27 6.40
N LEU B 70 8.32 26.42 5.08
CA LEU B 70 8.76 27.65 4.37
C LEU B 70 7.92 28.86 4.81
N PHE B 71 6.76 28.64 5.46
CA PHE B 71 5.82 29.70 5.91
C PHE B 71 5.92 29.89 7.43
N LEU B 72 6.88 29.21 8.08
CA LEU B 72 7.22 29.33 9.52
C LEU B 72 8.66 29.83 9.65
N ARG B 73 9.16 29.92 10.88
CA ARG B 73 10.60 30.05 11.18
C ARG B 73 11.24 28.70 10.83
N THR B 74 11.70 28.55 9.59
CA THR B 74 12.07 27.25 8.97
C THR B 74 13.19 26.59 9.76
N PRO B 75 12.94 25.44 10.43
CA PRO B 75 13.98 24.68 11.11
C PRO B 75 14.61 23.65 10.17
N LYS B 76 15.67 22.98 10.63
CA LYS B 76 16.21 21.81 9.93
C LYS B 76 15.31 20.61 10.25
N ILE B 77 14.75 19.97 9.24
CA ILE B 77 13.92 18.74 9.41
C ILE B 77 14.64 17.57 8.72
N VAL B 78 14.94 16.51 9.47
CA VAL B 78 15.60 15.27 8.97
C VAL B 78 14.73 14.06 9.30
N SER B 79 14.96 12.93 8.65
CA SER B 79 14.22 11.66 8.88
C SER B 79 15.06 10.45 8.44
N GLY B 80 14.77 9.29 9.01
CA GLY B 80 15.43 8.02 8.68
C GLY B 80 14.94 6.91 9.57
N LYS B 81 15.06 5.65 9.12
CA LYS B 81 14.83 4.46 9.97
C LYS B 81 16.00 4.34 10.96
N ASP B 82 17.18 4.86 10.60
CA ASP B 82 18.43 4.83 11.40
C ASP B 82 18.40 5.95 12.44
N TYR B 83 18.65 5.64 13.72
CA TYR B 83 18.51 6.59 14.85
C TYR B 83 19.65 7.62 14.86
N ASN B 84 20.62 7.52 13.96
CA ASN B 84 21.75 8.48 13.87
C ASN B 84 21.23 9.89 13.52
N VAL B 85 20.02 9.99 12.96
CA VAL B 85 19.39 11.29 12.63
C VAL B 85 18.88 11.96 13.92
N THR B 86 18.78 11.22 15.04
CA THR B 86 18.24 11.74 16.32
C THR B 86 19.34 12.29 17.22
N ALA B 87 20.59 12.31 16.77
CA ALA B 87 21.77 12.66 17.59
C ALA B 87 21.58 14.04 18.24
N ASN B 88 21.86 14.14 19.54
CA ASN B 88 21.89 15.42 20.32
C ASN B 88 20.50 16.05 20.39
N SER B 89 19.45 15.23 20.52
CA SER B 89 18.07 15.71 20.80
C SER B 89 18.00 16.18 22.27
N LYS B 90 17.39 17.34 22.53
CA LYS B 90 17.06 17.76 23.92
C LYS B 90 15.87 16.92 24.41
N LEU B 91 14.93 16.63 23.49
CA LEU B 91 13.65 15.97 23.81
C LEU B 91 13.37 14.92 22.73
N VAL B 92 13.07 13.69 23.14
CA VAL B 92 12.68 12.58 22.23
C VAL B 92 11.29 12.11 22.65
N ILE B 93 10.34 12.17 21.71
CA ILE B 93 8.90 11.86 21.91
C ILE B 93 8.60 10.50 21.26
N ILE B 94 8.20 9.52 22.06
CA ILE B 94 7.91 8.13 21.62
C ILE B 94 6.39 7.98 21.43
N THR B 95 5.95 7.76 20.18
CA THR B 95 4.54 7.48 19.81
C THR B 95 4.38 6.06 19.26
N ALA B 96 5.48 5.41 18.85
CA ALA B 96 5.49 4.03 18.29
C ALA B 96 5.06 3.02 19.37
N GLY B 97 4.60 1.86 18.96
CA GLY B 97 4.16 0.78 19.87
C GLY B 97 3.29 -0.23 19.15
N ALA B 98 2.70 -1.16 19.89
CA ALA B 98 1.75 -2.16 19.37
C ALA B 98 0.37 -1.89 19.98
N ARG B 99 -0.69 -2.16 19.22
CA ARG B 99 -2.10 -2.00 19.67
C ARG B 99 -2.63 -3.40 20.01
N GLN B 100 -3.46 -3.49 21.06
CA GLN B 100 -4.08 -4.77 21.54
C GLN B 100 -4.89 -5.37 20.40
N GLN B 101 -4.71 -6.68 20.15
CA GLN B 101 -5.47 -7.45 19.12
C GLN B 101 -6.55 -8.26 19.82
N GLU B 102 -7.59 -8.68 19.08
CA GLU B 102 -8.74 -9.44 19.67
C GLU B 102 -8.19 -10.72 20.30
N GLY B 103 -8.54 -10.96 21.56
CA GLY B 103 -8.15 -12.18 22.31
C GLY B 103 -6.75 -12.08 22.92
N GLU B 104 -6.02 -11.00 22.68
CA GLU B 104 -4.68 -10.76 23.31
C GLU B 104 -4.88 -10.27 24.74
N SER B 105 -4.10 -10.77 25.69
CA SER B 105 -4.13 -10.34 27.12
C SER B 105 -3.35 -9.03 27.27
N ARG B 106 -3.70 -8.22 28.27
CA ARG B 106 -3.00 -6.96 28.62
C ARG B 106 -1.50 -7.24 28.77
N LEU B 107 -1.15 -8.29 29.50
CA LEU B 107 0.26 -8.69 29.78
C LEU B 107 1.00 -8.90 28.46
N ASN B 108 0.41 -9.63 27.52
CA ASN B 108 1.05 -9.97 26.23
C ASN B 108 1.27 -8.69 25.43
N LEU B 109 0.28 -7.79 25.44
CA LEU B 109 0.36 -6.49 24.73
C LEU B 109 1.54 -5.67 25.26
N VAL B 110 1.61 -5.51 26.58
CA VAL B 110 2.68 -4.71 27.24
C VAL B 110 4.02 -5.36 26.88
N GLN B 111 4.12 -6.70 26.92
CA GLN B 111 5.37 -7.43 26.60
C GLN B 111 5.79 -7.13 25.16
N ARG B 112 4.85 -7.09 24.22
CA ARG B 112 5.14 -6.77 22.79
C ARG B 112 5.66 -5.35 22.71
N ASN B 113 5.10 -4.42 23.48
CA ASN B 113 5.57 -3.01 23.58
C ASN B 113 6.97 -2.98 24.20
N VAL B 114 7.21 -3.78 25.24
CA VAL B 114 8.55 -3.90 25.89
C VAL B 114 9.58 -4.30 24.83
N ASN B 115 9.25 -5.32 24.03
CA ASN B 115 10.18 -5.88 23.02
C ASN B 115 10.49 -4.80 21.97
N ILE B 116 9.51 -3.98 21.60
CA ILE B 116 9.69 -2.85 20.64
C ILE B 116 10.59 -1.80 21.29
N PHE B 117 10.34 -1.46 22.56
CA PHE B 117 11.11 -0.43 23.32
C PHE B 117 12.54 -0.91 23.55
N LYS B 118 12.78 -2.22 23.57
CA LYS B 118 14.14 -2.81 23.72
C LYS B 118 14.98 -2.54 22.47
N PHE B 119 14.35 -2.21 21.34
CA PHE B 119 15.04 -1.73 20.10
C PHE B 119 15.12 -0.20 20.13
N ILE B 120 14.01 0.49 20.42
CA ILE B 120 13.88 1.97 20.25
C ILE B 120 14.76 2.68 21.29
N ILE B 121 14.55 2.40 22.57
CA ILE B 121 15.08 3.22 23.70
C ILE B 121 16.62 3.17 23.71
N PRO B 122 17.28 1.99 23.62
CA PRO B 122 18.75 1.94 23.59
C PRO B 122 19.36 2.71 22.41
N ASN B 123 18.69 2.70 21.25
CA ASN B 123 19.08 3.48 20.05
C ASN B 123 18.95 4.98 20.35
N VAL B 124 17.87 5.39 21.04
CA VAL B 124 17.64 6.82 21.42
C VAL B 124 18.78 7.25 22.34
N VAL B 125 19.04 6.45 23.38
CA VAL B 125 20.06 6.69 24.46
C VAL B 125 21.46 6.76 23.83
N LYS B 126 21.77 5.86 22.91
CA LYS B 126 23.08 5.83 22.23
C LYS B 126 23.37 7.22 21.63
N TYR B 127 22.40 7.85 20.96
CA TYR B 127 22.62 9.04 20.09
C TYR B 127 22.30 10.33 20.84
N SER B 128 21.45 10.29 21.87
CA SER B 128 21.09 11.46 22.71
C SER B 128 21.12 11.06 24.17
N PRO B 129 22.31 10.78 24.76
CA PRO B 129 22.39 10.30 26.15
C PRO B 129 21.84 11.28 27.21
N ASN B 130 21.75 12.58 26.89
CA ASN B 130 21.32 13.65 27.83
C ASN B 130 19.87 14.10 27.57
N CYS B 131 19.17 13.45 26.62
CA CYS B 131 17.79 13.84 26.20
C CYS B 131 16.80 13.61 27.35
N LYS B 132 15.67 14.33 27.34
CA LYS B 132 14.44 13.98 28.09
C LYS B 132 13.62 13.05 27.21
N LEU B 133 13.07 11.98 27.78
CA LEU B 133 12.15 11.04 27.10
C LEU B 133 10.72 11.40 27.50
N LEU B 134 9.88 11.69 26.50
CA LEU B 134 8.43 11.91 26.67
C LEU B 134 7.70 10.74 25.98
N ILE B 135 7.03 9.90 26.77
CA ILE B 135 6.32 8.68 26.29
C ILE B 135 4.85 9.03 26.09
N VAL B 136 4.32 8.77 24.90
CA VAL B 136 2.91 9.04 24.53
C VAL B 136 2.17 7.71 24.30
N SER B 137 2.87 6.72 23.73
CA SER B 137 2.39 5.33 23.46
C SER B 137 1.56 4.82 24.63
N ASN B 138 0.43 4.17 24.36
CA ASN B 138 -0.46 3.58 25.41
C ASN B 138 -0.14 2.10 25.59
N PRO B 139 -0.33 1.51 26.79
CA PRO B 139 -0.75 2.26 27.99
C PRO B 139 0.42 3.04 28.60
N VAL B 140 0.22 4.33 28.83
CA VAL B 140 1.33 5.34 28.93
C VAL B 140 2.04 5.19 30.28
N ASP B 141 1.31 4.91 31.35
CA ASP B 141 1.88 4.77 32.72
C ASP B 141 2.86 3.60 32.75
N ILE B 142 2.49 2.45 32.18
CA ILE B 142 3.35 1.23 32.14
C ILE B 142 4.54 1.49 31.20
N LEU B 143 4.30 2.05 30.02
CA LEU B 143 5.37 2.19 29.00
C LEU B 143 6.36 3.29 29.38
N THR B 144 5.97 4.22 30.24
CA THR B 144 6.92 5.21 30.82
C THR B 144 7.88 4.46 31.76
N TYR B 145 7.36 3.57 32.61
CA TYR B 145 8.15 2.65 33.45
C TYR B 145 9.14 1.87 32.57
N VAL B 146 8.63 1.29 31.48
CA VAL B 146 9.42 0.43 30.57
C VAL B 146 10.59 1.25 30.02
N ALA B 147 10.33 2.47 29.55
CA ALA B 147 11.35 3.39 28.98
C ALA B 147 12.37 3.73 30.06
N TRP B 148 11.90 3.99 31.28
CA TRP B 148 12.76 4.31 32.45
C TRP B 148 13.73 3.15 32.71
N LYS B 149 13.21 1.91 32.78
CA LYS B 149 14.00 0.71 33.11
C LYS B 149 15.07 0.48 32.04
N ILE B 150 14.71 0.55 30.75
CA ILE B 150 15.62 0.20 29.62
C ILE B 150 16.66 1.32 29.44
N SER B 151 16.26 2.59 29.60
CA SER B 151 17.14 3.77 29.39
C SER B 151 18.17 3.87 30.51
N GLY B 152 17.78 3.49 31.74
CA GLY B 152 18.58 3.69 32.96
C GLY B 152 18.71 5.17 33.29
N PHE B 153 17.88 6.03 32.68
CA PHE B 153 17.85 7.49 32.92
C PHE B 153 17.32 7.75 34.33
N PRO B 154 17.72 8.89 34.96
CA PRO B 154 17.10 9.30 36.22
C PRO B 154 15.63 9.70 36.01
N LYS B 155 14.82 9.60 37.07
CA LYS B 155 13.34 9.73 36.97
C LYS B 155 12.94 11.10 36.44
N ASN B 156 13.79 12.12 36.57
CA ASN B 156 13.49 13.50 36.10
C ASN B 156 13.43 13.56 34.57
N ARG B 157 14.13 12.68 33.86
CA ARG B 157 14.26 12.74 32.38
C ARG B 157 13.39 11.67 31.71
N VAL B 158 12.42 11.08 32.41
CA VAL B 158 11.49 10.08 31.83
C VAL B 158 10.06 10.41 32.27
N ILE B 159 9.28 10.94 31.33
CA ILE B 159 7.94 11.55 31.55
C ILE B 159 6.95 10.87 30.61
N GLY B 160 5.71 10.64 31.07
CA GLY B 160 4.60 10.17 30.21
C GLY B 160 3.54 11.26 30.06
N SER B 161 2.93 11.36 28.88
CA SER B 161 1.90 12.38 28.55
C SER B 161 0.76 12.35 29.59
N GLY B 162 0.53 11.18 30.20
CA GLY B 162 -0.31 11.03 31.40
C GLY B 162 -1.67 11.68 31.26
N CYS B 163 -2.06 12.46 32.27
CA CYS B 163 -3.41 13.06 32.41
C CYS B 163 -3.42 14.56 32.01
N ASN B 164 -2.44 15.01 31.22
CA ASN B 164 -2.34 16.43 30.79
C ASN B 164 -3.60 16.81 30.02
N LEU B 165 -4.00 15.99 29.03
CA LEU B 165 -5.18 16.26 28.16
C LEU B 165 -6.47 16.12 28.98
N ASP B 166 -6.61 15.01 29.72
CA ASP B 166 -7.85 14.68 30.47
C ASP B 166 -8.10 15.79 31.51
N SER B 167 -7.05 16.32 32.15
CA SER B 167 -7.15 17.44 33.12
C SER B 167 -7.69 18.69 32.43
N ALA B 168 -7.20 19.00 31.22
CA ALA B 168 -7.68 20.15 30.41
C ALA B 168 -9.19 19.98 30.14
N ARG B 169 -9.59 18.78 29.69
CA ARG B 169 -11.01 18.44 29.44
C ARG B 169 -11.84 18.66 30.71
N PHE B 170 -11.32 18.19 31.85
CA PHE B 170 -11.99 18.27 33.17
C PHE B 170 -12.22 19.74 33.52
N ARG B 171 -11.14 20.54 33.44
CA ARG B 171 -11.18 22.00 33.69
C ARG B 171 -12.23 22.63 32.77
N TYR B 172 -12.30 22.21 31.50
CA TYR B 172 -13.26 22.80 30.53
C TYR B 172 -14.69 22.56 31.02
N LEU B 173 -15.02 21.32 31.36
CA LEU B 173 -16.40 20.89 31.70
C LEU B 173 -16.80 21.46 33.07
N MET B 174 -15.84 21.55 33.99
CA MET B 174 -16.00 22.32 35.26
C MET B 174 -16.43 23.75 34.93
N GLY B 175 -15.72 24.40 34.00
CA GLY B 175 -16.04 25.76 33.52
C GLY B 175 -17.46 25.84 32.98
N GLU B 176 -17.83 24.87 32.14
CA GLU B 176 -19.18 24.77 31.51
C GLU B 176 -20.26 24.81 32.59
N ARG B 177 -20.07 24.06 33.68
CA ARG B 177 -21.01 24.01 34.84
C ARG B 177 -21.11 25.39 35.50
N LEU B 178 -20.00 26.12 35.61
CA LEU B 178 -19.89 27.39 36.39
C LEU B 178 -20.10 28.62 35.50
N GLY B 179 -20.21 28.45 34.18
CA GLY B 179 -20.28 29.57 33.21
C GLY B 179 -18.98 30.35 33.17
N VAL B 180 -17.83 29.65 33.18
CA VAL B 180 -16.46 30.22 33.28
C VAL B 180 -15.59 29.61 32.16
N HIS B 181 -14.74 30.43 31.55
CA HIS B 181 -13.77 30.03 30.50
C HIS B 181 -12.81 28.99 31.08
N PRO B 182 -12.40 27.95 30.32
CA PRO B 182 -11.52 26.90 30.84
C PRO B 182 -10.21 27.40 31.46
N LEU B 183 -9.73 28.56 30.98
CA LEU B 183 -8.43 29.18 31.38
C LEU B 183 -8.52 29.71 32.81
N SER B 184 -9.73 30.05 33.28
CA SER B 184 -9.98 30.66 34.61
C SER B 184 -10.43 29.58 35.62
N CYS B 185 -10.43 28.31 35.20
CA CYS B 185 -10.68 27.13 36.05
C CYS B 185 -9.36 26.41 36.37
N HIS B 186 -9.26 25.86 37.58
CA HIS B 186 -8.16 24.95 38.02
C HIS B 186 -8.75 23.66 38.58
N GLY B 187 -7.99 22.58 38.48
CA GLY B 187 -8.38 21.22 38.90
C GLY B 187 -7.60 20.19 38.11
N TRP B 188 -7.29 19.04 38.73
CA TRP B 188 -6.54 17.94 38.10
C TRP B 188 -7.38 16.67 38.04
N VAL B 189 -7.04 15.82 37.09
CA VAL B 189 -7.37 14.38 37.04
C VAL B 189 -6.03 13.66 37.20
N LEU B 190 -5.84 12.89 38.27
CA LEU B 190 -4.54 12.26 38.62
C LEU B 190 -4.63 10.74 38.55
N GLY B 191 -3.48 10.07 38.65
CA GLY B 191 -3.36 8.61 38.76
C GLY B 191 -3.17 7.96 37.40
N GLU B 192 -3.86 6.83 37.19
CA GLU B 192 -3.79 6.00 35.97
C GLU B 192 -4.53 6.73 34.84
N HIS B 193 -3.89 6.92 33.69
CA HIS B 193 -4.51 7.45 32.46
C HIS B 193 -5.70 6.56 32.08
N GLY B 194 -6.88 7.16 31.89
CA GLY B 194 -8.06 6.48 31.32
C GLY B 194 -9.19 6.34 32.32
N ASP B 195 -9.85 5.18 32.36
CA ASP B 195 -11.11 4.93 33.12
C ASP B 195 -10.88 5.11 34.63
N SER B 196 -9.70 4.75 35.14
CA SER B 196 -9.38 4.65 36.60
C SER B 196 -8.81 5.96 37.14
N SER B 197 -8.75 7.01 36.31
CA SER B 197 -8.18 8.34 36.68
C SER B 197 -9.05 8.98 37.77
N VAL B 198 -8.44 9.82 38.61
CA VAL B 198 -9.05 10.35 39.86
C VAL B 198 -9.28 11.85 39.74
N PRO B 199 -10.57 12.30 39.69
CA PRO B 199 -10.87 13.72 39.77
C PRO B 199 -10.64 14.21 41.21
N VAL B 200 -9.61 15.03 41.41
CA VAL B 200 -9.24 15.58 42.75
C VAL B 200 -10.11 16.82 43.02
N TRP B 201 -11.28 16.61 43.63
CA TRP B 201 -12.33 17.62 43.94
C TRP B 201 -11.77 18.73 44.84
N SER B 202 -10.94 18.35 45.82
CA SER B 202 -10.34 19.25 46.84
C SER B 202 -9.58 20.40 46.15
N GLY B 203 -8.87 20.09 45.06
CA GLY B 203 -8.01 21.03 44.33
C GLY B 203 -8.78 21.96 43.39
N MET B 204 -10.02 21.63 43.01
CA MET B 204 -10.81 22.41 42.02
C MET B 204 -11.19 23.76 42.65
N ASN B 205 -10.91 24.86 41.92
CA ASN B 205 -11.15 26.25 42.40
C ASN B 205 -11.24 27.22 41.20
N VAL B 206 -11.87 28.36 41.42
CA VAL B 206 -11.80 29.56 40.54
C VAL B 206 -11.27 30.72 41.37
N ALA B 207 -10.13 31.29 40.99
CA ALA B 207 -9.52 32.46 41.66
C ALA B 207 -9.25 32.16 43.13
N GLY B 208 -8.88 30.92 43.46
CA GLY B 208 -8.48 30.52 44.83
C GLY B 208 -9.67 30.24 45.74
N VAL B 209 -10.90 30.41 45.26
CA VAL B 209 -12.14 30.01 45.99
C VAL B 209 -12.41 28.53 45.67
N SER B 210 -12.07 27.63 46.58
CA SER B 210 -12.18 26.15 46.37
C SER B 210 -13.67 25.74 46.31
N LEU B 211 -14.04 24.98 45.29
CA LEU B 211 -15.42 24.49 45.02
C LEU B 211 -15.90 23.66 46.22
N LYS B 212 -15.04 22.78 46.76
CA LYS B 212 -15.41 21.85 47.86
C LYS B 212 -15.76 22.63 49.13
N THR B 213 -15.15 23.79 49.37
CA THR B 213 -15.45 24.66 50.54
C THR B 213 -16.92 25.12 50.45
N LEU B 214 -17.36 25.59 49.30
CA LEU B 214 -18.72 26.17 49.11
C LEU B 214 -19.78 25.07 49.04
N HIS B 215 -19.38 23.84 48.68
CA HIS B 215 -20.29 22.69 48.40
C HIS B 215 -19.60 21.40 48.83
N PRO B 216 -19.59 21.05 50.14
CA PRO B 216 -18.77 19.96 50.65
C PRO B 216 -19.16 18.59 50.07
N ASP B 217 -20.40 18.46 49.58
CA ASP B 217 -20.95 17.21 49.01
C ASP B 217 -20.49 17.03 47.54
N LEU B 218 -19.74 17.97 46.98
CA LEU B 218 -19.18 17.89 45.60
C LEU B 218 -18.44 16.56 45.39
N GLY B 219 -18.90 15.76 44.41
CA GLY B 219 -18.19 14.56 43.93
C GLY B 219 -18.59 13.28 44.65
N THR B 220 -19.38 13.36 45.72
CA THR B 220 -19.94 12.20 46.48
C THR B 220 -21.22 11.73 45.79
N ASP B 221 -21.77 10.58 46.22
CA ASP B 221 -23.01 9.97 45.65
C ASP B 221 -24.22 10.83 46.02
N LYS B 222 -24.17 11.56 47.14
CA LYS B 222 -25.27 12.44 47.63
C LYS B 222 -25.08 13.87 47.10
N ASP B 223 -24.42 14.04 45.95
CA ASP B 223 -24.19 15.35 45.28
C ASP B 223 -25.43 15.70 44.45
N LYS B 224 -26.20 16.69 44.88
CA LYS B 224 -27.46 17.08 44.21
C LYS B 224 -27.18 17.62 42.80
N GLU B 225 -25.96 18.11 42.54
CA GLU B 225 -25.52 18.66 41.22
C GLU B 225 -24.81 17.58 40.40
N GLN B 226 -24.40 16.47 41.03
CA GLN B 226 -23.91 15.24 40.36
C GLN B 226 -22.63 15.53 39.58
N TRP B 227 -21.61 16.05 40.24
CA TRP B 227 -20.34 16.44 39.61
C TRP B 227 -19.55 15.20 39.17
N LYS B 228 -19.94 14.00 39.61
CA LYS B 228 -19.35 12.72 39.10
C LYS B 228 -19.57 12.62 37.58
N GLU B 229 -20.68 13.15 37.06
CA GLU B 229 -21.01 13.09 35.61
C GLU B 229 -19.95 13.83 34.78
N VAL B 230 -19.26 14.81 35.39
CA VAL B 230 -18.20 15.63 34.70
C VAL B 230 -17.03 14.70 34.35
N HIS B 231 -16.48 13.98 35.33
CA HIS B 231 -15.34 13.04 35.13
C HIS B 231 -15.73 11.93 34.13
N LYS B 232 -16.96 11.45 34.20
CA LYS B 232 -17.52 10.41 33.28
C LYS B 232 -17.43 10.96 31.86
N GLN B 233 -17.87 12.20 31.64
CA GLN B 233 -17.91 12.85 30.30
C GLN B 233 -16.49 13.05 29.78
N VAL B 234 -15.50 13.31 30.65
CA VAL B 234 -14.06 13.42 30.28
C VAL B 234 -13.62 12.10 29.65
N VAL B 235 -13.99 10.96 30.25
CA VAL B 235 -13.59 9.60 29.80
C VAL B 235 -14.35 9.25 28.51
N GLU B 236 -15.67 9.44 28.49
CA GLU B 236 -16.54 9.17 27.31
C GLU B 236 -16.11 10.06 26.13
N SER B 237 -15.66 11.29 26.41
CA SER B 237 -15.16 12.29 25.44
C SER B 237 -14.20 11.63 24.44
N ALA B 238 -13.18 10.93 24.95
CA ALA B 238 -12.10 10.30 24.15
C ALA B 238 -12.68 9.19 23.27
N TYR B 239 -13.57 8.35 23.81
CA TYR B 239 -14.19 7.21 23.09
C TYR B 239 -15.05 7.74 21.94
N GLU B 240 -15.81 8.83 22.18
CA GLU B 240 -16.75 9.37 21.18
C GLU B 240 -15.96 9.90 19.98
N VAL B 241 -14.78 10.47 20.21
CA VAL B 241 -13.87 10.93 19.11
C VAL B 241 -13.50 9.71 18.26
N ILE B 242 -13.10 8.60 18.90
CA ILE B 242 -12.67 7.36 18.22
C ILE B 242 -13.87 6.77 17.44
N LYS B 243 -15.06 6.72 18.04
CA LYS B 243 -16.27 6.17 17.38
C LYS B 243 -16.57 6.99 16.11
N LEU B 244 -16.57 8.32 16.22
CA LEU B 244 -17.04 9.25 15.15
C LEU B 244 -15.99 9.35 14.03
N LYS B 245 -14.72 9.46 14.39
CA LYS B 245 -13.65 9.88 13.44
C LYS B 245 -12.76 8.67 13.08
N GLY B 246 -12.64 7.69 13.99
CA GLY B 246 -11.85 6.46 13.80
C GLY B 246 -10.69 6.37 14.78
N TYR B 247 -10.09 7.51 15.14
CA TYR B 247 -8.87 7.64 15.97
C TYR B 247 -8.84 9.07 16.53
N THR B 248 -7.94 9.35 17.48
CA THR B 248 -7.67 10.73 17.97
C THR B 248 -6.25 11.12 17.53
N SER B 249 -6.09 12.31 16.95
CA SER B 249 -4.78 12.85 16.52
C SER B 249 -4.57 14.26 17.12
N TRP B 250 -5.39 15.24 16.74
CA TRP B 250 -5.16 16.68 17.03
C TRP B 250 -5.07 16.90 18.55
N ALA B 251 -5.93 16.26 19.34
CA ALA B 251 -6.04 16.48 20.80
C ALA B 251 -4.74 16.03 21.48
N ILE B 252 -4.30 14.81 21.20
CA ILE B 252 -3.06 14.27 21.82
C ILE B 252 -1.87 15.10 21.29
N GLY B 253 -1.87 15.42 20.01
CA GLY B 253 -0.79 16.22 19.41
C GLY B 253 -0.55 17.51 20.18
N LEU B 254 -1.61 18.24 20.50
CA LEU B 254 -1.51 19.59 21.12
C LEU B 254 -1.21 19.45 22.61
N SER B 255 -1.67 18.39 23.26
CA SER B 255 -1.30 18.08 24.66
C SER B 255 0.21 17.83 24.73
N VAL B 256 0.74 17.01 23.83
CA VAL B 256 2.19 16.67 23.77
C VAL B 256 2.98 17.96 23.52
N ALA B 257 2.49 18.83 22.63
CA ALA B 257 3.15 20.10 22.25
C ALA B 257 3.19 21.04 23.47
N ASP B 258 2.13 21.04 24.29
CA ASP B 258 2.04 21.80 25.56
C ASP B 258 3.20 21.38 26.47
N LEU B 259 3.43 20.08 26.60
CA LEU B 259 4.48 19.50 27.49
C LEU B 259 5.85 19.86 26.89
N ALA B 260 6.00 19.72 25.58
CA ALA B 260 7.25 20.05 24.87
C ALA B 260 7.58 21.53 25.12
N GLU B 261 6.58 22.40 25.11
CA GLU B 261 6.79 23.86 25.29
C GLU B 261 7.41 24.10 26.67
N SER B 262 6.79 23.55 27.72
CA SER B 262 7.25 23.73 29.12
C SER B 262 8.70 23.26 29.26
N ILE B 263 9.05 22.16 28.60
CA ILE B 263 10.40 21.56 28.69
C ILE B 263 11.38 22.43 27.88
N MET B 264 11.09 22.67 26.61
CA MET B 264 12.05 23.31 25.66
C MET B 264 12.29 24.77 26.04
N LYS B 265 11.31 25.44 26.66
CA LYS B 265 11.39 26.89 26.99
C LYS B 265 11.57 27.08 28.50
N ASN B 266 11.80 26.01 29.25
CA ASN B 266 12.09 26.06 30.70
C ASN B 266 11.04 26.93 31.39
N LEU B 267 9.75 26.62 31.22
CA LEU B 267 8.63 27.46 31.71
C LEU B 267 8.35 27.18 33.18
N ARG B 268 8.76 26.01 33.68
CA ARG B 268 8.51 25.54 35.07
C ARG B 268 7.02 25.67 35.37
N ARG B 269 6.19 25.17 34.45
CA ARG B 269 4.71 25.07 34.57
C ARG B 269 4.36 23.68 35.12
N VAL B 270 3.21 23.59 35.79
CA VAL B 270 2.73 22.34 36.44
C VAL B 270 1.88 21.55 35.44
N HIS B 271 2.21 20.28 35.24
CA HIS B 271 1.45 19.34 34.39
C HIS B 271 1.24 18.03 35.13
N PRO B 272 0.03 17.43 35.05
CA PRO B 272 -0.23 16.12 35.62
C PRO B 272 0.26 15.03 34.65
N VAL B 273 1.53 14.64 34.77
CA VAL B 273 2.23 13.74 33.82
C VAL B 273 2.63 12.48 34.58
N SER B 274 2.80 11.35 33.87
CA SER B 274 3.24 10.06 34.44
C SER B 274 4.68 10.21 34.92
N THR B 275 4.91 10.04 36.22
CA THR B 275 6.26 10.09 36.85
C THR B 275 6.34 9.00 37.92
N MET B 276 7.57 8.64 38.30
CA MET B 276 7.84 7.63 39.35
C MET B 276 7.22 8.11 40.67
N ILE B 277 6.33 7.30 41.24
CA ILE B 277 5.41 7.70 42.34
C ILE B 277 5.80 6.98 43.64
N LYS B 278 6.87 6.17 43.64
CA LYS B 278 7.31 5.39 44.81
C LYS B 278 7.63 6.34 45.96
N GLY B 279 7.08 6.07 47.15
CA GLY B 279 7.27 6.92 48.34
C GLY B 279 5.99 7.63 48.73
N LEU B 280 5.15 7.97 47.75
CA LEU B 280 3.89 8.74 47.97
C LEU B 280 2.70 7.79 48.06
N TYR B 281 1.71 8.16 48.88
CA TYR B 281 0.36 7.54 48.98
C TYR B 281 0.48 6.07 49.39
N GLY B 282 1.52 5.75 50.19
CA GLY B 282 1.80 4.38 50.69
C GLY B 282 2.07 3.40 49.57
N ILE B 283 2.72 3.86 48.50
CA ILE B 283 3.13 3.02 47.33
C ILE B 283 4.62 2.74 47.48
N LYS B 284 4.98 1.45 47.55
CA LYS B 284 6.35 0.94 47.82
C LYS B 284 7.01 0.49 46.50
N ASP B 285 6.22 0.19 45.47
CA ASP B 285 6.65 -0.40 44.18
C ASP B 285 7.13 0.69 43.22
N ASP B 286 7.95 0.31 42.23
CA ASP B 286 8.42 1.16 41.11
C ASP B 286 7.31 1.30 40.05
N VAL B 287 6.26 2.09 40.32
CA VAL B 287 5.21 2.39 39.32
C VAL B 287 5.22 3.89 38.99
N PHE B 288 4.71 4.20 37.80
CA PHE B 288 4.47 5.58 37.33
C PHE B 288 2.96 5.85 37.31
N LEU B 289 2.57 7.01 37.82
CA LEU B 289 1.19 7.56 37.75
C LEU B 289 1.30 9.07 37.57
N SER B 290 0.19 9.72 37.18
CA SER B 290 0.13 11.19 36.97
C SER B 290 -0.06 11.89 38.32
N VAL B 291 0.88 12.76 38.68
CA VAL B 291 0.74 13.80 39.75
C VAL B 291 1.25 15.11 39.19
N PRO B 292 0.85 16.26 39.77
CA PRO B 292 1.32 17.56 39.29
C PRO B 292 2.85 17.66 39.41
N CYS B 293 3.52 17.84 38.27
CA CYS B 293 4.99 17.98 38.15
C CYS B 293 5.33 19.31 37.53
N ILE B 294 6.43 19.90 37.96
CA ILE B 294 6.98 21.15 37.37
C ILE B 294 7.95 20.73 36.26
N LEU B 295 7.63 21.08 35.01
CA LEU B 295 8.42 20.72 33.80
C LEU B 295 9.28 21.91 33.35
N GLY B 296 10.54 21.64 33.03
CA GLY B 296 11.53 22.63 32.60
C GLY B 296 12.62 21.97 31.78
N GLN B 297 13.76 22.64 31.59
CA GLN B 297 14.81 22.24 30.62
C GLN B 297 15.47 20.91 31.05
N ASN B 298 15.33 20.48 32.30
CA ASN B 298 15.90 19.20 32.79
C ASN B 298 14.76 18.21 33.08
N GLY B 299 13.60 18.40 32.48
CA GLY B 299 12.41 17.55 32.68
C GLY B 299 11.71 17.92 33.97
N ILE B 300 11.35 16.91 34.77
CA ILE B 300 10.62 17.08 36.05
C ILE B 300 11.62 17.55 37.11
N SER B 301 11.51 18.81 37.54
CA SER B 301 12.39 19.41 38.59
C SER B 301 11.78 19.21 39.98
N ASP B 302 10.44 19.13 40.08
CA ASP B 302 9.73 19.03 41.38
C ASP B 302 8.39 18.31 41.17
N LEU B 303 7.90 17.61 42.20
CA LEU B 303 6.48 17.16 42.31
C LEU B 303 5.79 18.08 43.31
N VAL B 304 4.51 18.37 43.08
CA VAL B 304 3.64 18.97 44.11
C VAL B 304 2.99 17.79 44.85
N LYS B 305 3.16 17.76 46.17
CA LYS B 305 2.61 16.71 47.06
C LYS B 305 1.15 17.07 47.32
N VAL B 306 0.24 16.57 46.50
CA VAL B 306 -1.21 16.82 46.65
C VAL B 306 -1.71 15.96 47.81
N THR B 307 -2.40 16.57 48.77
CA THR B 307 -3.14 15.87 49.86
C THR B 307 -4.38 15.23 49.23
N LEU B 308 -4.52 13.91 49.33
CA LEU B 308 -5.66 13.13 48.80
C LEU B 308 -6.49 12.59 49.98
N THR B 309 -7.80 12.39 49.79
CA THR B 309 -8.72 11.76 50.79
C THR B 309 -8.33 10.28 50.94
N SER B 310 -9.04 9.53 51.80
CA SER B 310 -8.85 8.07 51.97
C SER B 310 -9.19 7.35 50.67
N GLU B 311 -10.34 7.70 50.07
CA GLU B 311 -10.90 7.09 48.84
C GLU B 311 -9.99 7.36 47.63
N GLU B 312 -9.44 8.57 47.54
CA GLU B 312 -8.51 8.99 46.44
C GLU B 312 -7.20 8.19 46.56
N GLU B 313 -6.64 8.07 47.76
CA GLU B 313 -5.43 7.24 48.04
C GLU B 313 -5.71 5.79 47.62
N ALA B 314 -6.88 5.24 47.98
CA ALA B 314 -7.28 3.85 47.69
C ALA B 314 -7.24 3.60 46.18
N ARG B 315 -7.79 4.51 45.39
CA ARG B 315 -7.91 4.39 43.91
C ARG B 315 -6.51 4.42 43.27
N LEU B 316 -5.61 5.28 43.74
CA LEU B 316 -4.20 5.34 43.24
C LEU B 316 -3.48 4.06 43.65
N LYS B 317 -3.64 3.66 44.92
CA LYS B 317 -3.02 2.43 45.50
C LYS B 317 -3.48 1.23 44.66
N LYS B 318 -4.78 1.16 44.32
CA LYS B 318 -5.35 0.04 43.52
C LYS B 318 -4.71 0.02 42.13
N SER B 319 -4.63 1.17 41.47
CA SER B 319 -3.99 1.34 40.14
C SER B 319 -2.53 0.88 40.22
N ALA B 320 -1.78 1.35 41.21
CA ALA B 320 -0.36 0.99 41.45
C ALA B 320 -0.22 -0.53 41.55
N ASP B 321 -1.10 -1.18 42.31
CA ASP B 321 -1.10 -2.67 42.50
C ASP B 321 -1.31 -3.34 41.14
N THR B 322 -2.38 -2.98 40.42
CA THR B 322 -2.70 -3.52 39.07
C THR B 322 -1.48 -3.39 38.16
N LEU B 323 -0.84 -2.22 38.13
CA LEU B 323 0.29 -1.90 37.21
C LEU B 323 1.51 -2.72 37.60
N TRP B 324 1.82 -2.81 38.90
CA TRP B 324 2.97 -3.61 39.40
C TRP B 324 2.69 -5.10 39.13
N GLY B 325 1.45 -5.53 39.32
CA GLY B 325 0.95 -6.88 39.02
C GLY B 325 1.35 -7.34 37.63
N ILE B 326 1.35 -6.41 36.66
CA ILE B 326 1.74 -6.65 35.25
C ILE B 326 3.25 -6.41 35.09
N GLN B 327 3.78 -5.34 35.66
CA GLN B 327 5.21 -4.93 35.49
C GLN B 327 6.11 -6.08 35.98
N LYS B 328 5.73 -6.76 37.06
CA LYS B 328 6.57 -7.81 37.72
C LYS B 328 6.60 -9.07 36.85
N GLU B 329 5.67 -9.26 35.92
CA GLU B 329 5.60 -10.41 34.99
C GLU B 329 6.32 -10.14 33.67
N LEU B 330 6.82 -8.92 33.44
CA LEU B 330 7.47 -8.53 32.16
C LEU B 330 8.88 -9.11 32.10
N GLN B 331 9.38 -9.43 30.91
CA GLN B 331 10.76 -9.97 30.69
C GLN B 331 11.58 -8.93 29.93
N PHE B 332 12.58 -8.34 30.61
CA PHE B 332 13.60 -7.45 29.99
C PHE B 332 14.83 -8.30 29.70
N ALA C 2 8.28 19.77 59.96
CA ALA C 2 8.52 20.03 58.51
C ALA C 2 7.93 21.39 58.12
N THR C 3 8.69 22.20 57.37
CA THR C 3 8.27 23.52 56.81
C THR C 3 7.16 23.34 55.78
N LEU C 4 6.47 24.42 55.44
CA LEU C 4 5.42 24.45 54.39
C LEU C 4 6.02 24.06 53.05
N LYS C 5 7.19 24.63 52.73
CA LYS C 5 8.01 24.31 51.52
C LYS C 5 8.16 22.79 51.38
N ASP C 6 8.59 22.09 52.44
CA ASP C 6 8.92 20.63 52.38
C ASP C 6 7.63 19.80 52.33
N GLN C 7 6.53 20.30 52.92
CA GLN C 7 5.21 19.60 52.91
C GLN C 7 4.57 19.70 51.53
N LEU C 8 4.84 20.77 50.76
CA LEU C 8 4.15 21.09 49.49
C LEU C 8 4.94 20.57 48.28
N ILE C 9 6.27 20.69 48.32
CA ILE C 9 7.18 20.47 47.15
C ILE C 9 8.22 19.40 47.51
N TYR C 10 8.28 18.33 46.72
CA TYR C 10 9.40 17.35 46.70
C TYR C 10 10.31 17.73 45.53
N ASN C 11 11.53 18.17 45.84
CA ASN C 11 12.51 18.65 44.84
C ASN C 11 13.35 17.48 44.33
N LEU C 12 13.60 17.40 43.01
CA LEU C 12 14.49 16.37 42.38
C LEU C 12 15.85 16.99 42.02
N LEU C 13 15.89 18.28 41.63
CA LEU C 13 17.07 18.94 41.00
C LEU C 13 17.27 20.35 41.55
N LYS C 14 18.44 20.97 41.38
CA LYS C 14 18.85 22.17 42.19
C LYS C 14 18.99 23.41 41.30
N THR C 18 23.07 27.46 34.08
CA THR C 18 23.71 28.42 33.14
C THR C 18 22.70 28.89 32.08
N PRO C 19 22.72 30.18 31.69
CA PRO C 19 21.85 30.68 30.61
C PRO C 19 22.44 30.38 29.23
N GLN C 20 21.58 30.14 28.23
CA GLN C 20 22.00 29.75 26.86
C GLN C 20 21.77 30.91 25.87
N ASN C 21 21.06 31.95 26.28
CA ASN C 21 20.65 33.08 25.39
C ASN C 21 20.74 34.40 26.18
N LYS C 22 21.91 34.66 26.75
CA LYS C 22 22.15 35.86 27.60
C LYS C 22 22.47 37.05 26.71
N ILE C 23 21.80 38.17 26.95
CA ILE C 23 22.08 39.47 26.30
C ILE C 23 22.45 40.47 27.40
N THR C 24 23.47 41.30 27.14
CA THR C 24 23.83 42.48 27.98
C THR C 24 23.50 43.75 27.20
N VAL C 25 22.91 44.74 27.89
CA VAL C 25 22.79 46.14 27.40
C VAL C 25 23.68 47.01 28.30
N VAL C 26 24.71 47.62 27.70
CA VAL C 26 25.60 48.60 28.36
C VAL C 26 25.01 50.00 28.10
N GLY C 27 24.62 50.69 29.18
CA GLY C 27 24.02 52.04 29.14
C GLY C 27 22.51 51.96 29.29
N VAL C 28 21.96 52.53 30.37
CA VAL C 28 20.51 52.50 30.72
C VAL C 28 19.95 53.93 30.67
N GLY C 29 20.46 54.74 29.74
CA GLY C 29 19.77 55.93 29.21
C GLY C 29 18.55 55.53 28.41
N ALA C 30 17.87 56.50 27.82
CA ALA C 30 16.59 56.29 27.08
C ALA C 30 16.79 55.20 26.03
N VAL C 31 17.90 55.25 25.28
CA VAL C 31 18.19 54.33 24.16
C VAL C 31 18.40 52.91 24.72
N GLY C 32 19.22 52.79 25.75
CA GLY C 32 19.52 51.50 26.39
C GLY C 32 18.25 50.81 26.88
N MET C 33 17.39 51.54 27.59
CA MET C 33 16.20 50.96 28.24
C MET C 33 15.15 50.65 27.16
N ALA C 34 15.11 51.41 26.07
CA ALA C 34 14.26 51.14 24.90
C ALA C 34 14.71 49.83 24.24
N CYS C 35 16.03 49.62 24.08
CA CYS C 35 16.61 48.34 23.63
C CYS C 35 16.16 47.22 24.58
N ALA C 36 16.28 47.44 25.88
CA ALA C 36 16.02 46.43 26.94
C ALA C 36 14.55 46.00 26.89
N ILE C 37 13.61 46.94 26.91
CA ILE C 37 12.14 46.61 26.96
C ILE C 37 11.78 45.89 25.66
N SER C 38 12.29 46.37 24.51
CA SER C 38 12.00 45.78 23.18
C SER C 38 12.52 44.34 23.10
N ILE C 39 13.70 44.08 23.65
CA ILE C 39 14.35 42.74 23.66
C ILE C 39 13.55 41.80 24.58
N LEU C 40 13.20 42.25 25.78
CA LEU C 40 12.39 41.48 26.77
C LEU C 40 11.13 40.95 26.09
N MET C 41 10.43 41.82 25.37
CA MET C 41 9.04 41.60 24.92
C MET C 41 8.99 40.82 23.60
N LYS C 42 10.12 40.70 22.90
CA LYS C 42 10.30 39.77 21.75
C LYS C 42 10.82 38.43 22.29
N ASP C 43 11.07 38.34 23.61
CA ASP C 43 11.43 37.06 24.30
C ASP C 43 12.70 36.49 23.64
N LEU C 44 13.77 37.27 23.58
CA LEU C 44 15.03 36.89 22.88
C LEU C 44 16.04 36.30 23.86
N ALA C 45 15.93 36.68 25.13
CA ALA C 45 16.95 36.41 26.17
C ALA C 45 16.33 35.61 27.31
N ASP C 46 17.02 34.57 27.77
CA ASP C 46 16.67 33.85 29.02
C ASP C 46 17.41 34.52 30.20
N GLU C 47 18.51 35.25 29.95
CA GLU C 47 19.15 36.17 30.94
C GLU C 47 19.44 37.52 30.27
N LEU C 48 19.05 38.61 30.94
CA LEU C 48 19.30 40.00 30.51
C LEU C 48 20.11 40.72 31.59
N ALA C 49 21.28 41.26 31.23
CA ALA C 49 22.16 42.04 32.11
C ALA C 49 22.16 43.52 31.68
N LEU C 50 22.00 44.43 32.63
CA LEU C 50 22.13 45.90 32.44
C LEU C 50 23.38 46.39 33.16
N VAL C 51 24.19 47.21 32.49
CA VAL C 51 25.43 47.80 33.07
C VAL C 51 25.45 49.31 32.81
N ASP C 52 25.74 50.10 33.86
CA ASP C 52 25.98 51.56 33.80
C ASP C 52 26.68 51.98 35.10
N VAL C 53 27.09 53.25 35.20
CA VAL C 53 28.03 53.76 36.25
C VAL C 53 27.24 54.39 37.41
N ILE C 54 26.01 54.84 37.16
CA ILE C 54 25.10 55.43 38.19
C ILE C 54 24.32 54.28 38.82
N GLU C 55 24.70 53.87 40.03
CA GLU C 55 24.33 52.57 40.66
C GLU C 55 22.84 52.55 41.05
N ASP C 56 22.33 53.66 41.58
CA ASP C 56 20.91 53.80 42.07
C ASP C 56 19.95 53.60 40.90
N LYS C 57 20.04 54.48 39.91
CA LYS C 57 19.22 54.48 38.68
C LYS C 57 19.25 53.07 38.06
N LEU C 58 20.44 52.46 37.99
CA LEU C 58 20.64 51.13 37.34
C LEU C 58 19.80 50.07 38.05
N LYS C 59 19.93 49.96 39.37
CA LYS C 59 19.21 48.96 40.19
C LYS C 59 17.70 49.23 40.08
N GLY C 60 17.32 50.50 40.06
CA GLY C 60 15.90 50.92 39.94
C GLY C 60 15.28 50.44 38.65
N GLU C 61 16.01 50.57 37.54
CA GLU C 61 15.56 50.16 36.18
C GLU C 61 15.44 48.62 36.17
N MET C 62 16.43 47.92 36.70
CA MET C 62 16.42 46.45 36.80
C MET C 62 15.13 46.00 37.51
N MET C 63 14.81 46.61 38.65
CA MET C 63 13.66 46.21 39.50
C MET C 63 12.36 46.49 38.77
N ASP C 64 12.26 47.64 38.12
CA ASP C 64 11.04 48.05 37.36
C ASP C 64 10.80 47.02 36.24
N LEU C 65 11.85 46.67 35.49
CA LEU C 65 11.79 45.63 34.41
C LEU C 65 11.36 44.29 35.01
N GLN C 66 12.05 43.83 36.05
CA GLN C 66 11.79 42.54 36.73
C GLN C 66 10.29 42.42 37.04
N HIS C 67 9.70 43.43 37.69
CA HIS C 67 8.29 43.43 38.15
C HIS C 67 7.38 43.33 36.93
N GLY C 68 7.63 44.13 35.90
CA GLY C 68 6.92 44.06 34.62
C GLY C 68 7.04 42.68 33.99
N SER C 69 8.22 42.07 34.06
CA SER C 69 8.54 40.79 33.38
C SER C 69 7.72 39.64 33.98
N LEU C 70 7.01 39.88 35.08
CA LEU C 70 6.07 38.89 35.66
C LEU C 70 4.89 38.63 34.70
N PHE C 71 4.68 39.50 33.70
CA PHE C 71 3.58 39.41 32.70
C PHE C 71 4.11 38.95 31.34
N LEU C 72 5.39 38.57 31.29
CA LEU C 72 6.09 37.98 30.11
C LEU C 72 6.56 36.57 30.46
N ARG C 73 7.28 35.93 29.54
CA ARG C 73 8.07 34.73 29.82
C ARG C 73 9.28 35.19 30.65
N THR C 74 9.13 35.19 31.97
CA THR C 74 10.05 35.88 32.92
C THR C 74 11.46 35.32 32.80
N PRO C 75 12.44 36.14 32.32
CA PRO C 75 13.84 35.74 32.27
C PRO C 75 14.57 36.13 33.55
N LYS C 76 15.82 35.71 33.70
CA LYS C 76 16.71 36.21 34.78
C LYS C 76 17.21 37.59 34.34
N ILE C 77 16.97 38.61 35.15
CA ILE C 77 17.46 40.00 34.91
C ILE C 77 18.42 40.38 36.04
N VAL C 78 19.67 40.73 35.69
CA VAL C 78 20.73 41.15 36.65
C VAL C 78 21.26 42.53 36.23
N SER C 79 21.95 43.22 37.14
CA SER C 79 22.55 44.56 36.87
C SER C 79 23.72 44.82 37.83
N GLY C 80 24.63 45.70 37.42
CA GLY C 80 25.76 46.14 38.25
C GLY C 80 26.68 47.06 37.46
N LYS C 81 27.47 47.87 38.16
CA LYS C 81 28.55 48.67 37.54
C LYS C 81 29.69 47.72 37.15
N ASP C 82 29.80 46.58 37.86
CA ASP C 82 30.85 45.54 37.66
C ASP C 82 30.44 44.62 36.50
N TYR C 83 31.33 44.41 35.54
CA TYR C 83 31.03 43.67 34.28
C TYR C 83 30.92 42.16 34.53
N ASN C 84 31.17 41.69 35.75
CA ASN C 84 31.06 40.24 36.10
C ASN C 84 29.61 39.76 35.92
N VAL C 85 28.64 40.67 35.91
CA VAL C 85 27.20 40.34 35.70
C VAL C 85 26.97 40.03 34.21
N THR C 86 27.90 40.37 33.32
CA THR C 86 27.76 40.19 31.85
C THR C 86 28.35 38.85 31.38
N ALA C 87 28.84 38.02 32.29
CA ALA C 87 29.59 36.78 31.97
C ALA C 87 28.74 35.88 31.05
N ASN C 88 29.35 35.35 29.98
CA ASN C 88 28.75 34.36 29.06
C ASN C 88 27.56 34.94 28.29
N SER C 89 27.62 36.21 27.91
CA SER C 89 26.62 36.85 27.01
C SER C 89 26.84 36.32 25.58
N LYS C 90 25.78 35.96 24.87
CA LYS C 90 25.86 35.66 23.42
C LYS C 90 26.00 36.98 22.67
N LEU C 91 25.32 38.01 23.15
CA LEU C 91 25.22 39.33 22.48
C LEU C 91 25.39 40.43 23.54
N VAL C 92 26.30 41.37 23.29
CA VAL C 92 26.49 42.56 24.14
C VAL C 92 26.23 43.81 23.29
N ILE C 93 25.28 44.63 23.73
CA ILE C 93 24.79 45.85 23.02
C ILE C 93 25.36 47.07 23.75
N ILE C 94 26.17 47.87 23.05
CA ILE C 94 26.84 49.09 23.60
C ILE C 94 26.03 50.31 23.18
N THR C 95 25.43 51.01 24.15
CA THR C 95 24.68 52.28 23.96
C THR C 95 25.38 53.45 24.68
N ALA C 96 26.30 53.16 25.61
CA ALA C 96 27.05 54.16 26.41
C ALA C 96 27.96 54.97 25.49
N GLY C 97 28.36 56.15 25.94
CA GLY C 97 29.26 57.04 25.19
C GLY C 97 29.09 58.47 25.62
N ALA C 98 29.72 59.39 24.90
CA ALA C 98 29.67 60.85 25.15
C ALA C 98 28.98 61.51 23.96
N ARG C 99 28.21 62.57 24.22
CA ARG C 99 27.53 63.36 23.16
C ARG C 99 28.34 64.63 22.88
N GLN C 100 28.40 65.05 21.61
CA GLN C 100 29.13 66.26 21.14
C GLN C 100 28.62 67.47 21.93
N GLN C 101 29.54 68.29 22.45
CA GLN C 101 29.22 69.56 23.15
C GLN C 101 29.45 70.72 22.19
N GLU C 102 28.78 71.86 22.38
CA GLU C 102 28.83 72.97 21.37
C GLU C 102 30.29 73.42 21.23
N GLY C 103 30.79 73.47 19.99
CA GLY C 103 32.16 73.91 19.67
C GLY C 103 33.22 72.84 19.90
N GLU C 104 32.84 71.64 20.33
CA GLU C 104 33.74 70.44 20.37
C GLU C 104 33.90 69.90 18.94
N SER C 105 35.13 69.54 18.55
CA SER C 105 35.46 68.98 17.21
C SER C 105 35.07 67.51 17.18
N ARG C 106 34.76 66.99 15.97
CA ARG C 106 34.45 65.56 15.71
C ARG C 106 35.55 64.69 16.33
N LEU C 107 36.82 65.03 16.07
CA LEU C 107 38.01 64.26 16.54
C LEU C 107 37.97 64.14 18.06
N ASN C 108 37.73 65.26 18.76
CA ASN C 108 37.76 65.29 20.24
C ASN C 108 36.62 64.41 20.77
N LEU C 109 35.44 64.50 20.15
CA LEU C 109 34.25 63.71 20.58
C LEU C 109 34.56 62.22 20.46
N VAL C 110 35.07 61.79 19.30
CA VAL C 110 35.39 60.36 19.04
C VAL C 110 36.43 59.92 20.06
N GLN C 111 37.43 60.75 20.33
CA GLN C 111 38.54 60.43 21.29
C GLN C 111 37.94 60.21 22.69
N ARG C 112 36.97 61.04 23.10
CA ARG C 112 36.32 60.89 24.43
C ARG C 112 35.56 59.55 24.46
N ASN C 113 34.92 59.18 23.35
CA ASN C 113 34.23 57.88 23.18
C ASN C 113 35.25 56.74 23.22
N VAL C 114 36.39 56.90 22.56
CA VAL C 114 37.51 55.90 22.55
C VAL C 114 37.95 55.65 23.99
N ASN C 115 38.13 56.71 24.77
CA ASN C 115 38.63 56.61 26.17
C ASN C 115 37.61 55.82 27.00
N ILE C 116 36.31 56.04 26.76
CA ILE C 116 35.21 55.31 27.45
C ILE C 116 35.25 53.83 27.03
N PHE C 117 35.40 53.56 25.73
CA PHE C 117 35.43 52.19 25.15
C PHE C 117 36.67 51.42 25.63
N LYS C 118 37.75 52.15 25.98
CA LYS C 118 39.00 51.53 26.50
C LYS C 118 38.76 50.96 27.90
N PHE C 119 37.69 51.38 28.59
CA PHE C 119 37.24 50.77 29.87
C PHE C 119 36.19 49.67 29.58
N ILE C 120 35.22 49.97 28.73
CA ILE C 120 34.01 49.10 28.52
C ILE C 120 34.43 47.80 27.80
N ILE C 121 35.06 47.92 26.64
CA ILE C 121 35.23 46.78 25.69
C ILE C 121 36.13 45.70 26.30
N PRO C 122 37.30 46.02 26.89
CA PRO C 122 38.14 44.99 27.53
C PRO C 122 37.43 44.24 28.66
N ASN C 123 36.59 44.94 29.43
CA ASN C 123 35.75 44.35 30.51
C ASN C 123 34.71 43.40 29.87
N VAL C 124 34.10 43.79 28.75
CA VAL C 124 33.11 42.95 28.02
C VAL C 124 33.79 41.66 27.57
N VAL C 125 34.95 41.81 26.91
CA VAL C 125 35.78 40.71 26.32
C VAL C 125 36.23 39.75 27.42
N LYS C 126 36.69 40.29 28.55
CA LYS C 126 37.14 39.48 29.71
C LYS C 126 36.06 38.46 30.07
N TYR C 127 34.79 38.89 30.16
CA TYR C 127 33.70 38.10 30.79
C TYR C 127 32.88 37.34 29.75
N SER C 128 32.85 37.79 28.49
CA SER C 128 32.16 37.12 27.36
C SER C 128 33.06 37.11 26.14
N PRO C 129 34.16 36.30 26.14
CA PRO C 129 35.13 36.30 25.04
C PRO C 129 34.56 35.87 23.68
N ASN C 130 33.43 35.13 23.66
CA ASN C 130 32.81 34.55 22.45
C ASN C 130 31.57 35.36 22.00
N CYS C 131 31.26 36.46 22.68
CA CYS C 131 30.04 37.28 22.43
C CYS C 131 30.13 37.94 21.04
N LYS C 132 28.98 38.27 20.47
CA LYS C 132 28.86 39.26 19.36
C LYS C 132 28.72 40.64 20.00
N LEU C 133 29.43 41.64 19.47
CA LEU C 133 29.32 43.05 19.89
C LEU C 133 28.42 43.76 18.88
N LEU C 134 27.34 44.37 19.37
CA LEU C 134 26.46 45.26 18.57
C LEU C 134 26.61 46.68 19.12
N ILE C 135 27.18 47.58 18.31
CA ILE C 135 27.48 48.99 18.69
C ILE C 135 26.34 49.86 18.19
N VAL C 136 25.74 50.64 19.10
CA VAL C 136 24.61 51.57 18.79
C VAL C 136 25.08 53.02 18.96
N SER C 137 25.94 53.28 19.95
CA SER C 137 26.54 54.60 20.27
C SER C 137 26.94 55.32 18.98
N ASN C 138 26.67 56.63 18.89
CA ASN C 138 27.02 57.46 17.71
C ASN C 138 28.33 58.19 17.96
N PRO C 139 29.14 58.49 16.91
CA PRO C 139 28.86 58.07 15.54
C PRO C 139 29.24 56.59 15.33
N VAL C 140 28.29 55.82 14.79
CA VAL C 140 28.24 54.34 14.96
C VAL C 140 29.30 53.67 14.08
N ASP C 141 29.54 54.19 12.87
CA ASP C 141 30.52 53.60 11.92
C ASP C 141 31.93 53.66 12.54
N ILE C 142 32.30 54.80 13.12
CA ILE C 142 33.64 54.99 13.75
C ILE C 142 33.73 54.14 15.02
N LEU C 143 32.69 54.16 15.87
CA LEU C 143 32.76 53.50 17.19
C LEU C 143 32.67 51.97 17.04
N THR C 144 32.13 51.47 15.93
CA THR C 144 32.19 50.02 15.60
C THR C 144 33.65 49.65 15.32
N TYR C 145 34.36 50.46 14.52
CA TYR C 145 35.82 50.33 14.29
C TYR C 145 36.55 50.32 15.64
N VAL C 146 36.23 51.26 16.52
CA VAL C 146 36.91 51.44 17.84
C VAL C 146 36.74 50.14 18.63
N ALA C 147 35.52 49.61 18.71
CA ALA C 147 35.19 48.36 19.43
C ALA C 147 35.95 47.20 18.81
N TRP C 148 36.02 47.15 17.49
CA TRP C 148 36.74 46.10 16.73
C TRP C 148 38.23 46.11 17.11
N LYS C 149 38.85 47.29 17.09
CA LYS C 149 40.31 47.46 17.38
C LYS C 149 40.62 47.03 18.81
N ILE C 150 39.83 47.47 19.79
CA ILE C 150 40.11 47.24 21.24
C ILE C 150 39.80 45.79 21.59
N SER C 151 38.74 45.21 21.03
CA SER C 151 38.28 43.83 21.33
C SER C 151 39.25 42.81 20.72
N GLY C 152 39.81 43.12 19.55
CA GLY C 152 40.59 42.18 18.73
C GLY C 152 39.74 41.04 18.18
N PHE C 153 38.42 41.19 18.23
CA PHE C 153 37.43 40.22 17.71
C PHE C 153 37.53 40.15 16.18
N PRO C 154 37.19 39.01 15.56
CA PRO C 154 37.07 38.91 14.10
C PRO C 154 35.87 39.75 13.62
N LYS C 155 35.93 40.20 12.36
CA LYS C 155 34.97 41.18 11.77
C LYS C 155 33.53 40.67 11.86
N ASN C 156 33.33 39.35 11.90
CA ASN C 156 31.97 38.74 11.92
C ASN C 156 31.25 39.04 13.25
N ARG C 157 32.00 39.26 14.34
CA ARG C 157 31.42 39.41 15.70
C ARG C 157 31.45 40.87 16.16
N VAL C 158 31.63 41.82 15.24
CA VAL C 158 31.61 43.29 15.57
C VAL C 158 30.75 44.02 14.54
N ILE C 159 29.55 44.40 14.95
CA ILE C 159 28.45 44.94 14.10
C ILE C 159 28.01 46.29 14.67
N GLY C 160 27.69 47.25 13.79
CA GLY C 160 27.07 48.51 14.20
C GLY C 160 25.63 48.59 13.69
N SER C 161 24.74 49.19 14.47
CA SER C 161 23.29 49.34 14.15
C SER C 161 23.12 49.98 12.77
N GLY C 162 24.08 50.80 12.35
CA GLY C 162 24.23 51.29 10.96
C GLY C 162 22.95 51.86 10.41
N CYS C 163 22.59 51.44 9.19
CA CYS C 163 21.46 52.01 8.40
C CYS C 163 20.22 51.11 8.45
N ASN C 164 20.10 50.25 9.47
CA ASN C 164 18.94 49.32 9.62
C ASN C 164 17.66 50.15 9.74
N LEU C 165 17.65 51.16 10.61
CA LEU C 165 16.47 52.03 10.85
C LEU C 165 16.21 52.93 9.63
N ASP C 166 17.24 53.60 9.13
CA ASP C 166 17.11 54.57 8.01
C ASP C 166 16.57 53.83 6.77
N SER C 167 17.00 52.59 6.53
CA SER C 167 16.53 51.75 5.40
C SER C 167 15.03 51.46 5.57
N ALA C 168 14.58 51.14 6.78
CA ALA C 168 13.14 50.90 7.09
C ALA C 168 12.35 52.17 6.76
N ARG C 169 12.82 53.32 7.24
CA ARG C 169 12.20 54.65 6.94
C ARG C 169 12.11 54.85 5.43
N PHE C 170 13.18 54.56 4.71
CA PHE C 170 13.29 54.74 3.24
C PHE C 170 12.22 53.88 2.55
N ARG C 171 12.18 52.59 2.91
CA ARG C 171 11.19 51.62 2.40
C ARG C 171 9.79 52.17 2.67
N TYR C 172 9.55 52.74 3.86
CA TYR C 172 8.21 53.26 4.23
C TYR C 172 7.79 54.37 3.27
N LEU C 173 8.68 55.36 3.06
CA LEU C 173 8.38 56.58 2.28
C LEU C 173 8.29 56.23 0.79
N MET C 174 9.12 55.29 0.34
CA MET C 174 8.99 54.67 -1.01
C MET C 174 7.55 54.12 -1.17
N GLY C 175 7.09 53.35 -0.19
CA GLY C 175 5.72 52.80 -0.15
C GLY C 175 4.68 53.90 -0.24
N GLU C 176 4.85 54.97 0.55
CA GLU C 176 3.93 56.15 0.59
C GLU C 176 3.76 56.70 -0.84
N ARG C 177 4.85 56.84 -1.58
CA ARG C 177 4.84 57.34 -2.98
C ARG C 177 4.04 56.40 -3.88
N LEU C 178 4.16 55.08 -3.67
CA LEU C 178 3.60 54.03 -4.58
C LEU C 178 2.22 53.54 -4.10
N GLY C 179 1.75 54.00 -2.93
CA GLY C 179 0.50 53.50 -2.31
C GLY C 179 0.61 52.04 -1.92
N VAL C 180 1.74 51.66 -1.32
CA VAL C 180 2.10 50.26 -0.94
C VAL C 180 2.57 50.25 0.52
N HIS C 181 2.19 49.21 1.27
CA HIS C 181 2.59 48.96 2.69
C HIS C 181 4.11 48.82 2.74
N PRO C 182 4.79 49.35 3.79
CA PRO C 182 6.25 49.30 3.88
C PRO C 182 6.86 47.89 3.75
N LEU C 183 6.09 46.88 4.13
CA LEU C 183 6.53 45.46 4.21
C LEU C 183 6.62 44.87 2.81
N SER C 184 5.90 45.44 1.83
CA SER C 184 5.85 44.97 0.42
C SER C 184 6.80 45.80 -0.46
N CYS C 185 7.57 46.71 0.14
CA CYS C 185 8.65 47.49 -0.51
C CYS C 185 10.02 46.94 -0.11
N HIS C 186 10.98 46.99 -1.04
CA HIS C 186 12.42 46.68 -0.81
C HIS C 186 13.28 47.84 -1.30
N GLY C 187 14.46 47.99 -0.70
CA GLY C 187 15.42 49.09 -0.98
C GLY C 187 16.28 49.35 0.23
N TRP C 188 17.54 49.75 0.01
CA TRP C 188 18.53 50.02 1.09
C TRP C 188 18.98 51.47 1.05
N VAL C 189 19.41 51.94 2.21
CA VAL C 189 20.25 53.15 2.39
C VAL C 189 21.57 52.61 2.93
N LEU C 190 22.68 52.79 2.20
CA LEU C 190 23.99 52.17 2.53
C LEU C 190 25.02 53.26 2.86
N GLY C 191 26.17 52.83 3.39
CA GLY C 191 27.34 53.69 3.62
C GLY C 191 27.38 54.25 5.04
N GLU C 192 27.74 55.53 5.16
CA GLU C 192 27.89 56.23 6.45
C GLU C 192 26.49 56.54 6.99
N HIS C 193 26.23 56.16 8.24
CA HIS C 193 25.00 56.50 8.99
C HIS C 193 24.85 58.02 9.02
N GLY C 194 23.70 58.56 8.59
CA GLY C 194 23.35 59.99 8.74
C GLY C 194 23.27 60.69 7.40
N ASP C 195 23.79 61.92 7.32
CA ASP C 195 23.58 62.86 6.17
C ASP C 195 24.18 62.27 4.88
N SER C 196 25.30 61.54 4.97
CA SER C 196 26.12 61.09 3.80
C SER C 196 25.68 59.71 3.31
N SER C 197 24.61 59.14 3.87
CA SER C 197 24.11 57.78 3.53
C SER C 197 23.62 57.78 2.08
N VAL C 198 23.66 56.62 1.43
CA VAL C 198 23.46 56.46 -0.05
C VAL C 198 22.18 55.69 -0.33
N PRO C 199 21.14 56.34 -0.90
CA PRO C 199 19.96 55.62 -1.37
C PRO C 199 20.31 54.84 -2.64
N VAL C 200 20.35 53.51 -2.57
CA VAL C 200 20.69 52.61 -3.71
C VAL C 200 19.42 52.39 -4.54
N TRP C 201 19.19 53.26 -5.54
CA TRP C 201 17.99 53.31 -6.42
C TRP C 201 17.85 52.00 -7.20
N SER C 202 18.97 51.43 -7.66
CA SER C 202 19.04 50.20 -8.50
C SER C 202 18.31 49.05 -7.78
N GLY C 203 18.48 48.94 -6.46
CA GLY C 203 17.95 47.85 -5.63
C GLY C 203 16.47 48.00 -5.29
N MET C 204 15.90 49.20 -5.40
CA MET C 204 14.50 49.46 -4.99
C MET C 204 13.55 48.73 -5.94
N ASN C 205 12.60 47.96 -5.39
CA ASN C 205 11.63 47.15 -6.16
C ASN C 205 10.39 46.83 -5.33
N VAL C 206 9.27 46.51 -5.99
CA VAL C 206 8.07 45.86 -5.39
C VAL C 206 7.84 44.55 -6.15
N ALA C 207 7.89 43.42 -5.45
CA ALA C 207 7.62 42.07 -6.01
C ALA C 207 8.57 41.78 -7.16
N GLY C 208 9.83 42.24 -7.08
CA GLY C 208 10.88 41.95 -8.07
C GLY C 208 10.81 42.83 -9.30
N VAL C 209 9.83 43.72 -9.40
CA VAL C 209 9.73 44.75 -10.49
C VAL C 209 10.54 45.96 -10.03
N SER C 210 11.77 46.13 -10.55
CA SER C 210 12.71 47.20 -10.12
C SER C 210 12.19 48.57 -10.59
N LEU C 211 12.15 49.53 -9.68
CA LEU C 211 11.64 50.92 -9.91
C LEU C 211 12.46 51.58 -11.02
N LYS C 212 13.79 51.41 -11.01
CA LYS C 212 14.70 52.10 -11.97
C LYS C 212 14.46 51.59 -13.39
N THR C 213 14.04 50.33 -13.57
CA THR C 213 13.70 49.75 -14.90
C THR C 213 12.51 50.53 -15.49
N LEU C 214 11.46 50.77 -14.72
CA LEU C 214 10.21 51.42 -15.20
C LEU C 214 10.42 52.93 -15.39
N HIS C 215 11.39 53.51 -14.69
CA HIS C 215 11.62 54.98 -14.59
C HIS C 215 13.11 55.25 -14.45
N PRO C 216 13.89 55.21 -15.57
CA PRO C 216 15.35 55.23 -15.50
C PRO C 216 15.92 56.51 -14.87
N ASP C 217 15.15 57.60 -14.90
CA ASP C 217 15.56 58.93 -14.37
C ASP C 217 15.35 59.01 -12.85
N LEU C 218 14.89 57.92 -12.21
CA LEU C 218 14.68 57.85 -10.73
C LEU C 218 15.97 58.22 -10.00
N GLY C 219 15.93 59.27 -9.16
CA GLY C 219 17.00 59.62 -8.21
C GLY C 219 18.01 60.61 -8.78
N THR C 220 17.94 60.94 -10.08
CA THR C 220 18.78 61.96 -10.75
C THR C 220 18.17 63.34 -10.53
N ASP C 221 18.88 64.41 -10.91
CA ASP C 221 18.43 65.83 -10.76
C ASP C 221 17.28 66.11 -11.74
N LYS C 222 17.23 65.39 -12.86
CA LYS C 222 16.18 65.55 -13.91
C LYS C 222 15.01 64.59 -13.66
N ASP C 223 14.79 64.18 -12.40
CA ASP C 223 13.68 63.28 -11.98
C ASP C 223 12.41 64.12 -11.78
N LYS C 224 11.44 63.97 -12.67
CA LYS C 224 10.19 64.78 -12.65
C LYS C 224 9.38 64.47 -11.38
N GLU C 225 9.58 63.29 -10.78
CA GLU C 225 8.89 62.86 -9.51
C GLU C 225 9.74 63.20 -8.28
N GLN C 226 11.03 63.51 -8.49
CA GLN C 226 11.94 64.09 -7.46
C GLN C 226 12.12 63.12 -6.29
N TRP C 227 12.56 61.89 -6.57
CA TRP C 227 12.72 60.83 -5.56
C TRP C 227 13.90 61.14 -4.63
N LYS C 228 14.74 62.13 -4.95
CA LYS C 228 15.80 62.61 -4.02
C LYS C 228 15.14 63.14 -2.73
N GLU C 229 13.94 63.72 -2.81
CA GLU C 229 13.21 64.30 -1.65
C GLU C 229 12.92 63.18 -0.62
N VAL C 230 12.82 61.91 -1.06
CA VAL C 230 12.52 60.74 -0.18
C VAL C 230 13.69 60.54 0.79
N HIS C 231 14.92 60.43 0.27
CA HIS C 231 16.14 60.24 1.09
C HIS C 231 16.34 61.43 2.04
N LYS C 232 16.05 62.65 1.57
CA LYS C 232 16.15 63.89 2.36
C LYS C 232 15.22 63.75 3.57
N GLN C 233 13.97 63.32 3.34
CA GLN C 233 12.93 63.17 4.40
C GLN C 233 13.34 62.09 5.41
N VAL C 234 14.05 61.05 4.98
CA VAL C 234 14.60 59.98 5.87
C VAL C 234 15.56 60.63 6.87
N VAL C 235 16.43 61.53 6.41
CA VAL C 235 17.46 62.21 7.24
C VAL C 235 16.78 63.25 8.15
N GLU C 236 15.91 64.10 7.59
CA GLU C 236 15.14 65.14 8.34
C GLU C 236 14.25 64.47 9.40
N SER C 237 13.71 63.29 9.09
CA SER C 237 12.85 62.45 9.97
C SER C 237 13.45 62.37 11.38
N ALA C 238 14.73 61.99 11.48
CA ALA C 238 15.44 61.77 12.76
C ALA C 238 15.59 63.08 13.53
N TYR C 239 15.94 64.18 12.85
CA TYR C 239 16.13 65.52 13.46
C TYR C 239 14.79 66.03 14.02
N GLU C 240 13.69 65.82 13.29
CA GLU C 240 12.36 66.36 13.68
C GLU C 240 11.89 65.65 14.96
N VAL C 241 12.23 64.37 15.13
CA VAL C 241 11.92 63.62 16.38
C VAL C 241 12.66 64.32 17.53
N ILE C 242 13.95 64.62 17.35
CA ILE C 242 14.80 65.26 18.39
C ILE C 242 14.26 66.66 18.71
N LYS C 243 13.89 67.44 17.69
CA LYS C 243 13.35 68.82 17.90
C LYS C 243 12.07 68.74 18.74
N LEU C 244 11.14 67.85 18.37
CA LEU C 244 9.77 67.78 18.94
C LEU C 244 9.80 67.15 20.34
N LYS C 245 10.58 66.09 20.54
CA LYS C 245 10.47 65.22 21.74
C LYS C 245 11.69 65.43 22.65
N GLY C 246 12.83 65.83 22.10
CA GLY C 246 14.08 66.09 22.84
C GLY C 246 15.19 65.12 22.45
N TYR C 247 14.84 63.86 22.16
CA TYR C 247 15.77 62.74 21.89
C TYR C 247 15.00 61.66 21.11
N THR C 248 15.68 60.63 20.59
CA THR C 248 15.02 59.44 19.99
C THR C 248 15.32 58.24 20.88
N SER C 249 14.30 57.44 21.24
CA SER C 249 14.45 56.21 22.05
C SER C 249 13.77 55.02 21.33
N TRP C 250 12.45 55.07 21.14
CA TRP C 250 11.65 53.90 20.71
C TRP C 250 12.14 53.37 19.35
N ALA C 251 12.45 54.27 18.43
CA ALA C 251 12.81 53.91 17.03
C ALA C 251 14.12 53.12 17.03
N ILE C 252 15.15 53.64 17.70
CA ILE C 252 16.46 52.95 17.76
C ILE C 252 16.30 51.66 18.56
N GLY C 253 15.54 51.69 19.64
CA GLY C 253 15.29 50.51 20.48
C GLY C 253 14.80 49.34 19.65
N LEU C 254 13.81 49.58 18.78
CA LEU C 254 13.13 48.50 18.01
C LEU C 254 14.01 48.08 16.83
N SER C 255 14.81 48.98 16.27
CA SER C 255 15.80 48.65 15.22
C SER C 255 16.84 47.70 15.81
N VAL C 256 17.36 48.03 17.00
CA VAL C 256 18.38 47.20 17.70
C VAL C 256 17.77 45.82 17.99
N ALA C 257 16.50 45.78 18.43
CA ALA C 257 15.79 44.53 18.79
C ALA C 257 15.62 43.66 17.54
N ASP C 258 15.36 44.27 16.38
CA ASP C 258 15.27 43.61 15.05
C ASP C 258 16.59 42.86 14.79
N LEU C 259 17.74 43.53 15.02
CA LEU C 259 19.08 42.96 14.77
C LEU C 259 19.34 41.85 15.79
N ALA C 260 18.99 42.08 17.05
CA ALA C 260 19.14 41.09 18.14
C ALA C 260 18.34 39.83 17.77
N GLU C 261 17.15 39.99 17.19
CA GLU C 261 16.27 38.85 16.84
C GLU C 261 17.01 37.98 15.81
N SER C 262 17.50 38.58 14.73
CA SER C 262 18.19 37.87 13.63
C SER C 262 19.39 37.10 14.19
N ILE C 263 20.11 37.69 15.13
CA ILE C 263 21.33 37.09 15.72
C ILE C 263 20.91 35.96 16.66
N MET C 264 20.05 36.25 17.64
CA MET C 264 19.73 35.32 18.76
C MET C 264 18.96 34.10 18.24
N LYS C 265 18.18 34.25 17.16
CA LYS C 265 17.31 33.18 16.62
C LYS C 265 17.86 32.65 15.30
N ASN C 266 19.09 33.04 14.94
CA ASN C 266 19.81 32.52 13.75
C ASN C 266 18.87 32.58 12.54
N LEU C 267 18.32 33.75 12.23
CA LEU C 267 17.29 33.92 11.17
C LEU C 267 17.93 34.04 9.79
N ARG C 268 19.21 34.40 9.74
CA ARG C 268 19.99 34.61 8.49
C ARG C 268 19.19 35.57 7.59
N ARG C 269 18.74 36.68 8.16
CA ARG C 269 18.04 37.79 7.46
C ARG C 269 19.08 38.85 7.08
N VAL C 270 18.80 39.62 6.04
CA VAL C 270 19.72 40.67 5.51
C VAL C 270 19.42 41.99 6.21
N HIS C 271 20.45 42.63 6.76
CA HIS C 271 20.37 43.96 7.40
C HIS C 271 21.52 44.84 6.90
N PRO C 272 21.25 46.12 6.59
CA PRO C 272 22.31 47.06 6.23
C PRO C 272 22.96 47.60 7.51
N VAL C 273 24.00 46.90 7.99
CA VAL C 273 24.65 47.18 9.31
C VAL C 273 26.11 47.57 9.04
N SER C 274 26.71 48.33 9.96
CA SER C 274 28.13 48.75 9.88
C SER C 274 29.01 47.50 10.03
N THR C 275 29.79 47.20 8.99
CA THR C 275 30.78 46.09 8.97
C THR C 275 32.05 46.56 8.26
N MET C 276 33.16 45.86 8.51
CA MET C 276 34.49 46.14 7.90
C MET C 276 34.38 46.05 6.38
N ILE C 277 34.69 47.15 5.68
CA ILE C 277 34.38 47.35 4.25
C ILE C 277 35.68 47.36 3.42
N LYS C 278 36.85 47.15 4.05
CA LYS C 278 38.16 47.16 3.35
C LYS C 278 38.16 46.06 2.28
N GLY C 279 38.55 46.41 1.05
CA GLY C 279 38.58 45.47 -0.10
C GLY C 279 37.53 45.82 -1.13
N LEU C 280 36.39 46.37 -0.69
CA LEU C 280 35.22 46.68 -1.54
C LEU C 280 35.25 48.15 -1.94
N TYR C 281 34.76 48.46 -3.14
CA TYR C 281 34.48 49.81 -3.67
C TYR C 281 35.77 50.64 -3.71
N GLY C 282 36.91 49.98 -3.92
CA GLY C 282 38.25 50.59 -3.99
C GLY C 282 38.65 51.26 -2.69
N ILE C 283 38.24 50.71 -1.54
CA ILE C 283 38.58 51.22 -0.19
C ILE C 283 39.70 50.33 0.37
N LYS C 284 40.84 50.95 0.73
CA LYS C 284 42.08 50.28 1.18
C LYS C 284 42.21 50.30 2.71
N ASP C 285 41.54 51.25 3.36
CA ASP C 285 41.69 51.55 4.81
C ASP C 285 40.76 50.66 5.65
N ASP C 286 41.07 50.51 6.93
CA ASP C 286 40.26 49.75 7.94
C ASP C 286 39.07 50.62 8.41
N VAL C 287 38.04 50.81 7.58
CA VAL C 287 36.81 51.55 7.97
C VAL C 287 35.62 50.60 7.93
N PHE C 288 34.58 50.95 8.68
CA PHE C 288 33.25 50.29 8.71
C PHE C 288 32.22 51.20 8.04
N LEU C 289 31.38 50.61 7.19
CA LEU C 289 30.20 51.26 6.57
C LEU C 289 29.07 50.22 6.49
N SER C 290 27.84 50.67 6.27
CA SER C 290 26.65 49.79 6.14
C SER C 290 26.58 49.21 4.73
N VAL C 291 26.62 47.89 4.61
CA VAL C 291 26.24 47.12 3.40
C VAL C 291 25.35 45.97 3.85
N PRO C 292 24.53 45.39 2.94
CA PRO C 292 23.63 44.30 3.32
C PRO C 292 24.43 43.09 3.81
N CYS C 293 24.19 42.69 5.06
CA CYS C 293 24.86 41.55 5.75
C CYS C 293 23.79 40.55 6.19
N ILE C 294 24.14 39.27 6.15
CA ILE C 294 23.30 38.16 6.65
C ILE C 294 23.68 37.96 8.12
N LEU C 295 22.73 38.19 9.04
CA LEU C 295 22.94 38.09 10.51
C LEU C 295 22.37 36.77 11.02
N GLY C 296 23.15 36.08 11.86
CA GLY C 296 22.78 34.79 12.47
C GLY C 296 23.52 34.60 13.77
N GLN C 297 23.57 33.38 14.27
CA GLN C 297 24.05 33.07 15.65
C GLN C 297 25.56 33.39 15.81
N ASN C 298 26.30 33.54 14.71
CA ASN C 298 27.76 33.86 14.75
C ASN C 298 27.98 35.28 14.23
N GLY C 299 26.95 36.13 14.25
CA GLY C 299 27.00 37.51 13.75
C GLY C 299 26.88 37.53 12.25
N ILE C 300 27.75 38.30 11.57
CA ILE C 300 27.75 38.45 10.09
C ILE C 300 28.37 37.20 9.48
N SER C 301 27.57 36.36 8.81
CA SER C 301 28.02 35.11 8.15
C SER C 301 28.37 35.41 6.68
N ASP C 302 27.74 36.41 6.06
CA ASP C 302 27.92 36.75 4.62
C ASP C 302 27.64 38.24 4.39
N LEU C 303 28.27 38.84 3.38
CA LEU C 303 27.87 40.14 2.77
C LEU C 303 27.17 39.83 1.44
N VAL C 304 26.18 40.63 1.07
CA VAL C 304 25.67 40.69 -0.32
C VAL C 304 26.50 41.76 -1.03
N LYS C 305 27.13 41.38 -2.15
CA LYS C 305 28.01 42.26 -2.94
C LYS C 305 27.12 43.13 -3.84
N VAL C 306 26.73 44.30 -3.34
CA VAL C 306 25.84 45.22 -4.10
C VAL C 306 26.70 45.89 -5.17
N THR C 307 26.25 45.84 -6.44
CA THR C 307 26.82 46.61 -7.56
C THR C 307 26.36 48.06 -7.38
N LEU C 308 27.31 49.00 -7.25
CA LEU C 308 27.06 50.46 -7.11
C LEU C 308 27.50 51.18 -8.38
N THR C 309 26.84 52.30 -8.73
CA THR C 309 27.23 53.17 -9.88
C THR C 309 28.57 53.85 -9.56
N SER C 310 29.07 54.68 -10.46
CA SER C 310 30.30 55.50 -10.26
C SER C 310 30.09 56.46 -9.08
N GLU C 311 28.95 57.18 -9.11
CA GLU C 311 28.58 58.23 -8.13
C GLU C 311 28.40 57.62 -6.73
N GLU C 312 27.77 56.43 -6.65
CA GLU C 312 27.52 55.70 -5.38
C GLU C 312 28.87 55.25 -4.79
N GLU C 313 29.77 54.69 -5.59
CA GLU C 313 31.15 54.30 -5.16
C GLU C 313 31.88 55.54 -4.61
N ALA C 314 31.77 56.68 -5.31
CA ALA C 314 32.45 57.95 -4.95
C ALA C 314 32.03 58.39 -3.54
N ARG C 315 30.72 58.34 -3.25
CA ARG C 315 30.11 58.78 -1.96
C ARG C 315 30.62 57.88 -0.82
N LEU C 316 30.68 56.56 -1.03
CA LEU C 316 31.19 55.60 -0.01
C LEU C 316 32.69 55.85 0.18
N LYS C 317 33.43 55.99 -0.93
CA LYS C 317 34.89 56.26 -0.94
C LYS C 317 35.16 57.55 -0.15
N LYS C 318 34.35 58.60 -0.38
CA LYS C 318 34.52 59.92 0.30
C LYS C 318 34.29 59.74 1.81
N SER C 319 33.22 59.03 2.20
CA SER C 319 32.89 58.72 3.62
C SER C 319 34.06 57.97 4.25
N ALA C 320 34.56 56.91 3.60
CA ALA C 320 35.69 56.09 4.06
C ALA C 320 36.92 56.97 4.33
N ASP C 321 37.21 57.92 3.41
CA ASP C 321 38.36 58.86 3.54
C ASP C 321 38.15 59.72 4.80
N THR C 322 37.01 60.39 4.91
CA THR C 322 36.63 61.24 6.08
C THR C 322 36.82 60.44 7.38
N LEU C 323 36.30 59.21 7.44
CA LEU C 323 36.31 58.35 8.65
C LEU C 323 37.75 57.97 9.00
N TRP C 324 38.53 57.55 8.00
CA TRP C 324 39.96 57.17 8.22
C TRP C 324 40.75 58.41 8.65
N GLY C 325 40.45 59.56 8.04
CA GLY C 325 41.02 60.89 8.38
C GLY C 325 40.97 61.14 9.88
N ILE C 326 39.89 60.71 10.53
CA ILE C 326 39.68 60.83 12.01
C ILE C 326 40.29 59.62 12.72
N GLN C 327 40.03 58.41 12.21
CA GLN C 327 40.43 57.14 12.88
C GLN C 327 41.96 57.11 13.07
N LYS C 328 42.72 57.63 12.10
CA LYS C 328 44.20 57.56 12.10
C LYS C 328 44.78 58.50 13.17
N GLU C 329 44.01 59.51 13.61
CA GLU C 329 44.42 60.52 14.63
C GLU C 329 44.03 60.08 16.03
N LEU C 330 43.32 58.97 16.20
CA LEU C 330 42.84 58.50 17.54
C LEU C 330 44.01 57.87 18.29
N GLN C 331 44.01 57.98 19.63
CA GLN C 331 45.06 57.42 20.52
C GLN C 331 44.45 56.29 21.36
N PHE C 332 44.86 55.06 21.09
CA PHE C 332 44.51 53.85 21.87
C PHE C 332 45.70 53.57 22.78
N ALA D 2 2.39 58.90 -17.68
CA ALA D 2 1.86 58.04 -16.57
C ALA D 2 2.93 57.89 -15.48
N THR D 3 2.54 58.08 -14.20
CA THR D 3 3.44 58.09 -13.02
C THR D 3 4.00 56.67 -12.78
N LEU D 4 5.05 56.57 -11.98
CA LEU D 4 5.68 55.29 -11.57
C LEU D 4 4.66 54.47 -10.79
N LYS D 5 3.94 55.11 -9.86
CA LYS D 5 2.82 54.54 -9.06
C LYS D 5 1.86 53.78 -10.00
N ASP D 6 1.38 54.42 -11.07
CA ASP D 6 0.33 53.86 -11.96
C ASP D 6 0.93 52.76 -12.86
N GLN D 7 2.21 52.85 -13.19
CA GLN D 7 2.92 51.84 -14.03
C GLN D 7 3.17 50.56 -13.21
N LEU D 8 3.34 50.67 -11.89
CA LEU D 8 3.78 49.56 -10.99
C LEU D 8 2.57 48.86 -10.36
N ILE D 9 1.55 49.64 -9.94
CA ILE D 9 0.43 49.18 -9.09
C ILE D 9 -0.90 49.45 -9.81
N TYR D 10 -1.70 48.40 -10.01
CA TYR D 10 -3.12 48.49 -10.39
C TYR D 10 -3.96 48.31 -9.12
N ASN D 11 -4.65 49.37 -8.71
CA ASN D 11 -5.48 49.39 -7.47
C ASN D 11 -6.90 48.94 -7.82
N LEU D 12 -7.53 48.11 -6.98
CA LEU D 12 -8.92 47.61 -7.14
C LEU D 12 -9.89 48.39 -6.23
N LEU D 13 -9.49 48.84 -5.05
CA LEU D 13 -10.41 49.52 -4.08
C LEU D 13 -9.58 50.36 -3.10
N LYS D 14 -10.24 50.94 -2.09
CA LYS D 14 -9.64 51.62 -0.91
C LYS D 14 -9.97 50.81 0.36
N GLN D 17 -9.93 52.39 5.41
CA GLN D 17 -11.18 51.90 6.03
C GLN D 17 -11.11 52.04 7.58
N THR D 18 -12.03 51.42 8.33
CA THR D 18 -12.27 51.62 9.79
C THR D 18 -11.42 50.63 10.60
N PRO D 19 -10.86 51.04 11.76
CA PRO D 19 -10.15 50.11 12.65
C PRO D 19 -11.11 49.32 13.54
N GLN D 20 -10.76 48.08 13.88
CA GLN D 20 -11.63 47.15 14.64
C GLN D 20 -11.08 46.93 16.06
N ASN D 21 -9.85 47.38 16.34
CA ASN D 21 -9.14 47.11 17.61
C ASN D 21 -8.36 48.36 18.02
N LYS D 22 -9.04 49.49 18.11
CA LYS D 22 -8.40 50.80 18.41
C LYS D 22 -8.26 50.95 19.92
N ILE D 23 -7.06 51.32 20.37
CA ILE D 23 -6.76 51.68 21.79
C ILE D 23 -6.30 53.12 21.83
N THR D 24 -6.75 53.89 22.82
CA THR D 24 -6.25 55.25 23.15
C THR D 24 -5.50 55.18 24.47
N VAL D 25 -4.35 55.85 24.55
CA VAL D 25 -3.63 56.15 25.82
C VAL D 25 -3.70 57.67 26.03
N VAL D 26 -4.35 58.10 27.10
CA VAL D 26 -4.42 59.51 27.56
C VAL D 26 -3.28 59.73 28.54
N GLY D 27 -2.33 60.62 28.20
CA GLY D 27 -1.14 60.94 29.00
C GLY D 27 0.09 60.21 28.47
N VAL D 28 1.09 60.96 28.00
CA VAL D 28 2.35 60.41 27.39
C VAL D 28 3.55 60.79 28.27
N GLY D 29 3.35 60.81 29.59
CA GLY D 29 4.44 60.70 30.59
C GLY D 29 5.01 59.29 30.57
N ALA D 30 5.93 59.01 31.49
CA ALA D 30 6.67 57.73 31.56
C ALA D 30 5.68 56.56 31.55
N VAL D 31 4.62 56.66 32.36
CA VAL D 31 3.61 55.57 32.57
C VAL D 31 2.85 55.36 31.26
N GLY D 32 2.37 56.45 30.67
CA GLY D 32 1.60 56.42 29.40
C GLY D 32 2.38 55.73 28.30
N MET D 33 3.65 56.13 28.11
CA MET D 33 4.47 55.66 26.97
C MET D 33 4.91 54.22 27.24
N ALA D 34 5.07 53.84 28.51
CA ALA D 34 5.35 52.44 28.91
C ALA D 34 4.14 51.56 28.55
N CYS D 35 2.92 52.03 28.85
CA CYS D 35 1.66 51.38 28.40
C CYS D 35 1.67 51.25 26.87
N ALA D 36 2.00 52.33 26.17
CA ALA D 36 1.94 52.42 24.69
C ALA D 36 2.90 51.41 24.07
N ILE D 37 4.17 51.39 24.47
CA ILE D 37 5.20 50.50 23.86
C ILE D 37 4.82 49.05 24.17
N SER D 38 4.38 48.76 25.39
CA SER D 38 3.99 47.39 25.83
C SER D 38 2.80 46.89 25.01
N ILE D 39 1.82 47.76 24.73
CA ILE D 39 0.60 47.42 23.95
C ILE D 39 0.98 47.18 22.48
N LEU D 40 1.81 48.05 21.90
CA LEU D 40 2.30 47.93 20.50
C LEU D 40 2.90 46.54 20.28
N MET D 41 3.74 46.11 21.22
CA MET D 41 4.66 44.96 21.04
C MET D 41 3.96 43.64 21.37
N LYS D 42 2.81 43.68 22.04
CA LYS D 42 1.91 42.52 22.22
C LYS D 42 0.91 42.49 21.06
N ASP D 43 0.97 43.50 20.16
CA ASP D 43 0.18 43.54 18.90
C ASP D 43 -1.32 43.45 19.25
N LEU D 44 -1.81 44.35 20.10
CA LEU D 44 -3.20 44.32 20.62
C LEU D 44 -4.09 45.24 19.78
N ALA D 45 -3.51 46.26 19.14
CA ALA D 45 -4.23 47.36 18.50
C ALA D 45 -3.86 47.44 17.02
N ASP D 46 -4.85 47.62 16.15
CA ASP D 46 -4.62 47.95 14.72
C ASP D 46 -4.60 49.48 14.56
N GLU D 47 -5.16 50.23 15.51
CA GLU D 47 -4.99 51.72 15.62
C GLU D 47 -4.67 52.08 17.08
N LEU D 48 -3.65 52.89 17.28
CA LEU D 48 -3.21 53.41 18.62
C LEU D 48 -3.25 54.94 18.58
N ALA D 49 -3.99 55.55 19.49
CA ALA D 49 -4.10 57.02 19.62
C ALA D 49 -3.45 57.47 20.94
N LEU D 50 -2.62 58.50 20.88
CA LEU D 50 -1.98 59.16 22.06
C LEU D 50 -2.58 60.56 22.21
N VAL D 51 -2.97 60.94 23.43
CA VAL D 51 -3.55 62.28 23.73
C VAL D 51 -2.83 62.85 24.96
N ASP D 52 -2.41 64.12 24.85
CA ASP D 52 -1.86 64.95 25.96
C ASP D 52 -1.90 66.42 25.54
N VAL D 53 -1.54 67.34 26.43
CA VAL D 53 -1.78 68.81 26.28
C VAL D 53 -0.52 69.49 25.73
N ILE D 54 0.66 68.89 25.93
CA ILE D 54 1.96 69.43 25.41
C ILE D 54 2.15 68.87 24.00
N GLU D 55 1.93 69.70 22.97
CA GLU D 55 1.70 69.27 21.57
C GLU D 55 3.00 68.77 20.93
N ASP D 56 4.13 69.42 21.21
CA ASP D 56 5.47 69.09 20.66
C ASP D 56 5.87 67.68 21.09
N LYS D 57 6.02 67.49 22.40
CA LYS D 57 6.40 66.20 23.04
C LYS D 57 5.48 65.10 22.48
N LEU D 58 4.17 65.36 22.39
CA LEU D 58 3.15 64.37 21.96
C LEU D 58 3.46 63.89 20.54
N LYS D 59 3.62 64.81 19.61
CA LYS D 59 3.89 64.49 18.18
C LYS D 59 5.25 63.78 18.08
N GLY D 60 6.22 64.19 18.89
CA GLY D 60 7.56 63.57 18.93
C GLY D 60 7.50 62.10 19.34
N GLU D 61 6.69 61.79 20.35
CA GLU D 61 6.50 60.41 20.87
C GLU D 61 5.80 59.58 19.80
N MET D 62 4.76 60.13 19.17
CA MET D 62 4.02 59.48 18.06
C MET D 62 5.03 59.05 16.98
N MET D 63 5.89 59.98 16.55
CA MET D 63 6.84 59.76 15.43
C MET D 63 7.87 58.70 15.82
N ASP D 64 8.39 58.77 17.05
CA ASP D 64 9.40 57.81 17.57
C ASP D 64 8.77 56.41 17.55
N LEU D 65 7.54 56.26 18.06
CA LEU D 65 6.79 54.97 18.05
C LEU D 65 6.60 54.48 16.62
N GLN D 66 6.06 55.34 15.75
CA GLN D 66 5.78 55.04 14.32
C GLN D 66 7.02 54.40 13.68
N HIS D 67 8.18 55.05 13.81
CA HIS D 67 9.45 54.63 13.16
C HIS D 67 9.84 53.26 13.70
N GLY D 68 9.80 53.08 15.02
CA GLY D 68 10.03 51.78 15.67
C GLY D 68 9.06 50.72 15.15
N SER D 69 7.79 51.09 14.96
CA SER D 69 6.69 50.16 14.61
C SER D 69 6.91 49.58 13.20
N LEU D 70 7.89 50.09 12.46
CA LEU D 70 8.28 49.50 11.14
C LEU D 70 8.86 48.09 11.33
N PHE D 71 9.25 47.72 12.54
CA PHE D 71 9.86 46.41 12.90
C PHE D 71 8.86 45.53 13.64
N LEU D 72 7.60 45.97 13.73
CA LEU D 72 6.45 45.23 14.31
C LEU D 72 5.40 45.02 13.20
N ARG D 73 4.26 44.43 13.56
CA ARG D 73 3.04 44.44 12.72
C ARG D 73 2.49 45.88 12.76
N THR D 74 2.93 46.72 11.81
CA THR D 74 2.78 48.20 11.87
C THR D 74 1.31 48.58 11.92
N PRO D 75 0.83 49.16 13.04
CA PRO D 75 -0.54 49.65 13.14
C PRO D 75 -0.61 51.12 12.72
N LYS D 76 -1.82 51.67 12.64
CA LYS D 76 -2.02 53.12 12.47
C LYS D 76 -1.82 53.77 13.84
N ILE D 77 -0.88 54.70 13.95
CA ILE D 77 -0.64 55.48 15.19
C ILE D 77 -0.96 56.95 14.91
N VAL D 78 -1.88 57.54 15.68
CA VAL D 78 -2.31 58.96 15.57
C VAL D 78 -2.14 59.64 16.93
N SER D 79 -2.12 60.97 16.95
CA SER D 79 -1.97 61.77 18.20
C SER D 79 -2.57 63.18 18.02
N GLY D 80 -2.95 63.81 19.12
CA GLY D 80 -3.47 65.19 19.14
C GLY D 80 -3.92 65.58 20.54
N LYS D 81 -3.97 66.88 20.81
CA LYS D 81 -4.59 67.43 22.05
C LYS D 81 -6.12 67.27 21.92
N ASP D 82 -6.64 67.25 20.69
CA ASP D 82 -8.09 67.14 20.36
C ASP D 82 -8.50 65.66 20.41
N TYR D 83 -9.58 65.34 21.14
CA TYR D 83 -10.01 63.94 21.42
C TYR D 83 -10.66 63.31 20.18
N ASN D 84 -10.82 64.05 19.08
CA ASN D 84 -11.40 63.51 17.81
C ASN D 84 -10.50 62.40 17.24
N VAL D 85 -9.23 62.35 17.65
CA VAL D 85 -8.28 61.29 17.22
C VAL D 85 -8.59 59.98 17.96
N THR D 86 -9.41 60.02 19.03
CA THR D 86 -9.72 58.83 19.88
C THR D 86 -11.00 58.13 19.41
N ALA D 87 -11.62 58.60 18.33
CA ALA D 87 -12.96 58.15 17.87
C ALA D 87 -12.95 56.63 17.68
N ASN D 88 -13.97 55.93 18.19
CA ASN D 88 -14.23 54.48 17.97
C ASN D 88 -13.13 53.64 18.61
N SER D 89 -12.60 54.03 19.78
CA SER D 89 -11.68 53.21 20.59
C SER D 89 -12.47 52.08 21.25
N LYS D 90 -11.97 50.85 21.23
CA LYS D 90 -12.55 49.73 22.02
C LYS D 90 -12.16 49.95 23.48
N LEU D 91 -10.93 50.43 23.71
CA LEU D 91 -10.34 50.57 25.06
C LEU D 91 -9.64 51.94 25.15
N VAL D 92 -9.95 52.72 26.17
CA VAL D 92 -9.29 54.01 26.46
C VAL D 92 -8.63 53.91 27.84
N ILE D 93 -7.32 54.14 27.89
CA ILE D 93 -6.47 54.01 29.09
C ILE D 93 -6.11 55.42 29.58
N ILE D 94 -6.53 55.76 30.80
CA ILE D 94 -6.32 57.10 31.42
C ILE D 94 -5.12 57.01 32.36
N THR D 95 -4.04 57.73 32.03
CA THR D 95 -2.81 57.85 32.87
C THR D 95 -2.62 59.29 33.37
N ALA D 96 -3.30 60.27 32.74
CA ALA D 96 -3.23 61.71 33.11
C ALA D 96 -3.80 61.93 34.51
N GLY D 97 -3.42 63.03 35.14
CA GLY D 97 -3.85 63.37 36.51
C GLY D 97 -2.93 64.39 37.12
N ALA D 98 -3.15 64.72 38.40
CA ALA D 98 -2.31 65.65 39.19
C ALA D 98 -1.66 64.86 40.31
N ARG D 99 -0.42 65.22 40.66
CA ARG D 99 0.35 64.62 41.78
C ARG D 99 0.26 65.55 42.99
N GLN D 100 0.18 64.98 44.19
CA GLN D 100 0.06 65.72 45.48
C GLN D 100 1.26 66.66 45.62
N GLN D 101 1.02 67.93 45.96
CA GLN D 101 2.06 68.96 46.21
C GLN D 101 2.26 69.12 47.72
N GLU D 102 3.41 69.66 48.14
CA GLU D 102 3.74 69.85 49.58
C GLU D 102 2.65 70.71 50.21
N GLY D 103 2.07 70.22 51.32
CA GLY D 103 1.05 70.93 52.11
C GLY D 103 -0.35 70.80 51.54
N GLU D 104 -0.52 70.11 50.40
CA GLU D 104 -1.86 69.87 49.80
C GLU D 104 -2.52 68.70 50.53
N SER D 105 -3.82 68.79 50.84
CA SER D 105 -4.62 67.72 51.48
C SER D 105 -5.01 66.67 50.42
N ARG D 106 -5.23 65.43 50.84
CA ARG D 106 -5.71 64.32 49.97
C ARG D 106 -6.99 64.77 49.25
N LEU D 107 -7.93 65.38 49.98
CA LEU D 107 -9.23 65.86 49.44
C LEU D 107 -8.97 66.82 48.26
N ASN D 108 -8.08 67.79 48.46
CA ASN D 108 -7.80 68.83 47.43
C ASN D 108 -7.19 68.17 46.21
N LEU D 109 -6.28 67.21 46.42
CA LEU D 109 -5.62 66.47 45.31
C LEU D 109 -6.67 65.74 44.47
N VAL D 110 -7.54 64.98 45.12
CA VAL D 110 -8.58 64.18 44.42
C VAL D 110 -9.49 65.15 43.66
N GLN D 111 -9.84 66.29 44.27
CA GLN D 111 -10.73 67.31 43.65
C GLN D 111 -10.05 67.84 42.38
N ARG D 112 -8.73 68.08 42.42
CA ARG D 112 -7.98 68.59 41.23
C ARG D 112 -8.02 67.51 40.14
N ASN D 113 -7.91 66.23 40.51
CA ASN D 113 -8.04 65.08 39.58
C ASN D 113 -9.47 65.04 39.01
N VAL D 114 -10.48 65.26 39.86
CA VAL D 114 -11.90 65.30 39.43
C VAL D 114 -12.07 66.37 38.36
N ASN D 115 -11.53 67.57 38.61
CA ASN D 115 -11.68 68.73 37.70
C ASN D 115 -11.03 68.40 36.35
N ILE D 116 -9.89 67.69 36.36
CA ILE D 116 -9.19 67.25 35.11
C ILE D 116 -10.07 66.22 34.40
N PHE D 117 -10.63 65.26 35.14
CA PHE D 117 -11.47 64.17 34.57
C PHE D 117 -12.78 64.75 34.01
N LYS D 118 -13.23 65.89 34.53
CA LYS D 118 -14.45 66.59 34.04
C LYS D 118 -14.22 67.15 32.63
N PHE D 119 -12.96 67.30 32.21
CA PHE D 119 -12.58 67.65 30.81
C PHE D 119 -12.34 66.37 30.00
N ILE D 120 -11.58 65.42 30.55
CA ILE D 120 -11.06 64.23 29.80
C ILE D 120 -12.23 63.28 29.50
N ILE D 121 -12.96 62.85 30.52
CA ILE D 121 -13.92 61.71 30.41
C ILE D 121 -15.06 62.05 29.46
N PRO D 122 -15.72 63.23 29.55
CA PRO D 122 -16.79 63.58 28.61
C PRO D 122 -16.33 63.63 27.15
N ASN D 123 -15.09 64.08 26.91
CA ASN D 123 -14.44 64.09 25.58
C ASN D 123 -14.23 62.65 25.10
N VAL D 124 -13.81 61.74 25.99
CA VAL D 124 -13.59 60.30 25.66
C VAL D 124 -14.93 59.70 25.25
N VAL D 125 -15.96 59.92 26.07
CA VAL D 125 -17.36 59.38 25.91
C VAL D 125 -17.97 59.92 24.62
N LYS D 126 -17.78 61.20 24.32
CA LYS D 126 -18.30 61.84 23.09
C LYS D 126 -17.85 61.02 21.87
N TYR D 127 -16.58 60.64 21.80
CA TYR D 127 -15.94 60.11 20.56
C TYR D 127 -15.91 58.58 20.55
N SER D 128 -15.96 57.94 21.72
CA SER D 128 -15.99 56.45 21.86
C SER D 128 -17.06 56.07 22.89
N PRO D 129 -18.36 56.24 22.58
CA PRO D 129 -19.42 55.96 23.55
C PRO D 129 -19.51 54.51 24.04
N ASN D 130 -18.95 53.55 23.29
CA ASN D 130 -19.05 52.08 23.58
C ASN D 130 -17.73 51.55 24.17
N CYS D 131 -16.73 52.42 24.39
CA CYS D 131 -15.37 52.03 24.84
C CYS D 131 -15.43 51.47 26.26
N LYS D 132 -14.45 50.63 26.61
CA LYS D 132 -14.11 50.31 28.01
C LYS D 132 -13.12 51.37 28.49
N LEU D 133 -13.32 51.85 29.71
CA LEU D 133 -12.39 52.80 30.39
C LEU D 133 -11.52 51.98 31.35
N LEU D 134 -10.20 52.06 31.18
CA LEU D 134 -9.20 51.50 32.12
C LEU D 134 -8.45 52.67 32.76
N ILE D 135 -8.64 52.86 34.07
CA ILE D 135 -8.06 53.97 34.86
C ILE D 135 -6.79 53.48 35.53
N VAL D 136 -5.68 54.18 35.31
CA VAL D 136 -4.33 53.84 35.87
C VAL D 136 -3.92 54.93 36.88
N SER D 137 -4.25 56.19 36.59
CA SER D 137 -4.00 57.39 37.43
C SER D 137 -4.25 57.06 38.91
N ASN D 138 -3.37 57.52 39.80
CA ASN D 138 -3.50 57.31 41.26
C ASN D 138 -4.14 58.55 41.90
N PRO D 139 -4.89 58.41 43.02
CA PRO D 139 -5.21 57.10 43.61
C PRO D 139 -6.32 56.39 42.82
N VAL D 140 -6.07 55.14 42.45
CA VAL D 140 -6.75 54.48 41.28
C VAL D 140 -8.19 54.08 41.67
N ASP D 141 -8.40 53.64 42.91
CA ASP D 141 -9.73 53.20 43.40
C ASP D 141 -10.70 54.38 43.37
N ILE D 142 -10.28 55.56 43.85
CA ILE D 142 -11.12 56.79 43.88
C ILE D 142 -11.34 57.28 42.44
N LEU D 143 -10.29 57.33 41.62
CA LEU D 143 -10.38 57.96 40.27
C LEU D 143 -11.14 57.04 39.31
N THR D 144 -11.23 55.74 39.59
CA THR D 144 -12.11 54.81 38.84
C THR D 144 -13.57 55.20 39.14
N TYR D 145 -13.91 55.42 40.41
CA TYR D 145 -15.23 55.95 40.85
C TYR D 145 -15.53 57.26 40.09
N VAL D 146 -14.55 58.17 40.07
CA VAL D 146 -14.71 59.52 39.44
C VAL D 146 -15.07 59.33 37.97
N ALA D 147 -14.34 58.48 37.26
CA ALA D 147 -14.53 58.19 35.81
C ALA D 147 -15.92 57.58 35.62
N TRP D 148 -16.31 56.67 36.51
CA TRP D 148 -17.63 56.00 36.48
C TRP D 148 -18.74 57.04 36.59
N LYS D 149 -18.64 57.94 37.58
CA LYS D 149 -19.69 58.97 37.86
C LYS D 149 -19.82 59.91 36.65
N ILE D 150 -18.71 60.40 36.09
CA ILE D 150 -18.72 61.43 35.01
C ILE D 150 -19.16 60.79 33.69
N SER D 151 -18.72 59.56 33.42
CA SER D 151 -18.99 58.85 32.14
C SER D 151 -20.46 58.41 32.09
N GLY D 152 -21.04 58.05 33.25
CA GLY D 152 -22.36 57.42 33.35
C GLY D 152 -22.39 56.04 32.73
N PHE D 153 -21.22 55.46 32.47
CA PHE D 153 -21.04 54.10 31.90
C PHE D 153 -21.51 53.07 32.92
N PRO D 154 -21.98 51.89 32.46
CA PRO D 154 -22.27 50.78 33.37
C PRO D 154 -20.98 50.22 33.99
N LYS D 155 -21.09 49.61 35.16
CA LYS D 155 -19.93 49.19 36.01
C LYS D 155 -19.00 48.25 35.23
N ASN D 156 -19.52 47.51 34.23
CA ASN D 156 -18.72 46.52 33.46
C ASN D 156 -17.68 47.22 32.60
N ARG D 157 -17.91 48.47 32.19
CA ARG D 157 -17.04 49.20 31.22
C ARG D 157 -16.16 50.25 31.94
N VAL D 158 -16.03 50.19 33.27
CA VAL D 158 -15.17 51.13 34.03
C VAL D 158 -14.34 50.34 35.04
N ILE D 159 -13.05 50.20 34.74
CA ILE D 159 -12.08 49.29 35.43
C ILE D 159 -10.88 50.13 35.87
N GLY D 160 -10.33 49.84 37.04
CA GLY D 160 -9.05 50.43 37.51
C GLY D 160 -7.96 49.37 37.55
N SER D 161 -6.71 49.74 37.22
CA SER D 161 -5.53 48.84 37.19
C SER D 161 -5.39 48.10 38.53
N GLY D 162 -5.84 48.73 39.62
CA GLY D 162 -6.04 48.09 40.93
C GLY D 162 -4.83 47.31 41.39
N CYS D 163 -5.04 46.07 41.83
CA CYS D 163 -4.02 45.21 42.48
C CYS D 163 -3.46 44.14 41.52
N ASN D 164 -3.56 44.38 40.20
CA ASN D 164 -3.06 43.41 39.18
C ASN D 164 -1.55 43.22 39.37
N LEU D 165 -0.80 44.31 39.47
CA LEU D 165 0.68 44.29 39.61
C LEU D 165 1.08 43.75 41.01
N ASP D 166 0.47 44.27 42.07
CA ASP D 166 0.82 43.90 43.46
C ASP D 166 0.56 42.40 43.66
N SER D 167 -0.51 41.86 43.08
CA SER D 167 -0.84 40.41 43.13
C SER D 167 0.28 39.60 42.45
N ALA D 168 0.77 40.05 41.30
CA ALA D 168 1.90 39.41 40.57
C ALA D 168 3.13 39.37 41.48
N ARG D 169 3.47 40.51 42.08
CA ARG D 169 4.60 40.64 43.05
C ARG D 169 4.42 39.63 44.19
N PHE D 170 3.20 39.56 44.74
CA PHE D 170 2.85 38.68 45.88
C PHE D 170 3.10 37.21 45.49
N ARG D 171 2.54 36.82 44.34
CA ARG D 171 2.71 35.46 43.77
C ARG D 171 4.21 35.17 43.61
N TYR D 172 5.00 36.15 43.15
CA TYR D 172 6.44 35.96 42.92
C TYR D 172 7.13 35.60 44.25
N LEU D 173 6.89 36.41 45.28
CA LEU D 173 7.58 36.29 46.59
C LEU D 173 7.10 35.05 47.33
N MET D 174 5.82 34.70 47.19
CA MET D 174 5.27 33.40 47.63
C MET D 174 6.09 32.27 46.99
N GLY D 175 6.31 32.33 45.68
CA GLY D 175 7.15 31.38 44.93
C GLY D 175 8.55 31.29 45.50
N GLU D 176 9.17 32.45 45.77
CA GLU D 176 10.54 32.56 46.34
C GLU D 176 10.62 31.76 47.64
N ARG D 177 9.62 31.88 48.51
CA ARG D 177 9.55 31.13 49.81
C ARG D 177 9.48 29.63 49.55
N LEU D 178 8.74 29.19 48.51
CA LEU D 178 8.43 27.76 48.27
C LEU D 178 9.42 27.13 47.26
N GLY D 179 10.32 27.91 46.67
CA GLY D 179 11.24 27.46 45.60
C GLY D 179 10.48 27.09 44.34
N VAL D 180 9.50 27.91 43.95
CA VAL D 180 8.56 27.69 42.81
C VAL D 180 8.54 28.95 41.93
N HIS D 181 8.50 28.76 40.61
CA HIS D 181 8.38 29.81 39.58
C HIS D 181 7.08 30.59 39.81
N PRO D 182 7.06 31.93 39.64
CA PRO D 182 5.86 32.74 39.91
C PRO D 182 4.60 32.28 39.15
N LEU D 183 4.80 31.64 38.00
CA LEU D 183 3.72 31.24 37.06
C LEU D 183 2.98 30.03 37.62
N SER D 184 3.62 29.24 38.50
CA SER D 184 3.04 28.02 39.12
C SER D 184 2.50 28.31 40.52
N CYS D 185 2.50 29.59 40.94
CA CYS D 185 1.88 30.09 42.18
C CYS D 185 0.57 30.83 41.87
N HIS D 186 -0.41 30.71 42.75
CA HIS D 186 -1.70 31.47 42.73
C HIS D 186 -1.92 32.14 44.09
N GLY D 187 -2.65 33.25 44.08
CA GLY D 187 -2.93 34.09 45.27
C GLY D 187 -3.19 35.51 44.85
N TRP D 188 -4.04 36.21 45.60
CA TRP D 188 -4.43 37.62 45.30
C TRP D 188 -4.04 38.53 46.46
N VAL D 189 -3.84 39.79 46.11
CA VAL D 189 -3.85 40.96 47.02
C VAL D 189 -5.08 41.76 46.60
N LEU D 190 -6.07 41.92 47.49
CA LEU D 190 -7.38 42.55 47.17
C LEU D 190 -7.56 43.86 47.95
N GLY D 191 -8.59 44.61 47.59
CA GLY D 191 -9.05 45.81 48.31
C GLY D 191 -8.44 47.08 47.75
N GLU D 192 -8.02 47.99 48.63
CA GLU D 192 -7.46 49.31 48.28
C GLU D 192 -6.03 49.10 47.77
N HIS D 193 -5.73 49.65 46.59
CA HIS D 193 -4.35 49.69 46.02
C HIS D 193 -3.42 50.37 47.03
N GLY D 194 -2.30 49.73 47.39
CA GLY D 194 -1.21 50.35 48.16
C GLY D 194 -1.06 49.72 49.54
N ASP D 195 -0.85 50.55 50.58
CA ASP D 195 -0.49 50.11 51.96
C ASP D 195 -1.58 49.22 52.57
N SER D 196 -2.86 49.52 52.28
CA SER D 196 -4.04 48.93 52.97
C SER D 196 -4.55 47.68 52.24
N SER D 197 -3.84 47.23 51.20
CA SER D 197 -4.23 46.05 50.37
C SER D 197 -4.18 44.79 51.24
N VAL D 198 -5.00 43.79 50.90
CA VAL D 198 -5.27 42.59 51.75
C VAL D 198 -4.72 41.33 51.08
N PRO D 199 -3.67 40.71 51.67
CA PRO D 199 -3.21 39.40 51.20
C PRO D 199 -4.22 38.32 51.61
N VAL D 200 -4.94 37.75 50.64
CA VAL D 200 -5.97 36.70 50.89
C VAL D 200 -5.27 35.34 50.98
N TRP D 201 -4.86 34.96 52.19
CA TRP D 201 -4.09 33.73 52.52
C TRP D 201 -4.87 32.47 52.11
N SER D 202 -6.19 32.48 52.31
CA SER D 202 -7.09 31.33 52.04
C SER D 202 -6.96 30.88 50.58
N GLY D 203 -6.83 31.84 49.65
CA GLY D 203 -6.79 31.60 48.19
C GLY D 203 -5.41 31.15 47.70
N MET D 204 -4.33 31.36 48.46
CA MET D 204 -2.95 31.03 48.02
C MET D 204 -2.80 29.51 47.92
N ASN D 205 -2.30 29.02 46.78
CA ASN D 205 -2.15 27.57 46.49
C ASN D 205 -1.11 27.33 45.40
N VAL D 206 -0.55 26.13 45.36
CA VAL D 206 0.23 25.58 44.21
C VAL D 206 -0.48 24.30 43.75
N ALA D 207 -0.95 24.28 42.50
CA ALA D 207 -1.60 23.11 41.88
C ALA D 207 -2.83 22.67 42.70
N GLY D 208 -3.56 23.63 43.27
CA GLY D 208 -4.82 23.38 44.00
C GLY D 208 -4.61 22.93 45.43
N VAL D 209 -3.37 22.75 45.88
CA VAL D 209 -3.02 22.43 47.29
C VAL D 209 -2.90 23.76 48.03
N SER D 210 -3.93 24.15 48.80
CA SER D 210 -4.00 25.45 49.49
C SER D 210 -2.98 25.50 50.63
N LEU D 211 -2.19 26.58 50.67
CA LEU D 211 -1.10 26.80 51.66
C LEU D 211 -1.66 26.78 53.08
N LYS D 212 -2.82 27.41 53.31
CA LYS D 212 -3.44 27.56 54.65
C LYS D 212 -3.87 26.19 55.19
N THR D 213 -4.26 25.25 54.32
CA THR D 213 -4.63 23.86 54.73
C THR D 213 -3.42 23.18 55.37
N LEU D 214 -2.24 23.27 54.75
CA LEU D 214 -1.01 22.57 55.21
C LEU D 214 -0.41 23.28 56.43
N HIS D 215 -0.71 24.57 56.61
CA HIS D 215 -0.07 25.46 57.63
C HIS D 215 -1.09 26.48 58.11
N PRO D 216 -2.03 26.09 59.02
CA PRO D 216 -3.19 26.92 59.35
C PRO D 216 -2.83 28.28 59.97
N ASP D 217 -1.62 28.39 60.54
CA ASP D 217 -1.12 29.62 61.22
C ASP D 217 -0.57 30.62 60.17
N LEU D 218 -0.62 30.29 58.87
CA LEU D 218 -0.12 31.17 57.78
C LEU D 218 -0.80 32.55 57.86
N GLY D 219 0.00 33.62 58.01
CA GLY D 219 -0.45 35.02 57.88
C GLY D 219 -0.91 35.64 59.19
N THR D 220 -1.01 34.86 60.26
CA THR D 220 -1.35 35.32 61.64
C THR D 220 -0.06 35.80 62.32
N ASP D 221 -0.18 36.43 63.50
CA ASP D 221 0.97 36.95 64.29
C ASP D 221 1.79 35.78 64.88
N LYS D 222 1.14 34.64 65.09
CA LYS D 222 1.63 33.33 65.60
C LYS D 222 2.34 32.51 64.50
N ASP D 223 2.66 33.10 63.33
CA ASP D 223 3.21 32.40 62.15
C ASP D 223 4.73 32.27 62.32
N LYS D 224 5.22 31.06 62.56
CA LYS D 224 6.66 30.79 62.81
C LYS D 224 7.48 31.13 61.56
N GLU D 225 6.87 31.12 60.36
CA GLU D 225 7.53 31.42 59.06
C GLU D 225 7.32 32.90 58.69
N GLN D 226 6.38 33.59 59.34
CA GLN D 226 6.19 35.06 59.28
C GLN D 226 5.84 35.50 57.86
N TRP D 227 4.77 34.94 57.30
CA TRP D 227 4.35 35.20 55.89
C TRP D 227 3.80 36.63 55.75
N LYS D 228 3.54 37.33 56.86
CA LYS D 228 3.16 38.78 56.82
C LYS D 228 4.29 39.58 56.17
N GLU D 229 5.55 39.17 56.34
CA GLU D 229 6.73 39.88 55.77
C GLU D 229 6.66 39.90 54.24
N VAL D 230 5.98 38.93 53.63
CA VAL D 230 5.83 38.81 52.14
C VAL D 230 5.02 40.01 51.64
N HIS D 231 3.83 40.24 52.19
CA HIS D 231 2.94 41.37 51.81
C HIS D 231 3.64 42.72 52.06
N LYS D 232 4.39 42.83 53.16
CA LYS D 232 5.16 44.04 53.52
C LYS D 232 6.16 44.32 52.38
N GLN D 233 6.88 43.29 51.92
CA GLN D 233 7.92 43.41 50.86
C GLN D 233 7.26 43.81 49.52
N VAL D 234 6.03 43.36 49.26
CA VAL D 234 5.23 43.76 48.06
C VAL D 234 5.05 45.28 48.07
N VAL D 235 4.71 45.85 49.23
CA VAL D 235 4.44 47.31 49.39
C VAL D 235 5.77 48.08 49.34
N GLU D 236 6.79 47.65 50.08
CA GLU D 236 8.14 48.27 50.10
C GLU D 236 8.76 48.22 48.70
N SER D 237 8.49 47.14 47.95
CA SER D 237 8.96 46.90 46.56
C SER D 237 8.76 48.14 45.70
N ALA D 238 7.54 48.69 45.69
CA ALA D 238 7.12 49.83 44.84
C ALA D 238 7.88 51.10 45.25
N TYR D 239 8.01 51.35 46.56
CA TYR D 239 8.70 52.55 47.11
C TYR D 239 10.18 52.49 46.72
N GLU D 240 10.82 51.32 46.82
CA GLU D 240 12.28 51.18 46.58
C GLU D 240 12.57 51.47 45.10
N VAL D 241 11.66 51.13 44.18
CA VAL D 241 11.81 51.48 42.74
C VAL D 241 11.83 53.00 42.62
N ILE D 242 10.89 53.69 43.28
CA ILE D 242 10.76 55.17 43.22
C ILE D 242 12.01 55.81 43.85
N LYS D 243 12.48 55.31 44.99
CA LYS D 243 13.68 55.87 45.66
C LYS D 243 14.89 55.76 44.72
N LEU D 244 15.10 54.58 44.13
CA LEU D 244 16.34 54.26 43.35
C LEU D 244 16.31 54.93 41.98
N LYS D 245 15.16 54.92 41.30
CA LYS D 245 15.08 55.26 39.86
C LYS D 245 14.40 56.63 39.68
N GLY D 246 13.53 57.03 40.62
CA GLY D 246 12.81 58.33 40.61
C GLY D 246 11.31 58.15 40.47
N TYR D 247 10.88 57.14 39.71
CA TYR D 247 9.46 56.87 39.34
C TYR D 247 9.36 55.39 38.92
N THR D 248 8.15 54.86 38.75
CA THR D 248 7.93 53.51 38.16
C THR D 248 7.26 53.69 36.80
N SER D 249 7.76 53.03 35.75
CA SER D 249 7.20 53.04 34.38
C SER D 249 6.96 51.61 33.88
N TRP D 250 8.02 50.82 33.73
CA TRP D 250 7.97 49.50 33.03
C TRP D 250 6.96 48.57 33.70
N ALA D 251 6.95 48.54 35.04
CA ALA D 251 6.13 47.58 35.83
C ALA D 251 4.64 47.88 35.60
N ILE D 252 4.23 49.13 35.75
CA ILE D 252 2.82 49.55 35.57
C ILE D 252 2.46 49.35 34.09
N GLY D 253 3.37 49.72 33.18
CA GLY D 253 3.14 49.58 31.73
C GLY D 253 2.73 48.16 31.37
N LEU D 254 3.45 47.17 31.90
CA LEU D 254 3.26 45.76 31.51
C LEU D 254 2.04 45.19 32.23
N SER D 255 1.73 45.65 33.44
CA SER D 255 0.48 45.29 34.16
C SER D 255 -0.72 45.79 33.36
N VAL D 256 -0.68 47.03 32.89
CA VAL D 256 -1.78 47.64 32.09
C VAL D 256 -1.93 46.84 30.79
N ALA D 257 -0.82 46.45 30.16
CA ALA D 257 -0.80 45.70 28.88
C ALA D 257 -1.42 44.31 29.09
N ASP D 258 -1.18 43.69 30.25
CA ASP D 258 -1.78 42.39 30.66
C ASP D 258 -3.31 42.54 30.65
N LEU D 259 -3.83 43.62 31.23
CA LEU D 259 -5.29 43.87 31.33
C LEU D 259 -5.84 44.17 29.93
N ALA D 260 -5.13 44.96 29.15
CA ALA D 260 -5.50 45.30 27.76
C ALA D 260 -5.61 44.01 26.95
N GLU D 261 -4.68 43.06 27.17
CA GLU D 261 -4.65 41.79 26.39
C GLU D 261 -5.97 41.04 26.67
N SER D 262 -6.30 40.84 27.95
CA SER D 262 -7.52 40.10 28.38
C SER D 262 -8.76 40.72 27.75
N ILE D 263 -8.81 42.05 27.69
CA ILE D 263 -9.98 42.81 27.16
C ILE D 263 -10.01 42.67 25.64
N MET D 264 -8.91 43.03 24.96
CA MET D 264 -8.86 43.16 23.48
C MET D 264 -9.00 41.79 22.82
N LYS D 265 -8.54 40.72 23.46
CA LYS D 265 -8.52 39.35 22.88
C LYS D 265 -9.57 38.46 23.56
N ASN D 266 -10.46 39.05 24.36
CA ASN D 266 -11.60 38.35 24.99
C ASN D 266 -11.11 37.05 25.64
N LEU D 267 -10.12 37.14 26.53
CA LEU D 267 -9.44 35.95 27.12
C LEU D 267 -10.25 35.38 28.29
N ARG D 268 -11.11 36.21 28.88
CA ARG D 268 -11.94 35.86 30.06
C ARG D 268 -11.01 35.30 31.15
N ARG D 269 -9.92 36.00 31.41
CA ARG D 269 -8.94 35.71 32.49
C ARG D 269 -9.34 36.54 33.73
N VAL D 270 -8.95 36.05 34.90
CA VAL D 270 -9.27 36.69 36.21
C VAL D 270 -8.15 37.67 36.57
N HIS D 271 -8.53 38.90 36.87
CA HIS D 271 -7.59 39.96 37.34
C HIS D 271 -8.21 40.65 38.56
N PRO D 272 -7.39 40.93 39.60
CA PRO D 272 -7.84 41.71 40.75
C PRO D 272 -7.78 43.21 40.40
N VAL D 273 -8.87 43.74 39.85
CA VAL D 273 -8.94 45.13 39.30
C VAL D 273 -9.99 45.90 40.11
N SER D 274 -9.86 47.22 40.17
CA SER D 274 -10.83 48.13 40.86
C SER D 274 -12.16 48.07 40.13
N THR D 275 -13.21 47.62 40.81
CA THR D 275 -14.60 47.56 40.30
C THR D 275 -15.57 47.97 41.41
N MET D 276 -16.78 48.37 41.04
CA MET D 276 -17.86 48.77 41.97
C MET D 276 -18.17 47.62 42.91
N ILE D 277 -18.02 47.84 44.22
CA ILE D 277 -17.99 46.77 45.26
C ILE D 277 -19.24 46.87 46.15
N LYS D 278 -20.16 47.80 45.87
CA LYS D 278 -21.39 47.99 46.68
C LYS D 278 -22.21 46.70 46.66
N GLY D 279 -22.63 46.22 47.84
CA GLY D 279 -23.42 44.98 47.98
C GLY D 279 -22.60 43.89 48.66
N LEU D 280 -21.28 43.89 48.45
CA LEU D 280 -20.36 42.85 48.97
C LEU D 280 -19.71 43.33 50.28
N TYR D 281 -19.43 42.39 51.19
CA TYR D 281 -18.61 42.58 52.42
C TYR D 281 -19.23 43.63 53.33
N GLY D 282 -20.57 43.75 53.32
CA GLY D 282 -21.35 44.71 54.12
C GLY D 282 -21.01 46.15 53.80
N ILE D 283 -20.71 46.44 52.52
CA ILE D 283 -20.41 47.81 52.01
C ILE D 283 -21.67 48.32 51.29
N LYS D 284 -22.20 49.46 51.75
CA LYS D 284 -23.48 50.07 51.29
C LYS D 284 -23.19 51.23 50.31
N ASP D 285 -21.99 51.80 50.37
CA ASP D 285 -21.59 53.03 49.63
C ASP D 285 -21.11 52.68 48.21
N ASP D 286 -21.15 53.67 47.30
CA ASP D 286 -20.63 53.58 45.91
C ASP D 286 -19.09 53.73 45.91
N VAL D 287 -18.35 52.72 46.34
CA VAL D 287 -16.86 52.72 46.26
C VAL D 287 -16.40 51.60 45.33
N PHE D 288 -15.18 51.75 44.80
CA PHE D 288 -14.46 50.75 43.99
C PHE D 288 -13.29 50.20 44.81
N LEU D 289 -13.12 48.88 44.78
CA LEU D 289 -11.96 48.15 45.36
C LEU D 289 -11.62 46.99 44.41
N SER D 290 -10.43 46.41 44.57
CA SER D 290 -9.96 45.26 43.75
C SER D 290 -10.54 43.96 44.31
N VAL D 291 -11.30 43.25 43.47
CA VAL D 291 -11.69 41.82 43.67
C VAL D 291 -11.48 41.09 42.35
N PRO D 292 -11.34 39.76 42.37
CA PRO D 292 -11.08 39.01 41.14
C PRO D 292 -12.24 39.18 40.17
N CYS D 293 -11.96 39.73 38.98
CA CYS D 293 -12.94 39.98 37.90
C CYS D 293 -12.51 39.24 36.64
N ILE D 294 -13.47 38.76 35.87
CA ILE D 294 -13.24 38.10 34.57
C ILE D 294 -13.29 39.21 33.51
N LEU D 295 -12.18 39.46 32.82
CA LEU D 295 -12.04 40.54 31.80
C LEU D 295 -12.14 39.94 30.39
N GLY D 296 -12.91 40.59 29.52
CA GLY D 296 -13.14 40.17 28.13
C GLY D 296 -13.54 41.36 27.30
N GLN D 297 -14.11 41.12 26.12
CA GLN D 297 -14.33 42.17 25.09
C GLN D 297 -15.37 43.20 25.57
N ASN D 298 -16.17 42.91 26.60
CA ASN D 298 -17.16 43.87 27.15
C ASN D 298 -16.73 44.33 28.54
N GLY D 299 -15.45 44.22 28.86
CA GLY D 299 -14.88 44.59 30.16
C GLY D 299 -15.13 43.50 31.18
N ILE D 300 -15.59 43.87 32.38
CA ILE D 300 -15.87 42.92 33.49
C ILE D 300 -17.19 42.21 33.19
N SER D 301 -17.14 40.92 32.88
CA SER D 301 -18.34 40.08 32.59
C SER D 301 -18.83 39.41 33.89
N ASP D 302 -17.94 39.14 34.85
CA ASP D 302 -18.27 38.44 36.12
C ASP D 302 -17.31 38.87 37.23
N LEU D 303 -17.76 38.81 38.49
CA LEU D 303 -16.88 38.82 39.70
C LEU D 303 -16.80 37.40 40.22
N VAL D 304 -15.66 37.02 40.79
CA VAL D 304 -15.56 35.81 41.66
C VAL D 304 -15.84 36.29 43.07
N LYS D 305 -16.82 35.67 43.73
CA LYS D 305 -17.27 36.01 45.09
C LYS D 305 -16.32 35.36 46.08
N VAL D 306 -15.24 36.05 46.45
CA VAL D 306 -14.21 35.50 47.38
C VAL D 306 -14.80 35.54 48.79
N THR D 307 -14.79 34.41 49.50
CA THR D 307 -15.11 34.33 50.94
C THR D 307 -13.90 34.90 51.70
N LEU D 308 -14.13 35.95 52.49
CA LEU D 308 -13.09 36.62 53.32
C LEU D 308 -13.34 36.33 54.81
N THR D 309 -12.28 36.28 55.63
CA THR D 309 -12.37 36.12 57.11
C THR D 309 -13.02 37.39 57.70
N SER D 310 -13.18 37.43 59.02
CA SER D 310 -13.66 38.61 59.78
C SER D 310 -12.71 39.79 59.57
N GLU D 311 -11.41 39.54 59.75
CA GLU D 311 -10.30 40.54 59.71
C GLU D 311 -10.15 41.10 58.30
N GLU D 312 -10.27 40.24 57.28
CA GLU D 312 -10.19 40.63 55.85
C GLU D 312 -11.36 41.53 55.49
N GLU D 313 -12.59 41.17 55.89
CA GLU D 313 -13.82 42.01 55.70
C GLU D 313 -13.60 43.38 56.37
N ALA D 314 -13.06 43.40 57.59
CA ALA D 314 -12.85 44.63 58.39
C ALA D 314 -11.95 45.60 57.62
N ARG D 315 -10.86 45.10 57.03
CA ARG D 315 -9.85 45.91 56.31
C ARG D 315 -10.47 46.51 55.04
N LEU D 316 -11.27 45.73 54.30
CA LEU D 316 -11.98 46.24 53.08
C LEU D 316 -13.01 47.27 53.51
N LYS D 317 -13.80 46.96 54.55
CA LYS D 317 -14.84 47.85 55.12
C LYS D 317 -14.20 49.18 55.52
N LYS D 318 -13.03 49.12 56.19
CA LYS D 318 -12.30 50.33 56.66
C LYS D 318 -11.87 51.17 55.45
N SER D 319 -11.29 50.53 54.43
CA SER D 319 -10.87 51.18 53.16
C SER D 319 -12.08 51.86 52.51
N ALA D 320 -13.19 51.14 52.37
CA ALA D 320 -14.45 51.64 51.78
C ALA D 320 -14.91 52.90 52.52
N ASP D 321 -14.85 52.90 53.86
CA ASP D 321 -15.24 54.05 54.71
C ASP D 321 -14.32 55.24 54.39
N THR D 322 -13.00 55.06 54.46
CA THR D 322 -11.98 56.08 54.15
C THR D 322 -12.27 56.69 52.76
N LEU D 323 -12.50 55.85 51.75
CA LEU D 323 -12.70 56.27 50.33
C LEU D 323 -13.99 57.07 50.20
N TRP D 324 -15.08 56.58 50.81
CA TRP D 324 -16.39 57.28 50.79
C TRP D 324 -16.28 58.60 51.55
N GLY D 325 -15.55 58.59 52.67
CA GLY D 325 -15.23 59.77 53.49
C GLY D 325 -14.70 60.92 52.64
N ILE D 326 -13.92 60.61 51.61
CA ILE D 326 -13.36 61.59 50.64
C ILE D 326 -14.36 61.80 49.49
N GLN D 327 -14.91 60.72 48.94
CA GLN D 327 -15.77 60.77 47.73
C GLN D 327 -16.99 61.68 48.01
N LYS D 328 -17.53 61.64 49.22
CA LYS D 328 -18.78 62.37 49.59
C LYS D 328 -18.51 63.88 49.67
N GLU D 329 -17.25 64.31 49.82
CA GLU D 329 -16.85 65.74 49.92
C GLU D 329 -16.49 66.30 48.54
N LEU D 330 -16.45 65.49 47.48
CA LEU D 330 -16.03 65.93 46.13
C LEU D 330 -17.17 66.70 45.47
N GLN D 331 -16.85 67.66 44.60
CA GLN D 331 -17.85 68.49 43.86
C GLN D 331 -17.77 68.15 42.37
N PHE D 332 -18.80 67.51 41.83
CA PHE D 332 -19.00 67.26 40.38
C PHE D 332 -19.91 68.36 39.82
N ALA E 2 -47.07 -38.19 -12.95
CA ALA E 2 -45.61 -38.56 -12.93
C ALA E 2 -44.77 -37.31 -13.27
N THR E 3 -43.71 -37.06 -12.50
CA THR E 3 -42.78 -35.91 -12.67
C THR E 3 -41.97 -36.07 -13.97
N LEU E 4 -41.34 -34.99 -14.43
CA LEU E 4 -40.44 -34.99 -15.62
C LEU E 4 -39.26 -35.92 -15.35
N LYS E 5 -38.68 -35.82 -14.14
CA LYS E 5 -37.59 -36.71 -13.64
C LYS E 5 -37.97 -38.18 -13.90
N ASP E 6 -39.15 -38.63 -13.48
CA ASP E 6 -39.57 -40.06 -13.53
C ASP E 6 -39.91 -40.45 -14.98
N GLN E 7 -40.37 -39.51 -15.81
CA GLN E 7 -40.70 -39.76 -17.23
C GLN E 7 -39.42 -39.92 -18.07
N LEU E 8 -38.33 -39.26 -17.67
CA LEU E 8 -37.06 -39.16 -18.46
C LEU E 8 -36.05 -40.24 -18.02
N ILE E 9 -35.95 -40.49 -16.71
CA ILE E 9 -34.87 -41.31 -16.09
C ILE E 9 -35.50 -42.45 -15.30
N TYR E 10 -35.11 -43.69 -15.62
CA TYR E 10 -35.33 -44.90 -14.80
C TYR E 10 -34.04 -45.17 -14.01
N ASN E 11 -34.10 -45.03 -12.69
CA ASN E 11 -32.93 -45.19 -11.79
C ASN E 11 -32.81 -46.65 -11.35
N LEU E 12 -31.59 -47.20 -11.34
CA LEU E 12 -31.29 -48.58 -10.87
C LEU E 12 -30.69 -48.55 -9.44
N LEU E 13 -29.91 -47.53 -9.09
CA LEU E 13 -29.05 -47.49 -7.87
C LEU E 13 -29.12 -46.12 -7.20
N LYS E 14 -28.67 -46.01 -5.93
CA LYS E 14 -28.84 -44.82 -5.05
C LYS E 14 -27.49 -44.11 -4.83
N GLN E 17 -22.75 -42.28 -2.58
CA GLN E 17 -21.84 -43.32 -2.03
C GLN E 17 -20.58 -42.65 -1.44
N THR E 18 -19.56 -43.44 -1.06
CA THR E 18 -18.33 -43.02 -0.32
C THR E 18 -17.24 -42.57 -1.30
N PRO E 19 -16.47 -41.51 -0.97
CA PRO E 19 -15.34 -41.08 -1.80
C PRO E 19 -14.08 -41.92 -1.52
N GLN E 20 -13.24 -42.13 -2.54
CA GLN E 20 -12.03 -43.00 -2.44
C GLN E 20 -10.76 -42.16 -2.46
N ASN E 21 -10.86 -40.86 -2.79
CA ASN E 21 -9.69 -39.96 -2.97
C ASN E 21 -10.04 -38.57 -2.42
N LYS E 22 -10.46 -38.52 -1.15
CA LYS E 22 -10.89 -37.26 -0.49
C LYS E 22 -9.67 -36.52 0.04
N ILE E 23 -9.59 -35.23 -0.26
CA ILE E 23 -8.56 -34.30 0.28
C ILE E 23 -9.29 -33.21 1.06
N THR E 24 -8.76 -32.83 2.22
CA THR E 24 -9.18 -31.65 3.01
C THR E 24 -8.08 -30.59 2.94
N VAL E 25 -8.47 -29.33 2.75
CA VAL E 25 -7.59 -28.15 2.96
C VAL E 25 -8.15 -27.38 4.16
N VAL E 26 -7.35 -27.30 5.22
CA VAL E 26 -7.64 -26.49 6.44
C VAL E 26 -7.00 -25.11 6.23
N GLY E 27 -7.83 -24.06 6.20
CA GLY E 27 -7.41 -22.67 5.98
C GLY E 27 -7.64 -22.24 4.54
N VAL E 28 -8.51 -21.24 4.32
CA VAL E 28 -8.91 -20.73 2.98
C VAL E 28 -8.44 -19.27 2.82
N GLY E 29 -7.28 -18.95 3.41
CA GLY E 29 -6.46 -17.79 3.02
C GLY E 29 -5.86 -18.00 1.64
N ALA E 30 -5.02 -17.07 1.19
CA ALA E 30 -4.41 -17.07 -0.16
C ALA E 30 -3.74 -18.42 -0.41
N VAL E 31 -2.98 -18.92 0.57
CA VAL E 31 -2.18 -20.17 0.46
C VAL E 31 -3.13 -21.36 0.33
N GLY E 32 -4.12 -21.45 1.20
CA GLY E 32 -5.11 -22.54 1.20
C GLY E 32 -5.82 -22.64 -0.14
N MET E 33 -6.30 -21.51 -0.66
CA MET E 33 -7.15 -21.50 -1.88
C MET E 33 -6.26 -21.77 -3.10
N ALA E 34 -5.00 -21.36 -3.06
CA ALA E 34 -4.00 -21.67 -4.11
C ALA E 34 -3.75 -23.18 -4.13
N CYS E 35 -3.60 -23.81 -2.95
CA CYS E 35 -3.53 -25.28 -2.79
C CYS E 35 -4.79 -25.91 -3.42
N ALA E 36 -5.97 -25.39 -3.07
CA ALA E 36 -7.28 -25.94 -3.46
C ALA E 36 -7.43 -25.92 -4.98
N ILE E 37 -7.21 -24.76 -5.63
CA ILE E 37 -7.40 -24.62 -7.10
C ILE E 37 -6.40 -25.51 -7.82
N SER E 38 -5.14 -25.55 -7.35
CA SER E 38 -4.05 -26.35 -7.96
C SER E 38 -4.38 -27.84 -7.87
N ILE E 39 -4.94 -28.29 -6.74
CA ILE E 39 -5.31 -29.71 -6.51
C ILE E 39 -6.50 -30.08 -7.40
N LEU E 40 -7.53 -29.24 -7.45
CA LEU E 40 -8.73 -29.44 -8.31
C LEU E 40 -8.30 -29.72 -9.75
N MET E 41 -7.37 -28.91 -10.25
CA MET E 41 -7.06 -28.82 -11.71
C MET E 41 -6.04 -29.87 -12.13
N LYS E 42 -5.37 -30.51 -11.18
CA LYS E 42 -4.55 -31.73 -11.40
C LYS E 42 -5.44 -32.97 -11.22
N ASP E 43 -6.71 -32.77 -10.84
CA ASP E 43 -7.73 -33.83 -10.77
C ASP E 43 -7.26 -34.93 -9.81
N LEU E 44 -6.93 -34.57 -8.57
CA LEU E 44 -6.34 -35.50 -7.58
C LEU E 44 -7.42 -36.05 -6.66
N ALA E 45 -8.53 -35.32 -6.51
CA ALA E 45 -9.55 -35.60 -5.47
C ALA E 45 -10.91 -35.81 -6.13
N ASP E 46 -11.65 -36.83 -5.69
CA ASP E 46 -13.07 -37.03 -6.07
C ASP E 46 -13.96 -36.32 -5.04
N GLU E 47 -13.46 -36.05 -3.83
CA GLU E 47 -14.10 -35.15 -2.84
C GLU E 47 -13.05 -34.19 -2.26
N LEU E 48 -13.38 -32.90 -2.23
CA LEU E 48 -12.53 -31.82 -1.65
C LEU E 48 -13.32 -31.13 -0.54
N ALA E 49 -12.76 -31.08 0.67
CA ALA E 49 -13.34 -30.39 1.84
C ALA E 49 -12.47 -29.17 2.19
N LEU E 50 -13.12 -28.02 2.42
CA LEU E 50 -12.47 -26.76 2.90
C LEU E 50 -12.96 -26.50 4.33
N VAL E 51 -12.05 -26.20 5.25
CA VAL E 51 -12.36 -25.88 6.67
C VAL E 51 -11.65 -24.58 7.08
N ASP E 52 -12.40 -23.67 7.71
CA ASP E 52 -11.88 -22.42 8.33
C ASP E 52 -12.96 -21.89 9.29
N VAL E 53 -12.65 -20.84 10.06
CA VAL E 53 -13.46 -20.38 11.23
C VAL E 53 -14.39 -19.25 10.81
N ILE E 54 -14.05 -18.51 9.74
CA ILE E 54 -14.89 -17.40 9.18
C ILE E 54 -15.86 -18.04 8.18
N GLU E 55 -17.13 -18.17 8.57
CA GLU E 55 -18.14 -19.05 7.92
C GLU E 55 -18.56 -18.49 6.56
N ASP E 56 -18.73 -17.15 6.45
CA ASP E 56 -19.18 -16.46 5.21
C ASP E 56 -18.16 -16.70 4.09
N LYS E 57 -16.94 -16.20 4.31
CA LYS E 57 -15.79 -16.33 3.38
C LYS E 57 -15.67 -17.79 2.93
N LEU E 58 -15.75 -18.73 3.87
CA LEU E 58 -15.56 -20.18 3.62
C LEU E 58 -16.59 -20.68 2.59
N LYS E 59 -17.87 -20.43 2.86
CA LYS E 59 -18.98 -20.89 1.99
C LYS E 59 -18.85 -20.20 0.62
N GLY E 60 -18.43 -18.94 0.60
CA GLY E 60 -18.25 -18.16 -0.63
C GLY E 60 -17.18 -18.78 -1.53
N GLU E 61 -16.07 -19.20 -0.92
CA GLU E 61 -14.93 -19.84 -1.64
C GLU E 61 -15.39 -21.20 -2.18
N MET E 62 -16.10 -21.98 -1.36
CA MET E 62 -16.67 -23.29 -1.77
C MET E 62 -17.50 -23.10 -3.04
N MET E 63 -18.40 -22.12 -3.04
CA MET E 63 -19.36 -21.88 -4.15
C MET E 63 -18.60 -21.44 -5.41
N ASP E 64 -17.62 -20.55 -5.25
CA ASP E 64 -16.81 -20.03 -6.37
C ASP E 64 -16.07 -21.22 -7.01
N LEU E 65 -15.44 -22.09 -6.22
CA LEU E 65 -14.75 -23.33 -6.69
C LEU E 65 -15.75 -24.23 -7.41
N GLN E 66 -16.87 -24.55 -6.76
CA GLN E 66 -17.93 -25.44 -7.30
C GLN E 66 -18.28 -25.01 -8.72
N HIS E 67 -18.60 -23.72 -8.91
CA HIS E 67 -19.07 -23.15 -10.20
C HIS E 67 -17.98 -23.33 -11.25
N GLY E 68 -16.74 -22.97 -10.90
CA GLY E 68 -15.57 -23.19 -11.76
C GLY E 68 -15.40 -24.66 -12.11
N SER E 69 -15.62 -25.55 -11.15
CA SER E 69 -15.36 -27.01 -11.28
C SER E 69 -16.33 -27.63 -12.31
N LEU E 70 -17.32 -26.88 -12.79
CA LEU E 70 -18.22 -27.33 -13.89
C LEU E 70 -17.42 -27.49 -15.19
N PHE E 71 -16.22 -26.92 -15.28
CA PHE E 71 -15.34 -26.93 -16.49
C PHE E 71 -14.16 -27.88 -16.28
N LEU E 72 -14.18 -28.65 -15.19
CA LEU E 72 -13.21 -29.73 -14.84
C LEU E 72 -13.97 -31.06 -14.75
N ARG E 73 -13.26 -32.13 -14.38
CA ARG E 73 -13.88 -33.38 -13.90
C ARG E 73 -14.47 -33.08 -12.53
N THR E 74 -15.73 -32.68 -12.49
CA THR E 74 -16.40 -32.06 -11.31
C THR E 74 -16.40 -33.04 -10.13
N PRO E 75 -15.66 -32.73 -9.03
CA PRO E 75 -15.69 -33.53 -7.82
C PRO E 75 -16.76 -33.04 -6.86
N LYS E 76 -16.98 -33.77 -5.76
CA LYS E 76 -17.83 -33.28 -4.65
C LYS E 76 -16.98 -32.30 -3.84
N ILE E 77 -17.44 -31.05 -3.70
CA ILE E 77 -16.77 -30.03 -2.85
C ILE E 77 -17.70 -29.67 -1.69
N VAL E 78 -17.23 -29.83 -0.45
CA VAL E 78 -17.97 -29.51 0.80
C VAL E 78 -17.14 -28.53 1.63
N SER E 79 -17.76 -27.86 2.60
CA SER E 79 -17.08 -26.90 3.51
C SER E 79 -17.87 -26.76 4.82
N GLY E 80 -17.18 -26.33 5.88
CA GLY E 80 -17.80 -26.04 7.19
C GLY E 80 -16.74 -25.72 8.21
N LYS E 81 -17.12 -25.03 9.28
CA LYS E 81 -16.25 -24.80 10.47
C LYS E 81 -16.14 -26.13 11.22
N ASP E 82 -17.15 -27.01 11.10
CA ASP E 82 -17.23 -28.33 11.77
C ASP E 82 -16.42 -29.36 10.99
N TYR E 83 -15.52 -30.10 11.66
CA TYR E 83 -14.55 -31.02 11.01
C TYR E 83 -15.25 -32.30 10.52
N ASN E 84 -16.56 -32.47 10.77
CA ASN E 84 -17.32 -33.66 10.30
C ASN E 84 -17.36 -33.69 8.76
N VAL E 85 -17.11 -32.56 8.10
CA VAL E 85 -17.05 -32.49 6.61
C VAL E 85 -15.74 -33.11 6.11
N THR E 86 -14.75 -33.33 6.99
CA THR E 86 -13.40 -33.85 6.61
C THR E 86 -13.34 -35.37 6.73
N ALA E 87 -14.45 -36.04 7.07
CA ALA E 87 -14.49 -37.48 7.39
C ALA E 87 -13.91 -38.29 6.21
N ASN E 88 -13.02 -39.25 6.51
CA ASN E 88 -12.47 -40.25 5.54
C ASN E 88 -11.61 -39.55 4.48
N SER E 89 -10.86 -38.52 4.85
CA SER E 89 -9.85 -37.88 3.96
C SER E 89 -8.64 -38.81 3.85
N LYS E 90 -8.10 -39.01 2.65
CA LYS E 90 -6.81 -39.73 2.45
CA LYS E 90 -6.82 -39.73 2.44
C LYS E 90 -5.70 -38.77 2.86
N LEU E 91 -5.86 -37.49 2.54
CA LEU E 91 -4.82 -36.44 2.74
C LEU E 91 -5.48 -35.20 3.32
N VAL E 92 -4.94 -34.68 4.43
CA VAL E 92 -5.41 -33.42 5.07
C VAL E 92 -4.23 -32.44 5.07
N ILE E 93 -4.44 -31.28 4.44
CA ILE E 93 -3.42 -30.22 4.22
C ILE E 93 -3.71 -29.06 5.18
N ILE E 94 -2.78 -28.77 6.09
CA ILE E 94 -2.92 -27.72 7.14
C ILE E 94 -2.18 -26.47 6.67
N THR E 95 -2.93 -25.39 6.41
CA THR E 95 -2.39 -24.05 6.04
C THR E 95 -2.70 -23.01 7.13
N ALA E 96 -3.65 -23.29 8.03
CA ALA E 96 -4.09 -22.39 9.12
C ALA E 96 -2.94 -22.21 10.12
N GLY E 97 -3.00 -21.14 10.90
CA GLY E 97 -1.96 -20.77 11.86
C GLY E 97 -1.99 -19.29 12.16
N ALA E 98 -1.02 -18.82 12.93
CA ALA E 98 -0.88 -17.41 13.34
C ALA E 98 0.42 -16.88 12.73
N ARG E 99 0.42 -15.60 12.37
CA ARG E 99 1.62 -14.88 11.85
C ARG E 99 2.21 -14.03 13.00
N GLN E 100 3.55 -13.93 13.04
CA GLN E 100 4.30 -13.16 14.08
C GLN E 100 3.83 -11.70 14.04
N GLN E 101 3.53 -11.13 15.20
CA GLN E 101 3.13 -9.70 15.36
C GLN E 101 4.33 -8.89 15.87
N GLU E 102 4.28 -7.56 15.70
CA GLU E 102 5.35 -6.62 16.12
C GLU E 102 5.67 -6.87 17.61
N GLY E 103 6.93 -7.14 17.93
CA GLY E 103 7.43 -7.33 19.30
C GLY E 103 7.11 -8.69 19.91
N GLU E 104 6.46 -9.58 19.16
CA GLU E 104 6.16 -10.97 19.62
C GLU E 104 7.43 -11.81 19.47
N SER E 105 7.76 -12.65 20.46
CA SER E 105 8.93 -13.56 20.44
C SER E 105 8.59 -14.80 19.60
N ARG E 106 9.62 -15.43 19.01
CA ARG E 106 9.48 -16.69 18.24
C ARG E 106 8.73 -17.72 19.08
N LEU E 107 9.12 -17.88 20.35
CA LEU E 107 8.52 -18.87 21.29
C LEU E 107 7.02 -18.64 21.40
N ASN E 108 6.61 -17.38 21.61
CA ASN E 108 5.18 -17.03 21.81
C ASN E 108 4.41 -17.36 20.53
N LEU E 109 4.98 -17.03 19.37
CA LEU E 109 4.34 -17.29 18.05
C LEU E 109 4.09 -18.80 17.89
N VAL E 110 5.12 -19.61 18.10
CA VAL E 110 5.03 -21.09 17.94
C VAL E 110 3.96 -21.60 18.91
N GLN E 111 3.96 -21.09 20.14
CA GLN E 111 2.99 -21.50 21.20
C GLN E 111 1.57 -21.19 20.73
N ARG E 112 1.34 -20.03 20.11
CA ARG E 112 0.00 -19.63 19.60
C ARG E 112 -0.41 -20.61 18.49
N ASN E 113 0.55 -21.02 17.64
CA ASN E 113 0.32 -22.04 16.58
C ASN E 113 0.00 -23.39 17.23
N VAL E 114 0.73 -23.75 18.29
CA VAL E 114 0.50 -25.02 19.05
C VAL E 114 -0.94 -25.02 19.58
N ASN E 115 -1.38 -23.91 20.17
CA ASN E 115 -2.73 -23.80 20.78
C ASN E 115 -3.79 -23.97 19.70
N ILE E 116 -3.55 -23.44 18.50
CA ILE E 116 -4.48 -23.59 17.32
C ILE E 116 -4.49 -25.07 16.91
N PHE E 117 -3.31 -25.69 16.81
CA PHE E 117 -3.16 -27.11 16.38
C PHE E 117 -3.79 -28.06 17.41
N LYS E 118 -3.87 -27.65 18.68
CA LYS E 118 -4.49 -28.44 19.77
C LYS E 118 -6.02 -28.52 19.55
N PHE E 119 -6.59 -27.62 18.75
CA PHE E 119 -8.01 -27.68 18.31
C PHE E 119 -8.11 -28.44 16.97
N ILE E 120 -7.25 -28.10 16.00
CA ILE E 120 -7.35 -28.59 14.59
C ILE E 120 -7.05 -30.08 14.54
N ILE E 121 -5.87 -30.50 15.02
CA ILE E 121 -5.29 -31.85 14.74
C ILE E 121 -6.17 -32.93 15.38
N PRO E 122 -6.59 -32.84 16.66
CA PRO E 122 -7.45 -33.86 17.25
C PRO E 122 -8.80 -34.03 16.51
N ASN E 123 -9.36 -32.92 16.02
CA ASN E 123 -10.59 -32.91 15.19
C ASN E 123 -10.31 -33.62 13.86
N VAL E 124 -9.14 -33.40 13.23
CA VAL E 124 -8.75 -34.05 11.95
C VAL E 124 -8.68 -35.57 12.19
N VAL E 125 -7.96 -35.96 13.25
CA VAL E 125 -7.69 -37.38 13.66
C VAL E 125 -9.01 -38.09 13.98
N LYS E 126 -9.91 -37.42 14.69
CA LYS E 126 -11.22 -37.99 15.05
C LYS E 126 -11.92 -38.49 13.78
N TYR E 127 -11.93 -37.69 12.71
CA TYR E 127 -12.81 -37.89 11.52
C TYR E 127 -12.08 -38.63 10.39
N SER E 128 -10.75 -38.55 10.35
CA SER E 128 -9.89 -39.25 9.34
C SER E 128 -8.70 -39.88 10.05
N PRO E 129 -8.91 -40.95 10.85
CA PRO E 129 -7.82 -41.55 11.64
C PRO E 129 -6.67 -42.13 10.80
N ASN E 130 -6.91 -42.47 9.53
CA ASN E 130 -5.93 -43.13 8.62
C ASN E 130 -5.32 -42.14 7.62
N CYS E 131 -5.67 -40.85 7.72
CA CYS E 131 -5.23 -39.80 6.76
C CYS E 131 -3.71 -39.60 6.86
N LYS E 132 -3.10 -39.10 5.78
CA LYS E 132 -1.75 -38.47 5.81
C LYS E 132 -1.96 -37.00 6.14
N LEU E 133 -1.12 -36.46 7.02
CA LEU E 133 -1.09 -35.00 7.36
C LEU E 133 0.05 -34.36 6.58
N LEU E 134 -0.27 -33.34 5.77
CA LEU E 134 0.71 -32.48 5.08
C LEU E 134 0.61 -31.08 5.70
N ILE E 135 1.67 -30.65 6.39
CA ILE E 135 1.75 -29.35 7.12
C ILE E 135 2.45 -28.34 6.20
N VAL E 136 1.80 -27.20 5.96
CA VAL E 136 2.31 -26.09 5.10
C VAL E 136 2.60 -24.86 5.98
N SER E 137 1.77 -24.62 6.99
CA SER E 137 1.88 -23.52 7.99
C SER E 137 3.33 -23.32 8.40
N ASN E 138 3.80 -22.06 8.50
CA ASN E 138 5.19 -21.73 8.93
C ASN E 138 5.19 -21.39 10.42
N PRO E 139 6.31 -21.65 11.15
CA PRO E 139 7.50 -22.33 10.60
C PRO E 139 7.28 -23.85 10.50
N VAL E 140 7.54 -24.40 9.32
CA VAL E 140 6.93 -25.68 8.85
C VAL E 140 7.60 -26.86 9.57
N ASP E 141 8.92 -26.79 9.80
CA ASP E 141 9.69 -27.89 10.45
C ASP E 141 9.17 -28.08 11.88
N ILE E 142 8.97 -26.99 12.63
CA ILE E 142 8.46 -27.05 14.05
C ILE E 142 7.00 -27.52 14.04
N LEU E 143 6.15 -26.96 13.16
CA LEU E 143 4.69 -27.23 13.20
C LEU E 143 4.39 -28.63 12.67
N THR E 144 5.28 -29.23 11.88
CA THR E 144 5.18 -30.66 11.49
C THR E 144 5.38 -31.52 12.75
N TYR E 145 6.41 -31.21 13.55
CA TYR E 145 6.65 -31.83 14.87
C TYR E 145 5.39 -31.70 15.73
N VAL E 146 4.82 -30.50 15.79
CA VAL E 146 3.64 -30.19 16.66
C VAL E 146 2.49 -31.12 16.24
N ALA E 147 2.22 -31.21 14.94
CA ALA E 147 1.14 -32.04 14.36
C ALA E 147 1.41 -33.52 14.69
N TRP E 148 2.67 -33.95 14.56
CA TRP E 148 3.11 -35.33 14.88
C TRP E 148 2.80 -35.65 16.34
N LYS E 149 3.19 -34.77 17.27
CA LYS E 149 3.04 -34.99 18.74
C LYS E 149 1.56 -35.09 19.09
N ILE E 150 0.72 -34.17 18.58
CA ILE E 150 -0.72 -34.07 18.97
C ILE E 150 -1.50 -35.23 18.31
N SER E 151 -1.18 -35.58 17.08
CA SER E 151 -1.89 -36.63 16.30
C SER E 151 -1.57 -38.02 16.85
N GLY E 152 -0.34 -38.22 17.33
CA GLY E 152 0.20 -39.53 17.71
C GLY E 152 0.35 -40.46 16.51
N PHE E 153 0.30 -39.91 15.30
CA PHE E 153 0.46 -40.65 14.02
C PHE E 153 1.90 -41.14 13.91
N PRO E 154 2.13 -42.26 13.18
CA PRO E 154 3.49 -42.70 12.85
C PRO E 154 4.16 -41.71 11.89
N LYS E 155 5.50 -41.65 11.92
CA LYS E 155 6.30 -40.62 11.21
C LYS E 155 6.01 -40.65 9.69
N ASN E 156 5.57 -41.78 9.13
CA ASN E 156 5.31 -41.93 7.68
C ASN E 156 4.10 -41.08 7.26
N ARG E 157 3.16 -40.81 8.16
CA ARG E 157 1.88 -40.11 7.82
C ARG E 157 1.90 -38.66 8.32
N VAL E 158 3.06 -38.10 8.64
CA VAL E 158 3.17 -36.67 9.06
C VAL E 158 4.35 -36.03 8.32
N ILE E 159 4.02 -35.19 7.33
CA ILE E 159 4.95 -34.61 6.33
C ILE E 159 4.80 -33.08 6.36
N GLY E 160 5.90 -32.35 6.22
CA GLY E 160 5.87 -30.88 6.02
C GLY E 160 6.33 -30.52 4.62
N SER E 161 5.74 -29.48 4.04
CA SER E 161 6.04 -29.00 2.66
C SER E 161 7.55 -28.74 2.50
N GLY E 162 8.22 -28.40 3.59
CA GLY E 162 9.70 -28.38 3.70
C GLY E 162 10.36 -27.63 2.55
N CYS E 163 11.37 -28.25 1.93
CA CYS E 163 12.25 -27.62 0.92
C CYS E 163 11.88 -28.06 -0.51
N ASN E 164 10.64 -28.51 -0.74
CA ASN E 164 10.17 -28.97 -2.08
C ASN E 164 10.26 -27.79 -3.06
N LEU E 165 9.74 -26.63 -2.67
CA LEU E 165 9.73 -25.41 -3.54
C LEU E 165 11.14 -24.86 -3.70
N ASP E 166 11.87 -24.69 -2.60
CA ASP E 166 13.23 -24.08 -2.59
C ASP E 166 14.16 -24.94 -3.47
N SER E 167 14.04 -26.27 -3.42
CA SER E 167 14.84 -27.21 -4.25
C SER E 167 14.53 -26.97 -5.73
N ALA E 168 13.26 -26.80 -6.09
CA ALA E 168 12.82 -26.50 -7.48
C ALA E 168 13.50 -25.20 -7.95
N ARG E 169 13.42 -24.15 -7.12
CA ARG E 169 14.07 -22.84 -7.39
C ARG E 169 15.56 -23.04 -7.63
N PHE E 170 16.21 -23.84 -6.76
CA PHE E 170 17.67 -24.11 -6.80
C PHE E 170 18.01 -24.76 -8.14
N ARG E 171 17.28 -25.82 -8.48
CA ARG E 171 17.43 -26.56 -9.76
C ARG E 171 17.26 -25.57 -10.91
N TYR E 172 16.30 -24.66 -10.83
CA TYR E 172 16.04 -23.69 -11.93
C TYR E 172 17.28 -22.82 -12.16
N LEU E 173 17.81 -22.24 -11.08
CA LEU E 173 18.91 -21.25 -11.15
C LEU E 173 20.22 -21.96 -11.52
N MET E 174 20.40 -23.19 -11.04
CA MET E 174 21.48 -24.10 -11.50
C MET E 174 21.40 -24.22 -13.03
N GLY E 175 20.21 -24.53 -13.55
CA GLY E 175 19.95 -24.61 -15.00
C GLY E 175 20.32 -23.34 -15.71
N GLU E 176 19.92 -22.18 -15.17
CA GLU E 176 20.19 -20.84 -15.73
C GLU E 176 21.71 -20.67 -15.93
N ARG E 177 22.52 -21.08 -14.94
CA ARG E 177 24.00 -21.00 -14.99
C ARG E 177 24.53 -21.88 -16.14
N LEU E 178 23.93 -23.06 -16.34
CA LEU E 178 24.46 -24.11 -17.27
C LEU E 178 23.80 -24.02 -18.65
N GLY E 179 22.80 -23.15 -18.84
CA GLY E 179 22.01 -23.06 -20.08
C GLY E 179 21.19 -24.32 -20.32
N VAL E 180 20.56 -24.83 -19.26
CA VAL E 180 19.79 -26.11 -19.23
C VAL E 180 18.42 -25.85 -18.61
N HIS E 181 17.38 -26.48 -19.18
CA HIS E 181 15.97 -26.43 -18.68
C HIS E 181 15.94 -26.99 -17.26
N PRO E 182 15.13 -26.41 -16.33
CA PRO E 182 15.09 -26.88 -14.94
C PRO E 182 14.78 -28.37 -14.76
N LEU E 183 14.07 -28.95 -15.73
CA LEU E 183 13.59 -30.35 -15.72
C LEU E 183 14.76 -31.32 -15.94
N SER E 184 15.84 -30.86 -16.57
CA SER E 184 17.04 -31.68 -16.91
C SER E 184 18.16 -31.44 -15.89
N CYS E 185 17.88 -30.66 -14.83
CA CYS E 185 18.78 -30.44 -13.67
C CYS E 185 18.30 -31.24 -12.47
N HIS E 186 19.23 -31.72 -11.65
CA HIS E 186 19.00 -32.37 -10.33
C HIS E 186 19.85 -31.69 -9.27
N GLY E 187 19.39 -31.71 -8.02
CA GLY E 187 20.02 -31.04 -6.88
C GLY E 187 18.99 -30.75 -5.81
N TRP E 188 19.38 -30.81 -4.53
CA TRP E 188 18.49 -30.56 -3.38
C TRP E 188 18.99 -29.38 -2.55
N VAL E 189 18.04 -28.75 -1.87
CA VAL E 189 18.26 -27.86 -0.70
C VAL E 189 17.64 -28.60 0.48
N LEU E 190 18.43 -28.98 1.48
CA LEU E 190 17.98 -29.84 2.61
C LEU E 190 18.03 -29.07 3.93
N GLY E 191 17.43 -29.66 4.98
CA GLY E 191 17.51 -29.15 6.36
C GLY E 191 16.34 -28.26 6.71
N GLU E 192 16.61 -27.17 7.42
CA GLU E 192 15.59 -26.22 7.91
C GLU E 192 15.10 -25.38 6.73
N HIS E 193 13.79 -25.30 6.53
CA HIS E 193 13.13 -24.41 5.54
C HIS E 193 13.56 -22.97 5.83
N GLY E 194 14.07 -22.27 4.82
CA GLY E 194 14.35 -20.82 4.85
C GLY E 194 15.84 -20.51 4.79
N ASP E 195 16.29 -19.57 5.63
CA ASP E 195 17.66 -18.97 5.58
C ASP E 195 18.73 -20.04 5.82
N SER E 196 18.47 -21.01 6.70
CA SER E 196 19.47 -21.98 7.23
C SER E 196 19.53 -23.25 6.36
N SER E 197 18.78 -23.30 5.25
CA SER E 197 18.70 -24.49 4.36
C SER E 197 20.07 -24.73 3.72
N VAL E 198 20.36 -25.99 3.36
CA VAL E 198 21.71 -26.47 2.94
C VAL E 198 21.69 -26.88 1.47
N PRO E 199 22.39 -26.14 0.59
CA PRO E 199 22.57 -26.57 -0.80
C PRO E 199 23.56 -27.73 -0.85
N VAL E 200 23.08 -28.94 -1.16
CA VAL E 200 23.91 -30.18 -1.21
C VAL E 200 24.59 -30.24 -2.59
N TRP E 201 25.79 -29.67 -2.69
CA TRP E 201 26.58 -29.50 -3.95
C TRP E 201 26.92 -30.88 -4.54
N SER E 202 27.24 -31.85 -3.69
CA SER E 202 27.66 -33.23 -4.06
C SER E 202 26.59 -33.87 -4.96
N GLY E 203 25.31 -33.64 -4.66
CA GLY E 203 24.15 -34.25 -5.36
C GLY E 203 23.82 -33.58 -6.68
N MET E 204 24.28 -32.35 -6.93
CA MET E 204 23.91 -31.58 -8.14
C MET E 204 24.57 -32.23 -9.37
N ASN E 205 23.76 -32.51 -10.41
CA ASN E 205 24.22 -33.19 -11.66
C ASN E 205 23.27 -32.88 -12.82
N VAL E 206 23.76 -33.03 -14.06
CA VAL E 206 22.96 -33.09 -15.30
C VAL E 206 23.27 -34.43 -15.97
N ALA E 207 22.26 -35.28 -16.14
CA ALA E 207 22.37 -36.59 -16.83
C ALA E 207 23.43 -37.47 -16.14
N GLY E 208 23.53 -37.39 -14.81
CA GLY E 208 24.42 -38.25 -14.00
C GLY E 208 25.87 -37.77 -14.01
N VAL E 209 26.20 -36.69 -14.71
CA VAL E 209 27.53 -36.03 -14.67
C VAL E 209 27.50 -35.03 -13.51
N SER E 210 28.08 -35.38 -12.36
CA SER E 210 28.05 -34.56 -11.12
C SER E 210 28.89 -33.29 -11.31
N LEU E 211 28.31 -32.14 -10.97
CA LEU E 211 28.93 -30.80 -11.12
C LEU E 211 30.22 -30.73 -10.31
N LYS E 212 30.21 -31.28 -9.10
CA LYS E 212 31.38 -31.20 -8.15
C LYS E 212 32.57 -31.99 -8.73
N THR E 213 32.35 -33.05 -9.50
CA THR E 213 33.42 -33.85 -10.15
C THR E 213 34.17 -32.93 -11.14
N LEU E 214 33.47 -32.18 -11.98
CA LEU E 214 34.08 -31.34 -13.05
C LEU E 214 34.69 -30.07 -12.45
N HIS E 215 34.24 -29.65 -11.27
CA HIS E 215 34.60 -28.35 -10.64
C HIS E 215 34.62 -28.52 -9.13
N PRO E 216 35.69 -29.10 -8.53
CA PRO E 216 35.67 -29.50 -7.12
C PRO E 216 35.50 -28.31 -6.16
N ASP E 217 35.83 -27.09 -6.61
CA ASP E 217 35.74 -25.85 -5.81
C ASP E 217 34.31 -25.29 -5.80
N LEU E 218 33.36 -25.96 -6.45
CA LEU E 218 31.91 -25.56 -6.47
C LEU E 218 31.39 -25.39 -5.04
N GLY E 219 30.91 -24.19 -4.69
CA GLY E 219 30.17 -23.94 -3.44
C GLY E 219 31.05 -23.49 -2.28
N THR E 220 32.38 -23.52 -2.45
CA THR E 220 33.38 -23.03 -1.45
C THR E 220 33.56 -21.52 -1.65
N ASP E 221 34.28 -20.86 -0.73
CA ASP E 221 34.53 -19.38 -0.77
C ASP E 221 35.50 -19.06 -1.92
N LYS E 222 36.35 -20.01 -2.31
CA LYS E 222 37.36 -19.83 -3.39
C LYS E 222 36.77 -20.31 -4.74
N ASP E 223 35.44 -20.27 -4.89
CA ASP E 223 34.71 -20.64 -6.14
C ASP E 223 34.73 -19.46 -7.10
N LYS E 224 35.48 -19.56 -8.20
CA LYS E 224 35.66 -18.45 -9.18
C LYS E 224 34.31 -18.11 -9.84
N GLU E 225 33.37 -19.08 -9.88
CA GLU E 225 32.02 -18.92 -10.49
C GLU E 225 30.99 -18.52 -9.42
N GLN E 226 31.33 -18.67 -8.13
CA GLN E 226 30.56 -18.14 -6.97
C GLN E 226 29.16 -18.76 -6.92
N TRP E 227 29.08 -20.09 -6.87
CA TRP E 227 27.80 -20.83 -6.87
C TRP E 227 27.07 -20.63 -5.53
N LYS E 228 27.72 -20.07 -4.51
CA LYS E 228 27.04 -19.69 -3.24
C LYS E 228 25.94 -18.66 -3.54
N GLU E 229 26.13 -17.80 -4.55
CA GLU E 229 25.15 -16.73 -4.92
C GLU E 229 23.83 -17.37 -5.38
N VAL E 230 23.86 -18.61 -5.88
CA VAL E 230 22.65 -19.34 -6.36
C VAL E 230 21.72 -19.60 -5.17
N HIS E 231 22.23 -20.23 -4.11
CA HIS E 231 21.45 -20.53 -2.87
C HIS E 231 20.92 -19.24 -2.24
N LYS E 232 21.74 -18.18 -2.24
CA LYS E 232 21.37 -16.85 -1.70
C LYS E 232 20.12 -16.36 -2.47
N GLN E 233 20.16 -16.46 -3.80
CA GLN E 233 19.07 -15.97 -4.70
C GLN E 233 17.80 -16.80 -4.46
N VAL E 234 17.91 -18.10 -4.14
CA VAL E 234 16.77 -18.99 -3.79
C VAL E 234 16.04 -18.39 -2.57
N VAL E 235 16.80 -17.96 -1.56
CA VAL E 235 16.24 -17.41 -0.28
C VAL E 235 15.67 -16.01 -0.53
N GLU E 236 16.44 -15.13 -1.20
CA GLU E 236 16.00 -13.74 -1.55
C GLU E 236 14.77 -13.79 -2.46
N SER E 237 14.68 -14.80 -3.34
CA SER E 237 13.55 -15.06 -4.27
C SER E 237 12.21 -14.91 -3.54
N ALA E 238 12.04 -15.62 -2.42
CA ALA E 238 10.79 -15.68 -1.64
C ALA E 238 10.46 -14.30 -1.05
N TYR E 239 11.47 -13.60 -0.49
CA TYR E 239 11.31 -12.27 0.14
C TYR E 239 10.86 -11.25 -0.92
N GLU E 240 11.45 -11.30 -2.13
CA GLU E 240 11.17 -10.31 -3.20
C GLU E 240 9.72 -10.46 -3.65
N VAL E 241 9.17 -11.68 -3.67
CA VAL E 241 7.74 -11.92 -3.99
C VAL E 241 6.89 -11.20 -2.95
N ILE E 242 7.21 -11.36 -1.67
CA ILE E 242 6.46 -10.77 -0.53
C ILE E 242 6.56 -9.23 -0.62
N LYS E 243 7.75 -8.68 -0.88
CA LYS E 243 7.95 -7.21 -0.96
C LYS E 243 7.07 -6.66 -2.09
N LEU E 244 7.11 -7.28 -3.27
CA LEU E 244 6.47 -6.76 -4.52
C LEU E 244 4.95 -6.94 -4.48
N LYS E 245 4.49 -8.11 -4.03
CA LYS E 245 3.08 -8.53 -4.21
C LYS E 245 2.32 -8.46 -2.89
N GLY E 246 3.02 -8.61 -1.75
CA GLY E 246 2.45 -8.56 -0.39
C GLY E 246 2.57 -9.89 0.33
N TYR E 247 2.45 -11.00 -0.40
CA TYR E 247 2.39 -12.39 0.13
C TYR E 247 2.78 -13.34 -1.01
N THR E 248 3.00 -14.62 -0.71
CA THR E 248 3.19 -15.68 -1.74
C THR E 248 1.98 -16.62 -1.68
N SER E 249 1.38 -16.93 -2.83
CA SER E 249 0.24 -17.87 -2.94
C SER E 249 0.54 -18.96 -3.98
N TRP E 250 0.68 -18.57 -5.25
CA TRP E 250 0.72 -19.52 -6.40
C TRP E 250 1.87 -20.52 -6.23
N ALA E 251 3.04 -20.05 -5.79
CA ALA E 251 4.27 -20.87 -5.71
C ALA E 251 4.08 -21.98 -4.68
N ILE E 252 3.64 -21.63 -3.48
CA ILE E 252 3.43 -22.64 -2.40
C ILE E 252 2.27 -23.56 -2.82
N GLY E 253 1.22 -22.99 -3.41
CA GLY E 253 0.06 -23.77 -3.87
C GLY E 253 0.49 -24.93 -4.76
N LEU E 254 1.35 -24.64 -5.75
CA LEU E 254 1.72 -25.64 -6.78
C LEU E 254 2.75 -26.61 -6.21
N SER E 255 3.60 -26.18 -5.27
CA SER E 255 4.52 -27.08 -4.55
C SER E 255 3.71 -28.09 -3.73
N VAL E 256 2.70 -27.62 -3.01
CA VAL E 256 1.82 -28.49 -2.18
C VAL E 256 1.10 -29.49 -3.11
N ALA E 257 0.63 -29.02 -4.28
CA ALA E 257 -0.10 -29.84 -5.27
C ALA E 257 0.82 -30.94 -5.82
N ASP E 258 2.10 -30.61 -6.03
CA ASP E 258 3.16 -31.57 -6.46
C ASP E 258 3.24 -32.71 -5.45
N LEU E 259 3.26 -32.39 -4.15
CA LEU E 259 3.37 -33.39 -3.05
C LEU E 259 2.08 -34.20 -2.99
N ALA E 260 0.94 -33.53 -3.11
CA ALA E 260 -0.39 -34.19 -3.11
C ALA E 260 -0.44 -35.19 -4.26
N GLU E 261 0.11 -34.85 -5.42
CA GLU E 261 0.07 -35.72 -6.62
C GLU E 261 0.81 -37.02 -6.30
N SER E 262 2.04 -36.92 -5.80
CA SER E 262 2.90 -38.09 -5.47
C SER E 262 2.18 -38.99 -4.47
N ILE E 263 1.49 -38.41 -3.50
CA ILE E 263 0.79 -39.17 -2.43
C ILE E 263 -0.47 -39.81 -3.02
N MET E 264 -1.34 -39.01 -3.64
CA MET E 264 -2.69 -39.44 -4.07
C MET E 264 -2.60 -40.46 -5.21
N LYS E 265 -1.56 -40.39 -6.04
CA LYS E 265 -1.40 -41.26 -7.24
C LYS E 265 -0.28 -42.28 -7.03
N ASN E 266 0.22 -42.39 -5.80
CA ASN E 266 1.22 -43.42 -5.40
C ASN E 266 2.36 -43.42 -6.44
N LEU E 267 2.99 -42.27 -6.67
CA LEU E 267 4.01 -42.09 -7.73
C LEU E 267 5.38 -42.56 -7.26
N ARG E 268 5.59 -42.64 -5.94
CA ARG E 268 6.87 -43.03 -5.30
C ARG E 268 7.99 -42.16 -5.90
N ARG E 269 7.75 -40.84 -5.95
CA ARG E 269 8.74 -39.82 -6.39
C ARG E 269 9.46 -39.27 -5.14
N VAL E 270 10.67 -38.78 -5.32
CA VAL E 270 11.53 -38.24 -4.24
C VAL E 270 11.24 -36.74 -4.06
N HIS E 271 10.94 -36.32 -2.84
CA HIS E 271 10.74 -34.90 -2.47
C HIS E 271 11.52 -34.60 -1.20
N PRO E 272 12.18 -33.43 -1.14
CA PRO E 272 12.85 -32.97 0.08
C PRO E 272 11.81 -32.33 1.01
N VAL E 273 11.18 -33.14 1.87
CA VAL E 273 10.04 -32.73 2.73
C VAL E 273 10.47 -32.87 4.19
N SER E 274 9.84 -32.12 5.09
CA SER E 274 10.10 -32.19 6.55
C SER E 274 9.62 -33.54 7.07
N THR E 275 10.55 -34.34 7.60
CA THR E 275 10.28 -35.65 8.24
C THR E 275 11.14 -35.81 9.49
N MET E 276 10.73 -36.71 10.39
CA MET E 276 11.44 -37.01 11.66
C MET E 276 12.86 -37.47 11.34
N ILE E 277 13.86 -36.75 11.85
CA ILE E 277 15.29 -36.87 11.43
C ILE E 277 16.12 -37.47 12.56
N LYS E 278 15.50 -37.83 13.70
CA LYS E 278 16.23 -38.42 14.86
C LYS E 278 16.92 -39.70 14.43
N GLY E 279 18.22 -39.85 14.74
CA GLY E 279 19.03 -41.01 14.37
C GLY E 279 20.08 -40.67 13.33
N LEU E 280 19.77 -39.71 12.45
CA LEU E 280 20.63 -39.32 11.31
C LEU E 280 21.46 -38.07 11.70
N TYR E 281 22.67 -37.99 11.16
CA TYR E 281 23.56 -36.79 11.20
C TYR E 281 23.89 -36.43 12.66
N GLY E 282 23.95 -37.42 13.53
CA GLY E 282 24.26 -37.28 14.97
C GLY E 282 23.24 -36.43 15.70
N ILE E 283 21.96 -36.51 15.30
CA ILE E 283 20.83 -35.78 15.93
C ILE E 283 20.08 -36.77 16.82
N LYS E 284 19.97 -36.46 18.12
CA LYS E 284 19.37 -37.35 19.16
C LYS E 284 17.95 -36.91 19.50
N ASP E 285 17.59 -35.65 19.21
CA ASP E 285 16.29 -35.03 19.61
C ASP E 285 15.20 -35.34 18.58
N ASP E 286 13.93 -35.23 19.00
CA ASP E 286 12.72 -35.40 18.15
C ASP E 286 12.48 -34.12 17.33
N VAL E 287 13.28 -33.86 16.28
CA VAL E 287 13.07 -32.70 15.37
C VAL E 287 12.78 -33.23 13.96
N PHE E 288 12.13 -32.39 13.14
CA PHE E 288 11.86 -32.62 11.70
C PHE E 288 12.73 -31.67 10.89
N LEU E 289 13.33 -32.19 9.82
CA LEU E 289 14.08 -31.41 8.79
C LEU E 289 13.81 -32.06 7.43
N SER E 290 14.11 -31.35 6.34
CA SER E 290 13.93 -31.83 4.95
C SER E 290 15.10 -32.72 4.55
N VAL E 291 14.81 -33.97 4.20
CA VAL E 291 15.72 -34.90 3.47
C VAL E 291 14.91 -35.56 2.36
N PRO E 292 15.58 -36.10 1.31
CA PRO E 292 14.85 -36.71 0.20
C PRO E 292 14.05 -37.91 0.70
N CYS E 293 12.73 -37.87 0.52
CA CYS E 293 11.77 -38.92 0.93
C CYS E 293 11.00 -39.40 -0.30
N ILE E 294 10.66 -40.68 -0.32
CA ILE E 294 9.83 -41.30 -1.38
C ILE E 294 8.38 -41.21 -0.89
N LEU E 295 7.54 -40.45 -1.62
CA LEU E 295 6.12 -40.20 -1.26
C LEU E 295 5.20 -41.10 -2.10
N GLY E 296 4.22 -41.71 -1.45
CA GLY E 296 3.22 -42.60 -2.08
C GLY E 296 1.96 -42.63 -1.26
N GLN E 297 1.12 -43.64 -1.50
CA GLN E 297 -0.27 -43.68 -0.95
C GLN E 297 -0.26 -43.82 0.58
N ASN E 298 0.86 -44.20 1.20
CA ASN E 298 0.96 -44.32 2.68
C ASN E 298 1.91 -43.24 3.23
N GLY E 299 2.09 -42.16 2.47
CA GLY E 299 3.00 -41.06 2.84
C GLY E 299 4.44 -41.42 2.55
N ILE E 300 5.34 -41.17 3.50
CA ILE E 300 6.80 -41.44 3.35
C ILE E 300 7.03 -42.95 3.53
N SER E 301 7.38 -43.65 2.46
CA SER E 301 7.67 -45.10 2.47
C SER E 301 9.17 -45.34 2.72
N ASP E 302 10.04 -44.41 2.31
CA ASP E 302 11.52 -44.56 2.43
C ASP E 302 12.17 -43.17 2.52
N LEU E 303 13.33 -43.08 3.16
CA LEU E 303 14.27 -41.93 3.04
C LEU E 303 15.42 -42.36 2.13
N VAL E 304 15.98 -41.44 1.37
CA VAL E 304 17.31 -41.63 0.74
C VAL E 304 18.34 -41.08 1.74
N LYS E 305 19.30 -41.92 2.11
CA LYS E 305 20.36 -41.59 3.10
C LYS E 305 21.44 -40.78 2.37
N VAL E 306 21.31 -39.46 2.36
CA VAL E 306 22.28 -38.57 1.67
C VAL E 306 23.54 -38.49 2.53
N THR E 307 24.70 -38.76 1.93
CA THR E 307 26.03 -38.53 2.54
C THR E 307 26.27 -37.02 2.53
N LEU E 308 26.46 -36.41 3.70
CA LEU E 308 26.74 -34.96 3.88
C LEU E 308 28.20 -34.78 4.34
N THR E 309 28.83 -33.66 3.99
CA THR E 309 30.20 -33.29 4.46
C THR E 309 30.14 -32.99 5.97
N SER E 310 31.28 -32.62 6.57
CA SER E 310 31.36 -32.20 7.99
C SER E 310 30.53 -30.92 8.19
N GLU E 311 30.73 -29.94 7.31
CA GLU E 311 30.10 -28.59 7.36
C GLU E 311 28.57 -28.71 7.18
N GLU E 312 28.13 -29.58 6.27
CA GLU E 312 26.69 -29.84 5.98
C GLU E 312 26.03 -30.47 7.22
N GLU E 313 26.66 -31.48 7.83
CA GLU E 313 26.20 -32.13 9.09
C GLU E 313 26.08 -31.05 10.20
N ALA E 314 27.08 -30.18 10.33
CA ALA E 314 27.15 -29.11 11.36
C ALA E 314 25.92 -28.20 11.25
N ARG E 315 25.57 -27.78 10.02
CA ARG E 315 24.45 -26.85 9.73
C ARG E 315 23.11 -27.51 10.10
N LEU E 316 22.92 -28.78 9.77
CA LEU E 316 21.69 -29.54 10.13
C LEU E 316 21.63 -29.70 11.66
N LYS E 317 22.76 -30.10 12.26
CA LYS E 317 22.91 -30.27 13.73
C LYS E 317 22.55 -28.95 14.43
N LYS E 318 23.04 -27.83 13.90
CA LYS E 318 22.79 -26.47 14.49
C LYS E 318 21.29 -26.17 14.43
N SER E 319 20.67 -26.40 13.26
CA SER E 319 19.21 -26.21 13.04
C SER E 319 18.43 -27.07 14.02
N ALA E 320 18.76 -28.35 14.14
CA ALA E 320 18.12 -29.31 15.07
C ALA E 320 18.18 -28.78 16.51
N ASP E 321 19.34 -28.25 16.93
CA ASP E 321 19.53 -27.67 18.29
C ASP E 321 18.58 -26.49 18.47
N THR E 322 18.61 -25.51 17.56
CA THR E 322 17.75 -24.31 17.57
C THR E 322 16.27 -24.75 17.70
N LEU E 323 15.83 -25.71 16.89
CA LEU E 323 14.42 -26.18 16.81
C LEU E 323 14.03 -26.85 18.12
N TRP E 324 14.89 -27.73 18.65
CA TRP E 324 14.63 -28.44 19.92
C TRP E 324 14.62 -27.42 21.07
N GLY E 325 15.53 -26.44 21.01
CA GLY E 325 15.62 -25.30 21.95
C GLY E 325 14.27 -24.63 22.15
N ILE E 326 13.47 -24.54 21.09
CA ILE E 326 12.09 -23.96 21.12
C ILE E 326 11.08 -25.06 21.46
N GLN E 327 11.19 -26.23 20.83
CA GLN E 327 10.18 -27.32 20.95
C GLN E 327 10.06 -27.74 22.42
N LYS E 328 11.17 -27.76 23.16
CA LYS E 328 11.21 -28.27 24.56
C LYS E 328 10.51 -27.30 25.52
N GLU E 329 10.33 -26.03 25.11
CA GLU E 329 9.69 -24.96 25.92
C GLU E 329 8.20 -24.85 25.61
N LEU E 330 7.69 -25.62 24.64
CA LEU E 330 6.26 -25.56 24.23
C LEU E 330 5.41 -26.31 25.25
N GLN E 331 4.17 -25.88 25.48
CA GLN E 331 3.22 -26.49 26.44
C GLN E 331 2.06 -27.13 25.65
N PHE E 332 1.99 -28.46 25.68
CA PHE E 332 0.88 -29.27 25.12
C PHE E 332 -0.03 -29.64 26.29
N ALA F 2 38.42 -23.04 -18.85
CA ALA F 2 37.05 -23.36 -19.40
C ALA F 2 36.04 -23.41 -18.25
N THR F 3 34.87 -22.76 -18.41
CA THR F 3 33.78 -22.69 -17.40
C THR F 3 33.14 -24.09 -17.22
N LEU F 4 32.38 -24.27 -16.14
CA LEU F 4 31.64 -25.52 -15.85
C LEU F 4 30.60 -25.74 -16.96
N LYS F 5 29.88 -24.67 -17.34
CA LYS F 5 28.91 -24.63 -18.46
C LYS F 5 29.54 -25.29 -19.71
N ASP F 6 30.74 -24.84 -20.12
CA ASP F 6 31.37 -25.27 -21.40
C ASP F 6 31.92 -26.70 -21.26
N GLN F 7 32.33 -27.11 -20.05
CA GLN F 7 32.84 -28.48 -19.77
C GLN F 7 31.69 -29.50 -19.81
N LEU F 8 30.47 -29.09 -19.44
CA LEU F 8 29.30 -30.01 -19.22
C LEU F 8 28.44 -30.09 -20.49
N ILE F 9 28.24 -28.96 -21.17
CA ILE F 9 27.24 -28.79 -22.26
C ILE F 9 27.95 -28.33 -23.53
N TYR F 10 27.80 -29.10 -24.61
CA TYR F 10 28.13 -28.68 -25.99
C TYR F 10 26.82 -28.25 -26.67
N ASN F 11 26.69 -26.97 -26.98
CA ASN F 11 25.47 -26.36 -27.57
C ASN F 11 25.57 -26.45 -29.11
N LEU F 12 24.48 -26.81 -29.78
CA LEU F 12 24.38 -26.86 -31.27
C LEU F 12 23.64 -25.64 -31.82
N LEU F 13 22.64 -25.09 -31.10
CA LEU F 13 21.66 -24.11 -31.60
C LEU F 13 21.42 -22.99 -30.58
N LYS F 14 20.88 -21.84 -31.01
CA LYS F 14 20.92 -20.54 -30.28
C LYS F 14 21.88 -20.62 -29.09
N GLN F 17 13.95 -18.91 -29.18
CA GLN F 17 13.20 -18.74 -30.46
C GLN F 17 11.80 -18.14 -30.18
N THR F 18 10.87 -18.18 -31.16
CA THR F 18 9.54 -17.51 -31.13
C THR F 18 8.49 -18.45 -30.52
N PRO F 19 7.53 -17.93 -29.72
CA PRO F 19 6.43 -18.73 -29.19
C PRO F 19 5.30 -18.92 -30.21
N GLN F 20 4.63 -20.08 -30.19
CA GLN F 20 3.59 -20.45 -31.18
C GLN F 20 2.20 -20.43 -30.55
N ASN F 21 2.12 -20.34 -29.22
CA ASN F 21 0.85 -20.43 -28.46
C ASN F 21 0.89 -19.41 -27.31
N LYS F 22 1.13 -18.15 -27.64
CA LYS F 22 1.27 -17.05 -26.65
C LYS F 22 -0.12 -16.53 -26.28
N ILE F 23 -0.38 -16.42 -24.97
CA ILE F 23 -1.62 -15.79 -24.41
C ILE F 23 -1.18 -14.59 -23.58
N THR F 24 -1.90 -13.48 -23.69
CA THR F 24 -1.79 -12.30 -22.80
C THR F 24 -3.04 -12.19 -21.93
N VAL F 25 -2.86 -11.90 -20.65
CA VAL F 25 -3.95 -11.48 -19.72
C VAL F 25 -3.68 -10.02 -19.34
N VAL F 26 -4.59 -9.13 -19.73
CA VAL F 26 -4.59 -7.69 -19.35
C VAL F 26 -5.43 -7.56 -18.08
N GLY F 27 -4.79 -7.12 -16.99
CA GLY F 27 -5.40 -6.96 -15.65
C GLY F 27 -5.07 -8.13 -14.75
N VAL F 28 -4.37 -7.88 -13.64
CA VAL F 28 -3.92 -8.92 -12.67
C VAL F 28 -4.61 -8.67 -11.32
N GLY F 29 -5.86 -8.22 -11.36
CA GLY F 29 -6.81 -8.35 -10.24
C GLY F 29 -7.19 -9.80 -10.03
N ALA F 30 -8.11 -10.09 -9.11
CA ALA F 30 -8.52 -11.45 -8.72
C ALA F 30 -8.91 -12.24 -9.98
N VAL F 31 -9.71 -11.62 -10.87
CA VAL F 31 -10.27 -12.26 -12.09
C VAL F 31 -9.11 -12.59 -13.04
N GLY F 32 -8.23 -11.61 -13.30
CA GLY F 32 -7.07 -11.79 -14.20
C GLY F 32 -6.20 -12.95 -13.77
N MET F 33 -5.85 -13.00 -12.48
CA MET F 33 -4.88 -13.99 -11.96
C MET F 33 -5.54 -15.36 -11.90
N ALA F 34 -6.86 -15.40 -11.68
CA ALA F 34 -7.66 -16.65 -11.73
C ALA F 34 -7.63 -17.19 -13.18
N CYS F 35 -7.82 -16.31 -14.18
CA CYS F 35 -7.65 -16.67 -15.61
C CYS F 35 -6.24 -17.22 -15.84
N ALA F 36 -5.23 -16.53 -15.32
CA ALA F 36 -3.80 -16.85 -15.54
C ALA F 36 -3.48 -18.24 -14.98
N ILE F 37 -3.81 -18.51 -13.71
CA ILE F 37 -3.47 -19.81 -13.05
C ILE F 37 -4.22 -20.93 -13.76
N SER F 38 -5.49 -20.72 -14.11
CA SER F 38 -6.35 -21.73 -14.78
C SER F 38 -5.78 -22.06 -16.16
N ILE F 39 -5.29 -21.06 -16.90
CA ILE F 39 -4.71 -21.24 -18.26
C ILE F 39 -3.38 -21.99 -18.15
N LEU F 40 -2.52 -21.59 -17.21
CA LEU F 40 -1.21 -22.25 -16.95
C LEU F 40 -1.42 -23.76 -16.78
N MET F 41 -2.40 -24.14 -15.97
CA MET F 41 -2.55 -25.50 -15.42
C MET F 41 -3.30 -26.42 -16.40
N LYS F 42 -3.97 -25.85 -17.40
CA LYS F 42 -4.53 -26.59 -18.56
C LYS F 42 -3.47 -26.64 -19.67
N ASP F 43 -2.30 -26.01 -19.46
CA ASP F 43 -1.12 -26.08 -20.35
C ASP F 43 -1.54 -25.61 -21.76
N LEU F 44 -2.08 -24.41 -21.88
CA LEU F 44 -2.63 -23.87 -23.15
C LEU F 44 -1.58 -23.01 -23.85
N ALA F 45 -0.65 -22.45 -23.10
CA ALA F 45 0.27 -21.39 -23.57
C ALA F 45 1.72 -21.85 -23.37
N ASP F 46 2.56 -21.65 -24.39
CA ASP F 46 4.03 -21.83 -24.26
C ASP F 46 4.65 -20.48 -23.85
N GLU F 47 3.96 -19.35 -24.06
CA GLU F 47 4.31 -18.03 -23.46
C GLU F 47 3.05 -17.37 -22.89
N LEU F 48 3.15 -16.88 -21.65
CA LEU F 48 2.06 -16.15 -20.95
C LEU F 48 2.57 -14.76 -20.57
N ALA F 49 1.87 -13.71 -21.01
CA ALA F 49 2.19 -12.30 -20.71
C ALA F 49 1.10 -11.71 -19.81
N LEU F 50 1.51 -11.02 -18.73
CA LEU F 50 0.60 -10.29 -17.81
C LEU F 50 0.86 -8.79 -17.96
N VAL F 51 -0.20 -7.98 -18.09
CA VAL F 51 -0.10 -6.50 -18.24
C VAL F 51 -1.04 -5.83 -17.25
N ASP F 52 -0.54 -4.84 -16.52
CA ASP F 52 -1.33 -3.95 -15.63
C ASP F 52 -0.46 -2.71 -15.31
N VAL F 53 -1.01 -1.72 -14.61
CA VAL F 53 -0.42 -0.36 -14.45
C VAL F 53 0.36 -0.27 -13.13
N ILE F 54 0.02 -1.10 -12.15
CA ILE F 54 0.69 -1.13 -10.82
C ILE F 54 1.88 -2.09 -10.93
N GLU F 55 3.11 -1.55 -11.02
CA GLU F 55 4.31 -2.26 -11.53
C GLU F 55 4.80 -3.31 -10.52
N ASP F 56 4.77 -2.97 -9.22
CA ASP F 56 5.25 -3.83 -8.11
C ASP F 56 4.40 -5.11 -8.08
N LYS F 57 3.10 -4.96 -7.83
CA LYS F 57 2.11 -6.06 -7.76
C LYS F 57 2.28 -6.96 -9.01
N LEU F 58 2.40 -6.36 -10.19
CA LEU F 58 2.47 -7.08 -11.48
C LEU F 58 3.68 -8.02 -11.49
N LYS F 59 4.87 -7.48 -11.20
CA LYS F 59 6.13 -8.25 -11.20
C LYS F 59 6.05 -9.34 -10.12
N GLY F 60 5.43 -9.03 -8.98
CA GLY F 60 5.27 -9.98 -7.87
C GLY F 60 4.43 -11.18 -8.27
N GLU F 61 3.34 -10.93 -9.01
CA GLU F 61 2.42 -11.99 -9.49
C GLU F 61 3.16 -12.85 -10.52
N MET F 62 3.88 -12.22 -11.44
CA MET F 62 4.71 -12.91 -12.46
C MET F 62 5.65 -13.90 -11.74
N MET F 63 6.37 -13.43 -10.72
CA MET F 63 7.41 -14.22 -10.02
C MET F 63 6.75 -15.39 -9.28
N ASP F 64 5.62 -15.13 -8.61
CA ASP F 64 4.88 -16.15 -7.84
C ASP F 64 4.43 -17.26 -8.81
N LEU F 65 3.86 -16.89 -9.97
CA LEU F 65 3.45 -17.83 -11.04
C LEU F 65 4.66 -18.63 -11.53
N GLN F 66 5.72 -17.93 -11.92
CA GLN F 66 6.98 -18.54 -12.45
C GLN F 66 7.43 -19.67 -11.53
N HIS F 67 7.55 -19.38 -10.22
CA HIS F 67 8.08 -20.33 -9.21
C HIS F 67 7.15 -21.55 -9.14
N GLY F 68 5.84 -21.32 -9.07
CA GLY F 68 4.83 -22.39 -9.13
C GLY F 68 4.96 -23.22 -10.39
N SER F 69 5.20 -22.56 -11.52
CA SER F 69 5.21 -23.19 -12.87
C SER F 69 6.38 -24.18 -12.99
N LEU F 70 7.29 -24.22 -12.01
CA LEU F 70 8.36 -25.25 -11.96
C LEU F 70 7.79 -26.64 -11.77
N PHE F 71 6.51 -26.75 -11.35
CA PHE F 71 5.81 -28.04 -11.07
C PHE F 71 4.80 -28.36 -12.19
N LEU F 72 4.80 -27.55 -13.26
CA LEU F 72 3.98 -27.74 -14.50
C LEU F 72 4.93 -27.91 -15.68
N ARG F 73 4.38 -28.00 -16.89
CA ARG F 73 5.14 -27.84 -18.15
C ARG F 73 5.51 -26.36 -18.26
N THR F 74 6.67 -25.99 -17.72
CA THR F 74 7.08 -24.59 -17.46
C THR F 74 7.11 -23.79 -18.76
N PRO F 75 6.20 -22.80 -18.93
CA PRO F 75 6.22 -21.92 -20.09
C PRO F 75 7.07 -20.68 -19.82
N LYS F 76 7.26 -19.84 -20.84
CA LYS F 76 7.87 -18.50 -20.65
C LYS F 76 6.77 -17.58 -20.12
N ILE F 77 7.00 -16.98 -18.95
CA ILE F 77 6.06 -15.99 -18.35
C ILE F 77 6.78 -14.63 -18.29
N VAL F 78 6.18 -13.61 -18.93
CA VAL F 78 6.70 -12.21 -18.95
C VAL F 78 5.61 -11.27 -18.42
N SER F 79 6.00 -10.05 -18.03
CA SER F 79 5.07 -9.01 -17.54
C SER F 79 5.66 -7.61 -17.76
N GLY F 80 4.80 -6.60 -17.82
CA GLY F 80 5.19 -5.18 -17.95
C GLY F 80 3.98 -4.31 -18.10
N LYS F 81 4.11 -3.01 -17.77
CA LYS F 81 3.08 -1.98 -18.06
C LYS F 81 3.09 -1.71 -19.57
N ASP F 82 4.24 -1.93 -20.23
CA ASP F 82 4.47 -1.70 -21.69
C ASP F 82 3.94 -2.90 -22.48
N TYR F 83 3.11 -2.66 -23.50
CA TYR F 83 2.40 -3.73 -24.26
C TYR F 83 3.36 -4.48 -25.20
N ASN F 84 4.63 -4.08 -25.28
CA ASN F 84 5.64 -4.76 -26.14
C ASN F 84 5.87 -6.19 -25.65
N VAL F 85 5.51 -6.50 -24.40
CA VAL F 85 5.62 -7.87 -23.83
C VAL F 85 4.51 -8.76 -24.40
N THR F 86 3.48 -8.18 -25.02
CA THR F 86 2.29 -8.92 -25.55
C THR F 86 2.48 -9.31 -27.03
N ALA F 87 3.63 -9.02 -27.62
CA ALA F 87 3.87 -9.17 -29.08
C ALA F 87 3.59 -10.62 -29.52
N ASN F 88 2.85 -10.80 -30.60
CA ASN F 88 2.58 -12.10 -31.27
C ASN F 88 1.77 -13.03 -30.37
N SER F 89 0.81 -12.48 -29.63
CA SER F 89 -0.18 -13.28 -28.85
C SER F 89 -1.19 -13.89 -29.83
N LYS F 90 -1.52 -15.18 -29.69
CA LYS F 90 -2.64 -15.80 -30.43
C LYS F 90 -3.95 -15.30 -29.82
N LEU F 91 -3.97 -15.16 -28.49
CA LEU F 91 -5.18 -14.82 -27.71
C LEU F 91 -4.82 -13.77 -26.67
N VAL F 92 -5.58 -12.67 -26.63
CA VAL F 92 -5.43 -11.59 -25.61
C VAL F 92 -6.75 -11.49 -24.85
N ILE F 93 -6.66 -11.66 -23.53
CA ILE F 93 -7.81 -11.70 -22.58
C ILE F 93 -7.83 -10.37 -21.81
N ILE F 94 -8.90 -9.59 -21.96
CA ILE F 94 -9.08 -8.25 -21.32
C ILE F 94 -9.95 -8.43 -20.08
N THR F 95 -9.39 -8.19 -18.90
CA THR F 95 -10.10 -8.20 -17.59
C THR F 95 -10.11 -6.79 -16.95
N ALA F 96 -9.24 -5.87 -17.42
CA ALA F 96 -9.13 -4.48 -16.92
C ALA F 96 -10.42 -3.71 -17.23
N GLY F 97 -10.67 -2.64 -16.50
CA GLY F 97 -11.86 -1.79 -16.67
C GLY F 97 -12.09 -0.91 -15.46
N ALA F 98 -13.21 -0.22 -15.43
CA ALA F 98 -13.66 0.60 -14.29
C ALA F 98 -14.93 -0.02 -13.73
N ARG F 99 -15.11 0.05 -12.41
CA ARG F 99 -16.33 -0.37 -11.70
C ARG F 99 -17.20 0.85 -11.40
N GLN F 100 -18.52 0.68 -11.49
CA GLN F 100 -19.54 1.74 -11.24
C GLN F 100 -19.33 2.27 -9.81
N GLN F 101 -19.29 3.60 -9.66
CA GLN F 101 -19.15 4.29 -8.35
C GLN F 101 -20.54 4.80 -7.92
N GLU F 102 -20.67 5.13 -6.63
CA GLU F 102 -21.91 5.69 -6.04
C GLU F 102 -22.34 6.92 -6.85
N GLY F 103 -23.59 6.92 -7.33
CA GLY F 103 -24.21 8.04 -8.05
C GLY F 103 -23.83 8.12 -9.52
N GLU F 104 -22.96 7.23 -10.01
CA GLU F 104 -22.49 7.24 -11.42
C GLU F 104 -23.57 6.58 -12.28
N SER F 105 -23.88 7.14 -13.46
CA SER F 105 -24.85 6.58 -14.43
C SER F 105 -24.17 5.45 -15.22
N ARG F 106 -24.96 4.49 -15.72
CA ARG F 106 -24.49 3.37 -16.58
C ARG F 106 -23.70 3.95 -17.76
N LEU F 107 -24.24 4.99 -18.41
CA LEU F 107 -23.62 5.64 -19.60
C LEU F 107 -22.22 6.13 -19.23
N ASN F 108 -22.08 6.81 -18.10
CA ASN F 108 -20.78 7.41 -17.67
C ASN F 108 -19.78 6.29 -17.42
N LEU F 109 -20.23 5.20 -16.79
CA LEU F 109 -19.37 4.03 -16.47
C LEU F 109 -18.83 3.44 -17.78
N VAL F 110 -19.71 3.15 -18.74
CA VAL F 110 -19.33 2.54 -20.04
C VAL F 110 -18.34 3.48 -20.73
N GLN F 111 -18.59 4.80 -20.68
CA GLN F 111 -17.74 5.83 -21.34
C GLN F 111 -16.33 5.77 -20.70
N ARG F 112 -16.24 5.62 -19.38
CA ARG F 112 -14.94 5.52 -18.67
C ARG F 112 -14.23 4.25 -19.11
N ASN F 113 -14.97 3.15 -19.32
CA ASN F 113 -14.43 1.87 -19.86
C ASN F 113 -13.96 2.09 -21.30
N VAL F 114 -14.74 2.82 -22.10
CA VAL F 114 -14.38 3.16 -23.50
C VAL F 114 -13.03 3.89 -23.51
N ASN F 115 -12.88 4.88 -22.64
CA ASN F 115 -11.66 5.73 -22.58
C ASN F 115 -10.46 4.86 -22.20
N ILE F 116 -10.65 3.88 -21.31
CA ILE F 116 -9.57 2.91 -20.90
C ILE F 116 -9.24 2.02 -22.10
N PHE F 117 -10.26 1.52 -22.81
CA PHE F 117 -10.10 0.61 -23.98
C PHE F 117 -9.42 1.36 -25.13
N LYS F 118 -9.58 2.69 -25.19
CA LYS F 118 -8.94 3.55 -26.23
C LYS F 118 -7.43 3.59 -26.02
N PHE F 119 -6.93 3.25 -24.83
CA PHE F 119 -5.49 3.06 -24.54
C PHE F 119 -5.10 1.59 -24.76
N ILE F 120 -5.89 0.64 -24.22
CA ILE F 120 -5.53 -0.80 -24.15
C ILE F 120 -5.57 -1.41 -25.56
N ILE F 121 -6.70 -1.31 -26.24
CA ILE F 121 -6.99 -2.10 -27.48
C ILE F 121 -6.02 -1.71 -28.60
N PRO F 122 -5.78 -0.41 -28.91
CA PRO F 122 -4.82 -0.04 -29.95
C PRO F 122 -3.39 -0.54 -29.67
N ASN F 123 -2.98 -0.55 -28.40
CA ASN F 123 -1.69 -1.11 -27.94
C ASN F 123 -1.66 -2.63 -28.19
N VAL F 124 -2.78 -3.33 -27.91
CA VAL F 124 -2.89 -4.80 -28.13
C VAL F 124 -2.73 -5.07 -29.63
N VAL F 125 -3.49 -4.35 -30.45
CA VAL F 125 -3.56 -4.46 -31.94
C VAL F 125 -2.18 -4.17 -32.55
N LYS F 126 -1.50 -3.13 -32.06
CA LYS F 126 -0.15 -2.75 -32.55
C LYS F 126 0.76 -3.97 -32.49
N TYR F 127 0.77 -4.71 -31.38
CA TYR F 127 1.80 -5.73 -31.06
C TYR F 127 1.34 -7.14 -31.47
N SER F 128 0.04 -7.39 -31.54
CA SER F 128 -0.56 -8.69 -31.95
C SER F 128 -1.70 -8.45 -32.92
N PRO F 129 -1.41 -7.98 -34.17
CA PRO F 129 -2.48 -7.63 -35.12
C PRO F 129 -3.39 -8.80 -35.53
N ASN F 130 -2.94 -10.05 -35.37
CA ASN F 130 -3.66 -11.28 -35.80
C ASN F 130 -4.31 -12.01 -34.61
N CYS F 131 -4.22 -11.45 -33.41
CA CYS F 131 -4.72 -12.08 -32.15
C CYS F 131 -6.24 -12.18 -32.19
N LYS F 132 -6.79 -13.14 -31.43
CA LYS F 132 -8.23 -13.15 -31.02
C LYS F 132 -8.33 -12.33 -29.72
N LEU F 133 -9.35 -11.49 -29.61
CA LEU F 133 -9.66 -10.71 -28.39
C LEU F 133 -10.79 -11.43 -27.66
N LEU F 134 -10.55 -11.80 -26.40
CA LEU F 134 -11.57 -12.34 -25.47
C LEU F 134 -11.79 -11.30 -24.37
N ILE F 135 -12.98 -10.70 -24.33
CA ILE F 135 -13.37 -9.64 -23.38
C ILE F 135 -14.11 -10.29 -22.21
N VAL F 136 -13.64 -10.02 -20.99
CA VAL F 136 -14.22 -10.56 -19.72
C VAL F 136 -14.82 -9.41 -18.92
N SER F 137 -14.17 -8.24 -18.94
CA SER F 137 -14.60 -6.97 -18.28
C SER F 137 -16.10 -6.78 -18.42
N ASN F 138 -16.78 -6.36 -17.34
CA ASN F 138 -18.24 -6.09 -17.33
C ASN F 138 -18.49 -4.60 -17.54
N PRO F 139 -19.63 -4.20 -18.15
CA PRO F 139 -20.60 -5.13 -18.74
C PRO F 139 -20.11 -5.68 -20.09
N VAL F 140 -20.14 -7.01 -20.22
CA VAL F 140 -19.27 -7.75 -21.19
C VAL F 140 -19.83 -7.59 -22.61
N ASP F 141 -21.16 -7.58 -22.77
CA ASP F 141 -21.80 -7.46 -24.10
C ASP F 141 -21.45 -6.10 -24.71
N ILE F 142 -21.53 -5.01 -23.95
CA ILE F 142 -21.20 -3.64 -24.42
C ILE F 142 -19.69 -3.53 -24.68
N LEU F 143 -18.85 -4.02 -23.77
CA LEU F 143 -17.38 -3.81 -23.86
C LEU F 143 -16.78 -4.69 -24.95
N THR F 144 -17.45 -5.78 -25.34
CA THR F 144 -17.07 -6.59 -26.53
C THR F 144 -17.27 -5.74 -27.79
N TYR F 145 -18.43 -5.07 -27.89
CA TYR F 145 -18.73 -4.08 -28.96
C TYR F 145 -17.62 -3.02 -29.00
N VAL F 146 -17.27 -2.46 -27.82
CA VAL F 146 -16.28 -1.36 -27.69
C VAL F 146 -14.95 -1.84 -28.27
N ALA F 147 -14.50 -3.04 -27.87
CA ALA F 147 -13.23 -3.64 -28.32
C ALA F 147 -13.29 -3.86 -29.84
N TRP F 148 -14.42 -4.33 -30.34
CA TRP F 148 -14.65 -4.58 -31.79
C TRP F 148 -14.47 -3.27 -32.57
N LYS F 149 -15.13 -2.19 -32.12
CA LYS F 149 -15.13 -0.88 -32.80
C LYS F 149 -13.70 -0.31 -32.83
N ILE F 150 -12.98 -0.33 -31.70
CA ILE F 150 -11.64 0.31 -31.58
C ILE F 150 -10.60 -0.52 -32.33
N SER F 151 -10.69 -1.85 -32.27
CA SER F 151 -9.71 -2.78 -32.88
C SER F 151 -9.84 -2.77 -34.40
N GLY F 152 -11.07 -2.60 -34.90
CA GLY F 152 -11.41 -2.76 -36.33
C GLY F 152 -11.22 -4.19 -36.79
N PHE F 153 -11.13 -5.13 -35.86
CA PHE F 153 -11.01 -6.60 -36.13
C PHE F 153 -12.32 -7.10 -36.73
N PRO F 154 -12.28 -8.18 -37.55
CA PRO F 154 -13.50 -8.85 -38.01
C PRO F 154 -14.21 -9.54 -36.84
N LYS F 155 -15.52 -9.73 -36.95
CA LYS F 155 -16.39 -10.18 -35.82
C LYS F 155 -15.93 -11.55 -35.29
N ASN F 156 -15.26 -12.36 -36.12
CA ASN F 156 -14.79 -13.72 -35.70
C ASN F 156 -13.70 -13.63 -34.63
N ARG F 157 -12.94 -12.54 -34.57
CA ARG F 157 -11.75 -12.42 -33.68
C ARG F 157 -12.08 -11.51 -32.47
N VAL F 158 -13.35 -11.23 -32.19
CA VAL F 158 -13.74 -10.41 -31.02
C VAL F 158 -14.92 -11.09 -30.31
N ILE F 159 -14.62 -11.69 -29.16
CA ILE F 159 -15.51 -12.60 -28.38
C ILE F 159 -15.63 -12.06 -26.96
N GLY F 160 -16.82 -12.16 -26.35
CA GLY F 160 -17.01 -11.86 -24.93
C GLY F 160 -17.34 -13.14 -24.15
N SER F 161 -16.87 -13.25 -22.91
CA SER F 161 -17.08 -14.42 -22.02
C SER F 161 -18.56 -14.76 -21.91
N GLY F 162 -19.43 -13.74 -22.04
CA GLY F 162 -20.88 -13.90 -22.24
C GLY F 162 -21.52 -14.83 -21.23
N CYS F 163 -22.32 -15.79 -21.71
CA CYS F 163 -23.17 -16.68 -20.87
C CYS F 163 -22.55 -18.09 -20.74
N ASN F 164 -21.24 -18.23 -20.94
CA ASN F 164 -20.55 -19.54 -20.87
C ASN F 164 -20.71 -20.10 -19.46
N LEU F 165 -20.44 -19.29 -18.43
CA LEU F 165 -20.53 -19.73 -17.00
C LEU F 165 -21.99 -19.95 -16.60
N ASP F 166 -22.87 -18.99 -16.90
CA ASP F 166 -24.29 -19.03 -16.48
C ASP F 166 -24.96 -20.27 -17.11
N SER F 167 -24.61 -20.61 -18.35
CA SER F 167 -25.14 -21.82 -19.04
C SER F 167 -24.70 -23.09 -18.30
N ALA F 168 -23.43 -23.15 -17.87
CA ALA F 168 -22.90 -24.28 -17.07
C ALA F 168 -23.71 -24.42 -15.78
N ARG F 169 -23.91 -23.32 -15.06
CA ARG F 169 -24.73 -23.27 -13.82
C ARG F 169 -26.13 -23.80 -14.11
N PHE F 170 -26.74 -23.36 -15.21
CA PHE F 170 -28.11 -23.73 -15.63
C PHE F 170 -28.18 -25.24 -15.83
N ARG F 171 -27.24 -25.76 -16.63
CA ARG F 171 -27.11 -27.21 -16.91
C ARG F 171 -26.98 -27.96 -15.58
N TYR F 172 -26.20 -27.43 -14.63
CA TYR F 172 -25.96 -28.11 -13.34
C TYR F 172 -27.29 -28.25 -12.58
N LEU F 173 -28.05 -27.15 -12.46
CA LEU F 173 -29.28 -27.08 -11.64
C LEU F 173 -30.40 -27.87 -12.33
N MET F 174 -30.44 -27.85 -13.66
CA MET F 174 -31.29 -28.76 -14.47
C MET F 174 -31.00 -30.21 -14.06
N GLY F 175 -29.72 -30.59 -14.02
CA GLY F 175 -29.26 -31.92 -13.58
C GLY F 175 -29.76 -32.25 -12.18
N GLU F 176 -29.61 -31.29 -11.26
CA GLU F 176 -30.04 -31.43 -9.83
C GLU F 176 -31.52 -31.84 -9.78
N ARG F 177 -32.37 -31.18 -10.58
CA ARG F 177 -33.83 -31.46 -10.67
C ARG F 177 -34.05 -32.90 -11.17
N LEU F 178 -33.25 -33.37 -12.13
CA LEU F 178 -33.48 -34.66 -12.84
C LEU F 178 -32.66 -35.80 -12.22
N GLY F 179 -31.80 -35.52 -11.23
CA GLY F 179 -30.88 -36.50 -10.63
C GLY F 179 -29.85 -36.99 -11.64
N VAL F 180 -29.28 -36.05 -12.41
CA VAL F 180 -28.33 -36.30 -13.53
C VAL F 180 -27.10 -35.41 -13.35
N HIS F 181 -25.91 -35.96 -13.63
CA HIS F 181 -24.61 -35.25 -13.60
C HIS F 181 -24.65 -34.09 -14.59
N PRO F 182 -24.06 -32.91 -14.26
CA PRO F 182 -24.12 -31.74 -15.15
C PRO F 182 -23.62 -31.99 -16.58
N LEU F 183 -22.71 -32.95 -16.73
CA LEU F 183 -22.02 -33.27 -18.01
C LEU F 183 -22.97 -34.00 -18.95
N SER F 184 -24.02 -34.64 -18.43
CA SER F 184 -25.01 -35.43 -19.21
C SER F 184 -26.28 -34.60 -19.45
N CYS F 185 -26.27 -33.33 -19.05
CA CYS F 185 -27.33 -32.32 -19.34
C CYS F 185 -26.87 -31.35 -20.44
N HIS F 186 -27.81 -30.92 -21.28
CA HIS F 186 -27.63 -29.85 -22.31
C HIS F 186 -28.72 -28.79 -22.13
N GLY F 187 -28.41 -27.56 -22.53
CA GLY F 187 -29.28 -26.39 -22.41
C GLY F 187 -28.44 -25.13 -22.36
N TRP F 188 -28.96 -24.01 -22.88
CA TRP F 188 -28.25 -22.70 -22.91
C TRP F 188 -29.03 -21.65 -22.12
N VAL F 189 -28.30 -20.65 -21.65
CA VAL F 189 -28.82 -19.31 -21.24
C VAL F 189 -28.23 -18.34 -22.27
N LEU F 190 -29.07 -17.66 -23.05
CA LEU F 190 -28.63 -16.80 -24.19
C LEU F 190 -28.98 -15.33 -23.92
N GLY F 191 -28.42 -14.45 -24.76
CA GLY F 191 -28.74 -13.01 -24.77
C GLY F 191 -27.79 -12.20 -23.92
N GLU F 192 -28.34 -11.24 -23.18
CA GLU F 192 -27.57 -10.29 -22.33
C GLU F 192 -27.08 -11.04 -21.09
N HIS F 193 -25.78 -10.96 -20.80
CA HIS F 193 -25.17 -11.49 -19.56
C HIS F 193 -25.87 -10.85 -18.36
N GLY F 194 -26.36 -11.66 -17.42
CA GLY F 194 -26.88 -11.20 -16.11
C GLY F 194 -28.37 -11.43 -15.97
N ASP F 195 -29.08 -10.45 -15.42
CA ASP F 195 -30.51 -10.56 -14.99
C ASP F 195 -31.42 -10.84 -16.19
N SER F 196 -31.11 -10.29 -17.37
CA SER F 196 -32.00 -10.28 -18.57
C SER F 196 -31.73 -11.50 -19.47
N SER F 197 -30.85 -12.42 -19.06
CA SER F 197 -30.45 -13.61 -19.85
C SER F 197 -31.66 -14.53 -20.02
N VAL F 198 -31.69 -15.31 -21.11
CA VAL F 198 -32.89 -16.08 -21.56
C VAL F 198 -32.62 -17.58 -21.45
N PRO F 199 -33.30 -18.29 -20.53
CA PRO F 199 -33.24 -19.74 -20.49
C PRO F 199 -34.01 -20.34 -21.67
N VAL F 200 -33.29 -20.92 -22.63
CA VAL F 200 -33.89 -21.53 -23.86
C VAL F 200 -34.36 -22.95 -23.52
N TRP F 201 -35.63 -23.05 -23.09
CA TRP F 201 -36.29 -24.31 -22.63
C TRP F 201 -36.32 -25.35 -23.74
N SER F 202 -36.55 -24.91 -24.99
CA SER F 202 -36.70 -25.77 -26.19
C SER F 202 -35.45 -26.64 -26.37
N GLY F 203 -34.26 -26.06 -26.10
CA GLY F 203 -32.95 -26.70 -26.30
C GLY F 203 -32.57 -27.67 -25.19
N MET F 204 -33.20 -27.59 -24.01
CA MET F 204 -32.84 -28.43 -22.83
C MET F 204 -33.20 -29.89 -23.13
N ASN F 205 -32.25 -30.81 -22.95
CA ASN F 205 -32.43 -32.27 -23.22
C ASN F 205 -31.40 -33.09 -22.45
N VAL F 206 -31.70 -34.38 -22.23
CA VAL F 206 -30.74 -35.42 -21.78
C VAL F 206 -30.75 -36.52 -22.85
N ALA F 207 -29.59 -36.76 -23.48
CA ALA F 207 -29.41 -37.82 -24.50
C ALA F 207 -30.37 -37.64 -25.66
N GLY F 208 -30.66 -36.39 -26.05
CA GLY F 208 -31.50 -36.05 -27.21
C GLY F 208 -33.00 -36.17 -26.94
N VAL F 209 -33.40 -36.55 -25.73
CA VAL F 209 -34.82 -36.54 -25.28
C VAL F 209 -35.10 -35.14 -24.73
N SER F 210 -35.76 -34.27 -25.50
CA SER F 210 -36.00 -32.84 -25.14
C SER F 210 -37.01 -32.76 -23.99
N LEU F 211 -36.68 -32.00 -22.95
CA LEU F 211 -37.48 -31.80 -21.72
C LEU F 211 -38.86 -31.24 -22.08
N LYS F 212 -38.91 -30.27 -23.00
CA LYS F 212 -40.17 -29.56 -23.38
C LYS F 212 -41.14 -30.53 -24.06
N THR F 213 -40.64 -31.54 -24.79
CA THR F 213 -41.49 -32.58 -25.44
C THR F 213 -42.26 -33.35 -24.35
N LEU F 214 -41.59 -33.79 -23.29
CA LEU F 214 -42.19 -34.63 -22.23
C LEU F 214 -43.07 -33.80 -21.29
N HIS F 215 -42.84 -32.49 -21.23
CA HIS F 215 -43.50 -31.56 -20.27
C HIS F 215 -43.67 -30.19 -20.94
N PRO F 216 -44.71 -30.02 -21.79
CA PRO F 216 -44.82 -28.83 -22.65
C PRO F 216 -44.98 -27.53 -21.86
N ASP F 217 -45.43 -27.63 -20.60
CA ASP F 217 -45.67 -26.46 -19.71
C ASP F 217 -44.35 -26.01 -19.04
N LEU F 218 -43.23 -26.69 -19.30
CA LEU F 218 -41.88 -26.32 -18.77
C LEU F 218 -41.56 -24.84 -19.05
N GLY F 219 -41.35 -24.05 -17.99
CA GLY F 219 -40.82 -22.67 -18.07
C GLY F 219 -41.90 -21.61 -18.15
N THR F 220 -43.18 -21.99 -18.31
CA THR F 220 -44.36 -21.08 -18.33
C THR F 220 -44.81 -20.81 -16.89
N ASP F 221 -45.74 -19.87 -16.69
CA ASP F 221 -46.29 -19.50 -15.35
C ASP F 221 -47.13 -20.64 -14.78
N LYS F 222 -47.73 -21.47 -15.64
CA LYS F 222 -48.59 -22.62 -15.23
C LYS F 222 -47.74 -23.90 -15.13
N ASP F 223 -46.44 -23.78 -14.85
CA ASP F 223 -45.50 -24.93 -14.68
C ASP F 223 -45.61 -25.45 -13.24
N LYS F 224 -46.19 -26.64 -13.07
CA LYS F 224 -46.44 -27.23 -11.73
C LYS F 224 -45.11 -27.51 -11.03
N GLU F 225 -44.00 -27.69 -11.78
CA GLU F 225 -42.64 -27.98 -11.26
C GLU F 225 -41.84 -26.68 -11.11
N GLN F 226 -42.30 -25.59 -11.74
CA GLN F 226 -41.77 -24.21 -11.54
C GLN F 226 -40.30 -24.12 -11.95
N TRP F 227 -40.01 -24.47 -13.20
CA TRP F 227 -38.62 -24.49 -13.73
C TRP F 227 -38.08 -23.06 -13.90
N LYS F 228 -38.94 -22.04 -13.80
CA LYS F 228 -38.48 -20.61 -13.78
C LYS F 228 -37.54 -20.40 -12.59
N GLU F 229 -37.76 -21.10 -11.47
CA GLU F 229 -36.93 -20.96 -10.23
C GLU F 229 -35.47 -21.36 -10.53
N VAL F 230 -35.23 -22.21 -11.53
CA VAL F 230 -33.87 -22.70 -11.91
C VAL F 230 -33.06 -21.51 -12.44
N HIS F 231 -33.58 -20.79 -13.44
CA HIS F 231 -32.92 -19.60 -14.04
C HIS F 231 -32.69 -18.51 -12.98
N LYS F 232 -33.66 -18.32 -12.09
CA LYS F 232 -33.59 -17.33 -10.97
C LYS F 232 -32.37 -17.69 -10.12
N GLN F 233 -32.22 -18.97 -9.75
CA GLN F 233 -31.13 -19.47 -8.88
C GLN F 233 -29.78 -19.29 -9.57
N VAL F 234 -29.71 -19.42 -10.91
CA VAL F 234 -28.48 -19.16 -11.72
C VAL F 234 -28.03 -17.71 -11.49
N VAL F 235 -28.97 -16.76 -11.52
CA VAL F 235 -28.69 -15.30 -11.37
C VAL F 235 -28.33 -15.00 -9.91
N GLU F 236 -29.13 -15.47 -8.95
CA GLU F 236 -28.90 -15.29 -7.49
C GLU F 236 -27.56 -15.93 -7.08
N SER F 237 -27.20 -17.05 -7.72
CA SER F 237 -25.94 -17.81 -7.52
C SER F 237 -24.74 -16.85 -7.48
N ALA F 238 -24.61 -16.00 -8.50
CA ALA F 238 -23.48 -15.07 -8.69
C ALA F 238 -23.45 -14.02 -7.57
N TYR F 239 -24.62 -13.46 -7.22
CA TYR F 239 -24.76 -12.43 -6.15
C TYR F 239 -24.36 -13.03 -4.80
N GLU F 240 -24.77 -14.27 -4.51
CA GLU F 240 -24.53 -14.91 -3.19
C GLU F 240 -23.02 -15.12 -3.02
N VAL F 241 -22.30 -15.43 -4.10
CA VAL F 241 -20.81 -15.55 -4.05
C VAL F 241 -20.23 -14.20 -3.62
N ILE F 242 -20.69 -13.11 -4.24
CA ILE F 242 -20.19 -11.73 -3.97
C ILE F 242 -20.53 -11.35 -2.52
N LYS F 243 -21.75 -11.64 -2.06
CA LYS F 243 -22.17 -11.30 -0.67
C LYS F 243 -21.26 -12.03 0.32
N LEU F 244 -21.05 -13.34 0.13
CA LEU F 244 -20.35 -14.23 1.10
C LEU F 244 -18.85 -13.99 1.08
N LYS F 245 -18.25 -13.85 -0.10
CA LYS F 245 -16.77 -13.90 -0.27
C LYS F 245 -16.22 -12.49 -0.57
N GLY F 246 -17.02 -11.61 -1.16
CA GLY F 246 -16.65 -10.22 -1.50
C GLY F 246 -16.64 -9.97 -3.00
N TYR F 247 -16.24 -10.97 -3.79
CA TYR F 247 -16.03 -10.90 -5.26
C TYR F 247 -16.09 -12.33 -5.80
N THR F 248 -16.13 -12.51 -7.13
CA THR F 248 -15.98 -13.83 -7.79
C THR F 248 -14.65 -13.86 -8.55
N SER F 249 -13.85 -14.91 -8.36
CA SER F 249 -12.56 -15.12 -9.08
C SER F 249 -12.54 -16.49 -9.75
N TRP F 250 -12.59 -17.58 -8.98
CA TRP F 250 -12.34 -18.95 -9.48
C TRP F 250 -13.31 -19.32 -10.61
N ALA F 251 -14.59 -18.97 -10.46
CA ALA F 251 -15.67 -19.36 -11.40
C ALA F 251 -15.41 -18.70 -12.76
N ILE F 252 -15.20 -17.39 -12.78
CA ILE F 252 -14.94 -16.65 -14.05
C ILE F 252 -13.62 -17.15 -14.63
N GLY F 253 -12.61 -17.33 -13.79
CA GLY F 253 -11.29 -17.81 -14.23
C GLY F 253 -11.40 -19.08 -15.06
N LEU F 254 -12.17 -20.05 -14.57
CA LEU F 254 -12.25 -21.40 -15.18
C LEU F 254 -13.16 -21.35 -16.42
N SER F 255 -14.17 -20.49 -16.42
CA SER F 255 -15.03 -20.26 -17.62
C SER F 255 -14.17 -19.68 -18.73
N VAL F 256 -13.34 -18.68 -18.43
CA VAL F 256 -12.44 -18.04 -19.41
C VAL F 256 -11.45 -19.08 -19.95
N ALA F 257 -10.93 -19.93 -19.06
CA ALA F 257 -9.94 -20.99 -19.40
C ALA F 257 -10.59 -22.01 -20.35
N ASP F 258 -11.87 -22.34 -20.13
CA ASP F 258 -12.68 -23.22 -21.01
C ASP F 258 -12.69 -22.65 -22.43
N LEU F 259 -12.93 -21.35 -22.56
CA LEU F 259 -13.02 -20.66 -23.88
C LEU F 259 -11.62 -20.63 -24.50
N ALA F 260 -10.59 -20.33 -23.71
CA ALA F 260 -9.19 -20.30 -24.16
C ALA F 260 -8.83 -21.69 -24.70
N GLU F 261 -9.28 -22.76 -24.05
CA GLU F 261 -8.95 -24.15 -24.45
C GLU F 261 -9.50 -24.38 -25.87
N SER F 262 -10.77 -24.10 -26.08
CA SER F 262 -11.46 -24.32 -27.39
C SER F 262 -10.72 -23.55 -28.49
N ILE F 263 -10.26 -22.34 -28.19
CA ILE F 263 -9.57 -21.46 -29.18
C ILE F 263 -8.16 -22.01 -29.43
N MET F 264 -7.37 -22.19 -28.37
CA MET F 264 -5.92 -22.49 -28.49
C MET F 264 -5.71 -23.90 -29.06
N LYS F 265 -6.64 -24.82 -28.82
CA LYS F 265 -6.50 -26.25 -29.24
C LYS F 265 -7.44 -26.55 -30.40
N ASN F 266 -8.07 -25.53 -30.99
CA ASN F 266 -8.94 -25.67 -32.20
C ASN F 266 -9.92 -26.83 -31.97
N LEU F 267 -10.70 -26.78 -30.90
CA LEU F 267 -11.60 -27.90 -30.49
C LEU F 267 -12.91 -27.84 -31.25
N ARG F 268 -13.27 -26.67 -31.79
CA ARG F 268 -14.55 -26.42 -32.52
C ARG F 268 -15.70 -26.90 -31.64
N ARG F 269 -15.69 -26.51 -30.36
CA ARG F 269 -16.77 -26.75 -29.37
C ARG F 269 -17.71 -25.54 -29.37
N VAL F 270 -18.96 -25.78 -28.99
CA VAL F 270 -20.04 -24.74 -28.95
C VAL F 270 -20.03 -24.06 -27.59
N HIS F 271 -19.96 -22.73 -27.57
CA HIS F 271 -20.05 -21.90 -26.34
C HIS F 271 -21.02 -20.75 -26.57
N PRO F 272 -21.88 -20.44 -25.58
CA PRO F 272 -22.74 -19.27 -25.65
C PRO F 272 -21.95 -18.01 -25.25
N VAL F 273 -21.30 -17.37 -26.22
CA VAL F 273 -20.37 -16.23 -26.00
C VAL F 273 -20.94 -15.00 -26.69
N SER F 274 -20.58 -13.81 -26.21
CA SER F 274 -21.00 -12.51 -26.80
C SER F 274 -20.37 -12.38 -28.19
N THR F 275 -21.20 -12.29 -29.22
CA THR F 275 -20.79 -12.09 -30.63
C THR F 275 -21.76 -11.12 -31.30
N MET F 276 -21.33 -10.51 -32.41
CA MET F 276 -22.15 -9.57 -33.21
C MET F 276 -23.40 -10.29 -33.70
N ILE F 277 -24.57 -9.76 -33.34
CA ILE F 277 -25.89 -10.45 -33.45
C ILE F 277 -26.76 -9.76 -34.52
N LYS F 278 -26.24 -8.74 -35.20
CA LYS F 278 -27.01 -7.98 -36.23
C LYS F 278 -27.42 -8.94 -37.34
N GLY F 279 -28.70 -8.93 -37.72
CA GLY F 279 -29.26 -9.80 -38.77
C GLY F 279 -30.20 -10.83 -38.18
N LEU F 280 -29.95 -11.27 -36.94
CA LEU F 280 -30.73 -12.32 -36.25
C LEU F 280 -31.78 -11.69 -35.34
N TYR F 281 -32.93 -12.36 -35.20
CA TYR F 281 -33.99 -12.08 -34.20
C TYR F 281 -34.57 -10.68 -34.41
N GLY F 282 -34.57 -10.20 -35.67
CA GLY F 282 -35.08 -8.87 -36.07
C GLY F 282 -34.30 -7.74 -35.42
N ILE F 283 -32.99 -7.92 -35.21
CA ILE F 283 -32.08 -6.90 -34.64
C ILE F 283 -31.29 -6.29 -35.80
N LYS F 284 -31.40 -4.96 -35.95
CA LYS F 284 -30.83 -4.16 -37.08
C LYS F 284 -29.52 -3.48 -36.63
N ASP F 285 -29.33 -3.28 -35.33
CA ASP F 285 -28.23 -2.48 -34.72
C ASP F 285 -26.97 -3.34 -34.54
N ASP F 286 -25.81 -2.68 -34.45
CA ASP F 286 -24.49 -3.30 -34.14
C ASP F 286 -24.39 -3.60 -32.63
N VAL F 287 -25.08 -4.61 -32.13
CA VAL F 287 -24.95 -5.06 -30.70
C VAL F 287 -24.39 -6.47 -30.66
N PHE F 288 -23.78 -6.82 -29.52
CA PHE F 288 -23.29 -8.17 -29.19
C PHE F 288 -24.20 -8.77 -28.11
N LEU F 289 -24.58 -10.03 -28.29
CA LEU F 289 -25.30 -10.86 -27.30
C LEU F 289 -24.75 -12.29 -27.40
N SER F 290 -25.04 -13.13 -26.40
CA SER F 290 -24.59 -14.55 -26.35
C SER F 290 -25.55 -15.41 -27.20
N VAL F 291 -25.01 -16.08 -28.21
CA VAL F 291 -25.65 -17.22 -28.93
C VAL F 291 -24.61 -18.32 -29.06
N PRO F 292 -25.03 -19.58 -29.28
CA PRO F 292 -24.09 -20.69 -29.41
C PRO F 292 -23.17 -20.46 -30.62
N CYS F 293 -21.86 -20.38 -30.35
CA CYS F 293 -20.79 -20.17 -31.35
C CYS F 293 -19.81 -21.33 -31.30
N ILE F 294 -19.26 -21.69 -32.45
CA ILE F 294 -18.21 -22.73 -32.57
C ILE F 294 -16.87 -22.00 -32.47
N LEU F 295 -16.09 -22.29 -31.43
CA LEU F 295 -14.77 -21.63 -31.14
C LEU F 295 -13.62 -22.54 -31.58
N GLY F 296 -12.63 -21.95 -32.26
CA GLY F 296 -11.44 -22.65 -32.77
C GLY F 296 -10.29 -21.68 -32.94
N GLN F 297 -9.27 -22.08 -33.70
CA GLN F 297 -7.98 -21.35 -33.77
C GLN F 297 -8.15 -19.96 -34.41
N ASN F 298 -9.25 -19.70 -35.12
CA ASN F 298 -9.52 -18.37 -35.75
C ASN F 298 -10.70 -17.69 -35.02
N GLY F 299 -10.97 -18.08 -33.78
CA GLY F 299 -12.08 -17.54 -32.98
C GLY F 299 -13.40 -18.18 -33.38
N ILE F 300 -14.43 -17.36 -33.57
CA ILE F 300 -15.80 -17.83 -33.93
C ILE F 300 -15.81 -18.19 -35.42
N SER F 301 -15.90 -19.46 -35.75
CA SER F 301 -15.96 -19.95 -37.16
C SER F 301 -17.42 -20.05 -37.64
N ASP F 302 -18.37 -20.29 -36.72
CA ASP F 302 -19.81 -20.49 -37.07
C ASP F 302 -20.69 -20.07 -35.89
N LEU F 303 -21.92 -19.63 -36.17
CA LEU F 303 -23.02 -19.52 -35.17
C LEU F 303 -23.98 -20.68 -35.42
N VAL F 304 -24.59 -21.22 -34.37
CA VAL F 304 -25.78 -22.09 -34.48
C VAL F 304 -26.98 -21.15 -34.40
N LYS F 305 -27.85 -21.22 -35.42
CA LYS F 305 -29.08 -20.41 -35.54
C LYS F 305 -30.15 -21.09 -34.68
N VAL F 306 -30.24 -20.70 -33.41
CA VAL F 306 -31.25 -21.26 -32.47
C VAL F 306 -32.60 -20.65 -32.82
N THR F 307 -33.61 -21.50 -33.02
CA THR F 307 -35.02 -21.09 -33.16
C THR F 307 -35.53 -20.67 -31.77
N LEU F 308 -35.96 -19.41 -31.62
CA LEU F 308 -36.51 -18.84 -30.37
C LEU F 308 -38.01 -18.60 -30.54
N THR F 309 -38.78 -18.67 -29.44
CA THR F 309 -40.24 -18.37 -29.41
C THR F 309 -40.43 -16.86 -29.66
N SER F 310 -41.67 -16.37 -29.66
CA SER F 310 -42.00 -14.93 -29.77
C SER F 310 -41.43 -14.18 -28.56
N GLU F 311 -41.67 -14.72 -27.36
CA GLU F 311 -41.29 -14.13 -26.04
C GLU F 311 -39.76 -14.07 -25.91
N GLU F 312 -39.07 -15.11 -26.36
CA GLU F 312 -37.58 -15.22 -26.32
C GLU F 312 -36.98 -14.15 -27.28
N GLU F 313 -37.51 -14.03 -28.49
CA GLU F 313 -37.11 -12.97 -29.47
C GLU F 313 -37.31 -11.59 -28.84
N ALA F 314 -38.45 -11.36 -28.18
CA ALA F 314 -38.82 -10.07 -27.55
C ALA F 314 -37.76 -9.67 -26.52
N ARG F 315 -37.33 -10.61 -25.68
CA ARG F 315 -36.37 -10.38 -24.57
C ARG F 315 -35.00 -10.01 -25.15
N LEU F 316 -34.55 -10.69 -26.21
CA LEU F 316 -33.26 -10.39 -26.88
C LEU F 316 -33.38 -9.02 -27.57
N LYS F 317 -34.49 -8.78 -28.27
CA LYS F 317 -34.79 -7.50 -28.97
C LYS F 317 -34.74 -6.37 -27.93
N LYS F 318 -35.35 -6.56 -26.77
CA LYS F 318 -35.40 -5.53 -25.69
C LYS F 318 -33.97 -5.24 -25.20
N SER F 319 -33.18 -6.28 -24.93
CA SER F 319 -31.75 -6.19 -24.51
C SER F 319 -30.97 -5.40 -25.56
N ALA F 320 -31.10 -5.78 -26.84
CA ALA F 320 -30.42 -5.12 -27.98
C ALA F 320 -30.75 -3.63 -28.01
N ASP F 321 -32.02 -3.26 -27.79
CA ASP F 321 -32.49 -1.85 -27.76
C ASP F 321 -31.78 -1.12 -26.61
N THR F 322 -31.86 -1.65 -25.39
CA THR F 322 -31.19 -1.09 -24.18
C THR F 322 -29.70 -0.84 -24.47
N LEU F 323 -29.01 -1.84 -25.04
CA LEU F 323 -27.55 -1.81 -25.28
C LEU F 323 -27.23 -0.74 -26.34
N TRP F 324 -27.99 -0.71 -27.44
CA TRP F 324 -27.80 0.29 -28.52
C TRP F 324 -28.11 1.69 -27.97
N GLY F 325 -29.15 1.80 -27.15
CA GLY F 325 -29.54 3.03 -26.42
C GLY F 325 -28.36 3.68 -25.74
N ILE F 326 -27.44 2.87 -25.19
CA ILE F 326 -26.20 3.34 -24.52
C ILE F 326 -25.08 3.47 -25.56
N GLN F 327 -24.92 2.48 -26.43
CA GLN F 327 -23.78 2.42 -27.39
C GLN F 327 -23.80 3.66 -28.29
N LYS F 328 -24.98 4.14 -28.67
CA LYS F 328 -25.14 5.26 -29.64
C LYS F 328 -24.73 6.59 -28.99
N GLU F 329 -24.69 6.66 -27.65
CA GLU F 329 -24.34 7.89 -26.87
C GLU F 329 -22.84 7.90 -26.53
N LEU F 330 -22.10 6.85 -26.84
CA LEU F 330 -20.65 6.75 -26.51
C LEU F 330 -19.82 7.60 -27.47
N GLN F 331 -18.71 8.15 -27.01
CA GLN F 331 -17.79 9.00 -27.83
C GLN F 331 -16.46 8.27 -28.01
N PHE F 332 -16.18 7.83 -29.26
CA PHE F 332 -14.89 7.23 -29.66
C PHE F 332 -14.05 8.34 -30.30
N ALA G 2 -33.84 -23.92 -49.15
CA ALA G 2 -32.61 -23.83 -48.29
C ALA G 2 -32.39 -25.16 -47.54
N THR G 3 -31.15 -25.67 -47.57
CA THR G 3 -30.75 -26.98 -46.99
C THR G 3 -30.82 -26.91 -45.45
N LEU G 4 -30.80 -28.07 -44.80
CA LEU G 4 -30.77 -28.20 -43.32
C LEU G 4 -29.49 -27.55 -42.78
N LYS G 5 -28.36 -27.82 -43.44
CA LYS G 5 -27.03 -27.20 -43.16
C LYS G 5 -27.18 -25.68 -43.05
N ASP G 6 -27.79 -25.02 -44.03
CA ASP G 6 -27.87 -23.53 -44.11
C ASP G 6 -28.89 -23.01 -43.09
N GLN G 7 -29.92 -23.78 -42.76
CA GLN G 7 -30.94 -23.40 -41.75
C GLN G 7 -30.37 -23.49 -40.33
N LEU G 8 -29.41 -24.38 -40.09
CA LEU G 8 -28.87 -24.70 -38.73
C LEU G 8 -27.62 -23.88 -38.42
N ILE G 9 -26.73 -23.71 -39.41
CA ILE G 9 -25.36 -23.16 -39.24
C ILE G 9 -25.18 -21.94 -40.13
N TYR G 10 -24.82 -20.80 -39.54
CA TYR G 10 -24.30 -19.60 -40.23
C TYR G 10 -22.77 -19.63 -40.11
N ASN G 11 -22.09 -19.80 -41.24
CA ASN G 11 -20.61 -19.92 -41.32
C ASN G 11 -19.98 -18.53 -41.46
N LEU G 12 -18.89 -18.26 -40.72
CA LEU G 12 -18.11 -16.98 -40.82
C LEU G 12 -16.82 -17.22 -41.62
N LEU G 13 -16.19 -18.40 -41.53
CA LEU G 13 -14.82 -18.69 -42.03
C LEU G 13 -14.74 -20.04 -42.73
N LYS G 14 -13.72 -20.28 -43.55
CA LYS G 14 -13.72 -21.37 -44.59
C LYS G 14 -12.70 -22.46 -44.27
N THR G 18 -4.14 -24.84 -42.37
CA THR G 18 -2.81 -25.53 -42.33
C THR G 18 -2.56 -26.10 -40.94
N PRO G 19 -1.94 -27.31 -40.84
CA PRO G 19 -1.58 -27.89 -39.55
C PRO G 19 -0.26 -27.32 -39.00
N GLN G 20 -0.14 -27.20 -37.68
CA GLN G 20 1.04 -26.57 -37.01
C GLN G 20 1.88 -27.64 -36.30
N ASN G 21 1.36 -28.87 -36.16
CA ASN G 21 2.00 -29.96 -35.37
C ASN G 21 1.79 -31.29 -36.09
N LYS G 22 2.19 -31.35 -37.36
CA LYS G 22 2.00 -32.53 -38.23
C LYS G 22 3.13 -33.52 -37.99
N ILE G 23 2.78 -34.78 -37.77
CA ILE G 23 3.73 -35.91 -37.65
C ILE G 23 3.40 -36.90 -38.77
N THR G 24 4.44 -37.44 -39.42
CA THR G 24 4.34 -38.58 -40.36
C THR G 24 4.97 -39.82 -39.73
N VAL G 25 4.32 -40.97 -39.86
CA VAL G 25 4.92 -42.31 -39.58
C VAL G 25 5.03 -43.03 -40.92
N VAL G 26 6.27 -43.34 -41.32
CA VAL G 26 6.60 -44.15 -42.52
C VAL G 26 6.73 -45.61 -42.06
N GLY G 27 5.85 -46.48 -42.58
CA GLY G 27 5.79 -47.92 -42.24
C GLY G 27 4.68 -48.19 -41.25
N VAL G 28 3.68 -49.00 -41.65
CA VAL G 28 2.49 -49.33 -40.81
C VAL G 28 2.49 -50.84 -40.50
N GLY G 29 3.68 -51.42 -40.31
CA GLY G 29 3.88 -52.68 -39.58
C GLY G 29 3.59 -52.49 -38.11
N ALA G 30 3.82 -53.53 -37.30
CA ALA G 30 3.47 -53.55 -35.86
C ALA G 30 4.11 -52.32 -35.17
N VAL G 31 5.37 -52.04 -35.46
CA VAL G 31 6.18 -50.96 -34.82
C VAL G 31 5.58 -49.60 -35.23
N GLY G 32 5.33 -49.40 -36.52
CA GLY G 32 4.75 -48.15 -37.04
C GLY G 32 3.42 -47.82 -36.39
N MET G 33 2.53 -48.80 -36.30
CA MET G 33 1.14 -48.58 -35.82
C MET G 33 1.17 -48.40 -34.29
N ALA G 34 2.13 -49.05 -33.61
CA ALA G 34 2.36 -48.85 -32.17
C ALA G 34 2.83 -47.41 -31.92
N CYS G 35 3.75 -46.90 -32.75
CA CYS G 35 4.17 -45.48 -32.74
C CYS G 35 2.93 -44.59 -32.95
N ALA G 36 2.10 -44.91 -33.95
CA ALA G 36 0.94 -44.11 -34.37
C ALA G 36 -0.07 -44.01 -33.23
N ILE G 37 -0.50 -45.14 -32.65
CA ILE G 37 -1.54 -45.15 -31.58
C ILE G 37 -0.98 -44.41 -30.35
N SER G 38 0.28 -44.64 -30.00
CA SER G 38 0.93 -44.01 -28.82
C SER G 38 0.99 -42.49 -29.00
N ILE G 39 1.31 -42.02 -30.21
CA ILE G 39 1.41 -40.57 -30.53
C ILE G 39 0.01 -39.94 -30.50
N LEU G 40 -0.98 -40.58 -31.11
CA LEU G 40 -2.40 -40.11 -31.11
C LEU G 40 -2.86 -39.83 -29.68
N MET G 41 -2.57 -40.76 -28.77
CA MET G 41 -3.20 -40.82 -27.42
C MET G 41 -2.46 -39.94 -26.43
N LYS G 42 -1.25 -39.49 -26.76
CA LYS G 42 -0.50 -38.43 -26.02
C LYS G 42 -0.87 -37.07 -26.63
N ASP G 43 -1.68 -37.07 -27.69
CA ASP G 43 -2.23 -35.83 -28.29
C ASP G 43 -1.08 -34.91 -28.71
N LEU G 44 -0.17 -35.40 -29.54
CA LEU G 44 1.07 -34.67 -29.94
C LEU G 44 0.85 -33.99 -31.29
N ALA G 45 -0.06 -34.52 -32.11
CA ALA G 45 -0.21 -34.11 -33.51
C ALA G 45 -1.62 -33.58 -33.77
N ASP G 46 -1.75 -32.47 -34.49
CA ASP G 46 -3.05 -31.99 -35.01
C ASP G 46 -3.27 -32.58 -36.41
N GLU G 47 -2.22 -33.03 -37.10
CA GLU G 47 -2.30 -33.86 -38.34
C GLU G 47 -1.33 -35.03 -38.24
N LEU G 48 -1.80 -36.25 -38.53
CA LEU G 48 -0.99 -37.49 -38.56
C LEU G 48 -1.09 -38.10 -39.96
N ALA G 49 0.04 -38.33 -40.61
CA ALA G 49 0.15 -38.96 -41.94
C ALA G 49 0.82 -40.34 -41.79
N LEU G 50 0.22 -41.37 -42.42
CA LEU G 50 0.78 -42.74 -42.49
C LEU G 50 1.17 -43.01 -43.95
N VAL G 51 2.38 -43.55 -44.16
CA VAL G 51 2.90 -43.89 -45.52
C VAL G 51 3.44 -45.32 -45.51
N ASP G 52 3.04 -46.12 -46.50
CA ASP G 52 3.58 -47.48 -46.79
C ASP G 52 3.18 -47.85 -48.22
N VAL G 53 3.66 -48.98 -48.73
CA VAL G 53 3.61 -49.35 -50.19
C VAL G 53 2.40 -50.27 -50.46
N ILE G 54 1.91 -50.97 -49.44
CA ILE G 54 0.71 -51.86 -49.53
C ILE G 54 -0.52 -51.00 -49.26
N GLU G 55 -1.27 -50.65 -50.31
CA GLU G 55 -2.25 -49.54 -50.32
C GLU G 55 -3.51 -49.90 -49.51
N ASP G 56 -3.97 -51.16 -49.61
CA ASP G 56 -5.18 -51.67 -48.93
C ASP G 56 -4.99 -51.59 -47.42
N LYS G 57 -4.01 -52.32 -46.91
CA LYS G 57 -3.63 -52.38 -45.48
C LYS G 57 -3.51 -50.94 -44.94
N LEU G 58 -2.82 -50.06 -45.68
CA LEU G 58 -2.53 -48.67 -45.26
C LEU G 58 -3.84 -47.92 -45.01
N LYS G 59 -4.74 -47.92 -45.99
CA LYS G 59 -6.04 -47.20 -45.91
C LYS G 59 -6.87 -47.81 -44.79
N GLY G 60 -6.81 -49.12 -44.60
CA GLY G 60 -7.54 -49.84 -43.55
C GLY G 60 -7.10 -49.40 -42.17
N GLU G 61 -5.79 -49.24 -41.97
CA GLU G 61 -5.19 -48.80 -40.68
C GLU G 61 -5.61 -47.35 -40.42
N MET G 62 -5.53 -46.49 -41.44
CA MET G 62 -5.96 -45.07 -41.35
C MET G 62 -7.41 -45.03 -40.84
N MET G 63 -8.30 -45.80 -41.43
CA MET G 63 -9.76 -45.78 -41.13
C MET G 63 -9.99 -46.27 -39.70
N ASP G 64 -9.31 -47.35 -39.31
CA ASP G 64 -9.43 -47.94 -37.95
C ASP G 64 -9.02 -46.87 -36.92
N LEU G 65 -7.87 -46.20 -37.14
CA LEU G 65 -7.38 -45.10 -36.27
C LEU G 65 -8.41 -43.96 -36.23
N GLN G 66 -8.83 -43.48 -37.38
CA GLN G 66 -9.80 -42.36 -37.53
C GLN G 66 -11.01 -42.63 -36.63
N HIS G 67 -11.62 -43.80 -36.74
CA HIS G 67 -12.87 -44.18 -36.01
C HIS G 67 -12.59 -44.15 -34.52
N GLY G 68 -11.49 -44.76 -34.09
CA GLY G 68 -11.03 -44.72 -32.68
C GLY G 68 -10.83 -43.28 -32.22
N SER G 69 -10.25 -42.44 -33.07
CA SER G 69 -9.84 -41.05 -32.73
C SER G 69 -11.07 -40.19 -32.42
N LEU G 70 -12.29 -40.70 -32.66
CA LEU G 70 -13.55 -40.00 -32.28
C LEU G 70 -13.66 -39.91 -30.75
N PHE G 71 -12.87 -40.69 -29.99
CA PHE G 71 -12.88 -40.74 -28.52
C PHE G 71 -11.65 -40.03 -27.92
N LEU G 72 -10.87 -39.36 -28.79
CA LEU G 72 -9.71 -38.50 -28.43
C LEU G 72 -9.99 -37.08 -28.89
N ARG G 73 -9.02 -36.18 -28.72
CA ARG G 73 -8.98 -34.87 -29.40
C ARG G 73 -8.69 -35.16 -30.88
N THR G 74 -9.75 -35.34 -31.68
CA THR G 74 -9.69 -35.90 -33.05
C THR G 74 -8.82 -35.03 -33.94
N PRO G 75 -7.65 -35.54 -34.40
CA PRO G 75 -6.80 -34.81 -35.34
C PRO G 75 -7.18 -35.16 -36.79
N LYS G 76 -6.56 -34.49 -37.76
CA LYS G 76 -6.66 -34.89 -39.18
C LYS G 76 -5.70 -36.06 -39.38
N ILE G 77 -6.21 -37.20 -39.84
CA ILE G 77 -5.38 -38.40 -40.18
C ILE G 77 -5.51 -38.65 -41.69
N VAL G 78 -4.37 -38.66 -42.40
CA VAL G 78 -4.28 -38.91 -43.86
C VAL G 78 -3.31 -40.08 -44.11
N SER G 79 -3.37 -40.69 -45.29
CA SER G 79 -2.49 -41.81 -45.68
C SER G 79 -2.37 -41.89 -47.21
N GLY G 80 -1.28 -42.49 -47.69
CA GLY G 80 -1.05 -42.75 -49.12
C GLY G 80 0.32 -43.34 -49.35
N LYS G 81 0.51 -44.02 -50.48
CA LYS G 81 1.86 -44.48 -50.92
C LYS G 81 2.66 -43.26 -51.39
N ASP G 82 1.96 -42.21 -51.85
CA ASP G 82 2.55 -40.94 -52.36
C ASP G 82 2.92 -40.02 -51.18
N TYR G 83 4.14 -39.51 -51.14
CA TYR G 83 4.69 -38.74 -49.99
C TYR G 83 4.10 -37.32 -49.94
N ASN G 84 3.26 -36.93 -50.91
CA ASN G 84 2.61 -35.59 -50.93
C ASN G 84 1.67 -35.44 -49.71
N VAL G 85 1.26 -36.55 -49.09
CA VAL G 85 0.41 -36.53 -47.86
C VAL G 85 1.26 -36.12 -46.66
N THR G 86 2.60 -36.16 -46.76
CA THR G 86 3.53 -35.87 -45.63
C THR G 86 3.95 -34.40 -45.61
N ALA G 87 3.41 -33.57 -46.50
CA ALA G 87 3.85 -32.16 -46.70
C ALA G 87 3.76 -31.39 -45.37
N ASN G 88 4.83 -30.64 -45.03
CA ASN G 88 4.88 -29.71 -43.87
C ASN G 88 4.79 -30.48 -42.54
N SER G 89 5.40 -31.66 -42.45
CA SER G 89 5.55 -32.41 -41.18
C SER G 89 6.61 -31.71 -40.32
N LYS G 90 6.36 -31.52 -39.03
CA LYS G 90 7.39 -31.05 -38.07
C LYS G 90 8.35 -32.23 -37.80
N LEU G 91 7.79 -33.44 -37.72
CA LEU G 91 8.52 -34.66 -37.32
C LEU G 91 8.11 -35.79 -38.26
N VAL G 92 9.09 -36.48 -38.85
CA VAL G 92 8.87 -37.67 -39.72
C VAL G 92 9.60 -38.84 -39.07
N ILE G 93 8.86 -39.91 -38.75
CA ILE G 93 9.34 -41.12 -38.04
C ILE G 93 9.44 -42.26 -39.06
N ILE G 94 10.66 -42.77 -39.26
CA ILE G 94 10.96 -43.86 -40.24
C ILE G 94 11.03 -45.19 -39.48
N THR G 95 10.09 -46.09 -39.78
CA THR G 95 10.04 -47.49 -39.24
C THR G 95 10.24 -48.51 -40.35
N ALA G 96 10.08 -48.12 -41.63
CA ALA G 96 10.22 -48.99 -42.82
C ALA G 96 11.67 -49.46 -42.95
N GLY G 97 11.86 -50.56 -43.68
CA GLY G 97 13.19 -51.13 -43.94
C GLY G 97 13.10 -52.59 -44.28
N ALA G 98 14.24 -53.26 -44.33
CA ALA G 98 14.36 -54.71 -44.61
C ALA G 98 14.92 -55.38 -43.37
N ARG G 99 14.47 -56.61 -43.09
CA ARG G 99 14.96 -57.42 -41.94
C ARG G 99 15.99 -58.43 -42.45
N GLN G 100 17.04 -58.69 -41.67
CA GLN G 100 18.14 -59.64 -42.01
C GLN G 100 17.52 -61.02 -42.27
N GLN G 101 17.90 -61.66 -43.38
CA GLN G 101 17.47 -63.04 -43.75
C GLN G 101 18.59 -64.01 -43.38
N GLU G 102 18.27 -65.28 -43.16
CA GLU G 102 19.28 -66.28 -42.67
C GLU G 102 20.42 -66.35 -43.69
N GLY G 103 21.67 -66.18 -43.22
CA GLY G 103 22.88 -66.25 -44.05
C GLY G 103 23.17 -64.98 -44.85
N GLU G 104 22.35 -63.93 -44.70
CA GLU G 104 22.63 -62.58 -45.24
C GLU G 104 23.66 -61.90 -44.36
N SER G 105 24.66 -61.22 -44.96
CA SER G 105 25.73 -60.48 -44.24
C SER G 105 25.17 -59.13 -43.77
N ARG G 106 25.74 -58.59 -42.68
CA ARG G 106 25.40 -57.25 -42.13
C ARG G 106 25.46 -56.22 -43.25
N LEU G 107 26.55 -56.23 -44.04
CA LEU G 107 26.79 -55.25 -45.14
C LEU G 107 25.62 -55.30 -46.13
N ASN G 108 25.22 -56.51 -46.54
CA ASN G 108 24.16 -56.67 -47.57
C ASN G 108 22.85 -56.14 -47.01
N LEU G 109 22.55 -56.42 -45.74
CA LEU G 109 21.30 -55.97 -45.09
C LEU G 109 21.25 -54.44 -45.08
N VAL G 110 22.32 -53.81 -44.61
CA VAL G 110 22.40 -52.32 -44.52
C VAL G 110 22.23 -51.75 -45.93
N GLN G 111 22.87 -52.36 -46.93
CA GLN G 111 22.81 -51.88 -48.35
C GLN G 111 21.37 -51.95 -48.85
N ARG G 112 20.63 -53.01 -48.51
CA ARG G 112 19.20 -53.16 -48.92
C ARG G 112 18.39 -52.03 -48.26
N ASN G 113 18.70 -51.71 -47.00
CA ASN G 113 18.07 -50.59 -46.26
C ASN G 113 18.45 -49.26 -46.91
N VAL G 114 19.71 -49.09 -47.31
CA VAL G 114 20.21 -47.87 -47.99
C VAL G 114 19.38 -47.67 -49.27
N ASN G 115 19.19 -48.73 -50.05
CA ASN G 115 18.47 -48.65 -51.35
C ASN G 115 17.03 -48.21 -51.10
N ILE G 116 16.40 -48.69 -50.02
CA ILE G 116 15.02 -48.31 -49.61
C ILE G 116 15.02 -46.83 -49.19
N PHE G 117 16.00 -46.41 -48.40
CA PHE G 117 16.12 -45.01 -47.87
C PHE G 117 16.40 -44.04 -49.02
N LYS G 118 17.01 -44.52 -50.11
CA LYS G 118 17.29 -43.70 -51.31
C LYS G 118 15.98 -43.33 -52.03
N PHE G 119 14.89 -44.05 -51.77
CA PHE G 119 13.53 -43.70 -52.24
C PHE G 119 12.81 -42.86 -51.17
N ILE G 120 12.86 -43.29 -49.91
CA ILE G 120 12.04 -42.70 -48.81
C ILE G 120 12.53 -41.28 -48.49
N ILE G 121 13.82 -41.13 -48.16
CA ILE G 121 14.35 -39.89 -47.53
C ILE G 121 14.25 -38.71 -48.49
N PRO G 122 14.65 -38.82 -49.79
CA PRO G 122 14.49 -37.69 -50.72
C PRO G 122 13.03 -37.23 -50.90
N ASN G 123 12.09 -38.19 -50.88
CA ASN G 123 10.63 -37.92 -50.93
C ASN G 123 10.21 -37.17 -49.66
N VAL G 124 10.73 -37.56 -48.48
CA VAL G 124 10.41 -36.90 -47.18
C VAL G 124 10.89 -35.46 -47.25
N VAL G 125 12.15 -35.27 -47.67
CA VAL G 125 12.86 -33.95 -47.75
C VAL G 125 12.15 -33.04 -48.74
N LYS G 126 11.74 -33.58 -49.89
CA LYS G 126 11.01 -32.81 -50.92
C LYS G 126 9.81 -32.10 -50.28
N TYR G 127 9.02 -32.81 -49.47
CA TYR G 127 7.68 -32.36 -49.02
C TYR G 127 7.73 -31.69 -47.63
N SER G 128 8.74 -32.02 -46.82
CA SER G 128 8.95 -31.42 -45.47
C SER G 128 10.42 -31.07 -45.30
N PRO G 129 10.94 -30.05 -46.02
CA PRO G 129 12.37 -29.72 -45.97
C PRO G 129 12.90 -29.28 -44.59
N ASN G 130 12.01 -28.82 -43.69
CA ASN G 130 12.37 -28.29 -42.34
C ASN G 130 12.07 -29.31 -41.23
N CYS G 131 11.61 -30.51 -41.58
CA CYS G 131 11.21 -31.56 -40.60
C CYS G 131 12.42 -32.03 -39.80
N LYS G 132 12.17 -32.57 -38.60
CA LYS G 132 13.12 -33.43 -37.86
C LYS G 132 12.88 -34.88 -38.33
N LEU G 133 13.95 -35.62 -38.58
CA LEU G 133 13.90 -37.06 -38.93
C LEU G 133 14.21 -37.85 -37.66
N LEU G 134 13.30 -38.73 -37.26
CA LEU G 134 13.51 -39.72 -36.16
C LEU G 134 13.54 -41.12 -36.80
N ILE G 135 14.70 -41.77 -36.75
CA ILE G 135 14.94 -43.12 -37.36
C ILE G 135 14.75 -44.17 -36.26
N VAL G 136 13.89 -45.15 -36.52
CA VAL G 136 13.59 -46.27 -35.59
C VAL G 136 14.10 -47.59 -36.19
N SER G 137 14.00 -47.74 -37.53
CA SER G 137 14.46 -48.91 -38.31
C SER G 137 15.81 -49.39 -37.81
N ASN G 138 16.01 -50.71 -37.69
CA ASN G 138 17.29 -51.31 -37.24
C ASN G 138 18.12 -51.74 -38.45
N PRO G 139 19.47 -51.74 -38.35
CA PRO G 139 20.20 -51.26 -37.18
C PRO G 139 20.25 -49.72 -37.14
N VAL G 140 19.86 -49.14 -36.01
CA VAL G 140 19.36 -47.74 -35.93
C VAL G 140 20.53 -46.76 -36.03
N ASP G 141 21.69 -47.09 -35.45
CA ASP G 141 22.88 -46.20 -35.45
C ASP G 141 23.36 -46.00 -36.89
N ILE G 142 23.44 -47.08 -37.68
CA ILE G 142 23.88 -47.02 -39.11
C ILE G 142 22.81 -46.30 -39.95
N LEU G 143 21.54 -46.63 -39.76
CA LEU G 143 20.46 -46.11 -40.65
C LEU G 143 20.17 -44.64 -40.33
N THR G 144 20.52 -44.17 -39.13
CA THR G 144 20.47 -42.72 -38.79
C THR G 144 21.53 -42.00 -39.64
N TYR G 145 22.75 -42.54 -39.70
CA TYR G 145 23.84 -42.05 -40.59
C TYR G 145 23.32 -42.02 -42.03
N VAL G 146 22.69 -43.09 -42.49
CA VAL G 146 22.20 -43.23 -43.89
C VAL G 146 21.23 -42.10 -44.19
N ALA G 147 20.26 -41.87 -43.29
CA ALA G 147 19.24 -40.81 -43.40
C ALA G 147 19.91 -39.44 -43.44
N TRP G 148 20.91 -39.25 -42.57
CA TRP G 148 21.70 -37.99 -42.48
C TRP G 148 22.39 -37.71 -43.82
N LYS G 149 23.07 -38.70 -44.38
CA LYS G 149 23.85 -38.57 -45.65
C LYS G 149 22.90 -38.22 -46.80
N ILE G 150 21.78 -38.93 -46.94
CA ILE G 150 20.86 -38.78 -48.11
C ILE G 150 20.08 -37.48 -47.97
N SER G 151 19.66 -37.11 -46.77
CA SER G 151 18.84 -35.90 -46.49
C SER G 151 19.67 -34.62 -46.68
N GLY G 152 20.96 -34.69 -46.33
CA GLY G 152 21.86 -33.53 -46.25
C GLY G 152 21.45 -32.56 -45.15
N PHE G 153 20.59 -33.02 -44.22
CA PHE G 153 20.11 -32.23 -43.06
C PHE G 153 21.26 -31.99 -42.08
N PRO G 154 21.22 -30.90 -41.30
CA PRO G 154 22.18 -30.70 -40.21
C PRO G 154 21.97 -31.72 -39.10
N LYS G 155 23.02 -32.02 -38.32
CA LYS G 155 23.03 -33.14 -37.35
C LYS G 155 21.92 -32.97 -36.30
N ASN G 156 21.45 -31.75 -36.04
CA ASN G 156 20.42 -31.47 -35.00
C ASN G 156 19.06 -32.05 -35.41
N ARG G 157 18.81 -32.20 -36.72
CA ARG G 157 17.48 -32.62 -37.24
C ARG G 157 17.50 -34.09 -37.71
N VAL G 158 18.50 -34.88 -37.32
CA VAL G 158 18.56 -36.32 -37.68
C VAL G 158 18.94 -37.12 -36.43
N ILE G 159 17.94 -37.81 -35.87
CA ILE G 159 17.98 -38.49 -34.55
C ILE G 159 17.58 -39.96 -34.75
N GLY G 160 18.24 -40.87 -34.03
CA GLY G 160 17.83 -42.28 -33.96
C GLY G 160 17.30 -42.64 -32.59
N SER G 161 16.28 -43.51 -32.52
CA SER G 161 15.62 -43.95 -31.26
C SER G 161 16.66 -44.46 -30.26
N GLY G 162 17.78 -45.00 -30.76
CA GLY G 162 18.99 -45.29 -29.98
C GLY G 162 18.70 -46.08 -28.72
N CYS G 163 19.25 -45.64 -27.59
CA CYS G 163 19.23 -46.36 -26.28
C CYS G 163 18.17 -45.77 -25.33
N ASN G 164 17.15 -45.07 -25.86
CA ASN G 164 16.08 -44.46 -25.02
C ASN G 164 15.36 -45.57 -24.24
N LEU G 165 14.95 -46.64 -24.93
CA LEU G 165 14.20 -47.77 -24.32
C LEU G 165 15.11 -48.57 -23.37
N ASP G 166 16.31 -48.94 -23.85
CA ASP G 166 17.25 -49.79 -23.09
C ASP G 166 17.64 -49.07 -21.79
N SER G 167 17.81 -47.75 -21.83
CA SER G 167 18.13 -46.92 -20.63
C SER G 167 16.98 -47.00 -19.62
N ALA G 168 15.73 -46.90 -20.09
CA ALA G 168 14.53 -47.03 -19.23
C ALA G 168 14.53 -48.40 -18.55
N ARG G 169 14.75 -49.46 -19.31
CA ARG G 169 14.86 -50.86 -18.80
C ARG G 169 15.95 -50.92 -17.72
N PHE G 170 17.11 -50.33 -18.00
CA PHE G 170 18.29 -50.32 -17.10
C PHE G 170 17.90 -49.66 -15.76
N ARG G 171 17.32 -48.47 -15.85
CA ARG G 171 16.82 -47.69 -14.69
C ARG G 171 15.85 -48.56 -13.90
N TYR G 172 14.95 -49.29 -14.59
CA TYR G 172 13.93 -50.12 -13.93
C TYR G 172 14.61 -51.20 -13.07
N LEU G 173 15.55 -51.93 -13.67
CA LEU G 173 16.20 -53.11 -13.04
C LEU G 173 17.15 -52.65 -11.93
N MET G 174 17.80 -51.51 -12.12
CA MET G 174 18.56 -50.79 -11.06
C MET G 174 17.62 -50.56 -9.87
N GLY G 175 16.43 -50.02 -10.12
CA GLY G 175 15.38 -49.80 -9.10
C GLY G 175 15.02 -51.09 -8.38
N GLU G 176 14.81 -52.17 -9.14
CA GLU G 176 14.45 -53.51 -8.62
C GLU G 176 15.49 -53.96 -7.58
N ARG G 177 16.78 -53.77 -7.87
CA ARG G 177 17.91 -54.11 -6.96
C ARG G 177 17.81 -53.29 -5.68
N LEU G 178 17.44 -52.00 -5.78
CA LEU G 178 17.49 -51.02 -4.66
C LEU G 178 16.15 -50.90 -3.93
N GLY G 179 15.10 -51.56 -4.43
CA GLY G 179 13.71 -51.45 -3.90
C GLY G 179 13.17 -50.03 -4.11
N VAL G 180 13.38 -49.47 -5.30
CA VAL G 180 13.03 -48.07 -5.69
C VAL G 180 12.26 -48.11 -7.02
N HIS G 181 11.22 -47.28 -7.14
CA HIS G 181 10.40 -47.08 -8.37
C HIS G 181 11.31 -46.61 -9.50
N PRO G 182 11.12 -47.08 -10.76
CA PRO G 182 12.00 -46.70 -11.88
C PRO G 182 12.15 -45.19 -12.10
N LEU G 183 11.13 -44.43 -11.70
CA LEU G 183 11.03 -42.97 -11.94
C LEU G 183 11.98 -42.22 -10.99
N SER G 184 12.36 -42.84 -9.86
CA SER G 184 13.25 -42.24 -8.83
C SER G 184 14.68 -42.74 -9.00
N CYS G 185 14.95 -43.50 -10.06
CA CYS G 185 16.31 -43.96 -10.47
C CYS G 185 16.79 -43.16 -11.69
N HIS G 186 18.10 -42.89 -11.75
CA HIS G 186 18.80 -42.28 -12.92
C HIS G 186 19.98 -43.16 -13.32
N GLY G 187 20.36 -43.10 -14.60
CA GLY G 187 21.43 -43.91 -15.20
C GLY G 187 21.18 -44.09 -16.69
N TRP G 188 22.24 -44.20 -17.49
CA TRP G 188 22.16 -44.36 -18.97
C TRP G 188 22.80 -45.65 -19.42
N VAL G 189 22.34 -46.14 -20.56
CA VAL G 189 23.04 -47.12 -21.42
C VAL G 189 23.38 -46.34 -22.69
N LEU G 190 24.67 -46.18 -23.02
CA LEU G 190 25.13 -45.33 -24.15
C LEU G 190 25.80 -46.18 -25.23
N GLY G 191 26.07 -45.57 -26.38
CA GLY G 191 26.85 -46.16 -27.48
C GLY G 191 25.97 -46.84 -28.51
N GLU G 192 26.40 -48.01 -28.99
CA GLU G 192 25.71 -48.79 -30.04
C GLU G 192 24.47 -49.45 -29.43
N HIS G 193 23.32 -49.27 -30.05
CA HIS G 193 22.04 -49.95 -29.71
C HIS G 193 22.28 -51.46 -29.77
N GLY G 194 21.96 -52.20 -28.70
CA GLY G 194 21.95 -53.67 -28.68
C GLY G 194 23.03 -54.24 -27.78
N ASP G 195 23.71 -55.31 -28.21
CA ASP G 195 24.64 -56.12 -27.38
C ASP G 195 25.81 -55.29 -26.88
N SER G 196 26.31 -54.34 -27.69
CA SER G 196 27.57 -53.59 -27.46
C SER G 196 27.35 -52.30 -26.66
N SER G 197 26.12 -52.06 -26.19
CA SER G 197 25.73 -50.83 -25.45
C SER G 197 26.48 -50.79 -24.10
N VAL G 198 26.72 -49.60 -23.58
CA VAL G 198 27.63 -49.35 -22.43
C VAL G 198 26.83 -48.86 -21.22
N PRO G 199 26.72 -49.66 -20.13
CA PRO G 199 26.14 -49.19 -18.90
C PRO G 199 27.11 -48.23 -18.19
N VAL G 200 26.77 -46.93 -18.16
CA VAL G 200 27.61 -45.87 -17.54
C VAL G 200 27.35 -45.85 -16.02
N TRP G 201 28.13 -46.64 -15.27
CA TRP G 201 27.99 -46.86 -13.81
C TRP G 201 28.17 -45.55 -13.04
N SER G 202 29.09 -44.69 -13.49
CA SER G 202 29.44 -43.40 -12.86
C SER G 202 28.19 -42.52 -12.70
N GLY G 203 27.31 -42.53 -13.71
CA GLY G 203 26.11 -41.68 -13.79
C GLY G 203 24.94 -42.20 -12.96
N MET G 204 24.94 -43.48 -12.57
CA MET G 204 23.80 -44.10 -11.84
C MET G 204 23.71 -43.50 -10.43
N ASN G 205 22.53 -43.04 -10.05
CA ASN G 205 22.27 -42.39 -8.72
C ASN G 205 20.78 -42.44 -8.37
N VAL G 206 20.47 -42.33 -7.08
CA VAL G 206 19.12 -42.04 -6.54
C VAL G 206 19.22 -40.75 -5.73
N ALA G 207 18.48 -39.71 -6.12
CA ALA G 207 18.40 -38.41 -5.42
C ALA G 207 19.79 -37.79 -5.28
N GLY G 208 20.64 -37.96 -6.30
CA GLY G 208 21.97 -37.33 -6.37
C GLY G 208 23.03 -38.08 -5.57
N VAL G 209 22.67 -39.16 -4.87
CA VAL G 209 23.63 -40.06 -4.16
C VAL G 209 24.11 -41.10 -5.19
N SER G 210 25.31 -40.93 -5.74
CA SER G 210 25.86 -41.79 -6.82
C SER G 210 26.18 -43.18 -6.26
N LEU G 211 25.72 -44.22 -6.96
CA LEU G 211 25.88 -45.65 -6.57
C LEU G 211 27.37 -45.99 -6.47
N LYS G 212 28.20 -45.52 -7.40
CA LYS G 212 29.64 -45.84 -7.48
C LYS G 212 30.38 -45.28 -6.24
N THR G 213 29.93 -44.15 -5.68
CA THR G 213 30.52 -43.54 -4.46
C THR G 213 30.35 -44.52 -3.29
N LEU G 214 29.16 -45.09 -3.10
CA LEU G 214 28.86 -45.98 -1.94
C LEU G 214 29.49 -47.37 -2.13
N HIS G 215 29.75 -47.77 -3.38
CA HIS G 215 30.18 -49.13 -3.77
C HIS G 215 31.12 -49.05 -4.97
N PRO G 216 32.41 -48.73 -4.75
CA PRO G 216 33.31 -48.40 -5.87
C PRO G 216 33.54 -49.58 -6.84
N ASP G 217 33.30 -50.81 -6.37
CA ASP G 217 33.49 -52.06 -7.15
C ASP G 217 32.28 -52.32 -8.07
N LEU G 218 31.24 -51.47 -8.02
CA LEU G 218 30.03 -51.58 -8.89
C LEU G 218 30.43 -51.72 -10.36
N GLY G 219 30.04 -52.82 -11.01
CA GLY G 219 30.15 -53.00 -12.48
C GLY G 219 31.44 -53.67 -12.93
N THR G 220 32.40 -53.88 -12.02
CA THR G 220 33.68 -54.60 -12.27
C THR G 220 33.43 -56.11 -12.11
N ASP G 221 34.42 -56.95 -12.49
CA ASP G 221 34.32 -58.43 -12.39
C ASP G 221 34.35 -58.87 -10.92
N LYS G 222 34.97 -58.08 -10.04
CA LYS G 222 35.09 -58.36 -8.58
C LYS G 222 33.92 -57.71 -7.82
N ASP G 223 32.77 -57.51 -8.47
CA ASP G 223 31.54 -56.94 -7.87
C ASP G 223 30.78 -58.06 -7.17
N LYS G 224 30.74 -58.04 -5.83
CA LYS G 224 30.11 -59.11 -5.03
C LYS G 224 28.60 -59.14 -5.28
N GLU G 225 28.00 -58.02 -5.72
CA GLU G 225 26.55 -57.89 -6.02
C GLU G 225 26.28 -58.14 -7.52
N GLN G 226 27.34 -58.12 -8.35
CA GLN G 226 27.30 -58.57 -9.77
C GLN G 226 26.35 -57.71 -10.58
N TRP G 227 26.56 -56.39 -10.59
CA TRP G 227 25.68 -55.42 -11.29
C TRP G 227 25.83 -55.55 -12.81
N LYS G 228 26.84 -56.29 -13.30
CA LYS G 228 26.96 -56.60 -14.75
C LYS G 228 25.73 -57.40 -15.20
N GLU G 229 25.14 -58.23 -14.33
CA GLU G 229 23.94 -59.05 -14.65
C GLU G 229 22.76 -58.16 -15.02
N VAL G 230 22.72 -56.92 -14.53
CA VAL G 230 21.62 -55.94 -14.79
C VAL G 230 21.62 -55.59 -16.28
N HIS G 231 22.77 -55.14 -16.81
CA HIS G 231 22.93 -54.77 -18.25
C HIS G 231 22.64 -55.98 -19.15
N LYS G 232 23.07 -57.17 -18.73
CA LYS G 232 22.85 -58.44 -19.47
C LYS G 232 21.33 -58.64 -19.61
N GLN G 233 20.59 -58.48 -18.50
CA GLN G 233 19.12 -58.69 -18.46
C GLN G 233 18.41 -57.65 -19.34
N VAL G 234 18.94 -56.43 -19.45
CA VAL G 234 18.41 -55.37 -20.36
C VAL G 234 18.45 -55.88 -21.80
N VAL G 235 19.55 -56.52 -22.20
CA VAL G 235 19.78 -57.02 -23.59
C VAL G 235 18.91 -58.27 -23.81
N GLU G 236 18.96 -59.24 -22.89
CA GLU G 236 18.16 -60.49 -22.95
C GLU G 236 16.66 -60.16 -22.95
N SER G 237 16.26 -59.11 -22.22
CA SER G 237 14.87 -58.58 -22.12
C SER G 237 14.22 -58.51 -23.50
N ALA G 238 14.88 -57.86 -24.46
CA ALA G 238 14.35 -57.61 -25.83
C ALA G 238 14.18 -58.93 -26.59
N TYR G 239 15.16 -59.84 -26.49
CA TYR G 239 15.16 -61.15 -27.19
C TYR G 239 14.00 -62.01 -26.64
N GLU G 240 13.78 -62.00 -25.32
CA GLU G 240 12.77 -62.87 -24.67
C GLU G 240 11.37 -62.41 -25.13
N VAL G 241 11.16 -61.12 -25.35
CA VAL G 241 9.87 -60.60 -25.91
C VAL G 241 9.68 -61.22 -27.29
N ILE G 242 10.70 -61.19 -28.14
CA ILE G 242 10.64 -61.72 -29.54
C ILE G 242 10.39 -63.24 -29.48
N LYS G 243 11.08 -63.98 -28.62
CA LYS G 243 10.90 -65.45 -28.50
C LYS G 243 9.45 -65.76 -28.12
N LEU G 244 8.91 -65.07 -27.10
CA LEU G 244 7.59 -65.39 -26.48
C LEU G 244 6.45 -64.92 -27.39
N LYS G 245 6.56 -63.73 -27.97
CA LYS G 245 5.40 -63.04 -28.61
C LYS G 245 5.55 -63.07 -30.14
N GLY G 246 6.79 -63.12 -30.64
CA GLY G 246 7.11 -63.18 -32.09
C GLY G 246 7.88 -61.94 -32.55
N TYR G 247 7.58 -60.78 -31.97
CA TYR G 247 8.11 -59.44 -32.36
C TYR G 247 7.94 -58.51 -31.16
N THR G 248 8.53 -57.32 -31.20
CA THR G 248 8.26 -56.24 -30.20
C THR G 248 7.55 -55.09 -30.92
N SER G 249 6.44 -54.59 -30.34
CA SER G 249 5.67 -53.44 -30.86
C SER G 249 5.50 -52.37 -29.77
N TRP G 250 4.79 -52.69 -28.68
CA TRP G 250 4.32 -51.69 -27.68
C TRP G 250 5.52 -50.93 -27.08
N ALA G 251 6.61 -51.64 -26.77
CA ALA G 251 7.77 -51.07 -26.05
C ALA G 251 8.44 -50.01 -26.92
N ILE G 252 8.73 -50.35 -28.18
CA ILE G 252 9.39 -49.41 -29.13
C ILE G 252 8.40 -48.26 -29.39
N GLY G 253 7.13 -48.57 -29.59
CA GLY G 253 6.09 -47.56 -29.86
C GLY G 253 6.11 -46.46 -28.82
N LEU G 254 6.16 -46.82 -27.54
CA LEU G 254 6.04 -45.87 -26.42
C LEU G 254 7.36 -45.13 -26.21
N SER G 255 8.49 -45.77 -26.49
CA SER G 255 9.82 -45.11 -26.47
C SER G 255 9.86 -44.02 -27.54
N VAL G 256 9.40 -44.34 -28.76
CA VAL G 256 9.35 -43.38 -29.88
C VAL G 256 8.43 -42.22 -29.51
N ALA G 257 7.29 -42.50 -28.88
CA ALA G 257 6.29 -41.50 -28.47
C ALA G 257 6.88 -40.55 -27.42
N ASP G 258 7.71 -41.10 -26.51
CA ASP G 258 8.46 -40.33 -25.49
C ASP G 258 9.33 -39.28 -26.20
N LEU G 259 10.06 -39.69 -27.24
CA LEU G 259 10.98 -38.80 -27.99
C LEU G 259 10.15 -37.78 -28.77
N ALA G 260 9.06 -38.22 -29.39
CA ALA G 260 8.14 -37.33 -30.14
C ALA G 260 7.61 -36.26 -29.19
N GLU G 261 7.28 -36.62 -27.94
CA GLU G 261 6.71 -35.67 -26.95
C GLU G 261 7.74 -34.56 -26.70
N SER G 262 8.98 -34.92 -26.37
CA SER G 262 10.06 -33.97 -26.06
C SER G 262 10.26 -33.00 -27.23
N ILE G 263 10.18 -33.51 -28.46
CA ILE G 263 10.40 -32.70 -29.70
C ILE G 263 9.18 -31.80 -29.92
N MET G 264 7.98 -32.38 -29.98
CA MET G 264 6.74 -31.66 -30.41
C MET G 264 6.33 -30.62 -29.36
N LYS G 265 6.64 -30.84 -28.08
CA LYS G 265 6.23 -29.94 -26.97
C LYS G 265 7.44 -29.17 -26.43
N ASN G 266 8.57 -29.22 -27.12
CA ASN G 266 9.79 -28.43 -26.78
C ASN G 266 10.07 -28.57 -25.28
N LEU G 267 10.22 -29.80 -24.79
CA LEU G 267 10.36 -30.10 -23.33
C LEU G 267 11.80 -29.91 -22.87
N ARG G 268 12.76 -29.97 -23.81
CA ARG G 268 14.22 -29.86 -23.55
C ARG G 268 14.58 -30.88 -22.45
N ARG G 269 14.12 -32.12 -22.63
CA ARG G 269 14.45 -33.29 -21.76
C ARG G 269 15.64 -34.03 -22.37
N VAL G 270 16.40 -34.73 -21.53
CA VAL G 270 17.62 -35.48 -21.93
C VAL G 270 17.21 -36.90 -22.33
N HIS G 271 17.62 -37.34 -23.51
CA HIS G 271 17.41 -38.72 -24.01
C HIS G 271 18.71 -39.24 -24.59
N PRO G 272 19.06 -40.52 -24.33
CA PRO G 272 20.22 -41.16 -24.95
C PRO G 272 19.83 -41.65 -26.36
N VAL G 273 19.98 -40.79 -27.36
CA VAL G 273 19.51 -41.04 -28.76
C VAL G 273 20.74 -41.06 -29.67
N SER G 274 20.64 -41.75 -30.81
CA SER G 274 21.72 -41.82 -31.83
C SER G 274 21.89 -40.43 -32.44
N THR G 275 23.09 -39.86 -32.29
CA THR G 275 23.49 -38.56 -32.88
C THR G 275 24.93 -38.65 -33.38
N MET G 276 25.31 -37.74 -34.28
CA MET G 276 26.67 -37.67 -34.86
C MET G 276 27.69 -37.45 -33.74
N ILE G 277 28.64 -38.37 -33.61
CA ILE G 277 29.53 -38.50 -32.43
C ILE G 277 30.99 -38.14 -32.82
N LYS G 278 31.23 -37.73 -34.07
CA LYS G 278 32.60 -37.35 -34.53
C LYS G 278 33.12 -36.19 -33.69
N GLY G 279 34.34 -36.30 -33.17
CA GLY G 279 34.99 -35.28 -32.33
C GLY G 279 35.12 -35.76 -30.90
N LEU G 280 34.19 -36.60 -30.43
CA LEU G 280 34.14 -37.08 -29.03
C LEU G 280 34.79 -38.45 -28.92
N TYR G 281 35.41 -38.73 -27.76
CA TYR G 281 35.93 -40.06 -27.33
C TYR G 281 36.96 -40.58 -28.35
N GLY G 282 37.72 -39.65 -28.97
CA GLY G 282 38.78 -39.94 -29.96
C GLY G 282 38.24 -40.63 -31.20
N ILE G 283 37.02 -40.29 -31.61
CA ILE G 283 36.36 -40.83 -32.84
C ILE G 283 36.48 -39.78 -33.95
N LYS G 284 37.09 -40.16 -35.07
CA LYS G 284 37.43 -39.27 -36.21
C LYS G 284 36.40 -39.41 -37.35
N ASP G 285 35.69 -40.55 -37.41
CA ASP G 285 34.80 -40.95 -38.53
C ASP G 285 33.39 -40.39 -38.34
N ASP G 286 32.62 -40.29 -39.43
CA ASP G 286 31.20 -39.87 -39.45
C ASP G 286 30.28 -41.01 -39.00
N VAL G 287 30.25 -41.34 -37.71
CA VAL G 287 29.34 -42.39 -37.16
C VAL G 287 28.38 -41.74 -36.16
N PHE G 288 27.24 -42.40 -35.92
CA PHE G 288 26.21 -42.04 -34.92
C PHE G 288 26.24 -43.09 -33.81
N LEU G 289 26.18 -42.63 -32.55
CA LEU G 289 26.01 -43.46 -31.34
C LEU G 289 25.11 -42.69 -30.36
N SER G 290 24.58 -43.39 -29.35
CA SER G 290 23.71 -42.79 -28.32
C SER G 290 24.57 -42.11 -27.24
N VAL G 291 24.36 -40.80 -27.07
CA VAL G 291 24.83 -40.02 -25.89
C VAL G 291 23.66 -39.16 -25.43
N PRO G 292 23.66 -38.69 -24.16
CA PRO G 292 22.55 -37.89 -23.66
C PRO G 292 22.44 -36.58 -24.45
N CYS G 293 21.29 -36.37 -25.09
CA CYS G 293 20.96 -35.19 -25.93
C CYS G 293 19.73 -34.49 -25.37
N ILE G 294 19.69 -33.18 -25.46
CA ILE G 294 18.51 -32.35 -25.07
C ILE G 294 17.65 -32.22 -26.33
N LEU G 295 16.43 -32.75 -26.28
CA LEU G 295 15.46 -32.76 -27.42
C LEU G 295 14.42 -31.66 -27.22
N GLY G 296 14.14 -30.91 -28.29
CA GLY G 296 13.16 -29.81 -28.30
C GLY G 296 12.65 -29.59 -29.71
N GLN G 297 12.04 -28.45 -29.97
CA GLN G 297 11.27 -28.19 -31.22
C GLN G 297 12.20 -28.16 -32.44
N ASN G 298 13.52 -28.02 -32.26
CA ASN G 298 14.50 -28.00 -33.38
C ASN G 298 15.36 -29.27 -33.33
N GLY G 299 14.86 -30.33 -32.68
CA GLY G 299 15.59 -31.60 -32.51
C GLY G 299 16.62 -31.49 -31.41
N ILE G 300 17.84 -31.96 -31.66
CA ILE G 300 18.95 -31.96 -30.67
C ILE G 300 19.51 -30.54 -30.58
N SER G 301 19.29 -29.85 -29.45
CA SER G 301 19.79 -28.48 -29.20
C SER G 301 21.16 -28.53 -28.51
N ASP G 302 21.44 -29.58 -27.73
CA ASP G 302 22.69 -29.72 -26.93
C ASP G 302 23.01 -31.20 -26.71
N LEU G 303 24.29 -31.54 -26.53
CA LEU G 303 24.75 -32.84 -25.96
C LEU G 303 25.20 -32.56 -24.52
N VAL G 304 25.00 -33.52 -23.63
CA VAL G 304 25.70 -33.55 -22.31
C VAL G 304 26.99 -34.33 -22.54
N LYS G 305 28.12 -33.71 -22.19
CA LYS G 305 29.47 -34.27 -22.37
C LYS G 305 29.74 -35.22 -21.21
N VAL G 306 29.40 -36.50 -21.39
CA VAL G 306 29.59 -37.53 -20.31
C VAL G 306 31.08 -37.87 -20.26
N THR G 307 31.69 -37.79 -19.08
CA THR G 307 33.05 -38.30 -18.81
C THR G 307 32.96 -39.82 -18.74
N LEU G 308 33.69 -40.53 -19.61
CA LEU G 308 33.74 -42.02 -19.67
C LEU G 308 35.11 -42.50 -19.18
N THR G 309 35.18 -43.70 -18.59
CA THR G 309 36.46 -44.36 -18.17
C THR G 309 37.25 -44.74 -19.43
N SER G 310 38.42 -45.37 -19.27
CA SER G 310 39.26 -45.89 -20.38
C SER G 310 38.48 -46.98 -21.12
N GLU G 311 37.91 -47.93 -20.37
CA GLU G 311 37.19 -49.13 -20.87
C GLU G 311 35.92 -48.70 -21.62
N GLU G 312 35.20 -47.71 -21.10
CA GLU G 312 33.95 -47.16 -21.71
C GLU G 312 34.29 -46.49 -23.05
N GLU G 313 35.34 -45.66 -23.10
CA GLU G 313 35.84 -45.02 -24.34
C GLU G 313 36.20 -46.11 -25.37
N ALA G 314 36.89 -47.17 -24.94
CA ALA G 314 37.34 -48.29 -25.80
C ALA G 314 36.14 -48.94 -26.50
N ARG G 315 35.07 -49.21 -25.74
CA ARG G 315 33.84 -49.90 -26.23
C ARG G 315 33.14 -49.03 -27.28
N LEU G 316 33.03 -47.72 -27.05
CA LEU G 316 32.42 -46.77 -28.02
C LEU G 316 33.31 -46.68 -29.27
N LYS G 317 34.63 -46.54 -29.06
CA LYS G 317 35.64 -46.48 -30.14
C LYS G 317 35.53 -47.75 -31.00
N LYS G 318 35.40 -48.92 -30.36
CA LYS G 318 35.32 -50.23 -31.07
C LYS G 318 34.04 -50.25 -31.92
N SER G 319 32.91 -49.84 -31.34
CA SER G 319 31.59 -49.75 -32.04
C SER G 319 31.73 -48.82 -33.25
N ALA G 320 32.28 -47.63 -33.05
CA ALA G 320 32.51 -46.62 -34.12
C ALA G 320 33.31 -47.23 -35.27
N ASP G 321 34.38 -47.98 -34.96
CA ASP G 321 35.24 -48.65 -35.96
C ASP G 321 34.39 -49.66 -36.76
N THR G 322 33.71 -50.57 -36.07
CA THR G 322 32.82 -51.60 -36.68
C THR G 322 31.81 -50.92 -37.62
N LEU G 323 31.16 -49.85 -37.17
CA LEU G 323 30.09 -49.13 -37.91
C LEU G 323 30.68 -48.47 -39.16
N TRP G 324 31.82 -47.78 -39.01
CA TRP G 324 32.51 -47.12 -40.15
C TRP G 324 32.99 -48.19 -41.14
N GLY G 325 33.51 -49.32 -40.62
CA GLY G 325 33.93 -50.50 -41.39
C GLY G 325 32.87 -50.91 -42.41
N ILE G 326 31.59 -50.81 -42.02
CA ILE G 326 30.42 -51.12 -42.90
C ILE G 326 30.03 -49.88 -43.70
N GLN G 327 29.95 -48.72 -43.05
CA GLN G 327 29.43 -47.46 -43.67
C GLN G 327 30.28 -47.11 -44.91
N LYS G 328 31.60 -47.34 -44.84
CA LYS G 328 32.54 -46.94 -45.92
C LYS G 328 32.36 -47.82 -47.16
N GLU G 329 31.75 -49.01 -47.01
CA GLU G 329 31.52 -50.00 -48.11
C GLU G 329 30.15 -49.80 -48.74
N LEU G 330 29.30 -48.89 -48.21
CA LEU G 330 27.93 -48.69 -48.72
C LEU G 330 27.98 -47.89 -50.03
N GLN G 331 27.04 -48.12 -50.94
CA GLN G 331 26.93 -47.42 -52.25
C GLN G 331 25.68 -46.54 -52.25
N PHE G 332 25.87 -45.22 -52.24
CA PHE G 332 24.81 -44.20 -52.39
C PHE G 332 24.84 -43.74 -53.85
N ALA H 2 27.20 -54.65 4.84
CA ALA H 2 25.87 -54.04 4.49
C ALA H 2 25.79 -53.82 2.96
N THR H 3 24.67 -54.23 2.35
CA THR H 3 24.42 -54.16 0.89
C THR H 3 24.28 -52.70 0.45
N LEU H 4 24.38 -52.44 -0.86
CA LEU H 4 24.18 -51.10 -1.47
C LEU H 4 22.77 -50.62 -1.19
N LYS H 5 21.78 -51.50 -1.36
CA LYS H 5 20.34 -51.27 -1.04
C LYS H 5 20.22 -50.67 0.37
N ASP H 6 20.83 -51.29 1.39
CA ASP H 6 20.66 -50.90 2.81
C ASP H 6 21.44 -49.61 3.10
N GLN H 7 22.54 -49.37 2.38
CA GLN H 7 23.37 -48.14 2.54
C GLN H 7 22.66 -46.92 1.93
N LEU H 8 21.84 -47.12 0.89
CA LEU H 8 21.22 -46.04 0.07
C LEU H 8 19.81 -45.70 0.59
N ILE H 9 19.03 -46.73 0.95
CA ILE H 9 17.57 -46.62 1.23
C ILE H 9 17.29 -47.12 2.65
N TYR H 10 16.68 -46.27 3.47
CA TYR H 10 16.04 -46.66 4.76
C TYR H 10 14.54 -46.79 4.52
N ASN H 11 14.02 -48.02 4.61
CA ASN H 11 12.59 -48.33 4.36
C ASN H 11 11.80 -48.17 5.68
N LEU H 12 10.62 -47.56 5.63
CA LEU H 12 9.71 -47.39 6.81
C LEU H 12 8.57 -48.43 6.77
N LEU H 13 8.08 -48.80 5.58
CA LEU H 13 6.77 -49.47 5.33
C LEU H 13 6.93 -50.58 4.28
N LYS H 14 5.85 -51.33 4.06
CA LYS H 14 5.58 -52.24 2.91
C LYS H 14 4.65 -51.57 1.87
N GLN H 17 1.14 -53.60 -1.46
CA GLN H 17 -0.24 -53.47 -0.89
C GLN H 17 -1.29 -53.76 -1.99
N THR H 18 -2.58 -53.45 -1.75
CA THR H 18 -3.75 -53.83 -2.60
C THR H 18 -4.02 -52.76 -3.66
N PRO H 19 -4.41 -53.15 -4.90
CA PRO H 19 -4.79 -52.18 -5.93
C PRO H 19 -6.23 -51.71 -5.76
N GLN H 20 -6.53 -50.45 -6.12
CA GLN H 20 -7.86 -49.83 -5.91
C GLN H 20 -8.59 -49.63 -7.26
N ASN H 21 -7.89 -49.82 -8.38
CA ASN H 21 -8.43 -49.54 -9.74
C ASN H 21 -7.92 -50.61 -10.71
N LYS H 22 -8.17 -51.88 -10.39
CA LYS H 22 -7.68 -53.02 -11.18
C LYS H 22 -8.65 -53.30 -12.33
N ILE H 23 -8.11 -53.44 -13.54
CA ILE H 23 -8.87 -53.85 -14.75
C ILE H 23 -8.25 -55.16 -15.26
N THR H 24 -9.10 -56.11 -15.67
CA THR H 24 -8.69 -57.34 -16.39
C THR H 24 -9.18 -57.26 -17.84
N VAL H 25 -8.34 -57.65 -18.79
CA VAL H 25 -8.73 -57.90 -20.20
C VAL H 25 -8.57 -59.41 -20.45
N VAL H 26 -9.68 -60.08 -20.75
CA VAL H 26 -9.72 -61.52 -21.14
C VAL H 26 -9.65 -61.57 -22.67
N GLY H 27 -8.59 -62.18 -23.20
CA GLY H 27 -8.33 -62.31 -24.65
C GLY H 27 -7.32 -61.27 -25.11
N VAL H 28 -6.15 -61.71 -25.60
CA VAL H 28 -5.03 -60.83 -26.05
C VAL H 28 -4.82 -61.02 -27.57
N GLY H 29 -5.92 -61.23 -28.30
CA GLY H 29 -5.98 -60.98 -29.75
C GLY H 29 -5.90 -59.49 -30.05
N ALA H 30 -6.05 -59.11 -31.31
CA ALA H 30 -5.89 -57.70 -31.77
C ALA H 30 -6.79 -56.79 -30.94
N VAL H 31 -8.04 -57.19 -30.73
CA VAL H 31 -9.09 -56.40 -30.01
C VAL H 31 -8.68 -56.24 -28.55
N GLY H 32 -8.31 -57.34 -27.90
CA GLY H 32 -7.90 -57.34 -26.48
C GLY H 32 -6.74 -56.39 -26.24
N MET H 33 -5.69 -56.48 -27.08
CA MET H 33 -4.44 -55.72 -26.86
C MET H 33 -4.69 -54.25 -27.21
N ALA H 34 -5.58 -53.98 -28.16
CA ALA H 34 -6.00 -52.60 -28.51
C ALA H 34 -6.73 -51.99 -27.30
N CYS H 35 -7.63 -52.76 -26.65
CA CYS H 35 -8.28 -52.36 -25.37
C CYS H 35 -7.19 -52.06 -24.33
N ALA H 36 -6.22 -52.97 -24.20
CA ALA H 36 -5.17 -52.91 -23.15
C ALA H 36 -4.32 -51.63 -23.33
N ILE H 37 -3.79 -51.38 -24.52
CA ILE H 37 -2.89 -50.22 -24.78
C ILE H 37 -3.69 -48.93 -24.57
N SER H 38 -4.93 -48.88 -25.06
CA SER H 38 -5.82 -47.68 -24.95
C SER H 38 -6.11 -47.39 -23.47
N ILE H 39 -6.35 -48.42 -22.66
CA ILE H 39 -6.65 -48.28 -21.21
C ILE H 39 -5.40 -47.81 -20.46
N LEU H 40 -4.24 -48.41 -20.74
CA LEU H 40 -2.94 -48.03 -20.14
C LEU H 40 -2.71 -46.53 -20.29
N MET H 41 -2.94 -46.02 -21.51
CA MET H 41 -2.48 -44.68 -21.93
C MET H 41 -3.47 -43.60 -21.54
N LYS H 42 -4.69 -43.97 -21.16
CA LYS H 42 -5.68 -43.07 -20.50
C LYS H 42 -5.49 -43.14 -18.98
N ASP H 43 -4.57 -44.00 -18.52
CA ASP H 43 -4.15 -44.09 -17.09
C ASP H 43 -5.39 -44.39 -16.23
N LEU H 44 -6.11 -45.47 -16.54
CA LEU H 44 -7.39 -45.82 -15.87
C LEU H 44 -7.13 -46.83 -14.75
N ALA H 45 -6.06 -47.61 -14.85
CA ALA H 45 -5.81 -48.76 -13.97
C ALA H 45 -4.48 -48.61 -13.24
N ASP H 46 -4.46 -48.90 -11.94
CA ASP H 46 -3.20 -49.02 -11.16
C ASP H 46 -2.71 -50.48 -11.21
N GLU H 47 -3.60 -51.45 -11.51
CA GLU H 47 -3.22 -52.84 -11.87
C GLU H 47 -4.00 -53.29 -13.11
N LEU H 48 -3.29 -53.85 -14.08
CA LEU H 48 -3.86 -54.40 -15.35
C LEU H 48 -3.51 -55.89 -15.44
N ALA H 49 -4.51 -56.76 -15.58
CA ALA H 49 -4.35 -58.22 -15.73
C ALA H 49 -4.78 -58.63 -17.14
N LEU H 50 -3.96 -59.44 -17.82
CA LEU H 50 -4.25 -60.05 -19.15
C LEU H 50 -4.41 -61.56 -18.95
N VAL H 51 -5.45 -62.15 -19.54
CA VAL H 51 -5.74 -63.60 -19.46
C VAL H 51 -6.03 -64.12 -20.87
N ASP H 52 -5.38 -65.24 -21.23
CA ASP H 52 -5.65 -66.03 -22.46
C ASP H 52 -5.02 -67.42 -22.28
N VAL H 53 -5.22 -68.34 -23.24
CA VAL H 53 -4.92 -69.79 -23.10
C VAL H 53 -3.54 -70.10 -23.71
N ILE H 54 -3.07 -69.28 -24.65
CA ILE H 54 -1.73 -69.44 -25.29
C ILE H 54 -0.71 -68.70 -24.41
N GLU H 55 0.08 -69.45 -23.63
CA GLU H 55 0.84 -68.94 -22.45
C GLU H 55 2.05 -68.09 -22.92
N ASP H 56 2.73 -68.50 -23.99
CA ASP H 56 3.93 -67.81 -24.54
C ASP H 56 3.55 -66.41 -25.01
N LYS H 57 2.66 -66.35 -26.00
CA LYS H 57 2.13 -65.08 -26.59
C LYS H 57 1.68 -64.15 -25.44
N LEU H 58 0.96 -64.68 -24.45
CA LEU H 58 0.37 -63.90 -23.33
C LEU H 58 1.49 -63.21 -22.55
N LYS H 59 2.49 -63.97 -22.11
CA LYS H 59 3.62 -63.45 -21.30
C LYS H 59 4.41 -62.44 -22.16
N GLY H 60 4.55 -62.70 -23.45
CA GLY H 60 5.25 -61.81 -24.40
C GLY H 60 4.58 -60.45 -24.49
N GLU H 61 3.24 -60.44 -24.57
CA GLU H 61 2.43 -59.21 -24.67
C GLU H 61 2.56 -58.45 -23.34
N MET H 62 2.46 -59.15 -22.21
CA MET H 62 2.64 -58.55 -20.86
C MET H 62 3.97 -57.80 -20.82
N MET H 63 5.06 -58.46 -21.23
CA MET H 63 6.44 -57.91 -21.13
C MET H 63 6.58 -56.69 -22.05
N ASP H 64 6.04 -56.77 -23.27
CA ASP H 64 6.10 -55.68 -24.26
C ASP H 64 5.38 -54.46 -23.67
N LEU H 65 4.18 -54.65 -23.10
CA LEU H 65 3.39 -53.57 -22.43
C LEU H 65 4.20 -52.99 -21.27
N GLN H 66 4.68 -53.86 -20.37
CA GLN H 66 5.45 -53.46 -19.17
C GLN H 66 6.57 -52.49 -19.57
N HIS H 67 7.39 -52.87 -20.56
CA HIS H 67 8.59 -52.11 -21.00
C HIS H 67 8.12 -50.74 -21.52
N GLY H 68 7.10 -50.73 -22.37
CA GLY H 68 6.48 -49.48 -22.86
C GLY H 68 5.98 -48.63 -21.70
N SER H 69 5.37 -49.24 -20.69
CA SER H 69 4.69 -48.56 -19.57
C SER H 69 5.72 -47.80 -18.71
N LEU H 70 7.01 -47.98 -18.96
CA LEU H 70 8.08 -47.18 -18.30
C LEU H 70 7.99 -45.71 -18.71
N PHE H 71 7.28 -45.39 -19.79
CA PHE H 71 7.11 -44.02 -20.34
C PHE H 71 5.72 -43.46 -20.02
N LEU H 72 4.94 -44.18 -19.21
CA LEU H 72 3.61 -43.79 -18.67
C LEU H 72 3.71 -43.71 -17.15
N ARG H 73 2.59 -43.43 -16.49
CA ARG H 73 2.40 -43.67 -15.04
C ARG H 73 2.34 -45.20 -14.85
N THR H 74 3.50 -45.80 -14.61
CA THR H 74 3.71 -47.28 -14.69
C THR H 74 2.81 -47.98 -13.67
N PRO H 75 1.81 -48.78 -14.14
CA PRO H 75 0.98 -49.58 -13.25
C PRO H 75 1.58 -50.97 -13.04
N LYS H 76 0.98 -51.76 -12.15
CA LYS H 76 1.31 -53.20 -12.04
C LYS H 76 0.58 -53.92 -13.17
N ILE H 77 1.33 -54.62 -14.03
CA ILE H 77 0.76 -55.46 -15.13
C ILE H 77 1.10 -56.93 -14.84
N VAL H 78 0.08 -57.79 -14.74
CA VAL H 78 0.21 -59.26 -14.49
C VAL H 78 -0.51 -60.01 -15.62
N SER H 79 -0.21 -61.29 -15.78
CA SER H 79 -0.83 -62.17 -16.81
C SER H 79 -0.75 -63.64 -16.38
N GLY H 80 -1.65 -64.47 -16.91
CA GLY H 80 -1.67 -65.92 -16.68
C GLY H 80 -2.90 -66.55 -17.33
N LYS H 81 -2.84 -67.85 -17.61
CA LYS H 81 -4.02 -68.64 -18.04
C LYS H 81 -4.95 -68.82 -16.83
N ASP H 82 -4.40 -68.79 -15.61
CA ASP H 82 -5.11 -68.97 -14.32
C ASP H 82 -5.77 -67.65 -13.91
N TYR H 83 -7.07 -67.66 -13.60
CA TYR H 83 -7.87 -66.44 -13.33
C TYR H 83 -7.53 -65.83 -11.96
N ASN H 84 -6.65 -66.47 -11.17
CA ASN H 84 -6.23 -65.95 -9.84
C ASN H 84 -5.49 -64.61 -9.99
N VAL H 85 -4.98 -64.31 -11.19
CA VAL H 85 -4.30 -63.02 -11.49
C VAL H 85 -5.34 -61.91 -11.63
N THR H 86 -6.64 -62.24 -11.77
CA THR H 86 -7.73 -61.26 -12.00
C THR H 86 -8.39 -60.83 -10.68
N ALA H 87 -7.89 -61.31 -9.54
CA ALA H 87 -8.53 -61.12 -8.20
C ALA H 87 -8.73 -59.63 -7.93
N ASN H 88 -9.92 -59.24 -7.47
CA ASN H 88 -10.26 -57.87 -6.99
C ASN H 88 -10.21 -56.88 -8.14
N SER H 89 -10.64 -57.26 -9.35
CA SER H 89 -10.81 -56.34 -10.50
C SER H 89 -12.07 -55.49 -10.26
N LYS H 90 -12.00 -54.18 -10.49
CA LYS H 90 -13.21 -53.32 -10.51
C LYS H 90 -13.97 -53.61 -11.81
N LEU H 91 -13.24 -53.82 -12.89
CA LEU H 91 -13.79 -53.95 -14.27
C LEU H 91 -13.09 -55.12 -14.96
N VAL H 92 -13.87 -56.04 -15.51
CA VAL H 92 -13.35 -57.18 -16.31
C VAL H 92 -13.95 -57.09 -17.71
N ILE H 93 -13.08 -57.00 -18.72
CA ILE H 93 -13.43 -56.81 -20.16
C ILE H 93 -13.23 -58.14 -20.88
N ILE H 94 -14.31 -58.69 -21.43
CA ILE H 94 -14.32 -60.01 -22.14
C ILE H 94 -14.24 -59.76 -23.64
N THR H 95 -13.14 -60.17 -24.28
CA THR H 95 -12.93 -60.10 -25.75
C THR H 95 -12.85 -61.51 -26.36
N ALA H 96 -12.61 -62.54 -25.56
CA ALA H 96 -12.49 -63.96 -26.00
C ALA H 96 -13.84 -64.45 -26.54
N GLY H 97 -13.81 -65.49 -27.36
CA GLY H 97 -15.00 -66.10 -27.98
C GLY H 97 -14.64 -66.90 -29.21
N ALA H 98 -15.64 -67.38 -29.93
CA ALA H 98 -15.47 -68.17 -31.18
C ALA H 98 -16.05 -67.37 -32.33
N ARG H 99 -15.44 -67.51 -33.51
CA ARG H 99 -15.90 -66.86 -34.77
C ARG H 99 -16.63 -67.91 -35.62
N GLN H 100 -17.71 -67.50 -36.30
CA GLN H 100 -18.55 -68.36 -37.17
C GLN H 100 -17.67 -69.01 -38.24
N GLN H 101 -17.78 -70.32 -38.43
CA GLN H 101 -17.06 -71.10 -39.47
C GLN H 101 -18.00 -71.37 -40.65
N GLU H 102 -17.44 -71.72 -41.82
CA GLU H 102 -18.22 -72.02 -43.05
C GLU H 102 -19.21 -73.14 -42.73
N GLY H 103 -20.50 -72.90 -43.03
CA GLY H 103 -21.58 -73.89 -42.88
C GLY H 103 -22.11 -73.97 -41.46
N GLU H 104 -21.54 -73.22 -40.49
CA GLU H 104 -22.00 -73.23 -39.08
C GLU H 104 -23.24 -72.33 -38.96
N SER H 105 -24.26 -72.77 -38.22
CA SER H 105 -25.50 -71.98 -37.95
C SER H 105 -25.22 -70.96 -36.85
N ARG H 106 -25.96 -69.85 -36.84
CA ARG H 106 -25.90 -68.81 -35.79
C ARG H 106 -26.06 -69.47 -34.41
N LEU H 107 -27.05 -70.36 -34.26
CA LEU H 107 -27.36 -71.05 -32.98
C LEU H 107 -26.11 -71.81 -32.50
N ASN H 108 -25.46 -72.55 -33.40
CA ASN H 108 -24.29 -73.39 -33.02
C ASN H 108 -23.14 -72.48 -32.59
N LEU H 109 -22.94 -71.37 -33.28
CA LEU H 109 -21.87 -70.38 -32.96
C LEU H 109 -22.10 -69.83 -31.55
N VAL H 110 -23.31 -69.36 -31.27
CA VAL H 110 -23.65 -68.75 -29.95
C VAL H 110 -23.43 -69.82 -28.87
N GLN H 111 -23.84 -71.06 -29.14
CA GLN H 111 -23.72 -72.19 -28.18
C GLN H 111 -22.23 -72.42 -27.87
N ARG H 112 -21.37 -72.35 -28.88
CA ARG H 112 -19.90 -72.54 -28.70
C ARG H 112 -19.38 -71.40 -27.82
N ASN H 113 -19.88 -70.17 -28.02
CA ASN H 113 -19.54 -68.99 -27.19
C ASN H 113 -20.04 -69.22 -25.76
N VAL H 114 -21.27 -69.74 -25.61
CA VAL H 114 -21.86 -70.07 -24.28
C VAL H 114 -20.94 -71.03 -23.54
N ASN H 115 -20.49 -72.08 -24.22
CA ASN H 115 -19.65 -73.16 -23.61
C ASN H 115 -18.32 -72.54 -23.15
N ILE H 116 -17.77 -71.59 -23.91
CA ILE H 116 -16.52 -70.88 -23.55
C ILE H 116 -16.79 -70.01 -22.31
N PHE H 117 -17.91 -69.27 -22.30
CA PHE H 117 -18.30 -68.36 -21.20
C PHE H 117 -18.60 -69.16 -19.93
N LYS H 118 -19.00 -70.43 -20.06
CA LYS H 118 -19.27 -71.33 -18.91
C LYS H 118 -17.97 -71.67 -18.18
N PHE H 119 -16.81 -71.49 -18.82
CA PHE H 119 -15.46 -71.59 -18.18
C PHE H 119 -15.02 -70.20 -17.69
N ILE H 120 -15.15 -69.17 -18.53
CA ILE H 120 -14.56 -67.81 -18.28
C ILE H 120 -15.31 -67.14 -17.13
N ILE H 121 -16.63 -66.99 -17.24
CA ILE H 121 -17.43 -66.09 -16.37
C ILE H 121 -17.39 -66.59 -14.92
N PRO H 122 -17.62 -67.89 -14.62
CA PRO H 122 -17.54 -68.38 -13.24
C PRO H 122 -16.17 -68.16 -12.59
N ASN H 123 -15.10 -68.29 -13.37
CA ASN H 123 -13.70 -68.02 -12.94
C ASN H 123 -13.56 -66.52 -12.63
N VAL H 124 -14.14 -65.64 -13.46
CA VAL H 124 -14.09 -64.17 -13.25
C VAL H 124 -14.79 -63.85 -11.92
N VAL H 125 -16.01 -64.37 -11.75
CA VAL H 125 -16.91 -64.16 -10.58
C VAL H 125 -16.25 -64.68 -9.31
N LYS H 126 -15.62 -65.85 -9.37
CA LYS H 126 -14.91 -66.46 -8.21
C LYS H 126 -13.94 -65.44 -7.63
N TYR H 127 -13.14 -64.77 -8.47
CA TYR H 127 -11.95 -63.99 -8.05
C TYR H 127 -12.29 -62.50 -7.90
N SER H 128 -13.31 -62.00 -8.59
CA SER H 128 -13.78 -60.59 -8.52
C SER H 128 -15.30 -60.57 -8.41
N PRO H 129 -15.89 -61.00 -7.28
CA PRO H 129 -17.35 -61.09 -7.14
C PRO H 129 -18.10 -59.75 -7.28
N ASN H 130 -17.42 -58.62 -7.05
CA ASN H 130 -18.01 -57.25 -7.05
C ASN H 130 -17.68 -56.49 -8.35
N CYS H 131 -17.00 -57.13 -9.30
CA CYS H 131 -16.55 -56.48 -10.56
C CYS H 131 -17.75 -56.09 -11.43
N LYS H 132 -17.56 -55.09 -12.31
CA LYS H 132 -18.44 -54.85 -13.47
C LYS H 132 -17.90 -55.69 -14.62
N LEU H 133 -18.81 -56.34 -15.36
CA LEU H 133 -18.48 -57.10 -16.59
C LEU H 133 -18.80 -56.22 -17.79
N LEU H 134 -17.80 -55.98 -18.65
CA LEU H 134 -17.97 -55.31 -19.96
C LEU H 134 -17.70 -56.35 -21.05
N ILE H 135 -18.72 -56.71 -21.82
CA ILE H 135 -18.66 -57.74 -22.89
C ILE H 135 -18.44 -57.03 -24.23
N VAL H 136 -17.40 -57.44 -24.95
CA VAL H 136 -17.02 -56.87 -26.28
C VAL H 136 -17.24 -57.93 -27.37
N SER H 137 -16.95 -59.20 -27.05
CA SER H 137 -17.14 -60.39 -27.92
C SER H 137 -18.44 -60.29 -28.71
N ASN H 138 -18.44 -60.62 -29.99
CA ASN H 138 -19.63 -60.61 -30.86
C ASN H 138 -20.22 -62.02 -30.95
N PRO H 139 -21.57 -62.17 -31.14
CA PRO H 139 -22.50 -61.04 -31.17
C PRO H 139 -22.81 -60.52 -29.75
N VAL H 140 -22.65 -59.21 -29.56
CA VAL H 140 -22.39 -58.61 -28.23
C VAL H 140 -23.70 -58.58 -27.41
N ASP H 141 -24.84 -58.33 -28.04
CA ASP H 141 -26.15 -58.25 -27.35
C ASP H 141 -26.49 -59.61 -26.74
N ILE H 142 -26.29 -60.71 -27.49
CA ILE H 142 -26.56 -62.10 -27.01
C ILE H 142 -25.54 -62.47 -25.93
N LEU H 143 -24.25 -62.20 -26.14
CA LEU H 143 -23.19 -62.67 -25.23
C LEU H 143 -23.17 -61.86 -23.93
N THR H 144 -23.74 -60.65 -23.94
CA THR H 144 -23.98 -59.87 -22.69
C THR H 144 -25.04 -60.61 -21.86
N TYR H 145 -26.14 -61.03 -22.50
CA TYR H 145 -27.18 -61.89 -21.88
C TYR H 145 -26.52 -63.14 -21.29
N VAL H 146 -25.67 -63.80 -22.06
CA VAL H 146 -25.02 -65.08 -21.66
C VAL H 146 -24.22 -64.83 -20.38
N ALA H 147 -23.41 -63.76 -20.36
CA ALA H 147 -22.56 -63.37 -19.21
C ALA H 147 -23.45 -63.08 -18.01
N TRP H 148 -24.56 -62.38 -18.24
CA TRP H 148 -25.55 -62.02 -17.18
C TRP H 148 -26.10 -63.29 -16.55
N LYS H 149 -26.55 -64.25 -17.37
CA LYS H 149 -27.19 -65.51 -16.89
C LYS H 149 -26.19 -66.33 -16.07
N ILE H 150 -24.96 -66.49 -16.56
CA ILE H 150 -23.94 -67.38 -15.92
C ILE H 150 -23.38 -66.72 -14.65
N SER H 151 -23.19 -65.39 -14.67
CA SER H 151 -22.61 -64.63 -13.53
C SER H 151 -23.61 -64.54 -12.39
N GLY H 152 -24.91 -64.44 -12.72
CA GLY H 152 -25.99 -64.14 -11.76
C GLY H 152 -25.87 -62.75 -11.18
N PHE H 153 -25.07 -61.88 -11.82
CA PHE H 153 -24.86 -60.47 -11.43
C PHE H 153 -26.14 -59.69 -11.67
N PRO H 154 -26.39 -58.60 -10.90
CA PRO H 154 -27.49 -57.67 -11.20
C PRO H 154 -27.23 -56.93 -12.51
N LYS H 155 -28.30 -56.46 -13.17
CA LYS H 155 -28.26 -55.89 -14.55
C LYS H 155 -27.31 -54.69 -14.60
N ASN H 156 -27.09 -53.99 -13.48
CA ASN H 156 -26.24 -52.77 -13.45
C ASN H 156 -24.77 -53.12 -13.70
N ARG H 157 -24.34 -54.34 -13.37
CA ARG H 157 -22.91 -54.74 -13.42
C ARG H 157 -22.63 -55.64 -14.64
N VAL H 158 -23.52 -55.68 -15.63
CA VAL H 158 -23.31 -56.48 -16.87
C VAL H 158 -23.68 -55.63 -18.08
N ILE H 159 -22.65 -55.17 -18.80
CA ILE H 159 -22.73 -54.15 -19.89
C ILE H 159 -22.09 -54.74 -21.14
N GLY H 160 -22.66 -54.46 -22.31
CA GLY H 160 -22.03 -54.78 -23.61
C GLY H 160 -21.61 -53.52 -24.34
N SER H 161 -20.47 -53.57 -25.06
CA SER H 161 -19.90 -52.43 -25.82
C SER H 161 -20.96 -51.82 -26.76
N GLY H 162 -21.90 -52.65 -27.21
CA GLY H 162 -23.14 -52.21 -27.90
C GLY H 162 -22.87 -51.22 -29.03
N CYS H 163 -23.60 -50.11 -29.04
CA CYS H 163 -23.62 -49.12 -30.15
C CYS H 163 -22.80 -47.86 -29.80
N ASN H 164 -21.85 -47.97 -28.85
CA ASN H 164 -21.01 -46.81 -28.44
C ASN H 164 -20.21 -46.31 -29.64
N LEU H 165 -19.55 -47.20 -30.37
CA LEU H 165 -18.69 -46.85 -31.54
C LEU H 165 -19.58 -46.39 -32.71
N ASP H 166 -20.62 -47.15 -33.04
CA ASP H 166 -21.50 -46.87 -34.20
C ASP H 166 -22.16 -45.50 -34.01
N SER H 167 -22.55 -45.15 -32.78
CA SER H 167 -23.13 -43.82 -32.44
C SER H 167 -22.11 -42.72 -32.72
N ALA H 168 -20.85 -42.92 -32.34
CA ALA H 168 -19.74 -41.95 -32.60
C ALA H 168 -19.61 -41.75 -34.11
N ARG H 169 -19.56 -42.84 -34.87
CA ARG H 169 -19.50 -42.82 -36.37
C ARG H 169 -20.68 -42.01 -36.91
N PHE H 170 -21.88 -42.26 -36.39
CA PHE H 170 -23.14 -41.61 -36.83
C PHE H 170 -23.02 -40.09 -36.61
N ARG H 171 -22.63 -39.71 -35.38
CA ARG H 171 -22.41 -38.30 -34.98
C ARG H 171 -21.39 -37.68 -35.95
N TYR H 172 -20.33 -38.41 -36.29
CA TYR H 172 -19.26 -37.87 -37.18
C TYR H 172 -19.86 -37.52 -38.54
N LEU H 173 -20.59 -38.45 -39.15
CA LEU H 173 -21.11 -38.33 -40.53
C LEU H 173 -22.24 -37.30 -40.56
N MET H 174 -23.04 -37.23 -39.50
CA MET H 174 -24.02 -36.13 -39.27
C MET H 174 -23.28 -34.79 -39.35
N GLY H 175 -22.16 -34.67 -38.61
CA GLY H 175 -21.29 -33.48 -38.62
C GLY H 175 -20.82 -33.14 -40.02
N GLU H 176 -20.34 -34.15 -40.75
CA GLU H 176 -19.84 -34.02 -42.15
C GLU H 176 -20.91 -33.35 -43.02
N ARG H 177 -22.16 -33.77 -42.90
CA ARG H 177 -23.32 -33.22 -43.66
C ARG H 177 -23.52 -31.74 -43.28
N LEU H 178 -23.35 -31.38 -42.00
CA LEU H 178 -23.69 -30.03 -41.47
C LEU H 178 -22.47 -29.10 -41.43
N GLY H 179 -21.27 -29.60 -41.77
CA GLY H 179 -20.00 -28.85 -41.67
C GLY H 179 -19.66 -28.52 -40.22
N VAL H 180 -19.82 -29.49 -39.33
CA VAL H 180 -19.67 -29.36 -37.85
C VAL H 180 -18.77 -30.48 -37.34
N HIS H 181 -17.88 -30.18 -36.39
CA HIS H 181 -16.96 -31.13 -35.70
C HIS H 181 -17.81 -32.19 -34.99
N PRO H 182 -17.40 -33.48 -34.99
CA PRO H 182 -18.20 -34.55 -34.38
C PRO H 182 -18.57 -34.31 -32.90
N LEU H 183 -17.76 -33.53 -32.20
CA LEU H 183 -17.88 -33.28 -30.75
C LEU H 183 -19.03 -32.32 -30.48
N SER H 184 -19.43 -31.52 -31.46
CA SER H 184 -20.52 -30.52 -31.36
C SER H 184 -21.84 -31.06 -31.96
N CYS H 185 -21.83 -32.34 -32.35
CA CYS H 185 -23.04 -33.09 -32.80
C CYS H 185 -23.49 -34.07 -31.71
N HIS H 186 -24.81 -34.27 -31.60
CA HIS H 186 -25.45 -35.28 -30.73
C HIS H 186 -26.42 -36.13 -31.57
N GLY H 187 -26.64 -37.38 -31.13
CA GLY H 187 -27.50 -38.37 -31.80
C GLY H 187 -27.04 -39.77 -31.45
N TRP H 188 -27.97 -40.72 -31.40
CA TRP H 188 -27.69 -42.14 -31.04
C TRP H 188 -28.06 -43.07 -32.19
N VAL H 189 -27.39 -44.22 -32.21
CA VAL H 189 -27.80 -45.45 -32.93
C VAL H 189 -28.11 -46.46 -31.83
N LEU H 190 -29.35 -46.93 -31.72
CA LEU H 190 -29.82 -47.79 -30.60
C LEU H 190 -30.22 -49.18 -31.12
N GLY H 191 -30.45 -50.10 -30.19
CA GLY H 191 -30.99 -51.45 -30.47
C GLY H 191 -29.89 -52.48 -30.65
N GLU H 192 -30.06 -53.37 -31.64
CA GLU H 192 -29.13 -54.49 -31.93
C GLU H 192 -27.88 -53.91 -32.61
N HIS H 193 -26.70 -54.24 -32.09
CA HIS H 193 -25.39 -53.91 -32.71
C HIS H 193 -25.37 -54.47 -34.13
N GLY H 194 -25.06 -53.64 -35.13
CA GLY H 194 -24.80 -54.08 -36.52
C GLY H 194 -25.85 -53.59 -37.49
N ASP H 195 -26.29 -54.45 -38.42
CA ASP H 195 -27.14 -54.09 -39.58
C ASP H 195 -28.50 -53.55 -39.11
N SER H 196 -29.04 -54.09 -38.01
CA SER H 196 -30.45 -53.85 -37.55
C SER H 196 -30.53 -52.67 -36.57
N SER H 197 -29.42 -51.97 -36.34
CA SER H 197 -29.33 -50.83 -35.39
C SER H 197 -30.22 -49.69 -35.90
N VAL H 198 -30.72 -48.85 -34.97
CA VAL H 198 -31.80 -47.85 -35.24
C VAL H 198 -31.24 -46.43 -35.07
N PRO H 199 -31.13 -45.66 -36.18
CA PRO H 199 -30.77 -44.24 -36.07
C PRO H 199 -31.98 -43.45 -35.53
N VAL H 200 -31.86 -42.96 -34.29
CA VAL H 200 -32.95 -42.19 -33.61
C VAL H 200 -32.87 -40.73 -34.07
N TRP H 201 -33.59 -40.40 -35.15
CA TRP H 201 -33.58 -39.08 -35.83
C TRP H 201 -34.08 -37.98 -34.88
N SER H 202 -35.09 -38.29 -34.05
CA SER H 202 -35.72 -37.35 -33.10
C SER H 202 -34.67 -36.73 -32.16
N GLY H 203 -33.70 -37.53 -31.72
CA GLY H 203 -32.65 -37.13 -30.76
C GLY H 203 -31.51 -36.33 -31.39
N MET H 204 -31.34 -36.37 -32.70
CA MET H 204 -30.19 -35.69 -33.39
C MET H 204 -30.36 -34.17 -33.30
N ASN H 205 -29.33 -33.46 -32.83
CA ASN H 205 -29.35 -31.99 -32.61
C ASN H 205 -27.92 -31.42 -32.59
N VAL H 206 -27.82 -30.12 -32.86
CA VAL H 206 -26.60 -29.29 -32.59
C VAL H 206 -27.04 -28.16 -31.65
N ALA H 207 -26.44 -28.10 -30.45
CA ALA H 207 -26.69 -27.04 -29.45
C ALA H 207 -28.19 -26.96 -29.10
N GLY H 208 -28.86 -28.12 -29.04
CA GLY H 208 -30.27 -28.23 -28.59
C GLY H 208 -31.27 -27.88 -29.69
N VAL H 209 -30.81 -27.49 -30.88
CA VAL H 209 -31.68 -27.26 -32.07
C VAL H 209 -31.82 -28.61 -32.78
N SER H 210 -32.96 -29.30 -32.59
CA SER H 210 -33.21 -30.67 -33.12
C SER H 210 -33.35 -30.60 -34.65
N LEU H 211 -32.63 -31.47 -35.35
CA LEU H 211 -32.59 -31.57 -36.83
C LEU H 211 -34.00 -31.83 -37.38
N LYS H 212 -34.76 -32.72 -36.73
CA LYS H 212 -36.11 -33.14 -37.19
C LYS H 212 -37.09 -31.96 -37.13
N THR H 213 -36.93 -31.03 -36.19
CA THR H 213 -37.78 -29.80 -36.07
C THR H 213 -37.60 -28.96 -37.34
N LEU H 214 -36.37 -28.73 -37.79
CA LEU H 214 -36.08 -27.84 -38.96
C LEU H 214 -36.42 -28.54 -40.27
N HIS H 215 -36.45 -29.88 -40.29
CA HIS H 215 -36.57 -30.72 -41.51
C HIS H 215 -37.36 -31.99 -41.17
N PRO H 216 -38.71 -31.93 -41.07
CA PRO H 216 -39.49 -33.03 -40.52
C PRO H 216 -39.40 -34.33 -41.34
N ASP H 217 -39.01 -34.23 -42.62
CA ASP H 217 -38.87 -35.38 -43.55
C ASP H 217 -37.52 -36.10 -43.35
N LEU H 218 -36.69 -35.65 -42.40
CA LEU H 218 -35.36 -36.27 -42.10
C LEU H 218 -35.55 -37.77 -41.79
N GLY H 219 -34.90 -38.64 -42.58
CA GLY H 219 -34.78 -40.08 -42.27
C GLY H 219 -35.89 -40.93 -42.89
N THR H 220 -36.91 -40.30 -43.50
CA THR H 220 -38.00 -40.98 -44.26
C THR H 220 -37.52 -41.23 -45.68
N ASP H 221 -38.29 -42.00 -46.47
CA ASP H 221 -37.95 -42.37 -47.87
C ASP H 221 -38.10 -41.14 -48.78
N LYS H 222 -38.94 -40.18 -48.40
CA LYS H 222 -39.19 -38.92 -49.17
C LYS H 222 -38.26 -37.81 -48.68
N ASP H 223 -37.09 -38.14 -48.13
CA ASP H 223 -36.05 -37.19 -47.64
C ASP H 223 -35.20 -36.74 -48.82
N LYS H 224 -35.34 -35.48 -49.23
CA LYS H 224 -34.64 -34.92 -50.41
C LYS H 224 -33.12 -34.93 -50.19
N GLU H 225 -32.67 -34.91 -48.91
CA GLU H 225 -31.23 -34.91 -48.52
C GLU H 225 -30.75 -36.35 -48.24
N GLN H 226 -31.68 -37.31 -48.08
CA GLN H 226 -31.42 -38.77 -48.04
C GLN H 226 -30.53 -39.11 -46.85
N TRP H 227 -30.96 -38.75 -45.64
CA TRP H 227 -30.18 -38.97 -44.40
C TRP H 227 -30.13 -40.47 -44.04
N LYS H 228 -30.95 -41.31 -44.68
CA LYS H 228 -30.85 -42.79 -44.52
C LYS H 228 -29.46 -43.26 -44.96
N GLU H 229 -28.85 -42.60 -45.96
CA GLU H 229 -27.51 -42.98 -46.49
C GLU H 229 -26.44 -42.84 -45.39
N VAL H 230 -26.66 -41.99 -44.39
CA VAL H 230 -25.71 -41.76 -43.25
C VAL H 230 -25.61 -43.04 -42.42
N HIS H 231 -26.74 -43.59 -41.97
CA HIS H 231 -26.79 -44.85 -41.15
C HIS H 231 -26.21 -46.02 -41.95
N LYS H 232 -26.49 -46.07 -43.26
CA LYS H 232 -25.98 -47.11 -44.18
C LYS H 232 -24.44 -47.05 -44.15
N GLN H 233 -23.87 -45.85 -44.27
CA GLN H 233 -22.40 -45.61 -44.32
C GLN H 233 -21.77 -45.99 -42.97
N VAL H 234 -22.47 -45.81 -41.86
CA VAL H 234 -22.02 -46.24 -40.50
C VAL H 234 -21.79 -47.76 -40.51
N VAL H 235 -22.73 -48.51 -41.09
CA VAL H 235 -22.70 -50.01 -41.14
C VAL H 235 -21.61 -50.44 -42.15
N GLU H 236 -21.60 -49.89 -43.35
CA GLU H 236 -20.60 -50.19 -44.41
C GLU H 236 -19.18 -49.84 -43.92
N SER H 237 -19.06 -48.77 -43.12
CA SER H 237 -17.80 -48.28 -42.50
C SER H 237 -17.01 -49.45 -41.90
N ALA H 238 -17.66 -50.26 -41.05
CA ALA H 238 -17.05 -51.38 -40.30
C ALA H 238 -16.58 -52.47 -41.26
N TYR H 239 -17.39 -52.82 -42.26
CA TYR H 239 -17.07 -53.87 -43.27
C TYR H 239 -15.83 -53.44 -44.08
N GLU H 240 -15.77 -52.16 -44.48
CA GLU H 240 -14.69 -51.66 -45.37
C GLU H 240 -13.35 -51.72 -44.61
N VAL H 241 -13.36 -51.50 -43.29
CA VAL H 241 -12.13 -51.65 -42.45
C VAL H 241 -11.66 -53.10 -42.55
N ILE H 242 -12.59 -54.06 -42.38
CA ILE H 242 -12.28 -55.52 -42.41
C ILE H 242 -11.76 -55.91 -43.80
N LYS H 243 -12.41 -55.43 -44.87
CA LYS H 243 -11.99 -55.75 -46.26
C LYS H 243 -10.56 -55.25 -46.49
N LEU H 244 -10.26 -54.00 -46.12
CA LEU H 244 -8.99 -53.31 -46.44
C LEU H 244 -7.84 -53.82 -45.57
N LYS H 245 -8.09 -54.01 -44.27
CA LYS H 245 -7.01 -54.22 -43.27
C LYS H 245 -7.00 -55.68 -42.81
N GLY H 246 -8.14 -56.37 -42.85
CA GLY H 246 -8.30 -57.79 -42.45
C GLY H 246 -9.21 -57.95 -41.24
N TYR H 247 -9.17 -57.00 -40.31
CA TYR H 247 -9.87 -57.04 -38.99
C TYR H 247 -9.99 -55.59 -38.49
N THR H 248 -10.76 -55.36 -37.43
CA THR H 248 -10.80 -54.04 -36.73
C THR H 248 -10.19 -54.22 -35.34
N SER H 249 -9.26 -53.34 -34.94
CA SER H 249 -8.63 -53.34 -33.60
C SER H 249 -8.77 -51.95 -32.95
N TRP H 250 -8.15 -50.92 -33.53
CA TRP H 250 -7.98 -49.60 -32.88
C TRP H 250 -9.34 -48.99 -32.52
N ALA H 251 -10.32 -49.10 -33.41
CA ALA H 251 -11.65 -48.45 -33.26
C ALA H 251 -12.38 -49.05 -32.05
N ILE H 252 -12.46 -50.37 -32.00
CA ILE H 252 -13.16 -51.06 -30.88
C ILE H 252 -12.35 -50.80 -29.59
N GLY H 253 -11.03 -50.87 -29.67
CA GLY H 253 -10.15 -50.63 -28.51
C GLY H 253 -10.48 -49.31 -27.84
N LEU H 254 -10.62 -48.24 -28.62
CA LEU H 254 -10.79 -46.87 -28.08
C LEU H 254 -12.24 -46.67 -27.63
N SER H 255 -13.21 -47.32 -28.27
CA SER H 255 -14.62 -47.32 -27.81
C SER H 255 -14.70 -47.98 -26.44
N VAL H 256 -14.06 -49.13 -26.27
CA VAL H 256 -14.04 -49.88 -24.99
C VAL H 256 -13.37 -49.00 -23.92
N ALA H 257 -12.29 -48.32 -24.27
CA ALA H 257 -11.52 -47.45 -23.35
C ALA H 257 -12.40 -46.27 -22.89
N ASP H 258 -13.22 -45.73 -23.79
CA ASP H 258 -14.21 -44.66 -23.51
C ASP H 258 -15.15 -45.13 -22.40
N LEU H 259 -15.67 -46.36 -22.51
CA LEU H 259 -16.63 -46.94 -21.54
C LEU H 259 -15.89 -47.21 -20.23
N ALA H 260 -14.67 -47.74 -20.30
CA ALA H 260 -13.83 -48.00 -19.11
C ALA H 260 -13.60 -46.68 -18.37
N GLU H 261 -13.38 -45.58 -19.09
CA GLU H 261 -13.09 -44.26 -18.47
C GLU H 261 -14.31 -43.86 -17.63
N SER H 262 -15.50 -43.88 -18.22
CA SER H 262 -16.77 -43.47 -17.56
C SER H 262 -16.96 -44.29 -16.29
N ILE H 263 -16.65 -45.58 -16.34
CA ILE H 263 -16.85 -46.52 -15.19
C ILE H 263 -15.79 -46.24 -14.13
N MET H 264 -14.51 -46.27 -14.52
CA MET H 264 -13.37 -46.24 -13.55
C MET H 264 -13.28 -44.86 -12.88
N LYS H 265 -13.70 -43.79 -13.55
CA LYS H 265 -13.58 -42.41 -13.03
C LYS H 265 -14.96 -41.85 -12.63
N ASN H 266 -15.98 -42.71 -12.59
CA ASN H 266 -17.34 -42.36 -12.11
C ASN H 266 -17.78 -41.05 -12.78
N LEU H 267 -17.78 -41.01 -14.12
CA LEU H 267 -18.04 -39.76 -14.89
C LEU H 267 -19.55 -39.53 -15.04
N ARG H 268 -20.34 -40.58 -14.89
CA ARG H 268 -21.83 -40.56 -15.05
C ARG H 268 -22.14 -39.92 -16.41
N ARG H 269 -21.45 -40.38 -17.46
CA ARG H 269 -21.68 -39.98 -18.88
C ARG H 269 -22.64 -40.99 -19.51
N VAL H 270 -23.36 -40.56 -20.53
CA VAL H 270 -24.38 -41.39 -21.25
C VAL H 270 -23.69 -42.12 -22.40
N HIS H 271 -23.88 -43.44 -22.45
CA HIS H 271 -23.38 -44.31 -23.55
C HIS H 271 -24.50 -45.24 -24.00
N PRO H 272 -24.66 -45.44 -25.33
CA PRO H 272 -25.61 -46.41 -25.86
C PRO H 272 -24.99 -47.81 -25.81
N VAL H 273 -25.16 -48.51 -24.68
CA VAL H 273 -24.49 -49.81 -24.40
C VAL H 273 -25.59 -50.88 -24.26
N SER H 274 -25.23 -52.14 -24.50
CA SER H 274 -26.15 -53.30 -24.36
C SER H 274 -26.49 -53.47 -22.88
N THR H 275 -27.78 -53.33 -22.53
CA THR H 275 -28.31 -53.54 -21.17
C THR H 275 -29.65 -54.28 -21.26
N MET H 276 -30.07 -54.89 -20.14
CA MET H 276 -31.35 -55.64 -20.04
C MET H 276 -32.50 -54.68 -20.33
N ILE H 277 -33.30 -55.01 -21.35
CA ILE H 277 -34.30 -54.09 -21.98
C ILE H 277 -35.72 -54.58 -21.68
N LYS H 278 -35.89 -55.65 -20.90
CA LYS H 278 -37.23 -56.19 -20.53
C LYS H 278 -38.02 -55.12 -19.78
N GLY H 279 -39.26 -54.87 -20.21
CA GLY H 279 -40.15 -53.86 -19.61
C GLY H 279 -40.38 -52.69 -20.55
N LEU H 280 -39.38 -52.37 -21.39
CA LEU H 280 -39.42 -51.20 -22.30
C LEU H 280 -39.85 -51.65 -23.70
N TYR H 281 -40.55 -50.77 -24.41
CA TYR H 281 -40.89 -50.87 -25.86
C TYR H 281 -41.72 -52.14 -26.12
N GLY H 282 -42.52 -52.56 -25.14
CA GLY H 282 -43.40 -53.75 -25.20
C GLY H 282 -42.61 -55.04 -25.39
N ILE H 283 -41.42 -55.12 -24.78
CA ILE H 283 -40.53 -56.32 -24.82
C ILE H 283 -40.68 -57.03 -23.47
N LYS H 284 -41.09 -58.31 -23.50
CA LYS H 284 -41.44 -59.14 -22.32
C LYS H 284 -40.28 -60.10 -21.98
N ASP H 285 -39.42 -60.39 -22.96
CA ASP H 285 -38.34 -61.42 -22.87
C ASP H 285 -37.08 -60.82 -22.22
N ASP H 286 -36.22 -61.69 -21.68
CA ASP H 286 -34.88 -61.34 -21.11
C ASP H 286 -33.86 -61.14 -22.24
N VAL H 287 -33.93 -60.03 -22.98
CA VAL H 287 -32.91 -59.70 -24.03
C VAL H 287 -32.19 -58.40 -23.63
N PHE H 288 -30.99 -58.22 -24.18
CA PHE H 288 -30.17 -57.00 -24.07
C PHE H 288 -30.16 -56.28 -25.42
N LEU H 289 -30.33 -54.96 -25.39
CA LEU H 289 -30.16 -54.06 -26.56
C LEU H 289 -29.52 -52.76 -26.07
N SER H 290 -29.00 -51.95 -26.98
CA SER H 290 -28.36 -50.64 -26.67
C SER H 290 -29.44 -49.57 -26.49
N VAL H 291 -29.48 -48.96 -25.31
CA VAL H 291 -30.20 -47.69 -25.02
C VAL H 291 -29.26 -46.79 -24.22
N PRO H 292 -29.49 -45.47 -24.21
CA PRO H 292 -28.61 -44.56 -23.50
C PRO H 292 -28.61 -44.88 -22.00
N CYS H 293 -27.44 -45.22 -21.45
CA CYS H 293 -27.23 -45.58 -20.03
C CYS H 293 -26.19 -44.63 -19.43
N ILE H 294 -26.38 -44.30 -18.16
CA ILE H 294 -25.41 -43.47 -17.38
C ILE H 294 -24.43 -44.46 -16.73
N LEU H 295 -23.16 -44.38 -17.10
CA LEU H 295 -22.08 -45.29 -16.61
C LEU H 295 -21.26 -44.58 -15.52
N GLY H 296 -20.97 -45.30 -14.44
CA GLY H 296 -20.21 -44.80 -13.28
C GLY H 296 -19.58 -45.96 -12.55
N GLN H 297 -19.15 -45.73 -11.30
CA GLN H 297 -18.29 -46.69 -10.55
C GLN H 297 -19.06 -47.98 -10.22
N ASN H 298 -20.39 -47.99 -10.30
CA ASN H 298 -21.22 -49.20 -10.04
C ASN H 298 -21.86 -49.69 -11.35
N GLY H 299 -21.28 -49.33 -12.49
CA GLY H 299 -21.79 -49.68 -13.82
C GLY H 299 -22.94 -48.78 -14.22
N ILE H 300 -24.03 -49.37 -14.72
CA ILE H 300 -25.24 -48.63 -15.18
C ILE H 300 -26.04 -48.20 -13.95
N SER H 301 -26.06 -46.91 -13.64
CA SER H 301 -26.84 -46.32 -12.51
C SER H 301 -28.24 -45.92 -12.97
N ASP H 302 -28.42 -45.56 -14.25
CA ASP H 302 -29.72 -45.08 -14.79
C ASP H 302 -29.82 -45.40 -16.29
N LEU H 303 -31.03 -45.57 -16.81
CA LEU H 303 -31.34 -45.52 -18.26
C LEU H 303 -32.00 -44.17 -18.54
N VAL H 304 -31.75 -43.60 -19.72
CA VAL H 304 -32.59 -42.49 -20.26
C VAL H 304 -33.68 -43.15 -21.08
N LYS H 305 -34.93 -42.85 -20.75
CA LYS H 305 -36.14 -43.42 -21.40
C LYS H 305 -36.38 -42.66 -22.71
N VAL H 306 -35.79 -43.14 -23.80
CA VAL H 306 -35.94 -42.48 -25.13
C VAL H 306 -37.34 -42.82 -25.66
N THR H 307 -38.10 -41.79 -26.04
CA THR H 307 -39.38 -41.92 -26.77
C THR H 307 -39.04 -42.32 -28.22
N LEU H 308 -39.53 -43.47 -28.67
CA LEU H 308 -39.33 -44.02 -30.04
C LEU H 308 -40.66 -43.96 -30.80
N THR H 309 -40.61 -43.78 -32.13
CA THR H 309 -41.81 -43.81 -33.03
C THR H 309 -42.37 -45.23 -33.05
N SER H 310 -43.44 -45.48 -33.82
CA SER H 310 -44.02 -46.82 -34.04
C SER H 310 -43.00 -47.72 -34.74
N GLU H 311 -42.39 -47.20 -35.82
CA GLU H 311 -41.41 -47.91 -36.69
C GLU H 311 -40.15 -48.27 -35.90
N GLU H 312 -39.67 -47.36 -35.05
CA GLU H 312 -38.46 -47.55 -34.21
C GLU H 312 -38.74 -48.65 -33.17
N GLU H 313 -39.89 -48.61 -32.50
CA GLU H 313 -40.34 -49.68 -31.54
C GLU H 313 -40.38 -51.03 -32.28
N ALA H 314 -40.93 -51.06 -33.49
CA ALA H 314 -41.09 -52.29 -34.32
C ALA H 314 -39.73 -52.94 -34.55
N ARG H 315 -38.72 -52.14 -34.92
CA ARG H 315 -37.34 -52.60 -35.25
C ARG H 315 -36.68 -53.19 -34.00
N LEU H 316 -36.82 -52.56 -32.84
CA LEU H 316 -36.27 -53.07 -31.56
C LEU H 316 -37.01 -54.34 -31.17
N LYS H 317 -38.34 -54.33 -31.26
CA LYS H 317 -39.22 -55.50 -30.97
C LYS H 317 -38.79 -56.67 -31.85
N LYS H 318 -38.55 -56.43 -33.15
CA LYS H 318 -38.14 -57.48 -34.12
C LYS H 318 -36.79 -58.07 -33.70
N SER H 319 -35.82 -57.21 -33.37
CA SER H 319 -34.46 -57.60 -32.90
C SER H 319 -34.62 -58.46 -31.64
N ALA H 320 -35.39 -58.00 -30.65
CA ALA H 320 -35.65 -58.71 -29.38
C ALA H 320 -36.19 -60.12 -29.67
N ASP H 321 -37.13 -60.24 -30.61
CA ASP H 321 -37.74 -61.55 -31.02
C ASP H 321 -36.64 -62.46 -31.58
N THR H 322 -35.90 -61.97 -32.59
CA THR H 322 -34.77 -62.71 -33.23
C THR H 322 -33.81 -63.22 -32.14
N LEU H 323 -33.41 -62.35 -31.20
CA LEU H 323 -32.40 -62.65 -30.16
C LEU H 323 -32.95 -63.71 -29.20
N TRP H 324 -34.20 -63.54 -28.75
CA TRP H 324 -34.86 -64.50 -27.83
C TRP H 324 -35.04 -65.85 -28.56
N GLY H 325 -35.40 -65.80 -29.84
CA GLY H 325 -35.53 -66.96 -30.75
C GLY H 325 -34.32 -67.87 -30.66
N ILE H 326 -33.12 -67.28 -30.52
CA ILE H 326 -31.84 -68.00 -30.37
C ILE H 326 -31.58 -68.30 -28.88
N GLN H 327 -31.77 -67.31 -28.01
CA GLN H 327 -31.41 -67.40 -26.58
C GLN H 327 -32.16 -68.56 -25.93
N LYS H 328 -33.42 -68.79 -26.32
CA LYS H 328 -34.31 -69.80 -25.67
C LYS H 328 -33.85 -71.22 -26.06
N GLU H 329 -33.07 -71.37 -27.14
CA GLU H 329 -32.57 -72.68 -27.64
C GLU H 329 -31.18 -72.99 -27.09
N LEU H 330 -30.57 -72.07 -26.34
CA LEU H 330 -29.21 -72.27 -25.77
C LEU H 330 -29.29 -73.20 -24.55
N GLN H 331 -28.23 -73.99 -24.31
CA GLN H 331 -28.15 -74.95 -23.18
C GLN H 331 -27.07 -74.48 -22.20
N PHE H 332 -27.49 -74.04 -21.01
CA PHE H 332 -26.62 -73.67 -19.86
C PHE H 332 -26.55 -74.88 -18.93
CAX L5K I . 21.52 26.37 2.06
CAY L5K I . 20.91 27.75 1.75
CAW L5K I . 20.02 26.59 2.23
OAZ L5K I . 19.18 25.95 1.27
CAU L5K I . 19.48 26.65 3.68
OAV L5K I . 20.04 27.31 4.56
NAT L5K I . 18.34 25.93 3.84
CAS L5K I . 17.68 25.79 4.98
CBA L5K I . 16.96 24.61 5.21
CAR L5K I . 17.67 26.80 5.93
CAQ L5K I . 16.97 26.61 7.10
CAP L5K I . 16.28 25.42 7.31
CAO L5K I . 16.25 24.40 6.38
NAN L5K I . 15.55 23.28 6.66
SAM L5K I . 15.34 21.97 5.66
OBB L5K I . 16.66 21.53 5.11
OBC L5K I . 14.70 20.89 6.46
CAL L5K I . 14.27 22.39 4.38
CBD L5K I . 14.34 21.82 3.12
CBE L5K I . 13.43 22.28 2.16
CBF L5K I . 13.22 21.94 0.82
CBG L5K I . 13.83 21.02 -0.04
CAA L5K I . 13.37 20.89 -1.35
CAB L5K I . 12.32 21.71 -1.79
NAC L5K I . 11.83 21.62 -3.00
OAE L5K I . 12.37 20.69 -3.88
OAD L5K I . 10.68 22.36 -3.34
CAF L5K I . 11.71 22.60 -0.93
CAG L5K I . 12.16 22.72 0.37
OAH L5K I . 11.73 23.51 1.37
CAI L5K I . 12.50 23.26 2.47
CAJ L5K I . 12.44 23.80 3.73
CAK L5K I . 13.33 23.37 4.68
CAX L5K J . -19.39 28.59 28.79
CAY L5K J . -18.34 28.85 29.88
CAW L5K J . -17.97 28.03 28.65
OAZ L5K J . -17.81 26.62 28.79
CAU L5K J . -17.07 28.71 27.64
OAV L5K J . -16.88 29.92 27.71
NAT L5K J . -16.58 27.85 26.72
CAS L5K J . -15.75 28.15 25.70
CBA L5K J . -15.85 27.41 24.51
CAR L5K J . -14.76 29.13 25.80
CAQ L5K J . -13.91 29.39 24.72
CAP L5K J . -14.04 28.64 23.56
CAO L5K J . -15.01 27.64 23.42
NAN L5K J . -15.06 26.98 22.24
SAM L5K J . -15.72 25.48 21.96
OBB L5K J . -17.15 25.50 22.33
OBC L5K J . -15.61 25.18 20.49
CAL L5K J . -14.92 24.24 22.84
CBD L5K J . -15.60 23.14 23.37
CBE L5K J . -14.88 22.15 24.08
CBF L5K J . -15.21 20.95 24.73
CBG L5K J . -16.41 20.26 24.93
CAA L5K J . -16.39 19.06 25.64
CAB L5K J . -15.19 18.53 26.14
NAC L5K J . -15.13 17.38 26.81
OAE L5K J . -13.96 17.03 27.54
OAD L5K J . -16.16 16.42 26.69
CAF L5K J . -14.01 19.23 25.93
CAG L5K J . -14.03 20.41 25.23
OAH L5K J . -13.01 21.24 24.93
CAI L5K J . -13.49 22.30 24.23
CAJ L5K J . -12.83 23.39 23.69
CAK L5K J . -13.55 24.37 22.99
CAX L5K K . -0.01 54.48 2.12
CAY L5K K . 0.93 53.41 1.56
CAW L5K K . 1.12 53.92 2.99
OAZ L5K K . 2.24 54.73 3.22
CAU L5K K . 0.74 53.00 4.13
OAV L5K K . -0.03 52.06 3.95
NAT L5K K . 1.32 53.32 5.31
CAS L5K K . 1.09 52.69 6.49
CBA L5K K . 1.11 53.41 7.69
CAR L5K K . 0.83 51.31 6.53
CAQ L5K K . 0.59 50.69 7.76
CAP L5K K . 0.62 51.43 8.95
CAO L5K K . 0.88 52.79 8.93
NAN L5K K . 0.88 53.44 10.12
SAM L5K K . 1.47 54.96 10.40
OBB L5K K . 0.74 55.98 9.63
OBC L5K K . 1.27 55.29 11.84
CAL L5K K . 3.18 55.09 10.13
CBD L5K K . 3.82 56.21 9.58
CBE L5K K . 5.21 56.18 9.43
CBF L5K K . 6.15 57.07 8.93
CBG L5K K . 6.06 58.35 8.39
CAA L5K K . 7.23 59.00 8.00
CAB L5K K . 8.47 58.36 8.14
NAC L5K K . 9.64 58.90 7.80
OAE L5K K . 10.84 58.16 8.05
OAD L5K K . 9.77 60.22 7.27
CAF L5K K . 8.54 57.10 8.69
CAG L5K K . 7.39 56.46 9.09
OAH L5K K . 7.25 55.24 9.64
CAI L5K K . 5.93 55.06 9.85
CAJ L5K K . 5.29 53.98 10.40
CAK L5K K . 3.91 53.99 10.54
CAX L5K L . 13.47 30.88 42.92
CAY L5K L . 12.06 30.27 42.92
CAW L5K L . 12.31 31.64 42.31
OAZ L5K L . 11.81 32.80 43.00
CAU L5K L . 12.33 31.77 40.80
OAV L5K L . 12.20 30.76 40.11
NAT L5K L . 12.43 33.04 40.39
CAS L5K L . 12.50 33.39 39.11
CBA L5K L . 13.21 34.56 38.84
CAR L5K L . 11.92 32.67 38.06
CAQ L5K L . 12.06 33.14 36.75
CAP L5K L . 12.78 34.31 36.50
CAO L5K L . 13.36 35.05 37.55
NAN L5K L . 14.05 36.20 37.28
SAM L5K L . 14.35 37.50 38.28
OBB L5K L . 15.25 37.10 39.36
OBC L5K L . 15.09 38.53 37.51
CAL L5K L . 12.91 38.29 38.88
CBD L5K L . 12.81 38.78 40.18
CBE L5K L . 11.62 39.42 40.58
CBF L5K L . 11.21 40.00 41.78
CBG L5K L . 11.82 40.16 43.04
CAA L5K L . 11.15 40.82 44.07
CAB L5K L . 9.85 41.30 43.83
NAC L5K L . 9.15 41.96 44.74
OAE L5K L . 7.97 42.64 44.31
OAD L5K L . 9.66 42.17 46.05
CAF L5K L . 9.26 41.14 42.58
CAG L5K L . 9.93 40.49 41.56
OAH L5K L . 9.56 40.21 40.30
CAI L5K L . 10.58 39.58 39.67
CAJ L5K L . 10.69 39.11 38.38
CAK L5K L . 11.86 38.47 37.99
CAX L5K M . 17.97 -20.69 -19.90
CAY L5K M . 18.37 -22.07 -19.38
CAW L5K M . 17.12 -21.38 -18.82
OAZ L5K M . 17.19 -20.84 -17.48
CAU L5K M . 15.75 -21.92 -19.23
OAV L5K M . 15.66 -22.81 -20.07
NAT L5K M . 14.74 -21.31 -18.59
CAS L5K M . 13.42 -21.54 -18.76
CBA L5K M . 12.53 -20.53 -18.36
CAR L5K M . 12.93 -22.73 -19.29
CAQ L5K M . 11.56 -22.89 -19.43
CAP L5K M . 10.68 -21.88 -19.04
CAO L5K M . 11.13 -20.68 -18.48
NAN L5K M . 10.20 -19.73 -18.13
SAM L5K M . 10.41 -18.39 -17.15
OBB L5K M . 11.50 -17.52 -17.66
OBC L5K M . 9.12 -17.64 -17.15
CAL L5K M . 10.76 -18.89 -15.54
CBD L5K M . 11.61 -18.21 -14.67
CBE L5K M . 11.83 -18.71 -13.39
CBF L5K M . 12.58 -18.31 -12.30
CBG L5K M . 13.43 -17.25 -12.06
CAA L5K M . 14.05 -17.12 -10.80
CAB L5K M . 13.83 -18.08 -9.82
NAC L5K M . 14.38 -18.02 -8.63
OAE L5K M . 15.28 -17.00 -8.33
OAD L5K M . 14.00 -18.98 -7.62
CAF L5K M . 12.98 -19.14 -10.06
CAG L5K M . 12.37 -19.26 -11.29
OAH L5K M . 11.53 -20.20 -11.73
CAI L5K M . 11.19 -19.89 -13.00
CAJ L5K M . 10.33 -20.57 -13.87
CAK L5K M . 10.13 -20.07 -15.14
CAX L5K N . -27.37 -34.94 -8.12
CAY L5K N . -27.50 -35.04 -9.64
CAW L5K N . -26.53 -34.04 -9.01
OAZ L5K N . -26.89 -32.66 -9.04
CAU L5K N . -25.06 -34.36 -9.10
OAV L5K N . -24.73 -35.49 -9.48
NAT L5K N . -24.25 -33.36 -8.72
CAS L5K N . -22.89 -33.37 -8.68
CBA L5K N . -22.21 -32.49 -7.83
CAR L5K N . -22.13 -34.20 -9.50
CAQ L5K N . -20.75 -34.17 -9.44
CAP L5K N . -20.08 -33.31 -8.58
CAO L5K N . -20.81 -32.44 -7.75
NAN L5K N . -20.09 -31.62 -6.93
SAM L5K N . -20.68 -30.32 -6.10
OBB L5K N . -21.89 -30.74 -5.35
OBC L5K N . -19.62 -29.85 -5.14
CAL L5K N . -21.06 -29.01 -7.17
CBD L5K N . -22.14 -28.16 -6.95
CBE L5K N . -22.42 -27.12 -7.85
CBF L5K N . -23.39 -26.13 -7.90
CBG L5K N . -24.48 -25.80 -7.09
CAA L5K N . -25.30 -24.72 -7.41
CAB L5K N . -25.04 -23.95 -8.56
NAC L5K N . -25.79 -22.88 -8.92
OAE L5K N . -25.73 -22.40 -10.25
OAD L5K N . -26.52 -22.09 -7.96
CAF L5K N . -23.97 -24.30 -9.35
CAG L5K N . -23.15 -25.37 -9.03
OAH L5K N . -22.06 -25.87 -9.66
CAI L5K N . -21.60 -26.93 -8.95
CAJ L5K N . -20.51 -27.78 -9.18
CAK L5K N . -20.25 -28.80 -8.29
CAX L5K O . 10.30 -53.51 -7.23
CAY L5K O . 10.84 -52.19 -6.63
CAW L5K O . 10.37 -52.25 -8.08
OAZ L5K O . 11.37 -52.29 -9.07
CAU L5K O . 9.02 -51.57 -8.44
OAV L5K O . 8.43 -50.85 -7.63
NAT L5K O . 8.61 -51.87 -9.68
CAS L5K O . 7.46 -51.44 -10.21
CBA L5K O . 6.80 -52.25 -11.17
CAR L5K O . 6.92 -50.19 -9.88
CAQ L5K O . 5.72 -49.78 -10.49
CAP L5K O . 5.08 -50.60 -11.43
CAO L5K O . 5.61 -51.83 -11.79
NAN L5K O . 4.91 -52.56 -12.69
SAM L5K O . 5.40 -53.95 -13.46
OBB L5K O . 5.68 -55.03 -12.50
OBC L5K O . 4.27 -54.39 -14.34
CAL L5K O . 6.76 -53.64 -14.50
CBD L5K O . 7.82 -54.55 -14.73
CBE L5K O . 8.86 -54.16 -15.60
CBF L5K O . 10.04 -54.77 -16.04
CBG L5K O . 10.64 -55.99 -15.78
CAA L5K O . 11.84 -56.32 -16.41
CAB L5K O . 12.44 -55.40 -17.27
NAC L5K O . 13.58 -55.61 -17.92
OAE L5K O . 14.01 -54.64 -18.89
OAD L5K O . 14.31 -56.84 -17.78
CAF L5K O . 11.83 -54.18 -17.53
CAG L5K O . 10.66 -53.87 -16.92
OAH L5K O . 9.92 -52.74 -17.03
CAI L5K O . 8.81 -52.89 -16.22
CAJ L5K O . 7.75 -52.03 -16.01
CAK L5K O . 6.73 -52.40 -15.14
CAX L5K P . -16.03 -31.45 -41.86
CAY L5K P . -16.99 -31.19 -40.69
CAW L5K P . -16.08 -32.41 -40.67
OAZ L5K P . -16.67 -33.70 -40.86
CAU L5K P . -14.91 -32.39 -39.70
OAV L5K P . -14.73 -31.43 -38.95
NAT L5K P . -14.15 -33.48 -39.75
CAS L5K P . -13.13 -33.65 -38.94
CBA L5K P . -12.24 -34.64 -39.30
CAR L5K P . -12.98 -32.93 -37.77
CAQ L5K P . -11.90 -33.19 -36.95
CAP L5K P . -10.99 -34.20 -37.32
CAO L5K P . -11.16 -34.93 -38.50
NAN L5K P . -10.24 -35.90 -38.83
SAM L5K P . -10.38 -37.12 -39.96
OBB L5K P . -10.66 -36.62 -41.32
OBC L5K P . -9.05 -37.79 -40.02
CAL L5K P . -11.60 -38.27 -39.43
CBD L5K P . -12.46 -38.92 -40.30
CBE L5K P . -13.40 -39.81 -39.78
CBF L5K P . -14.38 -40.60 -40.35
CBG L5K P . -14.80 -40.81 -41.66
CAA L5K P . -15.84 -41.72 -41.90
CAB L5K P . -16.45 -42.39 -40.85
NAC L5K P . -17.43 -43.28 -41.02
OAE L5K P . -17.85 -44.11 -39.91
OAD L5K P . -18.00 -43.50 -42.30
CAF L5K P . -16.02 -42.17 -39.56
CAG L5K P . -15.01 -41.28 -39.31
OAH L5K P . -14.45 -40.92 -38.14
CAI L5K P . -13.46 -40.03 -38.40
CAJ L5K P . -12.59 -39.37 -37.54
CAK L5K P . -11.67 -38.50 -38.06
#